data_2FEN
#
_entry.id   2FEN
#
_cell.length_a   94.030
_cell.length_b   205.320
_cell.length_c   235.740
_cell.angle_alpha   90.00
_cell.angle_beta   90.00
_cell.angle_gamma   90.00
#
_symmetry.space_group_name_H-M   'P 21 21 21'
#
loop_
_entity.id
_entity.type
_entity.pdbx_description
1 polymer '3-carboxy-cis,cis-muconate lactonizing enzyme'
2 non-polymer 'CHLORIDE ION'
3 non-polymer 'SULFATE ION'
4 water water
#
_entity_poly.entity_id   1
_entity_poly.type   'polypeptide(L)'
_entity_poly.pdbx_seq_one_letter_code
;MSLSPFEHPFLSGLFGDSEIIELFSAKADIDAMIRFETALAQAEAEASIFADDEAEAIVSGLSEFAADMSALRHGVAKDG
VVVPELIRQMRAAVAGQAADKVHFGATSQDVIDTSLMLRLKMAAEIIATRLGHLIDTLGDLASRDGHKPLTGYTRMQAAI
GITVADRAAGWIAPLERHLLRLETFAQNGFALQFGGAAGTLEKLGDNAGAVRADLAKRLGLADRPQWHNQRDGIAEFANL
LSLVTGTLGKFGQDIALMAEIGSEIRLSGGGGSSAMPHKQNPVNAETLVTLARFNAVQISALHQSLVQEQERSGAGWMLE
WLTLPQMVTATGTSLLVAERLAAQIDRLGADESHHHHHH
;
_entity_poly.pdbx_strand_id   A,B,D,C,E,F,H,G,I,J,L,K
#
# COMPACT_ATOMS: atom_id res chain seq x y z
N SER A 2 -10.99 46.74 -45.52
CA SER A 2 -9.93 47.41 -44.71
C SER A 2 -10.49 48.00 -43.41
N LEU A 3 -9.61 48.43 -42.50
CA LEU A 3 -9.97 48.77 -41.11
C LEU A 3 -10.77 50.07 -40.91
N SER A 4 -10.25 51.19 -41.37
CA SER A 4 -11.04 52.39 -41.41
C SER A 4 -11.94 52.33 -42.63
N PRO A 5 -13.21 52.78 -42.48
CA PRO A 5 -14.16 53.04 -43.54
C PRO A 5 -13.75 54.11 -44.54
N PHE A 6 -12.85 55.00 -44.12
CA PHE A 6 -12.28 56.02 -45.00
C PHE A 6 -11.52 55.40 -46.18
N GLU A 7 -10.88 54.27 -45.90
CA GLU A 7 -10.02 53.59 -46.85
C GLU A 7 -10.66 52.35 -47.44
N HIS A 8 -11.82 51.98 -46.89
CA HIS A 8 -12.54 50.75 -47.20
C HIS A 8 -13.05 50.67 -48.63
N PRO A 9 -12.74 49.56 -49.34
CA PRO A 9 -13.15 49.23 -50.72
C PRO A 9 -14.57 49.59 -51.15
N PHE A 10 -15.57 49.42 -50.29
CA PHE A 10 -16.92 49.94 -50.61
C PHE A 10 -17.38 51.18 -49.82
N LEU A 11 -17.15 51.17 -48.49
CA LEU A 11 -17.59 52.24 -47.59
C LEU A 11 -16.96 53.58 -47.89
N SER A 12 -15.81 53.56 -48.55
CA SER A 12 -15.25 54.76 -49.15
C SER A 12 -16.25 55.56 -49.99
N GLY A 13 -17.26 54.89 -50.60
CA GLY A 13 -18.32 55.54 -51.34
C GLY A 13 -19.17 56.55 -50.56
N LEU A 14 -19.01 56.56 -49.23
CA LEU A 14 -19.57 57.60 -48.34
C LEU A 14 -18.47 58.28 -47.51
N PHE A 15 -17.53 57.49 -46.98
CA PHE A 15 -16.51 58.01 -46.07
C PHE A 15 -15.21 58.43 -46.76
N GLY A 16 -15.14 58.28 -48.08
CA GLY A 16 -13.88 58.45 -48.81
C GLY A 16 -13.44 59.86 -49.13
N ASP A 17 -12.14 60.02 -49.34
CA ASP A 17 -11.48 61.31 -49.56
C ASP A 17 -10.07 60.97 -50.04
N SER A 18 -9.95 60.53 -51.29
CA SER A 18 -8.64 60.09 -51.78
C SER A 18 -7.62 61.22 -51.86
N GLU A 19 -8.06 62.46 -52.04
CA GLU A 19 -7.15 63.59 -52.14
C GLU A 19 -6.38 63.86 -50.85
N ILE A 20 -7.07 63.78 -49.72
CA ILE A 20 -6.48 64.00 -48.38
C ILE A 20 -5.72 62.77 -47.92
N ILE A 21 -6.21 61.61 -48.35
CA ILE A 21 -5.66 60.34 -47.88
C ILE A 21 -4.32 60.05 -48.53
N GLU A 22 -4.18 60.48 -49.80
N GLU A 22 -4.14 60.47 -49.77
CA GLU A 22 -2.94 60.37 -50.57
CA GLU A 22 -2.88 60.21 -50.44
C GLU A 22 -1.76 61.05 -49.86
C GLU A 22 -1.77 61.18 -49.98
N LEU A 23 -2.06 61.95 -48.93
CA LEU A 23 -1.04 62.71 -48.20
C LEU A 23 -0.52 61.91 -47.03
N PHE A 24 -1.02 60.69 -46.88
CA PHE A 24 -0.64 59.80 -45.82
C PHE A 24 -0.13 58.48 -46.35
N SER A 25 -0.12 58.38 -47.67
CA SER A 25 0.41 57.24 -48.38
C SER A 25 1.91 57.20 -48.22
N ALA A 26 2.50 56.01 -48.34
CA ALA A 26 3.95 55.85 -48.17
C ALA A 26 4.73 56.62 -49.22
N LYS A 27 4.24 56.62 -50.44
CA LYS A 27 4.92 57.32 -51.52
C LYS A 27 5.09 58.82 -51.21
N ALA A 28 4.06 59.45 -50.65
CA ALA A 28 4.12 60.87 -50.38
C ALA A 28 4.89 61.17 -49.11
N ASP A 29 4.94 60.19 -48.21
CA ASP A 29 5.69 60.30 -46.96
C ASP A 29 7.20 60.25 -47.26
N ILE A 30 7.60 59.24 -48.04
CA ILE A 30 8.98 59.07 -48.48
C ILE A 30 9.48 60.30 -49.23
N ASP A 31 8.64 60.84 -50.11
CA ASP A 31 8.97 62.04 -50.90
C ASP A 31 9.22 63.30 -50.07
N ALA A 32 8.52 63.41 -48.94
CA ALA A 32 8.79 64.45 -47.95
C ALA A 32 10.12 64.18 -47.22
N MET A 33 10.39 62.93 -46.88
CA MET A 33 11.62 62.54 -46.23
C MET A 33 12.84 62.79 -47.10
N ILE A 34 12.71 62.48 -48.40
CA ILE A 34 13.76 62.77 -49.40
C ILE A 34 14.05 64.27 -49.45
N ARG A 35 12.96 65.05 -49.48
CA ARG A 35 13.01 66.52 -49.52
C ARG A 35 13.77 67.11 -48.34
N PHE A 36 13.49 66.58 -47.16
CA PHE A 36 14.19 66.96 -45.94
C PHE A 36 15.68 66.68 -46.06
N GLU A 37 16.03 65.53 -46.62
CA GLU A 37 17.42 65.10 -46.67
C GLU A 37 18.22 65.81 -47.73
N THR A 38 17.55 66.23 -48.79
CA THR A 38 18.15 67.03 -49.84
C THR A 38 18.52 68.40 -49.27
N ALA A 39 17.54 69.02 -48.60
CA ALA A 39 17.71 70.38 -48.08
C ALA A 39 18.67 70.44 -46.91
N LEU A 40 18.75 69.35 -46.15
CA LEU A 40 19.70 69.23 -45.04
C LEU A 40 21.14 69.33 -45.55
N ALA A 41 21.40 68.60 -46.62
CA ALA A 41 22.70 68.55 -47.24
C ALA A 41 23.07 69.91 -47.82
N GLN A 42 22.10 70.58 -48.42
CA GLN A 42 22.30 71.92 -48.97
C GLN A 42 22.65 72.95 -47.89
N ALA A 43 21.96 72.86 -46.75
CA ALA A 43 22.05 73.85 -45.69
C ALA A 43 23.36 73.76 -44.91
N GLU A 44 23.88 72.54 -44.80
CA GLU A 44 25.16 72.32 -44.14
C GLU A 44 26.31 72.78 -45.02
N ALA A 45 26.20 72.56 -46.32
CA ALA A 45 27.25 72.98 -47.25
C ALA A 45 27.24 74.48 -47.48
N GLU A 46 26.08 75.08 -47.22
CA GLU A 46 25.93 76.54 -47.25
C GLU A 46 26.69 77.17 -46.08
N ALA A 47 26.47 76.64 -44.89
CA ALA A 47 27.30 77.00 -43.74
C ALA A 47 28.66 76.30 -43.77
N SER A 48 29.01 75.72 -44.92
CA SER A 48 30.35 75.18 -45.20
C SER A 48 30.86 74.02 -44.35
N ILE A 49 29.95 73.13 -43.93
CA ILE A 49 30.32 71.95 -43.14
C ILE A 49 30.99 70.86 -44.02
N PHE A 50 30.57 70.78 -45.27
CA PHE A 50 31.29 69.97 -46.27
C PHE A 50 31.23 70.60 -47.65
N ALA A 51 31.76 69.91 -48.65
CA ALA A 51 31.89 70.47 -49.99
C ALA A 51 30.57 70.55 -50.75
N ASP A 52 30.53 71.45 -51.73
CA ASP A 52 29.33 71.75 -52.50
C ASP A 52 28.96 70.68 -53.50
N ASP A 53 29.93 70.14 -54.23
CA ASP A 53 29.60 69.11 -55.22
C ASP A 53 29.38 67.75 -54.58
N GLU A 54 29.66 67.67 -53.28
CA GLU A 54 29.26 66.55 -52.46
C GLU A 54 27.77 66.66 -52.09
N ALA A 55 27.36 67.85 -51.67
CA ALA A 55 25.94 68.13 -51.46
C ALA A 55 25.18 68.02 -52.78
N GLU A 56 25.79 68.48 -53.87
CA GLU A 56 25.18 68.39 -55.21
C GLU A 56 25.09 66.95 -55.70
N ALA A 57 26.02 66.10 -55.25
CA ALA A 57 25.90 64.65 -55.42
C ALA A 57 24.75 64.07 -54.58
N ILE A 58 24.51 64.62 -53.39
CA ILE A 58 23.39 64.16 -52.56
C ILE A 58 22.05 64.65 -53.16
N VAL A 59 22.05 65.82 -53.78
CA VAL A 59 20.83 66.30 -54.46
C VAL A 59 20.46 65.36 -55.60
N SER A 60 21.32 65.27 -56.60
CA SER A 60 21.02 64.51 -57.80
C SER A 60 20.99 62.99 -57.59
N GLY A 61 21.71 62.51 -56.58
CA GLY A 61 21.64 61.11 -56.19
C GLY A 61 20.24 60.72 -55.74
N LEU A 62 19.61 61.60 -54.96
CA LEU A 62 18.28 61.34 -54.45
C LEU A 62 17.16 61.64 -55.44
N SER A 63 17.50 62.31 -56.54
N SER A 63 17.50 62.31 -56.54
CA SER A 63 16.53 62.70 -57.58
CA SER A 63 16.53 62.68 -57.58
C SER A 63 15.93 61.49 -58.31
C SER A 63 15.92 61.48 -58.26
N GLU A 64 16.72 60.43 -58.44
CA GLU A 64 16.24 59.22 -59.10
C GLU A 64 15.95 58.08 -58.11
N PHE A 65 16.05 58.36 -56.81
CA PHE A 65 15.92 57.35 -55.75
C PHE A 65 14.60 56.56 -55.70
N ALA A 66 14.72 55.23 -55.62
CA ALA A 66 13.60 54.29 -55.56
C ALA A 66 13.69 53.44 -54.29
N ALA A 67 12.69 53.57 -53.42
CA ALA A 67 12.72 52.86 -52.14
C ALA A 67 12.36 51.36 -52.27
N ASP A 68 13.08 50.53 -51.53
CA ASP A 68 12.79 49.09 -51.41
C ASP A 68 11.74 48.98 -50.33
N MET A 69 10.47 48.90 -50.74
CA MET A 69 9.35 48.96 -49.81
C MET A 69 9.39 47.79 -48.85
N SER A 70 9.70 46.62 -49.40
CA SER A 70 9.87 45.42 -48.61
C SER A 70 10.96 45.52 -47.56
N ALA A 71 12.07 46.17 -47.88
CA ALA A 71 13.18 46.25 -46.92
C ALA A 71 12.95 47.35 -45.90
N LEU A 72 12.16 48.36 -46.28
CA LEU A 72 11.74 49.41 -45.37
C LEU A 72 10.87 48.82 -44.25
N ARG A 73 9.98 47.91 -44.62
CA ARG A 73 9.16 47.12 -43.68
C ARG A 73 9.99 46.37 -42.61
N HIS A 74 10.99 45.62 -43.07
CA HIS A 74 11.90 44.89 -42.18
C HIS A 74 12.72 45.86 -41.33
N GLY A 75 12.94 47.05 -41.88
CA GLY A 75 13.64 48.12 -41.22
C GLY A 75 12.91 48.58 -39.98
N VAL A 76 11.59 48.78 -40.06
CA VAL A 76 10.87 49.12 -38.84
C VAL A 76 10.54 47.87 -37.98
N ALA A 77 10.57 46.68 -38.59
CA ALA A 77 10.43 45.44 -37.79
C ALA A 77 11.53 45.37 -36.73
N LYS A 78 12.78 45.61 -37.14
CA LYS A 78 13.90 45.60 -36.21
C LYS A 78 14.14 46.94 -35.47
N ASP A 79 14.19 48.04 -36.20
CA ASP A 79 14.50 49.33 -35.57
C ASP A 79 13.29 50.01 -34.88
N GLY A 80 12.08 49.79 -35.41
CA GLY A 80 10.89 50.43 -34.84
C GLY A 80 10.52 51.75 -35.52
N VAL A 81 11.28 52.08 -36.56
CA VAL A 81 11.29 53.40 -37.18
C VAL A 81 11.86 53.24 -38.59
N VAL A 82 11.33 53.94 -39.59
CA VAL A 82 11.84 53.74 -40.96
C VAL A 82 13.24 54.23 -41.29
N VAL A 83 13.75 55.18 -40.53
CA VAL A 83 14.83 55.98 -41.08
C VAL A 83 16.23 55.37 -41.17
N PRO A 84 16.74 54.68 -40.12
CA PRO A 84 18.03 54.00 -40.33
C PRO A 84 18.18 53.17 -41.62
N GLU A 85 17.15 52.42 -41.98
CA GLU A 85 17.14 51.70 -43.25
C GLU A 85 16.97 52.64 -44.45
N LEU A 86 16.06 53.60 -44.35
CA LEU A 86 15.79 54.57 -45.42
C LEU A 86 17.04 55.32 -45.83
N ILE A 87 17.81 55.74 -44.83
CA ILE A 87 19.07 56.44 -45.01
C ILE A 87 20.09 55.48 -45.64
N ARG A 88 20.11 54.24 -45.16
CA ARG A 88 20.96 53.19 -45.74
C ARG A 88 20.69 52.94 -47.23
N GLN A 89 19.41 53.00 -47.64
CA GLN A 89 19.05 52.88 -49.05
C GLN A 89 19.37 54.15 -49.83
N MET A 90 19.33 55.29 -49.15
CA MET A 90 19.67 56.58 -49.74
C MET A 90 21.18 56.67 -50.02
N ARG A 91 22.00 56.03 -49.20
CA ARG A 91 23.45 56.02 -49.42
C ARG A 91 23.78 55.16 -50.62
N ALA A 92 22.99 54.11 -50.85
CA ALA A 92 23.11 53.31 -52.06
C ALA A 92 22.80 54.13 -53.31
N ALA A 93 21.98 55.17 -53.16
CA ALA A 93 21.59 56.05 -54.28
C ALA A 93 22.61 57.17 -54.57
N VAL A 94 23.58 57.34 -53.68
CA VAL A 94 24.62 58.39 -53.82
C VAL A 94 26.02 57.82 -54.14
N ALA A 95 26.61 58.23 -55.27
CA ALA A 95 27.98 57.77 -55.61
C ALA A 95 29.07 58.62 -54.97
N GLY A 96 30.07 57.98 -54.38
CA GLY A 96 31.22 58.69 -53.83
C GLY A 96 31.14 58.93 -52.34
N GLN A 97 32.11 59.67 -51.81
CA GLN A 97 32.20 59.91 -50.35
C GLN A 97 31.21 60.97 -49.84
N ALA A 98 30.32 61.37 -50.72
CA ALA A 98 29.23 62.26 -50.39
C ALA A 98 28.14 61.47 -49.71
N ALA A 99 28.16 60.15 -49.90
CA ALA A 99 27.19 59.26 -49.30
C ALA A 99 27.38 59.15 -47.79
N ASP A 100 28.52 59.60 -47.27
CA ASP A 100 28.74 59.63 -45.84
C ASP A 100 28.02 60.83 -45.20
N LYS A 101 27.63 61.81 -46.01
CA LYS A 101 27.14 63.08 -45.49
C LYS A 101 25.60 63.21 -45.42
N VAL A 102 24.87 62.19 -45.86
CA VAL A 102 23.42 62.28 -45.77
C VAL A 102 22.97 61.95 -44.34
N HIS A 103 22.06 62.75 -43.80
CA HIS A 103 21.53 62.57 -42.45
C HIS A 103 22.56 62.96 -41.37
N PHE A 104 23.56 63.74 -41.78
CA PHE A 104 24.54 64.24 -40.82
C PHE A 104 23.84 65.28 -39.96
N GLY A 105 24.04 65.17 -38.65
CA GLY A 105 23.46 66.09 -37.67
C GLY A 105 22.01 65.84 -37.29
N ALA A 106 21.32 65.01 -38.06
CA ALA A 106 19.89 64.77 -37.87
C ALA A 106 19.60 63.44 -37.20
N THR A 107 18.42 63.36 -36.58
CA THR A 107 17.95 62.10 -35.98
C THR A 107 16.69 61.56 -36.67
N SER A 108 16.37 60.32 -36.35
CA SER A 108 15.15 59.66 -36.82
C SER A 108 13.87 60.48 -36.69
N GLN A 109 13.66 61.11 -35.54
CA GLN A 109 12.43 61.88 -35.31
C GLN A 109 12.39 63.14 -36.19
N ASP A 110 13.57 63.72 -36.43
CA ASP A 110 13.72 64.94 -37.22
C ASP A 110 13.10 64.78 -38.57
N VAL A 111 13.44 63.69 -39.24
CA VAL A 111 12.93 63.43 -40.57
C VAL A 111 11.45 63.07 -40.57
N ILE A 112 11.03 62.23 -39.61
CA ILE A 112 9.63 61.83 -39.50
C ILE A 112 8.69 63.00 -39.21
N ASP A 113 8.94 63.73 -38.13
CA ASP A 113 8.09 64.87 -37.73
C ASP A 113 8.01 65.98 -38.81
N THR A 114 9.14 66.26 -39.46
CA THR A 114 9.22 67.26 -40.54
C THR A 114 8.46 66.78 -41.79
N SER A 115 8.59 65.49 -42.06
CA SER A 115 7.80 64.86 -43.12
C SER A 115 6.30 64.95 -42.86
N LEU A 116 5.89 64.76 -41.60
CA LEU A 116 4.51 64.94 -41.20
C LEU A 116 4.06 66.40 -41.35
N MET A 117 4.91 67.32 -40.91
CA MET A 117 4.61 68.76 -40.97
C MET A 117 4.40 69.28 -42.39
N LEU A 118 5.27 68.85 -43.31
CA LEU A 118 5.12 69.16 -44.73
C LEU A 118 3.79 68.68 -45.29
N ARG A 119 3.34 67.53 -44.81
CA ARG A 119 2.14 66.88 -45.30
C ARG A 119 0.86 67.43 -44.65
N LEU A 120 0.98 67.79 -43.38
CA LEU A 120 -0.07 68.46 -42.64
C LEU A 120 -0.32 69.85 -43.19
N LYS A 121 0.68 70.41 -43.88
CA LYS A 121 0.56 71.74 -44.42
C LYS A 121 -0.28 71.67 -45.68
N MET A 122 -0.06 70.61 -46.44
CA MET A 122 -0.79 70.42 -47.68
C MET A 122 -2.23 70.01 -47.39
N ALA A 123 -2.45 69.36 -46.25
CA ALA A 123 -3.81 68.95 -45.88
C ALA A 123 -4.60 70.17 -45.46
N ALA A 124 -3.97 71.01 -44.64
CA ALA A 124 -4.61 72.22 -44.14
C ALA A 124 -4.92 73.20 -45.24
N GLU A 125 -4.12 73.25 -46.28
CA GLU A 125 -4.47 74.13 -47.36
C GLU A 125 -5.67 73.59 -48.15
N ILE A 126 -5.79 72.27 -48.25
CA ILE A 126 -6.97 71.63 -48.85
C ILE A 126 -8.21 71.82 -47.98
N ILE A 127 -8.04 71.61 -46.67
CA ILE A 127 -9.12 71.80 -45.72
C ILE A 127 -9.64 73.24 -45.77
N ALA A 128 -8.73 74.21 -45.60
CA ALA A 128 -9.08 75.63 -45.71
C ALA A 128 -9.74 75.99 -47.05
N THR A 129 -9.30 75.38 -48.14
CA THR A 129 -9.91 75.63 -49.45
C THR A 129 -11.38 75.21 -49.48
N ARG A 130 -11.65 73.98 -49.07
CA ARG A 130 -13.01 73.46 -48.99
C ARG A 130 -13.90 74.17 -47.98
N LEU A 131 -13.29 74.63 -46.90
CA LEU A 131 -14.03 75.34 -45.87
C LEU A 131 -14.64 76.62 -46.49
N GLY A 132 -13.80 77.45 -47.10
CA GLY A 132 -14.25 78.68 -47.74
C GLY A 132 -15.34 78.48 -48.77
N HIS A 133 -15.25 77.39 -49.53
CA HIS A 133 -16.28 77.10 -50.54
C HIS A 133 -17.59 76.65 -49.91
N LEU A 134 -17.50 75.96 -48.77
CA LEU A 134 -18.70 75.46 -48.09
C LEU A 134 -19.53 76.59 -47.44
N ILE A 135 -18.84 77.49 -46.74
CA ILE A 135 -19.36 78.78 -46.31
C ILE A 135 -20.09 79.54 -47.43
N ASP A 136 -19.48 79.54 -48.61
CA ASP A 136 -20.12 80.11 -49.79
C ASP A 136 -21.35 79.32 -50.24
N THR A 137 -21.34 77.99 -50.10
CA THR A 137 -22.54 77.22 -50.53
C THR A 137 -23.69 77.34 -49.55
N LEU A 138 -23.38 77.20 -48.27
CA LEU A 138 -24.31 77.45 -47.18
C LEU A 138 -24.86 78.89 -47.22
N GLY A 139 -23.98 79.85 -47.54
CA GLY A 139 -24.40 81.22 -47.79
C GLY A 139 -25.43 81.37 -48.91
N ASP A 140 -25.40 80.46 -49.89
CA ASP A 140 -26.39 80.48 -50.95
C ASP A 140 -27.71 79.83 -50.55
N LEU A 141 -27.66 78.86 -49.64
CA LEU A 141 -28.88 78.32 -49.03
C LEU A 141 -29.55 79.42 -48.20
N ALA A 142 -28.74 80.13 -47.43
CA ALA A 142 -29.17 81.22 -46.55
C ALA A 142 -29.70 82.47 -47.25
N SER A 143 -29.44 82.59 -48.55
CA SER A 143 -29.97 83.71 -49.32
C SER A 143 -31.21 83.31 -50.10
N ARG A 144 -31.28 82.05 -50.52
CA ARG A 144 -32.44 81.58 -51.24
C ARG A 144 -33.62 81.49 -50.28
N ASP A 145 -33.39 80.94 -49.11
CA ASP A 145 -34.52 80.59 -48.32
C ASP A 145 -34.58 81.36 -47.01
N GLY A 146 -33.61 82.27 -46.81
CA GLY A 146 -33.47 83.00 -45.53
C GLY A 146 -34.70 83.76 -45.06
N HIS A 147 -35.51 84.18 -46.04
CA HIS A 147 -36.77 84.89 -45.82
C HIS A 147 -37.88 84.01 -45.27
N LYS A 148 -37.86 82.72 -45.62
CA LYS A 148 -38.90 81.77 -45.23
C LYS A 148 -38.81 81.46 -43.73
N PRO A 149 -39.96 81.24 -43.05
CA PRO A 149 -39.87 81.05 -41.59
C PRO A 149 -39.69 79.59 -41.12
N LEU A 150 -38.96 79.42 -40.03
CA LEU A 150 -38.85 78.11 -39.40
C LEU A 150 -39.61 78.13 -38.10
N THR A 151 -40.02 76.95 -37.66
CA THR A 151 -40.44 76.76 -36.29
C THR A 151 -39.15 76.69 -35.49
N GLY A 152 -39.05 77.51 -34.46
CA GLY A 152 -37.89 77.43 -33.58
C GLY A 152 -38.03 76.21 -32.71
N TYR A 153 -36.92 75.59 -32.36
CA TYR A 153 -36.98 74.53 -31.37
C TYR A 153 -35.96 74.76 -30.28
N THR A 154 -36.39 74.77 -29.04
CA THR A 154 -35.46 74.86 -27.94
C THR A 154 -35.77 73.76 -26.95
N ARG A 155 -34.71 73.06 -26.55
CA ARG A 155 -34.75 71.92 -25.61
C ARG A 155 -35.81 70.89 -26.01
N MET A 156 -35.76 70.48 -27.28
CA MET A 156 -36.62 69.46 -27.88
C MET A 156 -38.11 69.78 -27.82
N GLN A 157 -38.44 71.07 -27.89
CA GLN A 157 -39.83 71.53 -27.94
C GLN A 157 -39.93 72.68 -28.92
N ALA A 158 -41.07 72.82 -29.58
CA ALA A 158 -41.35 74.02 -30.41
C ALA A 158 -41.27 75.29 -29.55
N ALA A 159 -40.65 76.32 -30.12
CA ALA A 159 -40.54 77.61 -29.47
C ALA A 159 -41.22 78.62 -30.38
N ILE A 160 -40.74 79.86 -30.39
CA ILE A 160 -41.34 80.88 -31.25
C ILE A 160 -40.84 80.73 -32.68
N GLY A 161 -41.55 81.35 -33.63
CA GLY A 161 -41.12 81.37 -35.02
C GLY A 161 -39.78 82.06 -35.17
N ILE A 162 -38.89 81.48 -35.99
CA ILE A 162 -37.68 82.17 -36.40
C ILE A 162 -37.70 82.24 -37.94
N THR A 163 -36.58 82.61 -38.55
CA THR A 163 -36.45 82.46 -39.99
C THR A 163 -35.35 81.45 -40.31
N VAL A 164 -35.19 81.17 -41.60
CA VAL A 164 -34.18 80.21 -42.04
C VAL A 164 -32.82 80.82 -41.85
N ALA A 165 -32.69 82.09 -42.22
CA ALA A 165 -31.46 82.84 -41.99
C ALA A 165 -30.97 82.77 -40.54
N ASP A 166 -31.90 82.83 -39.59
CA ASP A 166 -31.56 82.79 -38.16
C ASP A 166 -30.83 81.51 -37.81
N ARG A 167 -31.39 80.37 -38.21
CA ARG A 167 -30.78 79.07 -37.92
C ARG A 167 -29.54 78.77 -38.80
N ALA A 168 -29.54 79.27 -40.03
CA ALA A 168 -28.35 79.15 -40.90
C ALA A 168 -27.10 79.86 -40.34
N ALA A 169 -27.31 80.93 -39.58
CA ALA A 169 -26.22 81.67 -38.97
C ALA A 169 -25.41 80.80 -38.03
N GLY A 170 -26.08 79.87 -37.34
CA GLY A 170 -25.42 78.91 -36.45
C GLY A 170 -24.63 77.80 -37.14
N TRP A 171 -24.82 77.68 -38.45
CA TRP A 171 -24.05 76.73 -39.23
C TRP A 171 -22.85 77.47 -39.83
N ILE A 172 -23.04 78.76 -40.10
CA ILE A 172 -22.11 79.52 -40.95
C ILE A 172 -21.08 80.28 -40.13
N ALA A 173 -21.56 81.08 -39.17
CA ALA A 173 -20.67 81.80 -38.26
C ALA A 173 -19.57 80.97 -37.57
N PRO A 174 -19.88 79.74 -37.07
CA PRO A 174 -18.74 79.02 -36.50
C PRO A 174 -17.72 78.59 -37.56
N LEU A 175 -18.19 78.20 -38.75
CA LEU A 175 -17.30 77.87 -39.85
C LEU A 175 -16.39 79.02 -40.29
N GLU A 176 -16.89 80.25 -40.27
CA GLU A 176 -16.09 81.42 -40.64
C GLU A 176 -14.99 81.65 -39.61
N ARG A 177 -15.31 81.39 -38.35
CA ARG A 177 -14.34 81.49 -37.26
C ARG A 177 -13.29 80.39 -37.39
N HIS A 178 -13.71 79.20 -37.84
CA HIS A 178 -12.77 78.08 -38.03
C HIS A 178 -11.81 78.32 -39.17
N LEU A 179 -12.30 79.01 -40.20
CA LEU A 179 -11.51 79.37 -41.38
C LEU A 179 -10.40 80.30 -40.95
N LEU A 180 -10.75 81.21 -40.05
CA LEU A 180 -9.82 82.21 -39.53
C LEU A 180 -8.80 81.55 -38.62
N ARG A 181 -9.24 80.56 -37.86
CA ARG A 181 -8.36 79.78 -37.00
C ARG A 181 -7.33 79.00 -37.84
N LEU A 182 -7.79 78.40 -38.93
CA LEU A 182 -6.91 77.66 -39.84
C LEU A 182 -5.85 78.52 -40.53
N GLU A 183 -6.25 79.69 -41.02
CA GLU A 183 -5.32 80.60 -41.67
C GLU A 183 -4.25 81.10 -40.71
N THR A 184 -4.67 81.42 -39.48
CA THR A 184 -3.78 81.82 -38.38
C THR A 184 -2.75 80.76 -38.01
N PHE A 185 -3.22 79.51 -37.88
CA PHE A 185 -2.33 78.40 -37.52
C PHE A 185 -1.27 78.17 -38.60
N ALA A 186 -1.67 78.28 -39.86
CA ALA A 186 -0.79 78.04 -41.00
C ALA A 186 0.44 78.96 -41.10
N GLN A 187 0.41 80.09 -40.39
CA GLN A 187 1.54 81.02 -40.40
C GLN A 187 2.77 80.57 -39.61
N ASN A 188 2.57 79.90 -38.49
CA ASN A 188 3.70 79.51 -37.66
C ASN A 188 3.71 78.03 -37.38
N GLY A 189 2.52 77.44 -37.43
CA GLY A 189 2.25 76.13 -36.81
C GLY A 189 2.92 74.91 -37.39
N PHE A 190 3.23 75.00 -38.69
CA PHE A 190 3.92 73.91 -39.39
C PHE A 190 5.42 74.12 -39.35
N ALA A 191 6.03 73.54 -38.32
CA ALA A 191 7.44 73.81 -37.98
C ALA A 191 8.44 72.83 -38.61
N LEU A 192 9.72 73.19 -38.56
CA LEU A 192 10.78 72.24 -38.84
C LEU A 192 11.00 71.42 -37.57
N GLN A 193 11.48 70.19 -37.71
CA GLN A 193 11.97 69.43 -36.59
C GLN A 193 13.42 69.13 -36.80
N PHE A 194 14.27 69.81 -36.06
CA PHE A 194 15.69 69.63 -36.24
C PHE A 194 16.41 69.73 -34.89
N GLY A 195 16.58 68.59 -34.25
CA GLY A 195 17.22 68.53 -32.95
C GLY A 195 18.42 67.65 -32.81
N GLY A 196 18.51 66.58 -33.59
CA GLY A 196 19.67 65.70 -33.48
C GLY A 196 19.33 64.64 -32.47
N ALA A 197 20.36 63.86 -32.09
CA ALA A 197 20.18 62.63 -31.31
C ALA A 197 19.42 62.76 -29.98
N ALA A 198 19.64 63.86 -29.26
CA ALA A 198 18.93 64.12 -28.01
C ALA A 198 18.64 65.62 -27.91
N GLY A 199 18.18 66.17 -29.04
CA GLY A 199 17.63 67.51 -29.12
C GLY A 199 18.55 68.72 -29.24
N THR A 200 19.86 68.54 -29.19
CA THR A 200 20.72 69.70 -28.97
C THR A 200 21.66 69.98 -30.11
N LEU A 201 21.54 69.20 -31.18
CA LEU A 201 22.32 69.35 -32.39
C LEU A 201 23.85 69.33 -32.15
N GLU A 202 24.30 68.27 -31.48
CA GLU A 202 25.67 68.16 -30.97
C GLU A 202 26.72 68.03 -32.06
N LYS A 203 26.30 67.52 -33.22
CA LYS A 203 27.18 67.40 -34.36
C LYS A 203 27.51 68.80 -34.89
N LEU A 204 26.46 69.58 -35.16
CA LEU A 204 26.58 70.93 -35.75
C LEU A 204 27.39 72.00 -34.98
N GLY A 205 27.47 71.90 -33.65
CA GLY A 205 28.20 72.88 -32.84
C GLY A 205 27.66 74.30 -32.88
N ASP A 206 28.51 75.26 -33.21
CA ASP A 206 28.12 76.66 -33.31
C ASP A 206 27.44 77.04 -34.64
N ASN A 207 27.23 76.07 -35.53
CA ASN A 207 26.52 76.32 -36.79
C ASN A 207 25.04 75.93 -36.67
N ALA A 208 24.61 75.65 -35.44
CA ALA A 208 23.28 75.15 -35.14
C ALA A 208 22.15 76.00 -35.71
N GLY A 209 22.11 77.26 -35.29
CA GLY A 209 21.02 78.16 -35.63
C GLY A 209 20.97 78.53 -37.10
N ALA A 210 22.16 78.67 -37.69
CA ALA A 210 22.30 79.09 -39.08
C ALA A 210 21.75 78.03 -40.05
N VAL A 211 22.08 76.76 -39.79
CA VAL A 211 21.62 75.63 -40.61
C VAL A 211 20.12 75.40 -40.49
N ARG A 212 19.60 75.40 -39.25
CA ARG A 212 18.18 75.25 -38.98
C ARG A 212 17.31 76.30 -39.71
N ALA A 213 17.77 77.55 -39.71
CA ALA A 213 17.16 78.67 -40.45
C ALA A 213 17.13 78.46 -41.97
N ASP A 214 18.24 77.95 -42.48
CA ASP A 214 18.36 77.65 -43.89
C ASP A 214 17.44 76.50 -44.28
N LEU A 215 17.35 75.49 -43.41
CA LEU A 215 16.59 74.26 -43.67
C LEU A 215 15.10 74.56 -43.62
N ALA A 216 14.73 75.44 -42.70
CA ALA A 216 13.35 75.90 -42.56
C ALA A 216 12.90 76.68 -43.78
N LYS A 217 13.76 77.58 -44.28
CA LYS A 217 13.45 78.42 -45.45
C LYS A 217 13.32 77.58 -46.72
N ARG A 218 14.26 76.65 -46.90
CA ARG A 218 14.26 75.74 -48.05
C ARG A 218 13.01 74.85 -48.16
N LEU A 219 12.40 74.50 -47.02
CA LEU A 219 11.28 73.56 -47.01
C LEU A 219 9.93 74.22 -46.81
N GLY A 220 9.89 75.54 -46.69
CA GLY A 220 8.63 76.26 -46.48
C GLY A 220 7.92 75.95 -45.16
N LEU A 221 8.72 75.73 -44.12
CA LEU A 221 8.21 75.50 -42.77
C LEU A 221 8.88 76.49 -41.83
N ALA A 222 8.62 76.37 -40.53
CA ALA A 222 8.98 77.43 -39.58
C ALA A 222 10.23 77.15 -38.76
N ASP A 223 11.02 78.19 -38.56
CA ASP A 223 12.28 78.11 -37.81
C ASP A 223 12.11 78.21 -36.30
N ARG A 224 11.69 77.13 -35.66
CA ARG A 224 11.60 77.10 -34.21
C ARG A 224 12.59 76.08 -33.61
N PRO A 225 13.02 76.23 -32.33
CA PRO A 225 13.85 75.13 -31.85
C PRO A 225 13.07 73.83 -31.78
N GLN A 226 13.79 72.71 -31.80
CA GLN A 226 13.17 71.39 -31.86
C GLN A 226 12.17 71.13 -30.74
N TRP A 227 11.22 70.28 -31.09
CA TRP A 227 10.09 70.03 -30.23
C TRP A 227 9.82 68.54 -30.19
N HIS A 228 10.92 67.78 -30.09
CA HIS A 228 10.86 66.33 -29.86
C HIS A 228 9.84 65.93 -28.78
N ASN A 229 9.97 66.49 -27.57
CA ASN A 229 9.03 66.24 -26.47
C ASN A 229 7.92 67.30 -26.24
N GLN A 230 7.76 68.25 -27.17
CA GLN A 230 6.80 69.35 -27.00
C GLN A 230 5.75 69.25 -28.09
N ARG A 231 4.55 68.78 -27.76
CA ARG A 231 3.61 68.37 -28.78
C ARG A 231 2.37 69.24 -28.79
N ASP A 232 2.49 70.42 -28.18
CA ASP A 232 1.36 71.33 -28.01
C ASP A 232 0.80 71.85 -29.33
N GLY A 233 1.67 72.06 -30.32
CA GLY A 233 1.23 72.49 -31.64
C GLY A 233 0.42 71.43 -32.34
N ILE A 234 0.80 70.17 -32.14
CA ILE A 234 0.07 69.03 -32.72
C ILE A 234 -1.33 68.99 -32.10
N ALA A 235 -1.37 69.16 -30.77
CA ALA A 235 -2.63 69.13 -30.02
C ALA A 235 -3.57 70.28 -30.44
N GLU A 236 -2.96 71.45 -30.63
CA GLU A 236 -3.68 72.66 -30.96
C GLU A 236 -4.29 72.55 -32.35
N PHE A 237 -3.58 71.84 -33.22
CA PHE A 237 -4.04 71.60 -34.56
C PHE A 237 -5.16 70.58 -34.59
N ALA A 238 -5.09 69.62 -33.69
CA ALA A 238 -6.04 68.51 -33.70
C ALA A 238 -7.36 69.01 -33.14
N ASN A 239 -7.25 69.98 -32.24
CA ASN A 239 -8.40 70.68 -31.70
C ASN A 239 -9.15 71.37 -32.80
N LEU A 240 -8.41 72.01 -33.70
CA LEU A 240 -9.00 72.68 -34.87
C LEU A 240 -9.72 71.71 -35.78
N LEU A 241 -9.13 70.53 -35.96
CA LEU A 241 -9.73 69.48 -36.77
C LEU A 241 -11.10 69.08 -36.19
N SER A 242 -11.18 68.92 -34.87
CA SER A 242 -12.44 68.55 -34.19
C SER A 242 -13.43 69.71 -34.08
N LEU A 243 -12.93 70.95 -34.08
CA LEU A 243 -13.81 72.12 -34.09
C LEU A 243 -14.65 72.16 -35.37
N VAL A 244 -13.99 71.94 -36.51
CA VAL A 244 -14.66 71.88 -37.81
C VAL A 244 -15.68 70.75 -37.84
N THR A 245 -15.34 69.59 -37.29
CA THR A 245 -16.25 68.45 -37.39
C THR A 245 -17.41 68.58 -36.45
N GLY A 246 -17.17 69.19 -35.29
CA GLY A 246 -18.22 69.46 -34.34
C GLY A 246 -19.32 70.33 -34.93
N THR A 247 -18.92 71.37 -35.65
CA THR A 247 -19.84 72.35 -36.18
C THR A 247 -20.63 71.74 -37.33
N LEU A 248 -19.93 71.06 -38.22
CA LEU A 248 -20.55 70.30 -39.28
C LEU A 248 -21.44 69.18 -38.77
N GLY A 249 -21.13 68.69 -37.56
CA GLY A 249 -21.98 67.72 -36.87
C GLY A 249 -23.27 68.34 -36.39
N LYS A 250 -23.14 69.56 -35.84
CA LYS A 250 -24.25 70.38 -35.39
C LYS A 250 -25.15 70.68 -36.57
N PHE A 251 -24.51 70.92 -37.71
CA PHE A 251 -25.22 71.20 -38.95
C PHE A 251 -26.01 69.97 -39.30
N GLY A 252 -25.32 68.84 -39.48
CA GLY A 252 -25.93 67.58 -39.92
C GLY A 252 -27.03 67.03 -39.01
N GLN A 253 -26.93 67.29 -37.73
CA GLN A 253 -27.98 66.92 -36.79
C GLN A 253 -29.27 67.74 -36.98
N ASP A 254 -29.12 69.03 -37.28
CA ASP A 254 -30.26 69.91 -37.49
C ASP A 254 -31.05 69.48 -38.68
N ILE A 255 -30.32 69.10 -39.73
CA ILE A 255 -30.88 68.69 -41.01
C ILE A 255 -31.57 67.36 -40.83
N ALA A 256 -31.02 66.54 -39.94
CA ALA A 256 -31.58 65.23 -39.64
C ALA A 256 -32.93 65.33 -38.94
N LEU A 257 -33.05 66.25 -37.99
CA LEU A 257 -34.32 66.49 -37.31
C LEU A 257 -35.34 67.10 -38.26
N MET A 258 -34.89 68.10 -39.02
CA MET A 258 -35.76 68.78 -39.94
C MET A 258 -36.35 67.80 -40.96
N ALA A 259 -35.60 66.73 -41.25
CA ALA A 259 -36.06 65.68 -42.16
C ALA A 259 -37.00 64.72 -41.48
N GLU A 260 -36.82 64.49 -40.19
CA GLU A 260 -37.71 63.58 -39.47
C GLU A 260 -39.11 64.17 -39.32
N ILE A 261 -39.15 65.46 -39.00
CA ILE A 261 -40.40 66.18 -38.88
C ILE A 261 -40.92 66.39 -40.31
N GLY A 262 -40.00 66.76 -41.20
CA GLY A 262 -40.23 66.60 -42.63
C GLY A 262 -41.10 67.62 -43.32
N SER A 263 -41.40 68.72 -42.64
CA SER A 263 -42.33 69.73 -43.15
C SER A 263 -41.62 71.01 -43.51
N GLU A 264 -40.44 71.22 -42.94
CA GLU A 264 -39.73 72.47 -43.17
C GLU A 264 -38.48 72.24 -43.99
N ILE A 265 -38.39 71.05 -44.59
CA ILE A 265 -37.28 70.74 -45.50
C ILE A 265 -37.72 69.96 -46.79
N ARG A 266 -37.00 70.15 -47.90
CA ARG A 266 -37.18 69.25 -49.04
C ARG A 266 -35.83 68.72 -49.50
N LEU A 267 -35.57 67.43 -49.23
CA LEU A 267 -34.35 66.78 -49.67
C LEU A 267 -34.60 65.99 -50.96
N SER A 268 -33.53 65.75 -51.71
CA SER A 268 -33.66 65.38 -53.13
C SER A 268 -33.04 64.07 -53.59
N GLY A 269 -33.22 63.87 -54.89
CA GLY A 269 -32.67 62.73 -55.65
C GLY A 269 -33.61 61.54 -55.78
N GLY A 270 -33.98 61.03 -54.60
CA GLY A 270 -34.33 59.62 -54.43
C GLY A 270 -33.07 59.07 -53.77
N GLY A 271 -32.78 59.60 -52.57
CA GLY A 271 -31.50 59.36 -51.90
C GLY A 271 -30.38 60.15 -52.55
N LYS A 279 -38.78 55.86 -48.67
CA LYS A 279 -37.40 56.03 -48.21
C LYS A 279 -37.06 57.50 -47.86
N GLN A 280 -36.20 58.11 -48.72
CA GLN A 280 -35.53 59.42 -48.47
C GLN A 280 -34.81 59.58 -47.10
N ASN A 281 -33.86 58.69 -46.81
CA ASN A 281 -32.99 58.84 -45.63
C ASN A 281 -31.99 60.01 -45.72
N PRO A 282 -31.82 60.77 -44.63
CA PRO A 282 -30.77 61.75 -44.52
C PRO A 282 -29.43 61.15 -44.09
N VAL A 283 -28.82 60.39 -44.98
CA VAL A 283 -27.60 59.65 -44.65
C VAL A 283 -26.41 60.57 -44.38
N ASN A 284 -26.25 61.54 -45.28
CA ASN A 284 -25.14 62.47 -45.19
C ASN A 284 -25.23 63.26 -43.91
N ALA A 285 -26.46 63.59 -43.51
CA ALA A 285 -26.74 64.31 -42.26
C ALA A 285 -26.28 63.57 -40.99
N GLU A 286 -26.62 62.28 -40.92
CA GLU A 286 -26.20 61.44 -39.82
C GLU A 286 -24.69 61.23 -39.82
N THR A 287 -24.11 61.08 -41.01
CA THR A 287 -22.68 60.84 -41.17
C THR A 287 -21.92 62.00 -40.55
N LEU A 288 -22.41 63.21 -40.81
CA LEU A 288 -21.87 64.41 -40.18
C LEU A 288 -21.81 64.35 -38.63
N VAL A 289 -22.85 63.80 -38.00
CA VAL A 289 -22.88 63.61 -36.55
C VAL A 289 -21.84 62.57 -36.16
N THR A 290 -21.77 61.49 -36.93
CA THR A 290 -20.75 60.45 -36.67
C THR A 290 -19.32 61.00 -36.65
N LEU A 291 -18.91 61.68 -37.73
CA LEU A 291 -17.56 62.23 -37.85
C LEU A 291 -17.24 63.23 -36.73
N ALA A 292 -18.23 64.04 -36.38
CA ALA A 292 -18.14 64.93 -35.23
C ALA A 292 -17.79 64.16 -33.93
N ARG A 293 -18.48 63.05 -33.69
CA ARG A 293 -18.26 62.26 -32.47
C ARG A 293 -16.91 61.54 -32.50
N PHE A 294 -16.53 61.05 -33.68
CA PHE A 294 -15.22 60.42 -33.90
C PHE A 294 -14.06 61.28 -33.44
N ASN A 295 -13.95 62.47 -34.04
CA ASN A 295 -12.89 63.40 -33.76
C ASN A 295 -12.95 63.85 -32.34
N ALA A 296 -14.17 63.98 -31.82
CA ALA A 296 -14.38 64.28 -30.41
C ALA A 296 -13.84 63.18 -29.44
N VAL A 297 -13.81 61.93 -29.89
CA VAL A 297 -13.09 60.87 -29.16
C VAL A 297 -11.58 61.02 -29.38
N GLN A 298 -11.15 61.04 -30.63
CA GLN A 298 -9.74 61.08 -31.01
C GLN A 298 -8.89 62.19 -30.42
N ILE A 299 -9.49 63.38 -30.28
CA ILE A 299 -8.78 64.54 -29.77
C ILE A 299 -8.13 64.26 -28.39
N SER A 300 -8.70 63.33 -27.64
CA SER A 300 -8.21 62.95 -26.33
C SER A 300 -6.91 62.17 -26.41
N ALA A 301 -6.71 61.47 -27.50
CA ALA A 301 -5.48 60.73 -27.71
C ALA A 301 -4.34 61.69 -27.95
N LEU A 302 -4.58 62.68 -28.83
CA LEU A 302 -3.60 63.73 -29.10
C LEU A 302 -3.22 64.47 -27.82
N HIS A 303 -4.20 64.64 -26.93
CA HIS A 303 -3.94 65.22 -25.62
C HIS A 303 -3.21 64.29 -24.66
N GLN A 304 -3.43 62.96 -24.74
CA GLN A 304 -2.68 62.01 -23.90
C GLN A 304 -1.19 61.98 -24.21
N SER A 305 -0.86 62.41 -25.41
CA SER A 305 0.49 62.39 -25.90
C SER A 305 1.20 63.71 -25.66
N LEU A 306 0.64 64.57 -24.82
CA LEU A 306 1.37 65.76 -24.42
C LEU A 306 2.43 65.32 -23.42
N VAL A 307 2.13 64.29 -22.62
CA VAL A 307 3.10 63.77 -21.67
C VAL A 307 4.05 62.83 -22.40
N GLN A 308 5.08 63.43 -23.01
CA GLN A 308 6.15 62.68 -23.64
C GLN A 308 7.42 62.90 -22.85
N GLU A 309 7.80 61.89 -22.08
CA GLU A 309 8.87 62.05 -21.11
C GLU A 309 10.27 62.14 -21.72
N GLN A 310 11.15 62.80 -20.97
CA GLN A 310 12.57 62.88 -21.26
C GLN A 310 12.87 63.47 -22.63
N GLU A 311 13.95 63.00 -23.25
CA GLU A 311 14.40 63.61 -24.49
C GLU A 311 13.60 63.11 -25.71
N ARG A 312 12.95 61.96 -25.55
CA ARG A 312 12.13 61.34 -26.59
C ARG A 312 11.32 60.21 -25.95
N SER A 313 10.01 60.16 -26.26
CA SER A 313 9.12 59.12 -25.77
C SER A 313 8.46 58.39 -26.93
N GLY A 314 8.75 57.09 -27.07
CA GLY A 314 8.12 56.30 -28.11
C GLY A 314 6.64 56.14 -27.89
N ALA A 315 6.26 55.94 -26.63
CA ALA A 315 4.87 55.79 -26.21
C ALA A 315 3.96 56.96 -26.61
N GLY A 316 4.27 58.18 -26.16
CA GLY A 316 3.52 59.36 -26.52
C GLY A 316 3.49 59.60 -28.02
N TRP A 317 4.66 59.57 -28.64
CA TRP A 317 4.83 59.82 -30.07
C TRP A 317 4.07 58.85 -31.00
N MET A 318 4.00 57.58 -30.64
CA MET A 318 3.39 56.61 -31.54
C MET A 318 1.88 56.64 -31.42
N LEU A 319 1.39 57.09 -30.28
CA LEU A 319 -0.03 57.33 -30.14
C LEU A 319 -0.51 58.34 -31.19
N GLU A 320 0.30 59.37 -31.50
CA GLU A 320 -0.02 60.33 -32.54
C GLU A 320 -0.05 59.75 -33.95
N TRP A 321 0.76 58.72 -34.18
CA TRP A 321 0.82 58.10 -35.48
C TRP A 321 -0.48 57.36 -35.70
N LEU A 322 -0.93 56.69 -34.63
CA LEU A 322 -2.11 55.85 -34.64
C LEU A 322 -3.38 56.64 -34.87
N THR A 323 -3.46 57.80 -34.23
CA THR A 323 -4.68 58.58 -34.24
C THR A 323 -4.75 59.79 -35.18
N LEU A 324 -3.65 60.54 -35.35
CA LEU A 324 -3.75 61.84 -36.05
C LEU A 324 -4.23 61.84 -37.51
N PRO A 325 -3.67 60.98 -38.40
CA PRO A 325 -4.14 60.99 -39.77
C PRO A 325 -5.64 60.80 -39.92
N GLN A 326 -6.25 60.06 -39.01
CA GLN A 326 -7.67 59.85 -39.09
C GLN A 326 -8.47 61.06 -38.65
N MET A 327 -7.84 61.94 -37.88
CA MET A 327 -8.46 63.21 -37.53
C MET A 327 -8.51 64.11 -38.74
N VAL A 328 -7.39 64.23 -39.46
CA VAL A 328 -7.38 65.11 -40.64
C VAL A 328 -8.31 64.57 -41.73
N THR A 329 -8.33 63.25 -41.88
CA THR A 329 -9.16 62.60 -42.85
C THR A 329 -10.64 62.80 -42.53
N ALA A 330 -11.00 62.71 -41.25
CA ALA A 330 -12.40 62.85 -40.87
C ALA A 330 -12.88 64.25 -41.18
N THR A 331 -12.04 65.24 -40.90
CA THR A 331 -12.34 66.63 -41.13
C THR A 331 -12.50 66.88 -42.62
N GLY A 332 -11.61 66.30 -43.41
CA GLY A 332 -11.69 66.38 -44.85
C GLY A 332 -12.90 65.71 -45.46
N THR A 333 -13.31 64.58 -44.89
CA THR A 333 -14.48 63.83 -45.33
C THR A 333 -15.71 64.60 -44.93
N SER A 334 -15.65 65.20 -43.75
CA SER A 334 -16.78 65.95 -43.26
C SER A 334 -17.17 67.06 -44.23
N LEU A 335 -16.18 67.72 -44.81
CA LEU A 335 -16.40 68.85 -45.73
C LEU A 335 -16.98 68.39 -47.04
N LEU A 336 -16.56 67.20 -47.48
CA LEU A 336 -17.10 66.58 -48.67
C LEU A 336 -18.57 66.23 -48.46
N VAL A 337 -18.80 65.57 -47.33
CA VAL A 337 -20.13 65.07 -46.99
C VAL A 337 -21.10 66.23 -46.77
N ALA A 338 -20.68 67.27 -46.05
CA ALA A 338 -21.49 68.50 -45.89
C ALA A 338 -21.80 69.18 -47.24
N GLU A 339 -20.82 69.18 -48.13
CA GLU A 339 -20.99 69.76 -49.45
C GLU A 339 -22.06 68.98 -50.25
N ARG A 340 -21.92 67.64 -50.24
CA ARG A 340 -22.89 66.71 -50.84
C ARG A 340 -24.29 66.82 -50.22
N LEU A 341 -24.35 66.96 -48.91
CA LEU A 341 -25.61 67.20 -48.20
C LEU A 341 -26.33 68.45 -48.71
N ALA A 342 -25.63 69.58 -48.67
CA ALA A 342 -26.21 70.88 -49.01
C ALA A 342 -26.67 70.93 -50.46
N ALA A 343 -26.01 70.13 -51.28
CA ALA A 343 -26.37 70.02 -52.68
C ALA A 343 -27.68 69.24 -52.87
N GLN A 344 -28.08 68.46 -51.87
CA GLN A 344 -29.42 67.82 -51.84
C GLN A 344 -30.55 68.67 -51.23
N ILE A 345 -30.23 69.78 -50.60
CA ILE A 345 -31.27 70.55 -49.95
C ILE A 345 -31.85 71.49 -50.97
N ASP A 346 -33.11 71.31 -51.34
CA ASP A 346 -33.75 72.19 -52.34
C ASP A 346 -34.58 73.31 -51.74
N ARG A 347 -34.95 73.18 -50.47
CA ARG A 347 -35.78 74.17 -49.80
C ARG A 347 -35.68 74.02 -48.30
N LEU A 348 -35.38 75.11 -47.60
CA LEU A 348 -35.57 75.15 -46.16
C LEU A 348 -36.72 76.12 -45.91
N GLY A 349 -37.47 75.88 -44.84
CA GLY A 349 -38.62 76.69 -44.51
C GLY A 349 -39.90 75.96 -44.85
N ALA A 350 -41.03 76.58 -44.51
CA ALA A 350 -42.36 76.08 -44.82
C ALA A 350 -42.66 76.25 -46.31
N SER B 2 -16.33 63.72 -0.40
CA SER B 2 -17.12 64.34 -1.49
C SER B 2 -16.72 63.61 -2.76
N LEU B 3 -17.27 64.00 -3.90
CA LEU B 3 -17.06 63.21 -5.10
C LEU B 3 -15.71 63.51 -5.74
N SER B 4 -15.29 64.76 -5.68
CA SER B 4 -13.99 65.15 -6.24
C SER B 4 -12.94 65.53 -5.16
N PRO B 5 -11.74 64.95 -5.28
CA PRO B 5 -10.59 65.20 -4.39
C PRO B 5 -10.16 66.68 -4.25
N PHE B 6 -10.51 67.51 -5.24
CA PHE B 6 -10.29 68.96 -5.25
C PHE B 6 -11.07 69.64 -4.14
N GLU B 7 -12.24 69.09 -3.81
CA GLU B 7 -13.05 69.66 -2.73
C GLU B 7 -13.03 68.88 -1.41
N HIS B 8 -12.22 67.84 -1.35
CA HIS B 8 -12.32 66.84 -0.30
C HIS B 8 -11.78 67.33 1.05
N PRO B 9 -12.50 67.05 2.15
CA PRO B 9 -12.07 67.39 3.49
C PRO B 9 -10.61 67.03 3.83
N PHE B 10 -10.16 65.80 3.51
CA PHE B 10 -8.71 65.50 3.56
C PHE B 10 -7.90 65.56 2.27
N LEU B 11 -8.42 65.07 1.15
CA LEU B 11 -7.64 64.98 -0.11
C LEU B 11 -7.25 66.33 -0.74
N SER B 12 -8.00 67.39 -0.44
CA SER B 12 -7.65 68.73 -0.90
C SER B 12 -6.35 69.27 -0.32
N GLY B 13 -5.78 68.57 0.67
CA GLY B 13 -4.38 68.76 1.05
C GLY B 13 -3.41 68.47 -0.10
N LEU B 14 -3.90 67.82 -1.15
CA LEU B 14 -3.11 67.55 -2.35
C LEU B 14 -3.75 68.24 -3.53
N PHE B 15 -5.07 68.14 -3.63
CA PHE B 15 -5.74 68.57 -4.86
C PHE B 15 -6.46 69.92 -4.73
N GLY B 16 -6.36 70.57 -3.59
CA GLY B 16 -7.16 71.77 -3.32
C GLY B 16 -6.72 73.03 -4.02
N ASP B 17 -7.71 73.76 -4.51
CA ASP B 17 -7.53 75.12 -5.02
C ASP B 17 -8.77 75.87 -4.60
N SER B 18 -8.77 76.44 -3.41
CA SER B 18 -9.95 77.14 -2.91
C SER B 18 -10.24 78.43 -3.69
N GLU B 19 -9.22 78.96 -4.38
CA GLU B 19 -9.29 80.24 -5.09
C GLU B 19 -9.87 80.08 -6.49
N ILE B 20 -9.50 79.02 -7.17
CA ILE B 20 -10.23 78.68 -8.36
C ILE B 20 -11.65 78.19 -8.01
N ILE B 21 -11.77 77.26 -7.05
CA ILE B 21 -13.07 76.66 -6.67
C ILE B 21 -14.12 77.66 -6.14
N GLU B 22 -13.65 78.73 -5.50
CA GLU B 22 -14.52 79.83 -5.05
C GLU B 22 -15.34 80.47 -6.18
N LEU B 23 -14.74 80.56 -7.37
CA LEU B 23 -15.40 81.13 -8.55
C LEU B 23 -16.55 80.27 -9.07
N PHE B 24 -16.62 79.04 -8.57
CA PHE B 24 -17.61 78.10 -9.05
C PHE B 24 -18.65 77.82 -7.99
N SER B 25 -18.58 78.56 -6.88
CA SER B 25 -19.54 78.42 -5.78
C SER B 25 -20.89 78.97 -6.19
N ALA B 26 -21.94 78.55 -5.51
CA ALA B 26 -23.29 78.95 -5.84
C ALA B 26 -23.46 80.43 -5.60
N LYS B 27 -22.83 80.92 -4.54
CA LYS B 27 -22.87 82.32 -4.14
C LYS B 27 -22.25 83.21 -5.22
N ALA B 28 -21.12 82.75 -5.75
CA ALA B 28 -20.36 83.55 -6.71
C ALA B 28 -21.05 83.51 -8.06
N ASP B 29 -21.78 82.43 -8.29
CA ASP B 29 -22.65 82.33 -9.46
C ASP B 29 -23.85 83.27 -9.31
N ILE B 30 -24.52 83.23 -8.16
CA ILE B 30 -25.73 84.03 -8.03
C ILE B 30 -25.41 85.53 -8.15
N ASP B 31 -24.30 85.94 -7.53
CA ASP B 31 -23.73 87.28 -7.72
C ASP B 31 -23.55 87.69 -9.20
N ALA B 32 -23.07 86.77 -10.03
CA ALA B 32 -22.84 87.06 -11.44
C ALA B 32 -24.15 87.29 -12.20
N MET B 33 -25.16 86.50 -11.86
CA MET B 33 -26.45 86.55 -12.52
C MET B 33 -27.21 87.84 -12.16
N ILE B 34 -27.03 88.29 -10.91
CA ILE B 34 -27.59 89.54 -10.42
C ILE B 34 -27.03 90.69 -11.28
N ARG B 35 -25.71 90.69 -11.47
CA ARG B 35 -25.04 91.64 -12.33
C ARG B 35 -25.64 91.64 -13.73
N PHE B 36 -26.00 90.46 -14.22
CA PHE B 36 -26.59 90.36 -15.54
C PHE B 36 -27.91 91.10 -15.63
N GLU B 37 -28.81 90.87 -14.67
CA GLU B 37 -30.12 91.51 -14.68
C GLU B 37 -30.07 93.01 -14.38
N THR B 38 -29.13 93.39 -13.52
CA THR B 38 -28.86 94.80 -13.24
C THR B 38 -28.42 95.49 -14.54
N ALA B 39 -27.42 94.90 -15.21
CA ALA B 39 -26.85 95.51 -16.39
C ALA B 39 -27.83 95.48 -17.55
N LEU B 40 -28.67 94.47 -17.60
CA LEU B 40 -29.72 94.35 -18.62
C LEU B 40 -30.70 95.49 -18.56
N ALA B 41 -31.17 95.79 -17.35
CA ALA B 41 -32.17 96.81 -17.15
C ALA B 41 -31.62 98.19 -17.47
N GLN B 42 -30.38 98.44 -17.05
CA GLN B 42 -29.66 99.66 -17.38
C GLN B 42 -29.45 99.85 -18.88
N ALA B 43 -29.06 98.79 -19.56
CA ALA B 43 -28.79 98.83 -21.01
C ALA B 43 -30.06 99.09 -21.80
N GLU B 44 -31.17 98.55 -21.28
CA GLU B 44 -32.48 98.77 -21.87
C GLU B 44 -33.03 100.17 -21.63
N ALA B 45 -32.69 100.79 -20.51
CA ALA B 45 -33.12 102.17 -20.27
C ALA B 45 -32.36 103.11 -21.18
N GLU B 46 -31.10 102.79 -21.37
CA GLU B 46 -30.19 103.56 -22.19
C GLU B 46 -30.50 103.44 -23.67
N ALA B 47 -31.06 102.31 -24.08
CA ALA B 47 -31.47 102.12 -25.48
C ALA B 47 -32.92 102.55 -25.71
N SER B 48 -33.48 103.21 -24.70
CA SER B 48 -34.84 103.74 -24.71
C SER B 48 -35.94 102.68 -24.85
N ILE B 49 -35.71 101.49 -24.29
CA ILE B 49 -36.76 100.46 -24.29
C ILE B 49 -37.83 100.79 -23.23
N PHE B 50 -37.39 101.24 -22.07
CA PHE B 50 -38.30 101.86 -21.09
C PHE B 50 -37.61 103.03 -20.38
N ALA B 51 -38.33 103.63 -19.44
CA ALA B 51 -37.81 104.84 -18.82
C ALA B 51 -36.82 104.57 -17.69
N ASP B 52 -36.00 105.59 -17.40
CA ASP B 52 -34.99 105.63 -16.32
C ASP B 52 -35.51 105.21 -14.94
N ASP B 53 -36.65 105.77 -14.54
CA ASP B 53 -37.24 105.53 -13.22
C ASP B 53 -37.56 104.07 -12.96
N GLU B 54 -37.91 103.34 -14.02
CA GLU B 54 -38.19 101.92 -13.96
C GLU B 54 -36.92 101.12 -13.80
N ALA B 55 -35.92 101.43 -14.63
CA ALA B 55 -34.60 100.80 -14.55
C ALA B 55 -33.96 100.98 -13.17
N GLU B 56 -34.03 102.19 -12.63
CA GLU B 56 -33.51 102.46 -11.28
C GLU B 56 -34.23 101.65 -10.18
N ALA B 57 -35.53 101.42 -10.32
CA ALA B 57 -36.26 100.62 -9.33
C ALA B 57 -35.71 99.20 -9.32
N ILE B 58 -35.37 98.70 -10.50
CA ILE B 58 -34.79 97.39 -10.66
C ILE B 58 -33.37 97.37 -10.08
N VAL B 59 -32.61 98.43 -10.29
CA VAL B 59 -31.25 98.49 -9.74
C VAL B 59 -31.26 98.51 -8.20
N SER B 60 -32.12 99.32 -7.61
CA SER B 60 -32.18 99.44 -6.17
C SER B 60 -32.91 98.26 -5.51
N GLY B 61 -33.75 97.56 -6.26
CA GLY B 61 -34.33 96.33 -5.75
C GLY B 61 -33.28 95.23 -5.64
N LEU B 62 -32.43 95.12 -6.65
CA LEU B 62 -31.45 94.07 -6.71
C LEU B 62 -30.23 94.40 -5.89
N SER B 63 -30.04 95.67 -5.57
CA SER B 63 -28.93 96.07 -4.72
C SER B 63 -28.97 95.51 -3.29
N GLU B 64 -30.18 95.27 -2.77
CA GLU B 64 -30.30 94.61 -1.48
C GLU B 64 -31.09 93.31 -1.61
N PHE B 65 -30.81 92.58 -2.67
CA PHE B 65 -31.45 91.31 -2.91
C PHE B 65 -30.58 90.15 -2.44
N ALA B 66 -31.18 89.27 -1.63
CA ALA B 66 -30.57 87.98 -1.26
C ALA B 66 -31.46 86.83 -1.72
N ALA B 67 -30.86 85.72 -2.15
CA ALA B 67 -31.62 84.64 -2.74
C ALA B 67 -32.00 83.54 -1.74
N ASP B 68 -33.13 82.91 -1.98
CA ASP B 68 -33.59 81.76 -1.20
C ASP B 68 -33.03 80.53 -1.87
N MET B 69 -31.98 79.93 -1.28
CA MET B 69 -31.29 78.79 -1.90
C MET B 69 -32.20 77.57 -2.02
N SER B 70 -32.92 77.29 -0.92
CA SER B 70 -33.89 76.22 -0.85
C SER B 70 -34.91 76.26 -2.00
N ALA B 71 -35.44 77.44 -2.29
CA ALA B 71 -36.45 77.59 -3.32
C ALA B 71 -35.82 77.50 -4.71
N LEU B 72 -34.54 77.90 -4.81
CA LEU B 72 -33.81 77.79 -6.06
C LEU B 72 -33.60 76.35 -6.38
N ARG B 73 -33.20 75.60 -5.36
CA ARG B 73 -32.96 74.17 -5.46
C ARG B 73 -34.22 73.49 -6.02
N HIS B 74 -35.35 73.88 -5.43
CA HIS B 74 -36.68 73.42 -5.81
C HIS B 74 -37.03 73.86 -7.23
N GLY B 75 -36.62 75.07 -7.58
CA GLY B 75 -36.83 75.65 -8.89
C GLY B 75 -36.18 74.91 -10.04
N VAL B 76 -34.96 74.39 -9.84
CA VAL B 76 -34.34 73.60 -10.90
C VAL B 76 -34.88 72.17 -10.88
N ALA B 77 -35.35 71.72 -9.73
CA ALA B 77 -36.11 70.46 -9.68
C ALA B 77 -37.39 70.55 -10.52
N LYS B 78 -38.07 71.70 -10.46
CA LYS B 78 -39.26 71.95 -11.25
C LYS B 78 -38.96 72.34 -12.71
N ASP B 79 -38.02 73.26 -12.94
CA ASP B 79 -37.78 73.80 -14.29
C ASP B 79 -36.56 73.26 -15.05
N GLY B 80 -35.53 72.82 -14.33
CA GLY B 80 -34.36 72.24 -14.99
C GLY B 80 -33.20 73.22 -15.13
N VAL B 81 -33.31 74.33 -14.38
CA VAL B 81 -32.61 75.57 -14.63
C VAL B 81 -32.95 76.51 -13.46
N VAL B 82 -31.99 77.34 -13.06
CA VAL B 82 -32.19 78.20 -11.90
C VAL B 82 -33.06 79.41 -12.18
N VAL B 83 -32.85 80.03 -13.34
CA VAL B 83 -33.37 81.37 -13.59
C VAL B 83 -34.88 81.66 -13.37
N PRO B 84 -35.81 80.80 -13.86
CA PRO B 84 -37.21 81.14 -13.57
C PRO B 84 -37.54 81.43 -12.09
N GLU B 85 -37.09 80.56 -11.18
CA GLU B 85 -37.26 80.82 -9.76
C GLU B 85 -36.51 82.05 -9.31
N LEU B 86 -35.28 82.18 -9.80
CA LEU B 86 -34.45 83.33 -9.48
C LEU B 86 -35.11 84.65 -9.87
N ILE B 87 -35.62 84.70 -11.10
CA ILE B 87 -36.32 85.86 -11.64
C ILE B 87 -37.62 86.13 -10.87
N ARG B 88 -38.34 85.05 -10.54
CA ARG B 88 -39.54 85.12 -9.71
C ARG B 88 -39.20 85.76 -8.35
N GLN B 89 -38.06 85.37 -7.78
CA GLN B 89 -37.59 85.96 -6.54
C GLN B 89 -37.13 87.41 -6.75
N MET B 90 -36.50 87.68 -7.89
CA MET B 90 -36.01 89.03 -8.21
C MET B 90 -37.13 90.05 -8.42
N ARG B 91 -38.27 89.62 -8.95
CA ARG B 91 -39.41 90.51 -9.10
C ARG B 91 -39.97 90.99 -7.75
N ALA B 92 -39.93 90.11 -6.75
CA ALA B 92 -40.39 90.44 -5.40
C ALA B 92 -39.52 91.51 -4.71
N ALA B 93 -38.24 91.59 -5.10
CA ALA B 93 -37.36 92.64 -4.59
C ALA B 93 -37.72 94.05 -5.12
N VAL B 94 -38.26 94.11 -6.34
CA VAL B 94 -38.58 95.36 -7.05
C VAL B 94 -40.02 95.85 -6.79
N ALA B 95 -40.16 97.15 -6.48
CA ALA B 95 -41.48 97.76 -6.25
C ALA B 95 -42.12 98.36 -7.51
N GLY B 96 -43.45 98.42 -7.54
CA GLY B 96 -44.17 99.01 -8.67
C GLY B 96 -44.18 98.10 -9.88
N GLN B 97 -44.67 98.60 -11.01
CA GLN B 97 -44.77 97.77 -12.23
C GLN B 97 -43.44 97.64 -12.99
N ALA B 98 -42.38 98.16 -12.38
CA ALA B 98 -41.03 98.05 -12.92
C ALA B 98 -40.51 96.63 -12.74
N ALA B 99 -41.25 95.84 -11.96
CA ALA B 99 -40.92 94.46 -11.65
C ALA B 99 -41.17 93.59 -12.83
N ASP B 100 -42.08 94.02 -13.69
CA ASP B 100 -42.45 93.28 -14.88
C ASP B 100 -41.33 93.34 -15.89
N LYS B 101 -40.49 94.37 -15.79
CA LYS B 101 -39.46 94.62 -16.79
C LYS B 101 -38.18 93.82 -16.59
N VAL B 102 -37.87 93.42 -15.37
CA VAL B 102 -36.68 92.57 -15.12
C VAL B 102 -36.72 91.32 -16.02
N HIS B 103 -35.56 91.02 -16.61
CA HIS B 103 -35.38 89.87 -17.49
C HIS B 103 -35.95 90.02 -18.93
N PHE B 104 -36.52 91.19 -19.24
CA PHE B 104 -37.09 91.47 -20.56
C PHE B 104 -36.15 91.14 -21.70
N GLY B 105 -36.65 90.41 -22.70
CA GLY B 105 -35.87 90.13 -23.90
C GLY B 105 -34.86 88.99 -23.80
N ALA B 106 -34.57 88.58 -22.56
CA ALA B 106 -33.53 87.62 -22.23
C ALA B 106 -34.09 86.23 -21.92
N THR B 107 -33.29 85.20 -22.10
CA THR B 107 -33.75 83.84 -21.80
C THR B 107 -32.87 83.21 -20.72
N SER B 108 -33.25 82.04 -20.22
CA SER B 108 -32.50 81.38 -19.15
C SER B 108 -31.00 81.14 -19.46
N GLN B 109 -30.71 80.72 -20.67
CA GLN B 109 -29.33 80.48 -21.06
C GLN B 109 -28.52 81.77 -21.13
N ASP B 110 -29.16 82.87 -21.50
CA ASP B 110 -28.51 84.18 -21.56
C ASP B 110 -27.89 84.50 -20.24
N VAL B 111 -28.64 84.31 -19.17
CA VAL B 111 -28.15 84.71 -17.86
C VAL B 111 -27.17 83.67 -17.32
N ILE B 112 -27.41 82.40 -17.64
CA ILE B 112 -26.50 81.33 -17.21
C ILE B 112 -25.10 81.33 -17.88
N ASP B 113 -25.06 81.27 -19.21
CA ASP B 113 -23.80 81.31 -19.96
C ASP B 113 -23.00 82.63 -19.75
N THR B 114 -23.71 83.75 -19.66
CA THR B 114 -23.05 85.02 -19.35
C THR B 114 -22.33 84.95 -18.00
N SER B 115 -23.02 84.40 -17.00
CA SER B 115 -22.44 84.18 -15.68
C SER B 115 -21.22 83.25 -15.70
N LEU B 116 -21.30 82.17 -16.47
CA LEU B 116 -20.15 81.30 -16.62
C LEU B 116 -18.96 82.10 -17.15
N MET B 117 -19.20 82.77 -18.28
CA MET B 117 -18.22 83.65 -18.92
C MET B 117 -17.63 84.73 -18.01
N LEU B 118 -18.48 85.27 -17.14
CA LEU B 118 -18.02 86.22 -16.11
C LEU B 118 -16.98 85.63 -15.18
N ARG B 119 -17.24 84.42 -14.70
CA ARG B 119 -16.37 83.79 -13.69
C ARG B 119 -15.14 83.13 -14.33
N LEU B 120 -15.29 82.67 -15.58
CA LEU B 120 -14.20 82.07 -16.31
C LEU B 120 -13.13 83.10 -16.61
N LYS B 121 -13.57 84.32 -16.95
CA LYS B 121 -12.63 85.42 -17.11
C LYS B 121 -11.77 85.63 -15.86
N MET B 122 -12.37 85.55 -14.68
CA MET B 122 -11.60 85.70 -13.45
C MET B 122 -10.74 84.47 -13.15
N ALA B 123 -11.18 83.30 -13.62
CA ALA B 123 -10.39 82.09 -13.45
C ALA B 123 -9.11 82.25 -14.25
N ALA B 124 -9.30 82.64 -15.50
CA ALA B 124 -8.23 82.82 -16.47
C ALA B 124 -7.25 83.95 -16.15
N GLU B 125 -7.62 84.85 -15.25
CA GLU B 125 -6.69 85.91 -14.82
C GLU B 125 -5.77 85.38 -13.74
N ILE B 126 -6.32 84.55 -12.88
CA ILE B 126 -5.56 83.91 -11.82
C ILE B 126 -4.60 82.89 -12.45
N ILE B 127 -5.12 82.14 -13.42
CA ILE B 127 -4.34 81.14 -14.13
C ILE B 127 -3.20 81.75 -14.95
N ALA B 128 -3.48 82.83 -15.67
CA ALA B 128 -2.41 83.54 -16.39
C ALA B 128 -1.31 84.08 -15.45
N THR B 129 -1.72 84.67 -14.32
CA THR B 129 -0.78 85.26 -13.36
C THR B 129 0.13 84.18 -12.83
N ARG B 130 -0.47 83.09 -12.39
CA ARG B 130 0.25 81.95 -11.85
C ARG B 130 1.20 81.37 -12.85
N LEU B 131 0.73 81.22 -14.08
CA LEU B 131 1.53 80.65 -15.16
C LEU B 131 2.76 81.49 -15.42
N GLY B 132 2.62 82.82 -15.36
CA GLY B 132 3.77 83.72 -15.48
C GLY B 132 4.76 83.57 -14.32
N HIS B 133 4.22 83.36 -13.12
CA HIS B 133 5.03 83.22 -11.92
C HIS B 133 5.80 81.89 -11.94
N LEU B 134 5.14 80.82 -12.38
CA LEU B 134 5.77 79.52 -12.46
C LEU B 134 6.87 79.56 -13.51
N ILE B 135 6.57 80.19 -14.66
CA ILE B 135 7.55 80.38 -15.73
C ILE B 135 8.84 81.00 -15.19
N ASP B 136 8.70 82.00 -14.31
CA ASP B 136 9.82 82.58 -13.58
C ASP B 136 10.57 81.61 -12.65
N THR B 137 9.84 80.78 -11.91
CA THR B 137 10.42 79.88 -10.92
C THR B 137 11.23 78.78 -11.58
N LEU B 138 10.68 78.26 -12.67
CA LEU B 138 11.34 77.26 -13.49
C LEU B 138 12.55 77.84 -14.21
N GLY B 139 12.51 79.14 -14.48
CA GLY B 139 13.65 79.84 -15.06
C GLY B 139 14.76 80.10 -14.06
N ASP B 140 14.38 80.38 -12.81
CA ASP B 140 15.33 80.60 -11.70
C ASP B 140 16.00 79.28 -11.36
N LEU B 141 15.24 78.20 -11.54
CA LEU B 141 15.67 76.83 -11.36
C LEU B 141 16.71 76.48 -12.40
N ALA B 142 16.40 76.82 -13.65
CA ALA B 142 17.25 76.50 -14.79
C ALA B 142 18.59 77.25 -14.74
N SER B 143 18.58 78.56 -14.57
CA SER B 143 19.85 79.29 -14.62
C SER B 143 20.73 79.08 -13.39
N ARG B 144 20.14 78.61 -12.29
CA ARG B 144 20.94 78.15 -11.16
C ARG B 144 21.72 76.91 -11.52
N ASP B 145 21.11 75.98 -12.24
CA ASP B 145 21.71 74.66 -12.45
C ASP B 145 22.08 74.26 -13.88
N GLY B 146 21.78 75.10 -14.87
CA GLY B 146 21.87 74.69 -16.29
C GLY B 146 23.23 74.70 -16.97
N HIS B 147 24.23 74.13 -16.32
CA HIS B 147 25.59 74.00 -16.86
C HIS B 147 25.99 72.63 -16.44
N LYS B 148 25.30 72.15 -15.40
CA LYS B 148 25.48 70.82 -14.89
C LYS B 148 24.92 69.86 -15.91
N PRO B 149 25.71 68.81 -16.24
CA PRO B 149 25.29 67.87 -17.27
C PRO B 149 24.21 66.94 -16.78
N LEU B 150 23.46 66.38 -17.72
CA LEU B 150 22.45 65.39 -17.47
C LEU B 150 22.74 64.21 -18.37
N THR B 151 22.31 63.03 -17.96
CA THR B 151 22.26 61.93 -18.89
C THR B 151 20.98 62.15 -19.67
N GLY B 152 21.10 62.29 -20.98
CA GLY B 152 19.92 62.37 -21.81
C GLY B 152 19.22 61.01 -21.87
N TYR B 153 17.94 61.02 -22.23
CA TYR B 153 17.26 59.77 -22.35
C TYR B 153 16.34 59.73 -23.57
N THR B 154 16.66 58.89 -24.55
CA THR B 154 15.80 58.81 -25.75
C THR B 154 15.16 57.45 -25.91
N ARG B 155 13.83 57.45 -25.85
CA ARG B 155 12.99 56.25 -25.92
C ARG B 155 13.38 55.21 -24.85
N MET B 156 13.53 55.73 -23.63
CA MET B 156 13.77 54.95 -22.42
C MET B 156 15.14 54.28 -22.34
N GLN B 157 16.12 54.80 -23.08
CA GLN B 157 17.50 54.32 -22.97
C GLN B 157 18.41 55.50 -22.74
N ALA B 158 19.51 55.28 -22.02
CA ALA B 158 20.55 56.30 -21.81
C ALA B 158 21.17 56.77 -23.12
N ALA B 159 21.15 58.08 -23.33
CA ALA B 159 21.70 58.67 -24.55
C ALA B 159 22.91 59.52 -24.19
N ILE B 160 23.25 60.46 -25.07
CA ILE B 160 24.43 61.32 -24.86
C ILE B 160 24.27 62.34 -23.71
N GLY B 161 25.32 63.09 -23.43
CA GLY B 161 25.24 64.19 -22.48
C GLY B 161 24.49 65.39 -23.05
N ILE B 162 23.49 65.87 -22.30
CA ILE B 162 22.87 67.18 -22.52
C ILE B 162 23.10 67.98 -21.24
N THR B 163 22.78 69.27 -21.20
CA THR B 163 22.89 69.99 -19.93
C THR B 163 21.50 70.26 -19.30
N VAL B 164 21.48 70.73 -18.06
CA VAL B 164 20.22 70.93 -17.35
C VAL B 164 19.30 71.92 -18.07
N ALA B 165 19.90 72.93 -18.69
CA ALA B 165 19.18 73.95 -19.45
C ALA B 165 18.46 73.37 -20.67
N ASP B 166 19.10 72.40 -21.32
CA ASP B 166 18.48 71.70 -22.44
C ASP B 166 17.14 71.09 -22.11
N ARG B 167 17.08 70.35 -21.01
CA ARG B 167 15.86 69.62 -20.64
C ARG B 167 14.78 70.58 -20.18
N ALA B 168 15.22 71.65 -19.54
CA ALA B 168 14.34 72.66 -19.01
C ALA B 168 13.63 73.47 -20.11
N ALA B 169 14.19 73.53 -21.32
CA ALA B 169 13.51 74.17 -22.45
C ALA B 169 12.20 73.45 -22.84
N GLY B 170 12.18 72.12 -22.78
CA GLY B 170 10.93 71.35 -22.91
C GLY B 170 9.96 71.55 -21.74
N TRP B 171 10.42 72.18 -20.66
CA TRP B 171 9.49 72.60 -19.61
C TRP B 171 8.98 74.02 -19.83
N ILE B 172 9.89 74.97 -19.96
CA ILE B 172 9.56 76.41 -20.01
C ILE B 172 8.97 76.91 -21.35
N ALA B 173 9.51 76.45 -22.47
CA ALA B 173 9.03 76.92 -23.76
C ALA B 173 7.57 76.55 -24.14
N PRO B 174 7.06 75.37 -23.73
CA PRO B 174 5.64 75.27 -24.04
C PRO B 174 4.73 76.15 -23.15
N LEU B 175 5.04 76.28 -21.85
CA LEU B 175 4.26 77.12 -20.92
C LEU B 175 4.25 78.60 -21.27
N GLU B 176 5.35 79.08 -21.82
CA GLU B 176 5.41 80.42 -22.40
C GLU B 176 4.51 80.57 -23.63
N ARG B 177 4.33 79.51 -24.40
CA ARG B 177 3.41 79.62 -25.52
C ARG B 177 1.96 79.60 -25.06
N HIS B 178 1.68 78.90 -23.96
CA HIS B 178 0.31 78.85 -23.44
C HIS B 178 -0.08 80.20 -22.81
N LEU B 179 0.88 80.88 -22.16
CA LEU B 179 0.66 82.22 -21.62
C LEU B 179 0.18 83.15 -22.72
N LEU B 180 0.88 83.11 -23.85
CA LEU B 180 0.50 83.84 -25.05
C LEU B 180 -0.88 83.45 -25.58
N ARG B 181 -1.20 82.16 -25.51
CA ARG B 181 -2.48 81.63 -26.00
C ARG B 181 -3.66 82.08 -25.12
N LEU B 182 -3.40 82.19 -23.83
CA LEU B 182 -4.40 82.59 -22.88
C LEU B 182 -4.61 84.09 -23.02
N GLU B 183 -3.50 84.84 -23.08
CA GLU B 183 -3.49 86.28 -23.40
C GLU B 183 -4.37 86.58 -24.60
N THR B 184 -4.15 85.84 -25.70
CA THR B 184 -4.88 86.03 -26.94
C THR B 184 -6.35 85.74 -26.76
N PHE B 185 -6.65 84.68 -26.03
CA PHE B 185 -8.03 84.26 -25.80
C PHE B 185 -8.75 85.32 -24.98
N ALA B 186 -8.05 85.93 -24.02
CA ALA B 186 -8.70 86.85 -23.09
C ALA B 186 -9.16 88.18 -23.72
N GLN B 187 -8.78 88.43 -24.97
CA GLN B 187 -9.18 89.66 -25.66
C GLN B 187 -10.68 89.65 -25.99
N ASN B 188 -11.13 88.72 -26.81
N ASN B 188 -11.11 88.68 -26.79
CA ASN B 188 -12.55 88.61 -27.12
CA ASN B 188 -12.50 88.57 -27.24
C ASN B 188 -13.11 87.20 -26.91
C ASN B 188 -13.18 87.28 -26.79
N GLY B 189 -12.46 86.41 -26.07
CA GLY B 189 -12.92 85.05 -25.81
C GLY B 189 -14.01 84.89 -24.78
N PHE B 190 -14.15 85.86 -23.89
CA PHE B 190 -15.19 85.85 -22.86
C PHE B 190 -16.36 86.73 -23.28
N ALA B 191 -17.41 86.07 -23.79
CA ALA B 191 -18.51 86.76 -24.46
C ALA B 191 -19.83 86.77 -23.71
N LEU B 192 -20.43 87.95 -23.65
CA LEU B 192 -21.84 88.09 -23.31
C LEU B 192 -22.67 87.11 -24.12
N GLN B 193 -23.51 86.37 -23.42
CA GLN B 193 -24.54 85.58 -24.08
C GLN B 193 -25.88 86.31 -23.98
N PHE B 194 -26.42 86.73 -25.12
CA PHE B 194 -27.65 87.50 -25.17
C PHE B 194 -28.40 87.28 -26.48
N GLY B 195 -29.28 86.27 -26.51
CA GLY B 195 -30.03 85.93 -27.71
C GLY B 195 -31.54 85.85 -27.53
N GLY B 196 -32.02 85.52 -26.33
CA GLY B 196 -33.49 85.47 -26.14
C GLY B 196 -34.08 84.11 -26.46
N ALA B 197 -35.41 84.00 -26.40
CA ALA B 197 -36.10 82.70 -26.45
C ALA B 197 -35.57 81.73 -27.49
N ALA B 198 -35.49 82.18 -28.74
CA ALA B 198 -34.88 81.36 -29.77
C ALA B 198 -33.62 81.98 -30.46
N GLY B 199 -32.97 82.94 -29.78
CA GLY B 199 -31.74 83.55 -30.29
C GLY B 199 -31.91 84.77 -31.20
N THR B 200 -33.13 85.26 -31.33
CA THR B 200 -33.39 86.28 -32.34
C THR B 200 -33.64 87.65 -31.76
N LEU B 201 -33.55 87.74 -30.43
CA LEU B 201 -33.72 88.98 -29.67
C LEU B 201 -34.99 89.72 -30.12
N GLU B 202 -36.04 88.93 -30.31
CA GLU B 202 -37.29 89.33 -30.94
C GLU B 202 -38.12 90.31 -30.09
N LYS B 203 -37.83 90.41 -28.80
CA LYS B 203 -38.54 91.36 -27.97
C LYS B 203 -37.99 92.76 -28.23
N LEU B 204 -36.72 92.82 -28.61
CA LEU B 204 -36.05 94.11 -28.67
C LEU B 204 -36.21 94.83 -30.00
N GLY B 205 -36.70 94.10 -31.01
CA GLY B 205 -36.92 94.64 -32.35
C GLY B 205 -35.64 95.21 -32.93
N ASP B 206 -35.74 96.46 -33.40
CA ASP B 206 -34.61 97.16 -34.00
C ASP B 206 -33.46 97.56 -33.06
N ASN B 207 -33.71 97.55 -31.76
CA ASN B 207 -32.73 98.03 -30.81
C ASN B 207 -31.76 96.98 -30.29
N ALA B 208 -31.81 95.78 -30.86
CA ALA B 208 -31.08 94.64 -30.34
C ALA B 208 -29.59 94.90 -30.21
N GLY B 209 -28.98 95.36 -31.29
CA GLY B 209 -27.54 95.61 -31.34
C GLY B 209 -27.07 96.54 -30.22
N ALA B 210 -27.82 97.62 -30.02
CA ALA B 210 -27.44 98.64 -29.05
C ALA B 210 -27.67 98.20 -27.61
N VAL B 211 -28.71 97.39 -27.38
CA VAL B 211 -28.94 96.87 -26.03
C VAL B 211 -27.77 95.96 -25.67
N ARG B 212 -27.48 95.05 -26.59
CA ARG B 212 -26.43 94.06 -26.46
C ARG B 212 -25.05 94.67 -26.30
N ALA B 213 -24.75 95.69 -27.08
CA ALA B 213 -23.45 96.35 -26.99
C ALA B 213 -23.18 96.98 -25.62
N ASP B 214 -24.24 97.56 -25.05
CA ASP B 214 -24.18 98.25 -23.77
C ASP B 214 -24.18 97.24 -22.62
N LEU B 215 -24.93 96.15 -22.81
CA LEU B 215 -24.97 95.05 -21.85
C LEU B 215 -23.60 94.40 -21.72
N ALA B 216 -22.95 94.21 -22.86
CA ALA B 216 -21.59 93.66 -22.93
C ALA B 216 -20.55 94.59 -22.33
N LYS B 217 -20.71 95.89 -22.56
CA LYS B 217 -19.74 96.87 -22.09
C LYS B 217 -19.72 96.96 -20.56
N ARG B 218 -20.91 97.04 -19.94
CA ARG B 218 -21.05 97.07 -18.46
C ARG B 218 -20.54 95.82 -17.75
N LEU B 219 -20.63 94.66 -18.41
CA LEU B 219 -20.16 93.41 -17.80
C LEU B 219 -18.73 93.05 -18.15
N GLY B 220 -18.07 93.90 -18.95
CA GLY B 220 -16.66 93.70 -19.28
C GLY B 220 -16.41 92.50 -20.18
N LEU B 221 -17.43 92.16 -20.93
CA LEU B 221 -17.38 90.99 -21.79
C LEU B 221 -17.52 91.42 -23.25
N ALA B 222 -17.11 90.53 -24.15
CA ALA B 222 -17.12 90.82 -25.55
C ALA B 222 -18.55 90.88 -26.06
N ASP B 223 -18.79 91.86 -26.92
CA ASP B 223 -20.02 91.95 -27.68
C ASP B 223 -19.86 91.03 -28.88
N ARG B 224 -20.65 89.96 -28.91
CA ARG B 224 -20.78 89.12 -30.11
C ARG B 224 -22.22 88.53 -30.24
N PRO B 225 -22.66 88.21 -31.46
CA PRO B 225 -23.98 87.56 -31.59
C PRO B 225 -24.12 86.26 -30.80
N GLN B 226 -25.35 85.91 -30.46
CA GLN B 226 -25.61 84.79 -29.60
C GLN B 226 -25.01 83.47 -30.10
N TRP B 227 -24.67 82.62 -29.15
CA TRP B 227 -23.95 81.38 -29.39
C TRP B 227 -24.57 80.37 -28.43
N HIS B 228 -25.90 80.39 -28.39
CA HIS B 228 -26.67 79.40 -27.67
C HIS B 228 -26.31 77.96 -28.12
N ASN B 229 -26.13 77.77 -29.44
CA ASN B 229 -25.72 76.49 -30.00
C ASN B 229 -24.30 76.48 -30.61
N GLN B 230 -23.50 77.51 -30.33
CA GLN B 230 -22.17 77.61 -30.91
C GLN B 230 -21.16 77.55 -29.77
N ARG B 231 -20.64 76.36 -29.53
CA ARG B 231 -19.92 76.17 -28.30
C ARG B 231 -18.44 76.07 -28.53
N ASP B 232 -17.99 76.52 -29.71
CA ASP B 232 -16.56 76.48 -30.10
C ASP B 232 -15.63 77.35 -29.24
N GLY B 233 -16.18 78.41 -28.65
CA GLY B 233 -15.40 79.20 -27.69
C GLY B 233 -15.09 78.42 -26.42
N ILE B 234 -16.03 77.57 -26.00
CA ILE B 234 -15.85 76.72 -24.83
C ILE B 234 -14.81 75.62 -25.13
N ALA B 235 -14.98 74.98 -26.28
CA ALA B 235 -14.11 73.93 -26.76
C ALA B 235 -12.66 74.39 -26.84
N GLU B 236 -12.44 75.55 -27.44
CA GLU B 236 -11.12 76.18 -27.53
C GLU B 236 -10.52 76.52 -26.17
N PHE B 237 -11.35 76.99 -25.24
CA PHE B 237 -10.87 77.29 -23.90
C PHE B 237 -10.50 76.01 -23.18
N ALA B 238 -11.23 74.94 -23.46
CA ALA B 238 -11.01 73.65 -22.82
C ALA B 238 -9.69 73.03 -23.30
N ASN B 239 -9.38 73.25 -24.58
CA ASN B 239 -8.11 72.87 -25.19
C ASN B 239 -6.91 73.55 -24.51
N LEU B 240 -7.09 74.81 -24.14
CA LEU B 240 -6.06 75.60 -23.49
C LEU B 240 -5.72 75.09 -22.09
N LEU B 241 -6.77 74.83 -21.33
CA LEU B 241 -6.70 74.24 -19.98
C LEU B 241 -5.84 72.97 -19.96
N SER B 242 -6.17 72.07 -20.89
CA SER B 242 -5.55 70.78 -21.03
C SER B 242 -4.11 70.91 -21.51
N LEU B 243 -3.85 71.87 -22.40
CA LEU B 243 -2.52 72.15 -22.90
C LEU B 243 -1.57 72.51 -21.78
N VAL B 244 -2.04 73.38 -20.88
CA VAL B 244 -1.32 73.70 -19.66
C VAL B 244 -1.02 72.45 -18.79
N THR B 245 -2.07 71.71 -18.40
CA THR B 245 -1.87 70.53 -17.52
C THR B 245 -1.03 69.47 -18.19
N GLY B 246 -1.19 69.31 -19.50
CA GLY B 246 -0.41 68.36 -20.29
C GLY B 246 1.09 68.64 -20.34
N THR B 247 1.49 69.91 -20.44
CA THR B 247 2.90 70.31 -20.36
C THR B 247 3.45 70.09 -18.93
N LEU B 248 2.69 70.57 -17.94
CA LEU B 248 3.02 70.30 -16.53
C LEU B 248 3.08 68.79 -16.21
N GLY B 249 2.32 67.99 -16.97
CA GLY B 249 2.33 66.56 -16.83
C GLY B 249 3.64 66.00 -17.33
N LYS B 250 4.13 66.56 -18.42
CA LYS B 250 5.42 66.12 -18.99
C LYS B 250 6.54 66.42 -17.99
N PHE B 251 6.42 67.57 -17.32
CA PHE B 251 7.40 68.08 -16.39
C PHE B 251 7.45 67.11 -15.22
N GLY B 252 6.28 66.76 -14.69
CA GLY B 252 6.13 65.83 -13.56
C GLY B 252 6.68 64.44 -13.79
N GLN B 253 6.34 63.88 -14.95
CA GLN B 253 6.82 62.59 -15.42
C GLN B 253 8.33 62.49 -15.45
N ASP B 254 8.99 63.51 -16.02
CA ASP B 254 10.45 63.65 -16.00
C ASP B 254 11.00 63.76 -14.62
N ILE B 255 10.34 64.54 -13.78
CA ILE B 255 10.87 64.74 -12.45
C ILE B 255 10.81 63.44 -11.66
N ALA B 256 9.74 62.66 -11.86
CA ALA B 256 9.59 61.38 -11.20
C ALA B 256 10.61 60.36 -11.67
N LEU B 257 10.92 60.36 -12.96
CA LEU B 257 11.96 59.50 -13.51
C LEU B 257 13.36 59.90 -13.01
N MET B 258 13.64 61.20 -12.92
CA MET B 258 14.89 61.62 -12.33
C MET B 258 14.91 61.28 -10.83
N ALA B 259 13.75 61.32 -10.18
CA ALA B 259 13.65 60.89 -8.79
C ALA B 259 13.89 59.39 -8.60
N GLU B 260 13.32 58.57 -9.48
CA GLU B 260 13.50 57.10 -9.41
C GLU B 260 14.95 56.68 -9.60
N ILE B 261 15.60 57.26 -10.60
CA ILE B 261 17.03 57.05 -10.86
C ILE B 261 17.89 57.66 -9.74
N GLY B 262 17.49 58.84 -9.25
CA GLY B 262 17.98 59.41 -8.00
C GLY B 262 19.42 59.85 -7.95
N SER B 263 20.01 60.17 -9.10
CA SER B 263 21.43 60.53 -9.20
C SER B 263 21.67 61.90 -9.86
N GLU B 264 20.67 62.43 -10.54
CA GLU B 264 20.85 63.69 -11.22
C GLU B 264 19.77 64.66 -10.78
N ILE B 265 19.26 64.46 -9.57
CA ILE B 265 18.31 65.37 -8.93
C ILE B 265 18.49 65.29 -7.40
N ARG B 266 17.95 66.25 -6.66
CA ARG B 266 17.90 66.22 -5.19
C ARG B 266 16.61 66.91 -4.73
N LEU B 267 15.84 66.24 -3.87
CA LEU B 267 14.55 66.76 -3.41
C LEU B 267 14.48 66.99 -1.90
N SER B 268 14.14 68.21 -1.49
CA SER B 268 13.89 68.49 -0.07
C SER B 268 12.47 68.04 0.17
N GLY B 269 12.33 66.94 0.90
CA GLY B 269 11.03 66.34 1.14
C GLY B 269 10.83 66.05 2.61
N GLY B 270 9.60 65.67 2.97
CA GLY B 270 9.22 65.41 4.37
C GLY B 270 7.71 65.63 4.55
N ASN B 281 8.91 59.65 -2.11
CA ASN B 281 9.17 61.08 -2.36
C ASN B 281 8.30 61.84 -3.39
N PRO B 282 8.26 61.42 -4.69
CA PRO B 282 7.81 62.36 -5.72
C PRO B 282 6.30 62.44 -5.91
N VAL B 283 5.56 62.75 -4.85
CA VAL B 283 4.12 62.75 -4.91
C VAL B 283 3.59 63.85 -5.84
N ASN B 284 4.10 65.07 -5.69
CA ASN B 284 3.76 66.14 -6.61
C ASN B 284 4.03 65.80 -8.09
N ALA B 285 5.18 65.15 -8.32
CA ALA B 285 5.56 64.73 -9.66
C ALA B 285 4.50 63.84 -10.30
N GLU B 286 4.06 62.81 -9.58
CA GLU B 286 3.00 61.95 -10.08
C GLU B 286 1.64 62.66 -10.20
N THR B 287 1.35 63.57 -9.28
CA THR B 287 0.07 64.30 -9.30
C THR B 287 -0.11 65.09 -10.59
N LEU B 288 0.96 65.75 -11.04
CA LEU B 288 0.95 66.45 -12.32
C LEU B 288 0.56 65.54 -13.49
N VAL B 289 1.12 64.33 -13.51
CA VAL B 289 0.74 63.32 -14.54
C VAL B 289 -0.74 62.92 -14.46
N THR B 290 -1.24 62.77 -13.22
CA THR B 290 -2.66 62.47 -12.97
C THR B 290 -3.55 63.56 -13.56
N LEU B 291 -3.23 64.81 -13.24
CA LEU B 291 -4.06 65.93 -13.71
C LEU B 291 -3.98 66.11 -15.22
N ALA B 292 -2.86 65.71 -15.80
CA ALA B 292 -2.68 65.83 -17.22
C ALA B 292 -3.61 64.84 -17.94
N ARG B 293 -3.63 63.58 -17.49
CA ARG B 293 -4.43 62.52 -18.13
C ARG B 293 -5.90 62.66 -17.83
N PHE B 294 -6.19 63.39 -16.75
CA PHE B 294 -7.55 63.79 -16.40
C PHE B 294 -8.10 64.80 -17.38
N ASN B 295 -7.37 65.90 -17.58
CA ASN B 295 -7.82 66.91 -18.52
C ASN B 295 -7.91 66.39 -19.97
N ALA B 296 -6.92 65.57 -20.36
CA ALA B 296 -6.89 64.87 -21.63
C ALA B 296 -8.09 63.95 -21.77
N VAL B 297 -8.68 63.52 -20.65
CA VAL B 297 -9.92 62.78 -20.74
C VAL B 297 -11.08 63.75 -20.94
N GLN B 298 -11.19 64.75 -20.06
CA GLN B 298 -12.34 65.65 -20.03
C GLN B 298 -12.58 66.44 -21.30
N ILE B 299 -11.49 66.79 -22.01
CA ILE B 299 -11.53 67.59 -23.23
C ILE B 299 -12.52 67.01 -24.27
N SER B 300 -12.57 65.68 -24.35
CA SER B 300 -13.54 64.96 -25.16
C SER B 300 -15.01 65.28 -24.88
N ALA B 301 -15.40 65.52 -23.63
CA ALA B 301 -16.80 65.88 -23.34
C ALA B 301 -17.20 67.19 -24.00
N LEU B 302 -16.32 68.19 -23.90
CA LEU B 302 -16.53 69.53 -24.45
C LEU B 302 -16.57 69.54 -25.95
N HIS B 303 -15.82 68.62 -26.51
CA HIS B 303 -15.89 68.36 -27.93
C HIS B 303 -17.12 67.57 -28.39
N GLN B 304 -17.62 66.65 -27.54
CA GLN B 304 -18.87 65.93 -27.88
C GLN B 304 -20.04 66.89 -27.75
N SER B 305 -19.88 67.91 -26.89
CA SER B 305 -20.82 69.03 -26.75
C SER B 305 -20.83 70.04 -27.87
N LEU B 306 -19.98 69.89 -28.87
CA LEU B 306 -20.11 70.76 -30.02
C LEU B 306 -21.41 70.46 -30.75
N VAL B 307 -21.85 69.20 -30.78
CA VAL B 307 -23.15 68.91 -31.38
C VAL B 307 -24.31 69.35 -30.47
N GLN B 308 -24.71 70.61 -30.61
CA GLN B 308 -25.90 71.10 -29.93
C GLN B 308 -26.98 71.53 -30.92
N GLU B 309 -28.04 70.70 -31.02
CA GLU B 309 -29.07 70.80 -32.07
C GLU B 309 -30.04 71.96 -31.87
N GLN B 310 -30.55 72.43 -33.00
CA GLN B 310 -31.58 73.44 -33.08
C GLN B 310 -31.21 74.74 -32.35
N GLU B 311 -32.17 75.39 -31.72
CA GLU B 311 -31.88 76.69 -31.14
C GLU B 311 -31.36 76.59 -29.68
N ARG B 312 -31.56 75.44 -29.03
CA ARG B 312 -30.97 75.13 -27.72
C ARG B 312 -30.99 73.64 -27.45
N SER B 313 -29.89 73.09 -26.93
CA SER B 313 -29.83 71.66 -26.67
C SER B 313 -29.43 71.42 -25.25
N GLY B 314 -30.38 70.95 -24.45
CA GLY B 314 -30.10 70.64 -23.06
C GLY B 314 -29.04 69.58 -22.86
N ALA B 315 -29.00 68.56 -23.72
CA ALA B 315 -28.07 67.43 -23.53
C ALA B 315 -26.61 67.78 -23.77
N GLY B 316 -26.36 68.50 -24.86
CA GLY B 316 -25.05 69.06 -25.10
C GLY B 316 -24.67 70.06 -24.03
N TRP B 317 -25.57 71.00 -23.75
CA TRP B 317 -25.30 72.14 -22.87
C TRP B 317 -24.95 71.68 -21.47
N MET B 318 -25.71 70.71 -20.95
CA MET B 318 -25.46 70.22 -19.59
C MET B 318 -24.25 69.32 -19.45
N LEU B 319 -23.62 68.91 -20.55
CA LEU B 319 -22.40 68.13 -20.43
C LEU B 319 -21.27 69.08 -20.01
N GLU B 320 -21.31 70.32 -20.52
CA GLU B 320 -20.36 71.35 -20.12
C GLU B 320 -20.46 71.69 -18.63
N TRP B 321 -21.67 71.58 -18.08
CA TRP B 321 -21.93 71.80 -16.67
C TRP B 321 -21.22 70.77 -15.80
N LEU B 322 -21.20 69.53 -16.28
CA LEU B 322 -20.62 68.43 -15.55
C LEU B 322 -19.10 68.56 -15.55
N THR B 323 -18.55 68.87 -16.73
CA THR B 323 -17.11 68.71 -16.93
C THR B 323 -16.22 69.94 -16.78
N LEU B 324 -16.66 71.08 -17.31
CA LEU B 324 -15.80 72.27 -17.40
C LEU B 324 -15.30 72.86 -16.06
N PRO B 325 -16.18 73.06 -15.05
CA PRO B 325 -15.62 73.50 -13.75
C PRO B 325 -14.44 72.67 -13.22
N GLN B 326 -14.45 71.37 -13.46
CA GLN B 326 -13.34 70.54 -13.01
C GLN B 326 -12.09 70.64 -13.88
N MET B 327 -12.26 70.89 -15.17
CA MET B 327 -11.13 71.20 -16.06
C MET B 327 -10.34 72.43 -15.64
N VAL B 328 -11.02 73.54 -15.33
CA VAL B 328 -10.33 74.75 -14.90
C VAL B 328 -9.71 74.54 -13.54
N THR B 329 -10.39 73.80 -12.68
CA THR B 329 -9.84 73.47 -11.36
C THR B 329 -8.61 72.57 -11.50
N ALA B 330 -8.66 71.58 -12.40
CA ALA B 330 -7.50 70.70 -12.59
C ALA B 330 -6.31 71.51 -13.09
N THR B 331 -6.59 72.46 -13.97
CA THR B 331 -5.59 73.39 -14.49
C THR B 331 -5.09 74.34 -13.40
N GLY B 332 -5.96 74.73 -12.47
CA GLY B 332 -5.54 75.55 -11.33
C GLY B 332 -4.64 74.79 -10.38
N THR B 333 -5.03 73.55 -10.13
CA THR B 333 -4.39 72.67 -9.16
C THR B 333 -3.04 72.19 -9.70
N SER B 334 -3.02 71.78 -10.96
CA SER B 334 -1.78 71.42 -11.65
C SER B 334 -0.73 72.51 -11.54
N LEU B 335 -1.17 73.78 -11.61
CA LEU B 335 -0.27 74.91 -11.50
C LEU B 335 0.29 75.09 -10.11
N LEU B 336 -0.59 75.04 -9.12
CA LEU B 336 -0.25 75.03 -7.70
C LEU B 336 0.72 73.89 -7.37
N VAL B 337 0.38 72.68 -7.85
CA VAL B 337 1.19 71.48 -7.63
C VAL B 337 2.59 71.53 -8.27
N ALA B 338 2.69 72.04 -9.50
CA ALA B 338 4.03 72.21 -10.10
C ALA B 338 4.90 73.20 -9.35
N GLU B 339 4.25 74.17 -8.72
CA GLU B 339 4.94 75.25 -8.05
C GLU B 339 5.46 74.76 -6.68
N ARG B 340 4.72 73.82 -6.08
CA ARG B 340 5.14 73.12 -4.88
C ARG B 340 6.34 72.27 -5.21
N LEU B 341 6.24 71.41 -6.23
CA LEU B 341 7.35 70.60 -6.74
C LEU B 341 8.63 71.39 -7.05
N ALA B 342 8.50 72.52 -7.73
CA ALA B 342 9.67 73.33 -8.13
C ALA B 342 10.37 73.93 -6.92
N ALA B 343 9.61 74.09 -5.85
CA ALA B 343 10.15 74.61 -4.62
C ALA B 343 10.88 73.53 -3.82
N GLN B 344 10.88 72.29 -4.32
CA GLN B 344 11.51 71.18 -3.63
C GLN B 344 12.81 70.78 -4.27
N ILE B 345 13.03 71.28 -5.48
CA ILE B 345 14.17 70.85 -6.26
C ILE B 345 15.34 71.72 -5.88
N ASP B 346 16.34 71.12 -5.23
CA ASP B 346 17.50 71.87 -4.75
C ASP B 346 18.67 71.69 -5.69
N ARG B 347 18.73 70.57 -6.37
CA ARG B 347 19.71 70.41 -7.43
C ARG B 347 19.09 69.63 -8.59
N LEU B 348 19.42 70.06 -9.80
CA LEU B 348 19.28 69.25 -11.01
C LEU B 348 20.70 69.01 -11.55
N GLY B 349 20.92 67.89 -12.25
CA GLY B 349 22.24 67.55 -12.79
C GLY B 349 23.06 66.72 -11.83
N ALA B 350 24.28 66.34 -12.24
CA ALA B 350 25.21 65.60 -11.38
C ALA B 350 25.78 66.44 -10.24
N SER C 2 -0.75 54.86 -46.01
CA SER C 2 -2.08 54.58 -45.41
C SER C 2 -2.29 55.27 -44.04
N LEU C 3 -3.54 55.38 -43.62
CA LEU C 3 -3.92 56.08 -42.39
C LEU C 3 -3.50 55.40 -41.09
N SER C 4 -3.87 54.12 -40.96
CA SER C 4 -3.48 53.32 -39.82
C SER C 4 -2.12 52.70 -40.09
N PRO C 5 -1.20 52.86 -39.12
CA PRO C 5 0.03 52.07 -39.01
C PRO C 5 -0.20 50.56 -39.08
N PHE C 6 -1.35 50.07 -38.63
CA PHE C 6 -1.63 48.64 -38.63
C PHE C 6 -1.59 48.02 -40.03
N GLU C 7 -2.01 48.78 -41.05
CA GLU C 7 -2.03 48.33 -42.46
C GLU C 7 -0.96 48.99 -43.34
N HIS C 8 -0.13 49.86 -42.75
CA HIS C 8 0.83 50.70 -43.48
C HIS C 8 1.96 49.89 -44.10
N PRO C 9 2.28 50.14 -45.38
CA PRO C 9 3.31 49.42 -46.17
C PRO C 9 4.68 49.27 -45.51
N PHE C 10 5.04 50.18 -44.61
CA PHE C 10 6.23 49.95 -43.80
C PHE C 10 6.06 49.97 -42.30
N LEU C 11 5.06 50.70 -41.79
CA LEU C 11 4.88 50.78 -40.34
C LEU C 11 4.31 49.50 -39.75
N SER C 12 3.65 48.71 -40.60
CA SER C 12 3.18 47.39 -40.21
C SER C 12 4.32 46.40 -40.01
N GLY C 13 5.55 46.86 -40.25
CA GLY C 13 6.76 46.20 -39.74
C GLY C 13 6.57 46.01 -38.24
N LEU C 14 6.17 47.07 -37.57
CA LEU C 14 5.93 46.98 -36.14
C LEU C 14 4.46 46.68 -35.85
N PHE C 15 3.57 47.45 -36.44
CA PHE C 15 2.17 47.42 -36.05
C PHE C 15 1.31 46.35 -36.70
N GLY C 16 1.89 45.57 -37.62
CA GLY C 16 1.13 44.63 -38.44
C GLY C 16 0.44 43.49 -37.74
N ASP C 17 -0.59 42.96 -38.43
CA ASP C 17 -1.32 41.79 -37.99
C ASP C 17 -2.20 41.31 -39.12
N SER C 18 -1.60 40.82 -40.20
CA SER C 18 -2.37 40.40 -41.35
C SER C 18 -3.52 39.44 -40.99
N GLU C 19 -3.23 38.48 -40.11
CA GLU C 19 -4.21 37.46 -39.72
C GLU C 19 -5.53 38.04 -39.17
N ILE C 20 -5.43 38.97 -38.22
CA ILE C 20 -6.57 39.69 -37.67
C ILE C 20 -7.18 40.65 -38.71
N ILE C 21 -6.34 41.31 -39.51
CA ILE C 21 -6.77 42.39 -40.39
C ILE C 21 -7.56 41.90 -41.60
N GLU C 22 -7.30 40.67 -42.05
CA GLU C 22 -8.04 40.15 -43.19
C GLU C 22 -9.47 39.74 -42.82
N LEU C 23 -9.75 39.60 -41.54
CA LEU C 23 -11.11 39.40 -41.05
C LEU C 23 -11.98 40.63 -41.35
N PHE C 24 -11.34 41.78 -41.54
CA PHE C 24 -12.04 43.03 -41.78
C PHE C 24 -11.85 43.48 -43.20
N SER C 25 -11.28 42.61 -44.02
CA SER C 25 -11.23 42.82 -45.48
C SER C 25 -12.63 42.85 -46.03
N ALA C 26 -12.79 43.52 -47.16
CA ALA C 26 -14.07 43.61 -47.82
C ALA C 26 -14.54 42.28 -48.40
N LYS C 27 -13.61 41.38 -48.67
CA LYS C 27 -14.01 40.07 -49.17
C LYS C 27 -14.54 39.21 -48.00
N ALA C 28 -13.98 39.40 -46.81
CA ALA C 28 -14.36 38.60 -45.65
C ALA C 28 -15.76 38.97 -45.22
N ASP C 29 -16.03 40.26 -45.29
CA ASP C 29 -17.32 40.86 -44.94
C ASP C 29 -18.39 40.34 -45.89
N ILE C 30 -18.10 40.42 -47.18
CA ILE C 30 -19.03 40.01 -48.24
C ILE C 30 -19.38 38.54 -48.12
N ASP C 31 -18.36 37.73 -47.85
CA ASP C 31 -18.52 36.27 -47.73
C ASP C 31 -19.43 35.87 -46.58
N ALA C 32 -19.45 36.69 -45.53
CA ALA C 32 -20.35 36.43 -44.39
C ALA C 32 -21.77 36.90 -44.74
N MET C 33 -21.89 37.94 -45.55
CA MET C 33 -23.19 38.37 -46.03
C MET C 33 -23.78 37.41 -47.09
N ILE C 34 -22.92 36.66 -47.79
CA ILE C 34 -23.38 35.57 -48.63
C ILE C 34 -23.88 34.44 -47.72
N ARG C 35 -23.20 34.24 -46.59
CA ARG C 35 -23.57 33.16 -45.67
C ARG C 35 -24.86 33.46 -44.91
N PHE C 36 -25.09 34.75 -44.65
CA PHE C 36 -26.33 35.20 -44.06
C PHE C 36 -27.49 34.93 -45.01
N GLU C 37 -27.36 35.39 -46.25
CA GLU C 37 -28.45 35.25 -47.21
C GLU C 37 -28.73 33.81 -47.63
N THR C 38 -27.69 32.97 -47.63
CA THR C 38 -27.83 31.54 -47.87
C THR C 38 -28.57 30.84 -46.73
N ALA C 39 -28.25 31.20 -45.48
CA ALA C 39 -28.88 30.53 -44.34
C ALA C 39 -30.32 30.98 -44.08
N LEU C 40 -30.60 32.23 -44.43
CA LEU C 40 -31.90 32.83 -44.24
C LEU C 40 -32.95 32.13 -45.12
N ALA C 41 -32.62 31.92 -46.40
CA ALA C 41 -33.45 31.12 -47.28
C ALA C 41 -33.69 29.72 -46.70
N GLN C 42 -32.58 29.06 -46.35
CA GLN C 42 -32.60 27.75 -45.69
C GLN C 42 -33.58 27.72 -44.50
N ALA C 43 -33.42 28.66 -43.55
CA ALA C 43 -34.28 28.76 -42.34
C ALA C 43 -35.77 29.02 -42.62
N GLU C 44 -36.05 29.72 -43.71
CA GLU C 44 -37.43 30.05 -44.08
C GLU C 44 -38.12 28.87 -44.74
N ALA C 45 -37.36 28.09 -45.51
CA ALA C 45 -37.86 26.85 -46.07
C ALA C 45 -38.15 25.85 -44.96
N GLU C 46 -37.25 25.83 -43.97
CA GLU C 46 -37.38 25.01 -42.78
C GLU C 46 -38.63 25.37 -42.01
N ALA C 47 -38.91 26.65 -41.90
CA ALA C 47 -40.05 27.09 -41.14
C ALA C 47 -41.31 27.34 -41.97
N SER C 48 -41.39 26.70 -43.14
CA SER C 48 -42.58 26.71 -44.02
C SER C 48 -43.00 28.07 -44.61
N ILE C 49 -42.09 29.01 -44.72
CA ILE C 49 -42.42 30.32 -45.27
C ILE C 49 -42.50 30.22 -46.78
N PHE C 50 -41.60 29.45 -47.35
CA PHE C 50 -41.77 28.95 -48.71
C PHE C 50 -41.26 27.51 -48.79
N ALA C 51 -41.29 26.89 -49.98
CA ALA C 51 -40.84 25.50 -50.15
C ALA C 51 -39.32 25.30 -50.18
N ASP C 52 -38.90 24.06 -50.35
CA ASP C 52 -37.49 23.71 -50.33
C ASP C 52 -36.80 23.85 -51.67
N ASP C 53 -37.46 23.47 -52.77
CA ASP C 53 -36.85 23.64 -54.10
C ASP C 53 -36.83 25.11 -54.53
N GLU C 54 -37.56 25.91 -53.76
CA GLU C 54 -37.55 27.35 -53.75
C GLU C 54 -36.32 27.87 -53.01
N ALA C 55 -35.94 27.18 -51.95
CA ALA C 55 -34.74 27.60 -51.20
C ALA C 55 -33.48 27.13 -51.88
N GLU C 56 -33.54 25.96 -52.50
CA GLU C 56 -32.40 25.38 -53.21
C GLU C 56 -32.03 26.27 -54.40
N ALA C 57 -33.06 26.79 -55.06
CA ALA C 57 -32.92 27.76 -56.15
C ALA C 57 -32.09 28.99 -55.77
N ILE C 58 -32.20 29.44 -54.52
CA ILE C 58 -31.45 30.59 -53.99
C ILE C 58 -30.06 30.14 -53.56
N VAL C 59 -30.03 29.01 -52.82
CA VAL C 59 -28.82 28.46 -52.19
C VAL C 59 -27.70 28.15 -53.20
N SER C 60 -28.08 27.58 -54.35
CA SER C 60 -27.10 27.29 -55.40
C SER C 60 -26.96 28.45 -56.39
N GLY C 61 -27.75 29.49 -56.21
CA GLY C 61 -27.58 30.68 -57.01
C GLY C 61 -26.43 31.42 -56.40
N LEU C 62 -26.48 31.54 -55.09
CA LEU C 62 -25.46 32.20 -54.32
C LEU C 62 -24.18 31.37 -54.24
N SER C 63 -24.30 30.03 -54.27
CA SER C 63 -23.19 29.05 -54.38
C SER C 63 -21.80 29.62 -54.49
N GLU C 64 -21.53 30.14 -55.67
CA GLU C 64 -20.41 31.02 -55.94
C GLU C 64 -21.03 32.28 -56.58
N PHE C 65 -21.15 33.32 -55.75
CA PHE C 65 -21.56 34.64 -56.21
C PHE C 65 -20.28 35.48 -56.16
N ALA C 66 -20.15 36.37 -57.15
CA ALA C 66 -19.01 37.28 -57.21
C ALA C 66 -19.51 38.73 -57.21
N ALA C 67 -19.05 39.50 -56.22
CA ALA C 67 -19.54 40.86 -56.08
C ALA C 67 -18.78 41.81 -56.98
N ASP C 68 -19.49 42.83 -57.47
CA ASP C 68 -18.89 43.92 -58.23
C ASP C 68 -18.63 45.04 -57.24
N MET C 69 -17.39 45.11 -56.76
CA MET C 69 -16.93 46.11 -55.80
C MET C 69 -17.13 47.55 -56.30
N SER C 70 -17.10 47.73 -57.61
CA SER C 70 -17.29 49.03 -58.25
C SER C 70 -18.72 49.53 -58.11
N ALA C 71 -19.68 48.62 -58.20
CA ALA C 71 -21.08 49.02 -58.09
C ALA C 71 -21.55 49.08 -56.63
N LEU C 72 -20.96 48.25 -55.77
CA LEU C 72 -21.21 48.27 -54.32
C LEU C 72 -20.80 49.57 -53.65
N ARG C 73 -19.72 50.16 -54.14
CA ARG C 73 -19.24 51.45 -53.69
C ARG C 73 -20.19 52.54 -54.16
N HIS C 74 -20.75 52.36 -55.36
CA HIS C 74 -21.86 53.23 -55.81
C HIS C 74 -23.11 52.97 -54.97
N GLY C 75 -23.23 51.76 -54.44
CA GLY C 75 -24.30 51.39 -53.54
C GLY C 75 -24.23 52.14 -52.24
N VAL C 76 -23.04 52.34 -51.68
CA VAL C 76 -23.01 53.10 -50.42
C VAL C 76 -23.00 54.63 -50.69
N ALA C 77 -22.75 54.99 -51.95
CA ALA C 77 -22.86 56.38 -52.40
C ALA C 77 -24.29 56.88 -52.26
N LYS C 78 -25.19 56.24 -53.01
CA LYS C 78 -26.60 56.57 -53.08
C LYS C 78 -27.33 56.24 -51.77
N ASP C 79 -27.01 55.08 -51.20
CA ASP C 79 -27.76 54.55 -50.07
C ASP C 79 -27.18 54.77 -48.68
N GLY C 80 -25.87 54.92 -48.57
CA GLY C 80 -25.22 54.94 -47.26
C GLY C 80 -24.86 53.57 -46.73
N VAL C 81 -25.18 52.56 -47.52
CA VAL C 81 -25.24 51.17 -47.06
C VAL C 81 -25.06 50.23 -48.29
N VAL C 82 -24.46 49.05 -48.03
CA VAL C 82 -24.00 48.12 -49.06
C VAL C 82 -25.11 47.26 -49.59
N VAL C 83 -26.00 46.91 -48.67
CA VAL C 83 -26.87 45.78 -48.92
C VAL C 83 -27.91 45.88 -50.07
N PRO C 84 -28.62 47.01 -50.24
CA PRO C 84 -29.37 47.22 -51.49
C PRO C 84 -28.67 46.81 -52.78
N GLU C 85 -27.43 47.26 -52.97
CA GLU C 85 -26.67 46.91 -54.16
C GLU C 85 -26.26 45.46 -54.20
N LEU C 86 -25.93 44.94 -53.03
CA LEU C 86 -25.44 43.59 -52.88
C LEU C 86 -26.52 42.58 -53.17
N ILE C 87 -27.69 42.86 -52.60
CA ILE C 87 -28.87 42.08 -52.76
C ILE C 87 -29.28 42.16 -54.22
N ARG C 88 -29.24 43.37 -54.78
CA ARG C 88 -29.58 43.58 -56.18
C ARG C 88 -28.74 42.66 -57.03
N GLN C 89 -27.45 42.51 -56.73
CA GLN C 89 -26.65 41.58 -57.55
C GLN C 89 -26.90 40.13 -57.24
N MET C 90 -27.12 39.82 -55.96
CA MET C 90 -27.49 38.47 -55.50
C MET C 90 -28.77 37.93 -56.17
N ARG C 91 -29.76 38.80 -56.34
CA ARG C 91 -31.01 38.46 -57.03
C ARG C 91 -30.78 38.14 -58.50
N ALA C 92 -29.88 38.92 -59.13
CA ALA C 92 -29.49 38.71 -60.52
C ALA C 92 -28.66 37.45 -60.64
N ALA C 93 -28.07 37.01 -59.53
CA ALA C 93 -27.37 35.74 -59.49
C ALA C 93 -28.29 34.54 -59.28
N VAL C 94 -29.58 34.78 -59.03
CA VAL C 94 -30.53 33.69 -58.75
C VAL C 94 -31.56 33.51 -59.84
N ALA C 95 -31.51 32.38 -60.53
CA ALA C 95 -32.42 32.07 -61.63
C ALA C 95 -33.86 31.79 -61.19
N GLY C 96 -34.81 32.18 -62.03
CA GLY C 96 -36.21 32.02 -61.70
C GLY C 96 -36.67 33.11 -60.75
N GLN C 97 -37.88 32.98 -60.22
CA GLN C 97 -38.38 34.00 -59.31
C GLN C 97 -38.30 33.59 -57.83
N ALA C 98 -37.24 32.87 -57.50
CA ALA C 98 -36.90 32.76 -56.11
C ALA C 98 -35.98 33.94 -55.85
N ALA C 99 -35.63 34.65 -56.92
CA ALA C 99 -34.79 35.84 -56.87
C ALA C 99 -35.44 36.94 -56.05
N ASP C 100 -36.74 37.12 -56.27
CA ASP C 100 -37.59 38.01 -55.47
C ASP C 100 -37.57 37.71 -53.95
N LYS C 101 -37.22 36.47 -53.58
CA LYS C 101 -37.41 35.99 -52.20
C LYS C 101 -36.12 35.97 -51.38
N VAL C 102 -34.96 36.26 -51.99
CA VAL C 102 -33.75 36.46 -51.19
C VAL C 102 -33.98 37.70 -50.37
N HIS C 103 -33.43 37.71 -49.16
CA HIS C 103 -33.48 38.84 -48.25
C HIS C 103 -34.85 39.08 -47.58
N PHE C 104 -35.82 38.22 -47.89
CA PHE C 104 -37.19 38.37 -47.36
C PHE C 104 -37.23 38.37 -45.84
N GLY C 105 -37.83 39.40 -45.27
CA GLY C 105 -37.95 39.51 -43.83
C GLY C 105 -36.75 40.15 -43.18
N ALA C 106 -35.67 40.33 -43.92
CA ALA C 106 -34.48 40.93 -43.34
C ALA C 106 -34.34 42.41 -43.69
N THR C 107 -33.50 43.10 -42.93
CA THR C 107 -33.18 44.47 -43.27
C THR C 107 -31.67 44.61 -43.38
N SER C 108 -31.22 45.73 -43.93
CA SER C 108 -29.78 45.99 -44.07
C SER C 108 -28.94 45.87 -42.78
N GLN C 109 -29.51 46.27 -41.64
CA GLN C 109 -28.78 46.17 -40.40
C GLN C 109 -28.60 44.71 -39.96
N ASP C 110 -29.61 43.89 -40.21
CA ASP C 110 -29.56 42.47 -39.88
C ASP C 110 -28.31 41.81 -40.43
N VAL C 111 -28.13 41.93 -41.74
CA VAL C 111 -27.07 41.27 -42.44
C VAL C 111 -25.71 41.87 -42.10
N ILE C 112 -25.61 43.20 -42.07
CA ILE C 112 -24.36 43.89 -41.72
C ILE C 112 -23.85 43.52 -40.31
N ASP C 113 -24.74 43.57 -39.32
CA ASP C 113 -24.33 43.30 -37.94
C ASP C 113 -24.09 41.82 -37.71
N THR C 114 -24.76 40.96 -38.49
CA THR C 114 -24.58 39.50 -38.33
C THR C 114 -23.20 39.12 -38.89
N SER C 115 -22.92 39.64 -40.09
CA SER C 115 -21.57 39.58 -40.68
C SER C 115 -20.50 40.03 -39.70
N LEU C 116 -20.74 41.17 -39.06
CA LEU C 116 -19.80 41.68 -38.09
C LEU C 116 -19.58 40.63 -36.98
N MET C 117 -20.68 40.12 -36.42
CA MET C 117 -20.68 39.13 -35.35
C MET C 117 -19.93 37.82 -35.70
N LEU C 118 -20.09 37.36 -36.94
CA LEU C 118 -19.43 36.15 -37.43
C LEU C 118 -17.93 36.33 -37.40
N ARG C 119 -17.50 37.49 -37.87
CA ARG C 119 -16.09 37.78 -37.92
C ARG C 119 -15.49 38.22 -36.57
N LEU C 120 -16.31 38.75 -35.68
CA LEU C 120 -15.85 39.05 -34.34
C LEU C 120 -15.55 37.74 -33.62
N LYS C 121 -16.42 36.76 -33.84
CA LYS C 121 -16.25 35.42 -33.31
C LYS C 121 -14.93 34.77 -33.72
N MET C 122 -14.63 34.75 -35.02
CA MET C 122 -13.33 34.28 -35.54
C MET C 122 -12.17 35.06 -34.93
N ALA C 123 -12.36 36.37 -34.78
CA ALA C 123 -11.35 37.25 -34.21
C ALA C 123 -11.09 36.97 -32.73
N ALA C 124 -12.13 36.63 -31.98
CA ALA C 124 -11.97 36.31 -30.57
C ALA C 124 -11.30 34.95 -30.36
N GLU C 125 -11.54 34.01 -31.27
CA GLU C 125 -10.88 32.72 -31.19
C GLU C 125 -9.37 32.90 -31.31
N ILE C 126 -8.94 33.57 -32.38
CA ILE C 126 -7.53 33.95 -32.59
C ILE C 126 -6.90 34.64 -31.35
N ILE C 127 -7.65 35.58 -30.77
CA ILE C 127 -7.21 36.36 -29.64
C ILE C 127 -7.04 35.49 -28.39
N ALA C 128 -8.02 34.63 -28.12
CA ALA C 128 -7.95 33.65 -27.02
C ALA C 128 -6.74 32.69 -27.09
N THR C 129 -6.55 32.09 -28.26
CA THR C 129 -5.44 31.19 -28.55
C THR C 129 -4.09 31.88 -28.30
N ARG C 130 -3.96 33.11 -28.81
CA ARG C 130 -2.79 33.98 -28.57
C ARG C 130 -2.61 34.34 -27.10
N LEU C 131 -3.72 34.58 -26.42
CA LEU C 131 -3.71 34.90 -24.99
C LEU C 131 -3.20 33.71 -24.14
N GLY C 132 -3.73 32.51 -24.42
CA GLY C 132 -3.25 31.25 -23.81
C GLY C 132 -1.77 31.02 -24.03
N HIS C 133 -1.32 31.22 -25.27
CA HIS C 133 0.07 31.01 -25.65
C HIS C 133 1.01 32.01 -25.01
N LEU C 134 0.56 33.25 -24.88
CA LEU C 134 1.35 34.28 -24.19
C LEU C 134 1.46 34.03 -22.69
N ILE C 135 0.37 33.55 -22.07
CA ILE C 135 0.38 33.23 -20.64
C ILE C 135 1.44 32.18 -20.36
N ASP C 136 1.51 31.19 -21.24
CA ASP C 136 2.53 30.15 -21.19
C ASP C 136 3.96 30.68 -21.35
N THR C 137 4.12 31.62 -22.29
CA THR C 137 5.41 32.25 -22.54
C THR C 137 5.83 33.01 -21.30
N LEU C 138 4.91 33.83 -20.80
CA LEU C 138 5.17 34.61 -19.61
C LEU C 138 5.43 33.72 -18.37
N GLY C 139 4.80 32.54 -18.35
CA GLY C 139 4.99 31.57 -17.28
C GLY C 139 6.37 30.94 -17.34
N ASP C 140 6.86 30.70 -18.57
CA ASP C 140 8.19 30.14 -18.79
C ASP C 140 9.31 31.05 -18.27
N LEU C 141 9.11 32.36 -18.39
CA LEU C 141 10.03 33.35 -17.85
C LEU C 141 10.07 33.26 -16.35
N ALA C 142 8.87 33.20 -15.75
CA ALA C 142 8.72 33.04 -14.30
C ALA C 142 9.36 31.76 -13.76
N SER C 143 9.21 30.64 -14.48
CA SER C 143 9.81 29.40 -14.00
C SER C 143 11.31 29.35 -14.18
N ARG C 144 11.86 30.19 -15.06
CA ARG C 144 13.31 30.28 -15.18
C ARG C 144 13.93 31.23 -14.16
N ASP C 145 13.39 32.44 -14.07
CA ASP C 145 14.04 33.49 -13.32
C ASP C 145 13.36 33.84 -12.01
N GLY C 146 12.28 33.12 -11.66
CA GLY C 146 11.39 33.49 -10.55
C GLY C 146 11.95 33.71 -9.15
N HIS C 147 12.95 32.94 -8.75
CA HIS C 147 13.51 33.09 -7.39
C HIS C 147 14.55 34.20 -7.28
N LYS C 148 14.85 34.87 -8.39
CA LYS C 148 15.87 35.93 -8.39
C LYS C 148 15.30 37.22 -7.81
N PRO C 149 16.11 37.95 -7.03
CA PRO C 149 15.65 39.19 -6.43
C PRO C 149 15.47 40.33 -7.42
N LEU C 150 14.54 41.23 -7.10
CA LEU C 150 14.27 42.42 -7.87
C LEU C 150 14.13 43.51 -6.84
N THR C 151 14.54 44.71 -7.20
CA THR C 151 14.30 45.86 -6.33
C THR C 151 12.87 46.25 -6.64
N GLY C 152 12.04 46.32 -5.60
CA GLY C 152 10.70 46.84 -5.72
C GLY C 152 10.69 48.33 -6.04
N TYR C 153 9.70 48.76 -6.81
CA TYR C 153 9.49 50.20 -6.99
C TYR C 153 8.04 50.60 -6.74
N THR C 154 7.84 51.42 -5.70
CA THR C 154 6.52 51.94 -5.37
C THR C 154 6.50 53.47 -5.40
N ARG C 155 5.48 54.01 -6.08
CA ARG C 155 5.31 55.45 -6.31
C ARG C 155 6.56 56.18 -6.80
N MET C 156 7.14 55.62 -7.87
CA MET C 156 8.46 55.99 -8.40
C MET C 156 9.70 56.02 -7.46
N GLN C 157 9.68 55.29 -6.35
CA GLN C 157 10.91 55.16 -5.53
C GLN C 157 11.35 53.72 -5.25
N ALA C 158 12.62 53.56 -4.90
CA ALA C 158 13.17 52.25 -4.54
C ALA C 158 12.49 51.76 -3.26
N ALA C 159 11.95 50.55 -3.33
CA ALA C 159 11.20 49.92 -2.24
C ALA C 159 12.00 48.71 -1.78
N ILE C 160 11.47 47.93 -0.83
CA ILE C 160 12.16 46.73 -0.38
C ILE C 160 12.23 45.68 -1.47
N GLY C 161 13.13 44.71 -1.32
CA GLY C 161 13.35 43.71 -2.35
C GLY C 161 12.22 42.71 -2.45
N ILE C 162 11.77 42.46 -3.68
CA ILE C 162 10.81 41.41 -3.95
C ILE C 162 11.52 40.30 -4.73
N THR C 163 10.75 39.47 -5.44
CA THR C 163 11.31 38.50 -6.37
C THR C 163 10.67 38.67 -7.75
N VAL C 164 11.34 38.14 -8.77
CA VAL C 164 10.88 38.12 -10.17
C VAL C 164 9.47 37.57 -10.37
N ALA C 165 9.15 36.47 -9.70
CA ALA C 165 7.78 35.91 -9.76
C ALA C 165 6.68 36.82 -9.17
N ASP C 166 6.99 37.58 -8.12
CA ASP C 166 6.05 38.56 -7.54
C ASP C 166 5.62 39.68 -8.49
N ARG C 167 6.59 40.29 -9.16
CA ARG C 167 6.33 41.32 -10.15
C ARG C 167 5.62 40.71 -11.36
N ALA C 168 6.00 39.50 -11.73
CA ALA C 168 5.42 38.82 -12.91
C ALA C 168 4.02 38.25 -12.66
N ALA C 169 3.62 38.18 -11.39
CA ALA C 169 2.25 37.88 -11.02
C ALA C 169 1.30 38.98 -11.54
N GLY C 170 1.80 40.22 -11.62
CA GLY C 170 1.03 41.35 -12.14
C GLY C 170 0.88 41.32 -13.65
N TRP C 171 1.79 40.62 -14.31
CA TRP C 171 1.65 40.47 -15.75
C TRP C 171 0.73 39.28 -16.06
N ILE C 172 0.97 38.12 -15.46
CA ILE C 172 0.23 36.90 -15.83
C ILE C 172 -1.21 36.83 -15.28
N ALA C 173 -1.39 37.09 -13.99
CA ALA C 173 -2.72 36.92 -13.34
C ALA C 173 -3.96 37.60 -13.98
N PRO C 174 -3.84 38.87 -14.46
CA PRO C 174 -5.00 39.45 -15.09
C PRO C 174 -5.21 38.94 -16.50
N LEU C 175 -4.15 38.52 -17.18
CA LEU C 175 -4.27 37.99 -18.53
C LEU C 175 -5.06 36.71 -18.50
N GLU C 176 -4.87 35.98 -17.41
CA GLU C 176 -5.60 34.76 -17.09
C GLU C 176 -7.07 35.06 -16.84
N ARG C 177 -7.34 36.15 -16.14
CA ARG C 177 -8.72 36.60 -15.93
C ARG C 177 -9.39 37.06 -17.21
N HIS C 178 -8.60 37.65 -18.11
CA HIS C 178 -9.11 38.12 -19.41
C HIS C 178 -9.48 36.96 -20.29
N LEU C 179 -8.72 35.88 -20.21
CA LEU C 179 -8.96 34.68 -21.00
C LEU C 179 -10.27 34.07 -20.53
N LEU C 180 -10.51 34.14 -19.23
CA LEU C 180 -11.76 33.65 -18.66
C LEU C 180 -12.97 34.48 -19.10
N ARG C 181 -12.84 35.82 -19.04
CA ARG C 181 -13.86 36.77 -19.53
C ARG C 181 -14.15 36.57 -21.01
N LEU C 182 -13.12 36.23 -21.77
CA LEU C 182 -13.26 36.12 -23.20
C LEU C 182 -14.10 34.88 -23.53
N GLU C 183 -13.73 33.76 -22.93
CA GLU C 183 -14.44 32.50 -23.11
C GLU C 183 -15.85 32.52 -22.50
N THR C 184 -16.10 33.34 -21.48
CA THR C 184 -17.47 33.54 -21.01
C THR C 184 -18.29 34.28 -22.05
N PHE C 185 -17.71 35.34 -22.61
CA PHE C 185 -18.35 36.13 -23.64
C PHE C 185 -18.60 35.35 -24.93
N ALA C 186 -17.73 34.39 -25.25
CA ALA C 186 -17.83 33.65 -26.51
C ALA C 186 -19.03 32.69 -26.55
N GLN C 187 -19.56 32.37 -25.36
CA GLN C 187 -20.79 31.59 -25.24
C GLN C 187 -22.02 32.31 -25.77
N ASN C 188 -22.29 33.50 -25.24
CA ASN C 188 -23.52 34.21 -25.52
C ASN C 188 -23.38 35.37 -26.48
N GLY C 189 -22.19 35.93 -26.51
CA GLY C 189 -21.96 37.27 -27.06
C GLY C 189 -22.05 37.46 -28.57
N PHE C 190 -21.66 36.45 -29.34
CA PHE C 190 -21.72 36.59 -30.79
C PHE C 190 -23.09 36.18 -31.31
N ALA C 191 -23.89 37.20 -31.64
CA ALA C 191 -25.35 37.06 -31.73
C ALA C 191 -25.93 37.26 -33.14
N LEU C 192 -27.02 36.56 -33.45
CA LEU C 192 -27.75 36.82 -34.69
C LEU C 192 -28.47 38.19 -34.66
N GLN C 193 -28.16 39.04 -35.62
CA GLN C 193 -28.97 40.22 -35.79
C GLN C 193 -30.06 39.95 -36.86
N PHE C 194 -31.32 39.95 -36.44
CA PHE C 194 -32.46 39.61 -37.28
C PHE C 194 -33.76 40.25 -36.77
N GLY C 195 -33.99 41.51 -37.14
CA GLY C 195 -35.15 42.27 -36.67
C GLY C 195 -36.11 42.77 -37.72
N GLY C 196 -35.70 42.77 -38.99
CA GLY C 196 -36.54 43.31 -40.07
C GLY C 196 -36.63 44.82 -40.04
N ALA C 197 -37.41 45.39 -40.96
CA ALA C 197 -37.51 46.84 -41.14
C ALA C 197 -37.48 47.67 -39.85
N ALA C 198 -38.40 47.39 -38.93
CA ALA C 198 -38.54 48.21 -37.73
C ALA C 198 -38.27 47.47 -36.40
N GLY C 199 -37.77 46.24 -36.50
CA GLY C 199 -37.37 45.50 -35.32
C GLY C 199 -38.43 44.55 -34.79
N THR C 200 -39.42 44.25 -35.62
CA THR C 200 -40.60 43.49 -35.22
C THR C 200 -40.78 42.24 -36.05
N LEU C 201 -39.89 42.06 -37.03
CA LEU C 201 -39.91 40.92 -37.98
C LEU C 201 -41.25 40.73 -38.69
N GLU C 202 -41.83 41.83 -39.15
CA GLU C 202 -43.25 41.89 -39.49
C GLU C 202 -43.66 41.03 -40.71
N LYS C 203 -42.68 40.70 -41.54
CA LYS C 203 -42.93 39.84 -42.69
C LYS C 203 -43.11 38.37 -42.30
N LEU C 204 -42.96 38.02 -41.02
CA LEU C 204 -43.04 36.62 -40.59
C LEU C 204 -44.16 36.22 -39.63
N GLY C 205 -44.97 37.16 -39.16
CA GLY C 205 -45.97 36.88 -38.12
C GLY C 205 -45.49 36.13 -36.88
N ASP C 206 -46.14 35.00 -36.62
CA ASP C 206 -45.80 34.13 -35.47
C ASP C 206 -44.82 33.00 -35.86
N ASN C 207 -44.31 33.06 -37.08
CA ASN C 207 -43.18 32.23 -37.52
C ASN C 207 -41.81 32.89 -37.32
N ALA C 208 -41.79 34.11 -36.79
CA ALA C 208 -40.55 34.82 -36.61
C ALA C 208 -39.58 34.05 -35.73
N GLY C 209 -40.10 33.55 -34.60
CA GLY C 209 -39.30 32.78 -33.65
C GLY C 209 -38.59 31.56 -34.23
N ALA C 210 -39.33 30.75 -34.98
CA ALA C 210 -38.77 29.54 -35.60
C ALA C 210 -37.63 29.83 -36.61
N VAL C 211 -37.88 30.81 -37.50
CA VAL C 211 -36.88 31.31 -38.45
C VAL C 211 -35.61 31.85 -37.75
N ARG C 212 -35.80 32.65 -36.70
CA ARG C 212 -34.67 33.28 -36.03
C ARG C 212 -33.77 32.23 -35.36
N ALA C 213 -34.39 31.28 -34.65
CA ALA C 213 -33.70 30.15 -34.04
C ALA C 213 -32.92 29.30 -35.05
N ASP C 214 -33.52 29.04 -36.21
CA ASP C 214 -32.89 28.19 -37.19
C ASP C 214 -31.73 28.85 -37.92
N LEU C 215 -31.96 30.10 -38.33
CA LEU C 215 -30.93 30.92 -38.94
C LEU C 215 -29.75 31.13 -37.99
N ALA C 216 -30.03 31.32 -36.69
CA ALA C 216 -28.96 31.42 -35.71
C ALA C 216 -28.16 30.14 -35.62
N LYS C 217 -28.85 29.00 -35.59
CA LYS C 217 -28.17 27.71 -35.50
C LYS C 217 -27.26 27.45 -36.71
N ARG C 218 -27.78 27.68 -37.92
CA ARG C 218 -26.95 27.53 -39.14
C ARG C 218 -25.72 28.42 -39.23
N LEU C 219 -25.72 29.52 -38.47
CA LEU C 219 -24.60 30.45 -38.54
C LEU C 219 -23.68 30.29 -37.35
N GLY C 220 -23.99 29.36 -36.45
CA GLY C 220 -23.19 29.16 -35.24
C GLY C 220 -23.14 30.38 -34.36
N LEU C 221 -24.31 31.00 -34.17
CA LEU C 221 -24.47 32.23 -33.43
C LEU C 221 -25.61 32.10 -32.44
N ALA C 222 -25.48 32.77 -31.30
CA ALA C 222 -26.55 32.86 -30.27
C ALA C 222 -27.89 33.43 -30.77
N ASP C 223 -28.99 32.85 -30.29
CA ASP C 223 -30.33 33.33 -30.61
C ASP C 223 -30.89 34.22 -29.49
N ARG C 224 -30.99 35.49 -29.79
CA ARG C 224 -31.56 36.46 -28.89
C ARG C 224 -32.39 37.37 -29.81
N PRO C 225 -33.48 37.98 -29.32
CA PRO C 225 -34.26 38.88 -30.20
C PRO C 225 -33.47 40.14 -30.56
N GLN C 226 -33.80 40.73 -31.70
CA GLN C 226 -33.03 41.83 -32.30
C GLN C 226 -32.48 42.94 -31.37
N TRP C 227 -31.29 43.41 -31.66
CA TRP C 227 -30.58 44.35 -30.81
C TRP C 227 -30.08 45.58 -31.55
N HIS C 228 -30.94 46.10 -32.45
CA HIS C 228 -30.63 47.23 -33.32
C HIS C 228 -30.16 48.50 -32.62
N ASN C 229 -30.77 48.80 -31.47
CA ASN C 229 -30.33 49.92 -30.65
C ASN C 229 -29.63 49.47 -29.37
N GLN C 230 -29.72 48.18 -29.08
CA GLN C 230 -29.04 47.66 -27.92
C GLN C 230 -27.60 47.31 -28.24
N ARG C 231 -26.69 48.24 -27.95
CA ARG C 231 -25.27 48.05 -28.31
C ARG C 231 -24.40 47.68 -27.10
N ASP C 232 -25.07 47.23 -26.05
CA ASP C 232 -24.36 46.81 -24.85
C ASP C 232 -23.32 45.73 -25.14
N GLY C 233 -23.69 44.74 -25.93
CA GLY C 233 -22.79 43.63 -26.21
C GLY C 233 -21.50 44.11 -26.87
N ILE C 234 -21.64 44.92 -27.93
CA ILE C 234 -20.49 45.63 -28.52
C ILE C 234 -19.63 46.33 -27.46
N ALA C 235 -20.26 47.15 -26.62
CA ALA C 235 -19.55 47.95 -25.63
C ALA C 235 -18.77 47.07 -24.67
N GLU C 236 -19.47 46.04 -24.17
CA GLU C 236 -18.87 45.01 -23.31
C GLU C 236 -17.66 44.30 -23.92
N PHE C 237 -17.76 44.03 -25.21
CA PHE C 237 -16.69 43.37 -25.96
C PHE C 237 -15.51 44.29 -26.07
N ALA C 238 -15.82 45.54 -26.39
CA ALA C 238 -14.79 46.54 -26.58
C ALA C 238 -14.03 46.80 -25.28
N ASN C 239 -14.72 46.67 -24.16
CA ASN C 239 -14.12 46.74 -22.86
C ASN C 239 -13.10 45.62 -22.61
N LEU C 240 -13.39 44.38 -23.03
CA LEU C 240 -12.40 43.31 -22.81
C LEU C 240 -11.23 43.41 -23.78
N LEU C 241 -11.43 44.10 -24.89
CA LEU C 241 -10.41 44.26 -25.92
C LEU C 241 -9.43 45.23 -25.34
N SER C 242 -9.98 46.19 -24.59
CA SER C 242 -9.17 47.23 -24.00
C SER C 242 -8.60 46.77 -22.68
N LEU C 243 -9.24 45.77 -22.09
CA LEU C 243 -8.74 45.20 -20.88
C LEU C 243 -7.46 44.48 -21.20
N VAL C 244 -7.47 43.77 -22.33
CA VAL C 244 -6.28 43.04 -22.74
C VAL C 244 -5.10 43.96 -23.03
N THR C 245 -5.35 45.00 -23.83
CA THR C 245 -4.33 46.01 -24.14
C THR C 245 -3.79 46.78 -22.90
N GLY C 246 -4.64 47.04 -21.92
CA GLY C 246 -4.22 47.75 -20.72
C GLY C 246 -3.21 46.99 -19.87
N THR C 247 -3.49 45.70 -19.64
CA THR C 247 -2.61 44.84 -18.85
C THR C 247 -1.27 44.65 -19.56
N LEU C 248 -1.31 44.28 -20.84
CA LEU C 248 -0.12 44.16 -21.67
C LEU C 248 0.73 45.45 -21.70
N GLY C 249 0.04 46.61 -21.72
CA GLY C 249 0.69 47.91 -21.65
C GLY C 249 1.36 48.16 -20.31
N LYS C 250 0.76 47.63 -19.24
CA LYS C 250 1.36 47.74 -17.92
C LYS C 250 2.66 46.96 -17.94
N PHE C 251 2.62 45.75 -18.51
CA PHE C 251 3.81 44.91 -18.68
C PHE C 251 4.85 45.59 -19.55
N GLY C 252 4.44 46.24 -20.65
CA GLY C 252 5.35 47.00 -21.47
C GLY C 252 6.05 48.15 -20.74
N GLN C 253 5.26 48.91 -19.99
CA GLN C 253 5.81 50.02 -19.22
C GLN C 253 6.81 49.51 -18.19
N ASP C 254 6.49 48.40 -17.52
CA ASP C 254 7.40 47.77 -16.56
C ASP C 254 8.75 47.38 -17.16
N ILE C 255 8.68 46.78 -18.36
CA ILE C 255 9.89 46.29 -19.06
C ILE C 255 10.79 47.47 -19.52
N ALA C 256 10.15 48.51 -20.05
CA ALA C 256 10.83 49.74 -20.45
C ALA C 256 11.53 50.43 -19.28
N LEU C 257 10.82 50.55 -18.16
CA LEU C 257 11.37 51.17 -16.95
C LEU C 257 12.59 50.44 -16.47
N MET C 258 12.47 49.11 -16.43
CA MET C 258 13.53 48.22 -15.97
C MET C 258 14.74 48.35 -16.87
N ALA C 259 14.49 48.56 -18.17
CA ALA C 259 15.57 48.72 -19.12
C ALA C 259 16.33 50.05 -18.93
N GLU C 260 15.59 51.08 -18.54
CA GLU C 260 16.20 52.39 -18.34
C GLU C 260 17.11 52.39 -17.10
N ILE C 261 16.67 51.70 -16.05
CA ILE C 261 17.47 51.46 -14.85
C ILE C 261 18.60 50.50 -15.22
N GLY C 262 18.28 49.53 -16.06
CA GLY C 262 19.28 48.69 -16.72
C GLY C 262 19.96 47.60 -15.92
N SER C 263 19.86 47.63 -14.59
CA SER C 263 20.66 46.70 -13.81
C SER C 263 20.01 45.33 -13.66
N GLU C 264 18.69 45.27 -13.78
CA GLU C 264 17.95 44.03 -13.50
C GLU C 264 17.19 43.42 -14.69
N ILE C 265 17.50 43.83 -15.92
CA ILE C 265 16.99 43.16 -17.12
C ILE C 265 18.07 43.12 -18.21
N ARG C 266 18.04 42.08 -19.04
CA ARG C 266 18.84 42.07 -20.25
C ARG C 266 17.97 41.74 -21.48
N LEU C 267 17.99 42.62 -22.47
CA LEU C 267 17.26 42.39 -23.70
C LEU C 267 18.20 41.91 -24.80
N SER C 268 17.66 41.40 -25.91
CA SER C 268 18.53 40.81 -26.96
C SER C 268 18.15 41.15 -28.41
N GLY C 269 19.11 40.93 -29.32
CA GLY C 269 18.96 41.23 -30.75
C GLY C 269 20.29 41.16 -31.50
N GLY C 270 20.61 39.95 -31.97
CA GLY C 270 21.85 39.66 -32.71
C GLY C 270 22.31 38.22 -32.49
N GLY C 271 22.66 37.92 -31.24
CA GLY C 271 23.06 36.57 -30.85
C GLY C 271 22.54 36.21 -29.48
N HIS C 278 24.25 46.51 -31.34
CA HIS C 278 23.23 46.26 -30.33
C HIS C 278 22.74 47.55 -29.65
N LYS C 279 21.54 48.02 -30.00
CA LYS C 279 20.94 49.19 -29.31
C LYS C 279 19.92 48.82 -28.20
N GLN C 280 19.21 47.70 -28.40
CA GLN C 280 18.21 47.12 -27.47
C GLN C 280 17.10 48.06 -26.97
N ASN C 281 16.80 49.09 -27.79
CA ASN C 281 15.61 49.94 -27.66
C ASN C 281 14.41 49.06 -27.30
N PRO C 282 13.76 49.32 -26.15
CA PRO C 282 12.53 48.66 -25.76
C PRO C 282 11.35 49.18 -26.55
N VAL C 283 11.45 49.09 -27.88
CA VAL C 283 10.43 49.56 -28.78
C VAL C 283 9.15 48.77 -28.57
N ASN C 284 9.25 47.44 -28.62
CA ASN C 284 8.11 46.56 -28.31
C ASN C 284 7.43 46.89 -26.97
N ALA C 285 8.24 47.12 -25.94
CA ALA C 285 7.76 47.54 -24.64
C ALA C 285 7.01 48.89 -24.72
N GLU C 286 7.55 49.82 -25.50
CA GLU C 286 6.96 51.13 -25.62
C GLU C 286 5.67 51.05 -26.37
N THR C 287 5.65 50.22 -27.41
CA THR C 287 4.51 49.99 -28.30
C THR C 287 3.36 49.34 -27.50
N LEU C 288 3.72 48.65 -26.42
CA LEU C 288 2.69 48.11 -25.53
C LEU C 288 1.90 49.23 -24.81
N VAL C 289 2.62 50.25 -24.37
CA VAL C 289 1.99 51.41 -23.76
C VAL C 289 1.11 52.15 -24.76
N THR C 290 1.65 52.41 -25.94
CA THR C 290 0.91 53.09 -27.01
C THR C 290 -0.44 52.41 -27.36
N LEU C 291 -0.43 51.09 -27.47
CA LEU C 291 -1.64 50.33 -27.80
C LEU C 291 -2.65 50.30 -26.67
N ALA C 292 -2.15 50.26 -25.42
CA ALA C 292 -3.01 50.45 -24.26
C ALA C 292 -3.68 51.80 -24.29
N ARG C 293 -2.92 52.86 -24.58
CA ARG C 293 -3.49 54.21 -24.54
C ARG C 293 -4.47 54.51 -25.66
N PHE C 294 -4.22 53.88 -26.80
CA PHE C 294 -5.09 53.96 -27.96
C PHE C 294 -6.46 53.34 -27.63
N ASN C 295 -6.44 52.12 -27.09
CA ASN C 295 -7.70 51.45 -26.78
C ASN C 295 -8.42 52.05 -25.57
N ALA C 296 -7.69 52.71 -24.70
CA ALA C 296 -8.31 53.43 -23.60
C ALA C 296 -9.00 54.71 -24.09
N VAL C 297 -8.64 55.14 -25.29
CA VAL C 297 -9.33 56.24 -25.92
C VAL C 297 -10.52 55.68 -26.71
N GLN C 298 -10.29 54.73 -27.60
CA GLN C 298 -11.37 54.23 -28.49
C GLN C 298 -12.61 53.65 -27.80
N ILE C 299 -12.45 53.05 -26.63
CA ILE C 299 -13.58 52.54 -25.84
C ILE C 299 -14.69 53.60 -25.62
N SER C 300 -14.30 54.87 -25.56
CA SER C 300 -15.25 55.96 -25.41
C SER C 300 -16.16 56.13 -26.64
N ALA C 301 -15.67 55.78 -27.82
CA ALA C 301 -16.50 55.82 -29.03
C ALA C 301 -17.65 54.83 -28.94
N LEU C 302 -17.33 53.64 -28.44
CA LEU C 302 -18.28 52.55 -28.35
C LEU C 302 -19.33 52.80 -27.27
N HIS C 303 -18.95 53.55 -26.24
CA HIS C 303 -19.92 53.91 -25.24
C HIS C 303 -20.83 55.07 -25.67
N GLN C 304 -20.29 56.03 -26.42
CA GLN C 304 -21.12 57.12 -26.92
C GLN C 304 -22.17 56.54 -27.85
N SER C 305 -21.76 55.51 -28.57
CA SER C 305 -22.62 54.68 -29.38
C SER C 305 -23.62 53.76 -28.68
N LEU C 306 -23.88 53.95 -27.40
CA LEU C 306 -24.96 53.23 -26.73
C LEU C 306 -26.25 54.02 -26.88
N VAL C 307 -26.10 55.32 -27.12
CA VAL C 307 -27.22 56.23 -27.27
C VAL C 307 -27.64 56.21 -28.73
N GLN C 308 -28.45 55.22 -29.09
CA GLN C 308 -28.94 55.04 -30.47
C GLN C 308 -30.46 55.20 -30.56
N GLU C 309 -30.88 56.40 -30.90
CA GLU C 309 -32.28 56.79 -30.92
C GLU C 309 -33.16 55.93 -31.84
N GLN C 310 -34.37 55.70 -31.34
CA GLN C 310 -35.47 55.15 -32.10
C GLN C 310 -35.22 53.69 -32.53
N GLU C 311 -35.64 53.32 -33.74
CA GLU C 311 -35.63 51.91 -34.10
C GLU C 311 -34.28 51.59 -34.73
N ARG C 312 -33.65 52.63 -35.28
CA ARG C 312 -32.33 52.54 -35.86
C ARG C 312 -31.69 53.93 -36.00
N SER C 313 -30.40 53.98 -35.69
CA SER C 313 -29.67 55.21 -35.64
C SER C 313 -28.36 55.10 -36.42
N GLY C 314 -28.24 55.84 -37.51
CA GLY C 314 -26.99 55.86 -38.28
C GLY C 314 -25.82 56.49 -37.55
N ALA C 315 -26.09 57.52 -36.76
CA ALA C 315 -25.05 58.28 -36.12
C ALA C 315 -24.24 57.43 -35.13
N GLY C 316 -24.93 56.64 -34.31
CA GLY C 316 -24.23 55.78 -33.33
C GLY C 316 -23.70 54.50 -33.95
N TRP C 317 -24.41 54.03 -34.98
CA TRP C 317 -24.04 52.80 -35.68
C TRP C 317 -22.75 52.99 -36.49
N MET C 318 -22.62 54.12 -37.20
CA MET C 318 -21.40 54.39 -37.98
C MET C 318 -20.15 54.68 -37.16
N LEU C 319 -20.32 55.22 -35.95
CA LEU C 319 -19.18 55.43 -35.04
C LEU C 319 -18.59 54.09 -34.68
N GLU C 320 -19.44 53.08 -34.55
CA GLU C 320 -18.97 51.73 -34.39
C GLU C 320 -18.16 51.29 -35.61
N TRP C 321 -18.56 51.66 -36.81
CA TRP C 321 -17.82 51.22 -37.99
C TRP C 321 -16.43 51.84 -38.06
N LEU C 322 -16.40 53.15 -37.85
CA LEU C 322 -15.15 53.93 -37.72
C LEU C 322 -14.11 53.35 -36.75
N THR C 323 -14.55 52.80 -35.62
CA THR C 323 -13.64 52.54 -34.50
C THR C 323 -13.42 51.10 -34.03
N LEU C 324 -14.49 50.30 -33.96
CA LEU C 324 -14.35 48.90 -33.46
C LEU C 324 -13.30 47.98 -34.14
N PRO C 325 -13.24 47.94 -35.50
CA PRO C 325 -12.16 47.13 -36.10
C PRO C 325 -10.72 47.47 -35.63
N GLN C 326 -10.42 48.75 -35.44
CA GLN C 326 -9.10 49.15 -34.95
C GLN C 326 -8.88 48.75 -33.50
N MET C 327 -9.93 48.72 -32.68
CA MET C 327 -9.82 48.21 -31.32
C MET C 327 -9.43 46.75 -31.26
N VAL C 328 -10.02 45.92 -32.13
CA VAL C 328 -9.71 44.48 -32.06
C VAL C 328 -8.33 44.25 -32.62
N THR C 329 -7.92 45.13 -33.53
CA THR C 329 -6.61 45.05 -34.16
C THR C 329 -5.51 45.55 -33.23
N ALA C 330 -5.83 46.59 -32.48
CA ALA C 330 -4.98 47.02 -31.39
C ALA C 330 -4.74 45.83 -30.46
N THR C 331 -5.80 45.08 -30.17
CA THR C 331 -5.69 43.98 -29.21
C THR C 331 -4.81 42.84 -29.73
N GLY C 332 -5.03 42.46 -30.99
CA GLY C 332 -4.28 41.38 -31.60
C GLY C 332 -2.83 41.73 -31.82
N THR C 333 -2.57 42.99 -32.22
CA THR C 333 -1.21 43.51 -32.39
C THR C 333 -0.47 43.62 -31.04
N SER C 334 -1.17 44.02 -29.99
CA SER C 334 -0.58 44.03 -28.69
C SER C 334 -0.18 42.62 -28.25
N LEU C 335 -0.95 41.61 -28.66
CA LEU C 335 -0.58 40.24 -28.33
C LEU C 335 0.66 39.80 -29.14
N LEU C 336 0.66 40.15 -30.42
CA LEU C 336 1.80 39.93 -31.32
C LEU C 336 3.08 40.63 -30.87
N VAL C 337 2.95 41.85 -30.35
CA VAL C 337 4.10 42.65 -29.93
C VAL C 337 4.65 42.18 -28.57
N ALA C 338 3.76 41.82 -27.66
CA ALA C 338 4.13 41.32 -26.34
C ALA C 338 4.86 39.99 -26.42
N GLU C 339 4.41 39.14 -27.35
CA GLU C 339 5.02 37.85 -27.58
C GLU C 339 6.45 38.04 -28.12
N ARG C 340 6.63 39.13 -28.87
CA ARG C 340 7.95 39.51 -29.38
C ARG C 340 8.86 40.08 -28.29
N LEU C 341 8.31 40.91 -27.41
CA LEU C 341 9.09 41.48 -26.31
C LEU C 341 9.60 40.38 -25.36
N ALA C 342 8.72 39.44 -25.01
CA ALA C 342 9.10 38.31 -24.15
C ALA C 342 10.26 37.51 -24.71
N ALA C 343 10.28 37.28 -26.03
CA ALA C 343 11.40 36.58 -26.69
C ALA C 343 12.73 37.33 -26.58
N GLN C 344 12.67 38.64 -26.36
CA GLN C 344 13.88 39.43 -26.21
C GLN C 344 14.42 39.41 -24.77
N ILE C 345 13.56 39.06 -23.80
CA ILE C 345 13.94 39.10 -22.38
C ILE C 345 14.82 37.91 -21.95
N ASP C 346 16.14 38.12 -21.94
CA ASP C 346 17.08 37.02 -21.67
C ASP C 346 17.32 36.78 -20.18
N ARG C 347 17.28 37.85 -19.38
CA ARG C 347 17.35 37.68 -17.94
C ARG C 347 16.40 38.66 -17.24
N LEU C 348 15.71 38.16 -16.21
CA LEU C 348 15.06 38.99 -15.22
C LEU C 348 15.73 38.72 -13.88
N GLY C 349 16.09 39.78 -13.16
CA GLY C 349 16.67 39.65 -11.83
C GLY C 349 18.08 40.21 -11.74
N ALA C 350 18.57 40.38 -10.50
CA ALA C 350 19.87 41.01 -10.22
C ALA C 350 21.03 40.02 -10.35
N SER D 2 -20.44 74.41 -6.12
CA SER D 2 -19.35 73.41 -6.18
C SER D 2 -19.13 73.03 -7.63
N LEU D 3 -18.11 72.23 -7.88
CA LEU D 3 -17.72 71.97 -9.28
C LEU D 3 -18.72 71.03 -9.96
N SER D 4 -19.29 70.15 -9.17
CA SER D 4 -20.17 69.14 -9.67
C SER D 4 -21.63 69.45 -9.38
N PRO D 5 -22.45 69.48 -10.44
CA PRO D 5 -23.89 69.63 -10.35
C PRO D 5 -24.61 68.61 -9.47
N PHE D 6 -24.09 67.38 -9.36
CA PHE D 6 -24.63 66.36 -8.42
C PHE D 6 -24.67 66.86 -6.96
N GLU D 7 -23.67 67.66 -6.57
CA GLU D 7 -23.46 68.07 -5.17
C GLU D 7 -23.81 69.55 -4.94
N HIS D 8 -24.22 70.22 -6.01
CA HIS D 8 -24.36 71.66 -6.09
C HIS D 8 -25.62 72.13 -5.40
N PRO D 9 -25.50 73.17 -4.54
CA PRO D 9 -26.60 73.73 -3.74
C PRO D 9 -27.92 74.02 -4.45
N PHE D 10 -27.90 74.32 -5.75
CA PHE D 10 -29.14 74.39 -6.52
C PHE D 10 -29.26 73.45 -7.71
N LEU D 11 -28.15 73.06 -8.31
CA LEU D 11 -28.23 72.16 -9.45
C LEU D 11 -28.58 70.70 -9.05
N SER D 12 -28.50 70.40 -7.76
CA SER D 12 -28.87 69.08 -7.25
C SER D 12 -30.35 68.79 -7.37
N GLY D 13 -31.18 69.84 -7.42
CA GLY D 13 -32.61 69.66 -7.67
C GLY D 13 -32.86 68.85 -8.96
N LEU D 14 -31.94 68.95 -9.90
CA LEU D 14 -31.92 68.07 -11.05
C LEU D 14 -31.03 66.85 -10.80
N PHE D 15 -29.78 67.08 -10.41
CA PHE D 15 -28.71 66.08 -10.49
C PHE D 15 -28.38 65.38 -9.18
N GLY D 16 -29.10 65.72 -8.12
CA GLY D 16 -28.76 65.23 -6.79
C GLY D 16 -29.04 63.75 -6.59
N ASP D 17 -28.30 63.18 -5.65
CA ASP D 17 -28.46 61.80 -5.26
C ASP D 17 -27.72 61.65 -3.93
N SER D 18 -28.27 62.25 -2.88
CA SER D 18 -27.63 62.24 -1.59
C SER D 18 -27.34 60.84 -1.03
N GLU D 19 -28.17 59.86 -1.38
CA GLU D 19 -27.97 58.49 -0.91
C GLU D 19 -26.71 57.83 -1.48
N ILE D 20 -26.43 58.06 -2.75
CA ILE D 20 -25.23 57.50 -3.37
C ILE D 20 -23.99 58.36 -3.05
N ILE D 21 -24.21 59.63 -2.72
CA ILE D 21 -23.12 60.56 -2.47
C ILE D 21 -22.55 60.38 -1.08
N GLU D 22 -23.39 60.00 -0.11
CA GLU D 22 -22.94 59.87 1.29
C GLU D 22 -21.93 58.75 1.39
N LEU D 23 -21.98 57.84 0.41
CA LEU D 23 -21.05 56.73 0.30
C LEU D 23 -19.62 57.18 -0.07
N PHE D 24 -19.43 58.45 -0.44
CA PHE D 24 -18.13 58.99 -0.83
C PHE D 24 -17.68 60.15 0.01
N SER D 25 -18.38 60.34 1.13
CA SER D 25 -18.03 61.33 2.11
C SER D 25 -16.73 60.94 2.79
N ALA D 26 -16.14 61.90 3.50
CA ALA D 26 -14.91 61.68 4.24
C ALA D 26 -15.23 60.73 5.37
N LYS D 27 -16.35 60.95 6.03
CA LYS D 27 -16.81 60.08 7.14
C LYS D 27 -17.07 58.61 6.73
N ALA D 28 -17.70 58.38 5.58
CA ALA D 28 -17.95 57.00 5.14
C ALA D 28 -16.64 56.26 4.74
N ASP D 29 -15.73 57.01 4.12
CA ASP D 29 -14.37 56.52 3.92
C ASP D 29 -13.68 56.19 5.28
N ILE D 30 -13.68 57.14 6.22
CA ILE D 30 -13.04 56.93 7.51
C ILE D 30 -13.60 55.68 8.20
N ASP D 31 -14.92 55.58 8.30
CA ASP D 31 -15.60 54.44 8.92
C ASP D 31 -15.27 53.10 8.27
N ALA D 32 -15.16 53.09 6.95
CA ALA D 32 -14.72 51.88 6.24
C ALA D 32 -13.25 51.52 6.57
N MET D 33 -12.39 52.54 6.67
CA MET D 33 -11.01 52.34 7.07
C MET D 33 -10.87 51.85 8.54
N ILE D 34 -11.77 52.31 9.40
CA ILE D 34 -11.96 51.75 10.72
C ILE D 34 -12.32 50.26 10.67
N ARG D 35 -13.21 49.90 9.76
CA ARG D 35 -13.62 48.50 9.60
C ARG D 35 -12.50 47.62 9.07
N PHE D 36 -11.65 48.18 8.21
CA PHE D 36 -10.41 47.52 7.79
C PHE D 36 -9.49 47.19 8.97
N GLU D 37 -9.16 48.15 9.82
CA GLU D 37 -8.15 47.90 10.88
C GLU D 37 -8.63 47.11 12.11
N THR D 38 -9.91 47.29 12.47
CA THR D 38 -10.64 46.45 13.44
C THR D 38 -10.46 44.99 13.05
N ALA D 39 -10.86 44.70 11.81
CA ALA D 39 -10.95 43.35 11.29
C ALA D 39 -9.59 42.72 11.00
N LEU D 40 -8.62 43.58 10.65
CA LEU D 40 -7.27 43.15 10.37
C LEU D 40 -6.66 42.63 11.64
N ALA D 41 -6.93 43.32 12.74
CA ALA D 41 -6.47 42.92 14.07
C ALA D 41 -7.10 41.62 14.51
N GLN D 42 -8.36 41.43 14.14
CA GLN D 42 -9.04 40.20 14.48
C GLN D 42 -8.51 39.04 13.67
N ALA D 43 -8.26 39.29 12.39
CA ALA D 43 -7.71 38.29 11.47
C ALA D 43 -6.33 37.81 11.92
N GLU D 44 -5.51 38.76 12.34
CA GLU D 44 -4.18 38.42 12.84
C GLU D 44 -4.17 37.81 14.24
N ALA D 45 -5.24 38.00 15.01
CA ALA D 45 -5.32 37.36 16.34
C ALA D 45 -5.69 35.90 16.16
N GLU D 46 -6.67 35.68 15.29
CA GLU D 46 -7.10 34.37 14.83
C GLU D 46 -5.94 33.56 14.24
N ALA D 47 -5.09 34.25 13.47
CA ALA D 47 -3.90 33.64 12.89
C ALA D 47 -2.81 33.30 13.89
N SER D 48 -2.90 33.86 15.10
CA SER D 48 -1.90 33.74 16.18
C SER D 48 -0.63 34.58 16.02
N ILE D 49 -0.73 35.73 15.36
CA ILE D 49 0.46 36.61 15.26
C ILE D 49 0.74 37.30 16.61
N PHE D 50 -0.26 37.99 17.15
CA PHE D 50 -0.19 38.49 18.52
C PHE D 50 -1.29 37.82 19.33
N ALA D 51 -1.59 38.37 20.50
CA ALA D 51 -2.52 37.72 21.41
C ALA D 51 -3.98 38.01 21.05
N ASP D 52 -4.89 37.88 22.01
CA ASP D 52 -6.31 38.07 21.72
C ASP D 52 -6.92 39.27 22.42
N ASP D 53 -6.41 39.64 23.59
CA ASP D 53 -6.87 40.87 24.20
C ASP D 53 -6.21 42.07 23.55
N GLU D 54 -5.20 41.82 22.73
CA GLU D 54 -4.61 42.86 21.93
C GLU D 54 -5.53 43.24 20.75
N ALA D 55 -6.21 42.26 20.18
CA ALA D 55 -7.18 42.57 19.14
C ALA D 55 -8.41 43.22 19.76
N GLU D 56 -8.90 42.65 20.85
CA GLU D 56 -10.02 43.20 21.60
C GLU D 56 -9.82 44.69 22.02
N ALA D 57 -8.57 45.05 22.32
CA ALA D 57 -8.17 46.44 22.55
C ALA D 57 -8.32 47.32 21.30
N ILE D 58 -7.88 46.83 20.15
CA ILE D 58 -8.03 47.58 18.92
C ILE D 58 -9.51 47.75 18.57
N VAL D 59 -10.24 46.63 18.49
CA VAL D 59 -11.69 46.56 18.20
C VAL D 59 -12.56 47.54 18.97
N SER D 60 -12.40 47.61 20.29
CA SER D 60 -13.24 48.49 21.09
C SER D 60 -12.58 49.86 21.23
N GLY D 61 -11.27 49.92 21.03
CA GLY D 61 -10.55 51.19 21.09
C GLY D 61 -10.98 52.08 19.95
N LEU D 62 -11.28 51.45 18.81
CA LEU D 62 -11.73 52.15 17.60
C LEU D 62 -13.24 52.05 17.39
N SER D 63 -14.00 51.87 18.47
N SER D 63 -14.00 51.86 18.46
CA SER D 63 -15.46 51.73 18.38
CA SER D 63 -15.46 51.75 18.37
C SER D 63 -16.17 53.09 18.38
C SER D 63 -16.15 53.10 18.34
N GLU D 64 -15.61 54.06 19.08
CA GLU D 64 -16.21 55.40 19.15
C GLU D 64 -15.38 56.43 18.36
N PHE D 65 -14.43 55.92 17.56
CA PHE D 65 -13.41 56.72 16.87
C PHE D 65 -13.93 57.73 15.87
N ALA D 66 -13.74 59.01 16.18
CA ALA D 66 -13.96 60.08 15.22
C ALA D 66 -12.63 60.82 15.08
N ALA D 67 -12.27 61.09 13.82
CA ALA D 67 -10.96 61.59 13.46
C ALA D 67 -10.93 63.11 13.33
N ASP D 68 -9.84 63.73 13.80
CA ASP D 68 -9.49 65.14 13.52
C ASP D 68 -9.18 65.30 12.01
N MET D 69 -10.18 65.76 11.25
CA MET D 69 -10.09 66.03 9.82
C MET D 69 -9.03 67.07 9.42
N SER D 70 -8.86 68.14 10.20
CA SER D 70 -7.80 69.13 9.90
C SER D 70 -6.43 68.47 9.76
N ALA D 71 -6.02 67.77 10.82
CA ALA D 71 -4.80 66.97 10.84
C ALA D 71 -4.72 65.93 9.72
N LEU D 72 -5.88 65.37 9.32
CA LEU D 72 -5.93 64.37 8.25
C LEU D 72 -5.50 65.00 6.93
N ARG D 73 -6.10 66.14 6.64
CA ARG D 73 -5.82 66.96 5.46
C ARG D 73 -4.36 67.39 5.42
N HIS D 74 -3.85 67.83 6.57
CA HIS D 74 -2.46 68.25 6.73
C HIS D 74 -1.51 67.05 6.54
N GLY D 75 -1.98 65.87 6.92
CA GLY D 75 -1.27 64.61 6.67
C GLY D 75 -1.19 64.26 5.20
N VAL D 76 -2.28 64.35 4.43
CA VAL D 76 -2.14 64.20 2.98
C VAL D 76 -1.35 65.36 2.36
N ALA D 77 -1.35 66.52 3.03
CA ALA D 77 -0.50 67.63 2.62
C ALA D 77 0.98 67.36 2.93
N LYS D 78 1.26 66.41 3.82
CA LYS D 78 2.65 66.04 4.05
C LYS D 78 3.07 64.79 3.28
N ASP D 79 2.13 63.88 3.00
CA ASP D 79 2.44 62.54 2.49
C ASP D 79 1.85 62.20 1.10
N GLY D 80 0.75 62.86 0.72
CA GLY D 80 0.04 62.53 -0.52
C GLY D 80 -1.10 61.55 -0.28
N VAL D 81 -1.17 61.08 0.95
CA VAL D 81 -1.99 59.93 1.26
C VAL D 81 -2.37 60.06 2.76
N VAL D 82 -3.62 59.69 3.08
CA VAL D 82 -4.26 59.92 4.38
C VAL D 82 -3.74 59.09 5.57
N VAL D 83 -3.53 57.81 5.25
CA VAL D 83 -3.34 56.76 6.27
C VAL D 83 -2.19 56.88 7.26
N PRO D 84 -0.97 57.33 6.86
CA PRO D 84 0.03 57.53 7.92
C PRO D 84 -0.36 58.48 9.09
N GLU D 85 -1.18 59.50 8.82
CA GLU D 85 -1.71 60.36 9.86
C GLU D 85 -2.92 59.68 10.54
N LEU D 86 -3.75 59.02 9.74
CA LEU D 86 -4.95 58.40 10.27
C LEU D 86 -4.58 57.36 11.32
N ILE D 87 -3.73 56.42 10.89
CA ILE D 87 -3.11 55.43 11.76
C ILE D 87 -2.52 56.05 13.01
N ARG D 88 -1.92 57.25 12.92
CA ARG D 88 -1.33 57.88 14.12
C ARG D 88 -2.39 58.15 15.20
N GLN D 89 -3.45 58.86 14.82
CA GLN D 89 -4.66 59.02 15.67
C GLN D 89 -5.34 57.72 16.10
N MET D 90 -5.53 56.80 15.15
CA MET D 90 -6.01 55.44 15.43
C MET D 90 -5.21 54.75 16.54
N ARG D 91 -3.87 54.86 16.48
CA ARG D 91 -2.95 54.35 17.53
C ARG D 91 -3.10 55.03 18.88
N ALA D 92 -3.40 56.32 18.87
CA ALA D 92 -3.56 57.07 20.10
C ALA D 92 -4.84 56.73 20.88
N ALA D 93 -5.79 56.02 20.25
CA ALA D 93 -7.03 55.61 20.94
C ALA D 93 -6.97 54.19 21.50
N VAL D 94 -5.97 53.43 21.08
CA VAL D 94 -5.77 52.08 21.62
C VAL D 94 -4.78 52.07 22.80
N ALA D 95 -5.24 51.59 23.96
CA ALA D 95 -4.42 51.56 25.19
C ALA D 95 -3.42 50.42 25.16
N GLY D 96 -2.27 50.62 25.79
CA GLY D 96 -1.26 49.58 25.89
C GLY D 96 -0.54 49.25 24.59
N GLN D 97 0.14 48.10 24.57
CA GLN D 97 0.99 47.69 23.44
C GLN D 97 0.25 47.29 22.17
N ALA D 98 -1.06 47.07 22.28
CA ALA D 98 -1.86 46.75 21.11
C ALA D 98 -1.92 47.93 20.12
N ALA D 99 -1.52 49.12 20.58
CA ALA D 99 -1.41 50.29 19.71
C ALA D 99 -0.33 50.09 18.67
N ASP D 100 0.77 49.44 19.05
CA ASP D 100 1.82 49.01 18.12
C ASP D 100 1.31 48.11 16.99
N LYS D 101 0.30 47.29 17.27
CA LYS D 101 -0.14 46.29 16.32
C LYS D 101 -1.17 46.74 15.27
N VAL D 102 -1.74 47.95 15.38
CA VAL D 102 -2.65 48.43 14.32
C VAL D 102 -1.86 48.61 13.02
N HIS D 103 -2.49 48.22 11.91
CA HIS D 103 -1.92 48.35 10.54
C HIS D 103 -0.75 47.38 10.26
N PHE D 104 -0.50 46.44 11.16
CA PHE D 104 0.68 45.57 11.00
C PHE D 104 0.50 44.73 9.75
N GLY D 105 1.46 44.83 8.84
CA GLY D 105 1.47 44.03 7.61
C GLY D 105 0.74 44.72 6.49
N ALA D 106 0.01 45.79 6.82
CA ALA D 106 -0.75 46.54 5.85
C ALA D 106 0.01 47.75 5.35
N THR D 107 -0.32 48.20 4.15
CA THR D 107 0.21 49.43 3.58
C THR D 107 -0.94 50.41 3.38
N SER D 108 -0.64 51.61 2.87
CA SER D 108 -1.64 52.64 2.61
C SER D 108 -2.62 52.22 1.52
N GLN D 109 -2.13 51.58 0.46
CA GLN D 109 -2.97 51.21 -0.64
C GLN D 109 -3.98 50.11 -0.25
N ASP D 110 -3.60 49.30 0.74
CA ASP D 110 -4.48 48.24 1.31
C ASP D 110 -5.74 48.81 1.96
N VAL D 111 -5.53 49.84 2.79
CA VAL D 111 -6.61 50.43 3.53
C VAL D 111 -7.43 51.37 2.63
N ILE D 112 -6.76 52.09 1.73
CA ILE D 112 -7.48 52.96 0.81
C ILE D 112 -8.35 52.16 -0.16
N ASP D 113 -7.77 51.18 -0.85
CA ASP D 113 -8.55 50.40 -1.83
C ASP D 113 -9.60 49.50 -1.21
N THR D 114 -9.41 49.08 0.05
CA THR D 114 -10.40 48.20 0.65
C THR D 114 -11.64 49.02 0.99
N SER D 115 -11.39 50.12 1.68
CA SER D 115 -12.43 51.09 1.96
C SER D 115 -13.26 51.41 0.76
N LEU D 116 -12.60 51.68 -0.37
CA LEU D 116 -13.33 51.97 -1.61
C LEU D 116 -14.23 50.80 -1.99
N MET D 117 -13.65 49.60 -2.08
CA MET D 117 -14.39 48.41 -2.49
C MET D 117 -15.65 48.19 -1.64
N LEU D 118 -15.50 48.42 -0.33
CA LEU D 118 -16.59 48.29 0.63
C LEU D 118 -17.74 49.25 0.35
N ARG D 119 -17.39 50.52 0.07
CA ARG D 119 -18.38 51.53 -0.23
C ARG D 119 -18.97 51.37 -1.63
N LEU D 120 -18.17 50.87 -2.57
CA LEU D 120 -18.65 50.57 -3.94
C LEU D 120 -19.67 49.45 -3.94
N LYS D 121 -19.51 48.51 -3.01
CA LYS D 121 -20.40 47.37 -2.84
C LYS D 121 -21.77 47.81 -2.32
N MET D 122 -21.78 48.69 -1.30
CA MET D 122 -23.01 49.35 -0.87
C MET D 122 -23.64 50.14 -2.03
N ALA D 123 -22.81 50.93 -2.71
CA ALA D 123 -23.25 51.69 -3.91
C ALA D 123 -23.90 50.79 -4.96
N ALA D 124 -23.32 49.64 -5.21
CA ALA D 124 -23.82 48.70 -6.21
C ALA D 124 -25.11 47.99 -5.79
N GLU D 125 -25.34 47.85 -4.48
CA GLU D 125 -26.60 47.29 -3.98
C GLU D 125 -27.77 48.24 -4.25
N ILE D 126 -27.64 49.48 -3.76
CA ILE D 126 -28.57 50.60 -4.07
C ILE D 126 -28.89 50.66 -5.57
N ILE D 127 -27.82 50.71 -6.38
CA ILE D 127 -27.95 50.70 -7.82
C ILE D 127 -28.76 49.50 -8.36
N ALA D 128 -28.42 48.30 -7.89
CA ALA D 128 -29.14 47.07 -8.25
C ALA D 128 -30.65 47.10 -7.91
N THR D 129 -30.98 47.68 -6.75
CA THR D 129 -32.35 47.79 -6.28
C THR D 129 -33.20 48.70 -7.19
N ARG D 130 -32.71 49.93 -7.38
CA ARG D 130 -33.31 50.96 -8.22
C ARG D 130 -33.39 50.51 -9.66
N LEU D 131 -32.40 49.72 -10.08
CA LEU D 131 -32.44 49.19 -11.43
C LEU D 131 -33.57 48.15 -11.55
N GLY D 132 -33.69 47.27 -10.54
CA GLY D 132 -34.76 46.28 -10.50
C GLY D 132 -36.13 46.95 -10.46
N HIS D 133 -36.21 48.02 -9.67
CA HIS D 133 -37.42 48.79 -9.60
C HIS D 133 -37.90 49.47 -10.93
N LEU D 134 -36.95 49.99 -11.70
CA LEU D 134 -37.25 50.78 -12.87
C LEU D 134 -37.64 49.86 -14.02
N ILE D 135 -37.08 48.65 -14.02
CA ILE D 135 -37.56 47.59 -14.87
C ILE D 135 -39.04 47.30 -14.59
N ASP D 136 -39.42 47.27 -13.31
CA ASP D 136 -40.82 47.07 -13.01
C ASP D 136 -41.68 48.28 -13.40
N THR D 137 -41.15 49.48 -13.23
CA THR D 137 -41.88 50.70 -13.57
C THR D 137 -42.11 50.83 -15.07
N LEU D 138 -41.05 50.65 -15.83
CA LEU D 138 -41.13 50.63 -17.28
C LEU D 138 -42.00 49.46 -17.80
N GLY D 139 -41.90 48.28 -17.17
CA GLY D 139 -42.69 47.11 -17.58
C GLY D 139 -44.17 47.35 -17.36
N ASP D 140 -44.47 48.06 -16.26
CA ASP D 140 -45.81 48.57 -16.01
C ASP D 140 -46.34 49.47 -17.12
N LEU D 141 -45.53 50.46 -17.52
CA LEU D 141 -45.91 51.32 -18.64
C LEU D 141 -46.07 50.54 -19.96
N ALA D 142 -45.29 49.49 -20.11
CA ALA D 142 -45.40 48.61 -21.27
C ALA D 142 -46.70 47.79 -21.30
N SER D 143 -47.21 47.36 -20.15
CA SER D 143 -48.47 46.61 -20.14
C SER D 143 -49.69 47.50 -19.99
N ARG D 144 -49.48 48.74 -19.53
CA ARG D 144 -50.55 49.72 -19.45
C ARG D 144 -50.82 50.30 -20.82
N ASP D 145 -49.74 50.68 -21.51
CA ASP D 145 -49.86 51.42 -22.75
C ASP D 145 -49.52 50.60 -24.01
N GLY D 146 -48.81 49.49 -23.83
CA GLY D 146 -48.21 48.72 -24.93
C GLY D 146 -49.06 48.15 -26.05
N HIS D 147 -50.38 48.12 -25.87
CA HIS D 147 -51.30 47.76 -26.95
C HIS D 147 -51.32 48.84 -28.06
N LYS D 148 -50.90 50.06 -27.73
CA LYS D 148 -51.08 51.26 -28.58
C LYS D 148 -50.15 51.37 -29.80
N PRO D 149 -50.67 51.90 -30.92
CA PRO D 149 -49.85 52.14 -32.12
C PRO D 149 -48.73 53.18 -31.91
N LEU D 150 -47.64 53.03 -32.68
CA LEU D 150 -46.50 53.93 -32.64
C LEU D 150 -45.96 54.07 -34.04
N THR D 151 -45.57 55.28 -34.42
CA THR D 151 -44.93 55.44 -35.71
C THR D 151 -43.51 55.05 -35.46
N GLY D 152 -43.01 54.09 -36.23
CA GLY D 152 -41.65 53.63 -36.08
C GLY D 152 -40.75 54.60 -36.81
N TYR D 153 -39.49 54.64 -36.42
CA TYR D 153 -38.56 55.60 -36.98
C TYR D 153 -37.18 54.98 -37.10
N THR D 154 -36.72 54.79 -38.32
CA THR D 154 -35.38 54.24 -38.54
C THR D 154 -34.55 55.22 -39.33
N ARG D 155 -33.34 55.52 -38.83
CA ARG D 155 -32.38 56.45 -39.47
C ARG D 155 -33.05 57.77 -39.80
N MET D 156 -33.59 58.37 -38.75
CA MET D 156 -34.22 59.70 -38.75
C MET D 156 -35.34 59.93 -39.78
N GLN D 157 -36.04 58.87 -40.14
CA GLN D 157 -37.17 58.93 -41.06
C GLN D 157 -38.29 58.03 -40.57
N ALA D 158 -39.53 58.46 -40.74
CA ALA D 158 -40.67 57.66 -40.36
C ALA D 158 -40.72 56.37 -41.17
N ALA D 159 -40.88 55.25 -40.46
CA ALA D 159 -40.96 53.93 -41.05
C ALA D 159 -42.33 53.34 -40.75
N ILE D 160 -42.49 52.02 -40.95
CA ILE D 160 -43.75 51.35 -40.67
C ILE D 160 -44.19 51.43 -39.18
N GLY D 161 -45.48 51.16 -38.98
CA GLY D 161 -46.07 51.20 -37.63
C GLY D 161 -45.62 50.06 -36.74
N ILE D 162 -45.36 50.38 -35.48
CA ILE D 162 -45.05 49.37 -34.50
C ILE D 162 -46.04 49.54 -33.35
N THR D 163 -45.80 48.91 -32.20
CA THR D 163 -46.56 49.22 -31.00
C THR D 163 -45.62 49.76 -29.93
N VAL D 164 -46.18 50.43 -28.93
CA VAL D 164 -45.46 50.87 -27.71
C VAL D 164 -44.65 49.74 -27.08
N ALA D 165 -45.24 48.55 -26.95
CA ALA D 165 -44.55 47.34 -26.44
C ALA D 165 -43.29 46.95 -27.22
N ASP D 166 -43.27 47.26 -28.52
CA ASP D 166 -42.11 47.00 -29.35
C ASP D 166 -40.91 47.89 -28.98
N ARG D 167 -41.20 49.17 -28.80
CA ARG D 167 -40.19 50.16 -28.48
C ARG D 167 -39.78 50.05 -27.01
N ALA D 168 -40.72 49.65 -26.15
CA ALA D 168 -40.47 49.51 -24.72
C ALA D 168 -39.46 48.41 -24.46
N ALA D 169 -39.57 47.32 -25.23
CA ALA D 169 -38.62 46.20 -25.25
C ALA D 169 -37.17 46.67 -25.33
N GLY D 170 -36.91 47.64 -26.21
CA GLY D 170 -35.58 48.21 -26.39
C GLY D 170 -35.06 48.97 -25.19
N TRP D 171 -35.96 49.44 -24.33
CA TRP D 171 -35.52 50.09 -23.10
C TRP D 171 -35.36 49.08 -21.99
N ILE D 172 -36.23 48.07 -21.95
CA ILE D 172 -36.32 47.21 -20.78
C ILE D 172 -35.28 46.12 -20.83
N ALA D 173 -35.23 45.44 -21.97
CA ALA D 173 -34.35 44.29 -22.15
C ALA D 173 -32.88 44.49 -21.77
N PRO D 174 -32.23 45.61 -22.21
CA PRO D 174 -30.86 45.80 -21.79
C PRO D 174 -30.68 46.06 -20.28
N LEU D 175 -31.67 46.68 -19.64
CA LEU D 175 -31.64 46.91 -18.20
C LEU D 175 -31.64 45.59 -17.42
N GLU D 176 -32.43 44.62 -17.89
CA GLU D 176 -32.42 43.27 -17.30
C GLU D 176 -31.12 42.53 -17.57
N ARG D 177 -30.49 42.85 -18.69
CA ARG D 177 -29.10 42.42 -18.88
C ARG D 177 -28.14 43.07 -17.87
N HIS D 178 -28.27 44.37 -17.60
CA HIS D 178 -27.35 45.02 -16.65
C HIS D 178 -27.57 44.59 -15.20
N LEU D 179 -28.80 44.17 -14.85
CA LEU D 179 -29.07 43.67 -13.51
C LEU D 179 -28.29 42.36 -13.34
N LEU D 180 -28.39 41.54 -14.37
CA LEU D 180 -27.72 40.27 -14.45
C LEU D 180 -26.19 40.42 -14.40
N ARG D 181 -25.68 41.45 -15.08
CA ARG D 181 -24.25 41.75 -15.13
C ARG D 181 -23.78 42.26 -13.79
N LEU D 182 -24.65 43.00 -13.10
CA LEU D 182 -24.30 43.53 -11.80
C LEU D 182 -24.32 42.43 -10.73
N GLU D 183 -25.28 41.52 -10.86
CA GLU D 183 -25.38 40.45 -9.89
C GLU D 183 -24.27 39.42 -10.05
N THR D 184 -23.80 39.24 -11.28
CA THR D 184 -22.65 38.40 -11.60
C THR D 184 -21.40 39.03 -10.98
N PHE D 185 -21.27 40.33 -11.17
CA PHE D 185 -20.12 41.06 -10.66
C PHE D 185 -20.03 41.04 -9.14
N ALA D 186 -21.15 41.20 -8.46
CA ALA D 186 -21.13 41.32 -7.00
C ALA D 186 -20.94 40.01 -6.24
N GLN D 187 -20.78 38.91 -6.96
CA GLN D 187 -20.40 37.62 -6.38
C GLN D 187 -19.00 37.67 -5.82
N ASN D 188 -18.03 38.07 -6.64
CA ASN D 188 -16.70 38.41 -6.14
C ASN D 188 -15.91 39.50 -6.87
N GLY D 189 -16.57 40.62 -7.19
CA GLY D 189 -15.88 41.76 -7.78
C GLY D 189 -15.39 42.75 -6.75
N PHE D 190 -15.90 42.62 -5.51
CA PHE D 190 -15.56 43.55 -4.46
C PHE D 190 -14.53 42.91 -3.54
N ALA D 191 -13.27 43.33 -3.71
CA ALA D 191 -12.16 42.54 -3.24
C ALA D 191 -11.44 43.16 -2.06
N LEU D 192 -10.78 42.34 -1.26
CA LEU D 192 -9.92 42.88 -0.24
C LEU D 192 -8.61 43.34 -0.86
N GLN D 193 -8.13 44.52 -0.48
CA GLN D 193 -6.77 44.85 -0.83
C GLN D 193 -5.93 44.56 0.39
N PHE D 194 -5.05 43.56 0.26
CA PHE D 194 -4.12 43.19 1.29
C PHE D 194 -2.82 42.66 0.69
N GLY D 195 -1.91 43.60 0.39
CA GLY D 195 -0.61 43.28 -0.15
C GLY D 195 0.64 43.63 0.61
N GLY D 196 0.57 44.61 1.50
CA GLY D 196 1.80 45.04 2.19
C GLY D 196 2.55 46.03 1.33
N ALA D 197 3.71 46.48 1.81
CA ALA D 197 4.48 47.56 1.14
C ALA D 197 4.71 47.33 -0.36
N ALA D 198 5.28 46.19 -0.72
CA ALA D 198 5.57 45.95 -2.12
C ALA D 198 4.79 44.77 -2.72
N GLY D 199 3.58 44.56 -2.20
CA GLY D 199 2.68 43.53 -2.70
C GLY D 199 3.01 42.09 -2.34
N THR D 200 3.91 41.88 -1.38
CA THR D 200 4.33 40.53 -1.00
C THR D 200 4.03 40.10 0.43
N LEU D 201 3.41 40.99 1.23
CA LEU D 201 3.02 40.74 2.63
C LEU D 201 4.17 40.15 3.36
N GLU D 202 5.27 40.88 3.33
CA GLU D 202 6.52 40.43 3.84
C GLU D 202 6.50 40.35 5.37
N LYS D 203 5.51 40.98 6.02
CA LYS D 203 5.48 40.97 7.51
C LYS D 203 4.80 39.71 8.04
N LEU D 204 3.97 39.07 7.21
CA LEU D 204 3.17 37.94 7.67
C LEU D 204 3.77 36.54 7.53
N GLY D 205 4.75 36.37 6.65
CA GLY D 205 5.39 35.07 6.43
C GLY D 205 4.43 34.09 5.78
N ASP D 206 4.38 32.88 6.33
CA ASP D 206 3.48 31.81 5.86
C ASP D 206 2.04 32.12 6.18
N ASN D 207 1.85 32.92 7.22
CA ASN D 207 0.54 33.28 7.74
C ASN D 207 -0.26 34.22 6.86
N ALA D 208 0.41 34.75 5.83
CA ALA D 208 -0.20 35.62 4.83
C ALA D 208 -1.51 35.04 4.30
N GLY D 209 -1.49 33.75 3.95
CA GLY D 209 -2.64 33.06 3.39
C GLY D 209 -3.87 33.06 4.27
N ALA D 210 -3.69 32.71 5.54
CA ALA D 210 -4.77 32.63 6.53
C ALA D 210 -5.44 33.98 6.79
N VAL D 211 -4.63 34.95 7.27
CA VAL D 211 -5.05 36.34 7.51
C VAL D 211 -5.87 36.89 6.35
N ARG D 212 -5.36 36.76 5.12
CA ARG D 212 -6.03 37.34 3.96
C ARG D 212 -7.41 36.72 3.71
N ALA D 213 -7.55 35.41 3.92
CA ALA D 213 -8.85 34.75 3.76
C ALA D 213 -9.85 35.16 4.84
N ASP D 214 -9.33 35.39 6.05
CA ASP D 214 -10.16 35.69 7.21
C ASP D 214 -10.52 37.15 7.29
N LEU D 215 -9.64 38.00 6.80
CA LEU D 215 -9.90 39.42 6.75
C LEU D 215 -10.95 39.69 5.67
N ALA D 216 -10.86 38.98 4.55
CA ALA D 216 -11.89 39.07 3.52
C ALA D 216 -13.23 38.53 4.04
N LYS D 217 -13.17 37.45 4.83
CA LYS D 217 -14.37 36.85 5.42
C LYS D 217 -15.14 37.88 6.25
N ARG D 218 -14.46 38.50 7.21
CA ARG D 218 -15.06 39.46 8.13
C ARG D 218 -15.63 40.72 7.50
N LEU D 219 -15.15 41.07 6.31
CA LEU D 219 -15.58 42.30 5.64
C LEU D 219 -16.61 42.09 4.53
N GLY D 220 -16.95 40.83 4.21
CA GLY D 220 -17.90 40.53 3.14
C GLY D 220 -17.31 40.84 1.77
N LEU D 221 -16.01 40.64 1.66
CA LEU D 221 -15.28 40.95 0.45
C LEU D 221 -14.64 39.69 -0.07
N ALA D 222 -14.31 39.69 -1.36
CA ALA D 222 -13.68 38.53 -1.99
C ALA D 222 -12.25 38.37 -1.53
N ASP D 223 -11.78 37.14 -1.63
CA ASP D 223 -10.40 36.83 -1.26
C ASP D 223 -9.54 36.58 -2.50
N ARG D 224 -9.21 37.67 -3.19
CA ARG D 224 -8.39 37.55 -4.38
C ARG D 224 -7.02 38.12 -4.03
N PRO D 225 -5.93 37.43 -4.43
CA PRO D 225 -4.56 37.86 -4.08
C PRO D 225 -4.25 39.29 -4.55
N GLN D 226 -3.41 40.03 -3.80
CA GLN D 226 -3.30 41.49 -3.94
C GLN D 226 -3.18 42.04 -5.38
N TRP D 227 -3.90 43.12 -5.63
CA TRP D 227 -4.04 43.67 -6.97
C TRP D 227 -3.77 45.17 -6.98
N HIS D 228 -2.77 45.59 -6.22
CA HIS D 228 -2.24 46.96 -6.25
C HIS D 228 -2.09 47.60 -7.65
N ASN D 229 -1.46 46.88 -8.57
CA ASN D 229 -1.24 47.38 -9.94
C ASN D 229 -2.08 46.67 -11.00
N GLN D 230 -3.13 45.99 -10.54
CA GLN D 230 -4.02 45.21 -11.41
C GLN D 230 -5.41 45.79 -11.26
N ARG D 231 -5.83 46.61 -12.22
CA ARG D 231 -7.02 47.44 -11.99
C ARG D 231 -8.09 47.02 -12.96
N ASP D 232 -7.90 45.83 -13.49
CA ASP D 232 -8.79 45.29 -14.49
C ASP D 232 -10.25 45.31 -14.00
N GLY D 233 -10.48 44.89 -12.75
CA GLY D 233 -11.82 44.78 -12.17
C GLY D 233 -12.52 46.12 -11.97
N ILE D 234 -11.77 47.13 -11.54
CA ILE D 234 -12.23 48.53 -11.49
C ILE D 234 -12.74 49.03 -12.85
N ALA D 235 -11.98 48.77 -13.91
CA ALA D 235 -12.38 49.13 -15.26
C ALA D 235 -13.65 48.39 -15.73
N GLU D 236 -13.74 47.11 -15.35
CA GLU D 236 -14.90 46.27 -15.64
C GLU D 236 -16.14 46.81 -14.91
N PHE D 237 -15.92 47.31 -13.69
CA PHE D 237 -17.00 47.80 -12.87
C PHE D 237 -17.49 49.11 -13.46
N ALA D 238 -16.52 49.90 -13.93
CA ALA D 238 -16.81 51.19 -14.51
C ALA D 238 -17.54 51.03 -15.84
N ASN D 239 -17.26 49.96 -16.55
CA ASN D 239 -17.93 49.63 -17.80
C ASN D 239 -19.41 49.37 -17.60
N LEU D 240 -19.72 48.68 -16.49
CA LEU D 240 -21.11 48.40 -16.08
C LEU D 240 -21.83 49.69 -15.78
N LEU D 241 -21.18 50.56 -15.02
CA LEU D 241 -21.71 51.87 -14.67
C LEU D 241 -22.09 52.71 -15.92
N SER D 242 -21.31 52.61 -16.98
CA SER D 242 -21.58 53.32 -18.23
C SER D 242 -22.58 52.58 -19.11
N LEU D 243 -22.71 51.28 -18.87
CA LEU D 243 -23.68 50.46 -19.57
C LEU D 243 -25.08 50.89 -19.19
N VAL D 244 -25.32 51.07 -17.90
CA VAL D 244 -26.62 51.53 -17.45
C VAL D 244 -26.91 52.96 -17.93
N THR D 245 -25.97 53.89 -17.70
CA THR D 245 -26.17 55.28 -18.18
C THR D 245 -26.39 55.34 -19.69
N GLY D 246 -25.68 54.51 -20.42
CA GLY D 246 -25.86 54.43 -21.86
C GLY D 246 -27.23 53.93 -22.30
N THR D 247 -27.84 52.99 -21.57
CA THR D 247 -29.17 52.48 -21.93
C THR D 247 -30.25 53.47 -21.55
N LEU D 248 -30.08 54.09 -20.39
CA LEU D 248 -31.02 55.13 -19.99
C LEU D 248 -30.91 56.36 -20.88
N GLY D 249 -29.73 56.56 -21.44
CA GLY D 249 -29.50 57.65 -22.39
C GLY D 249 -30.22 57.46 -23.71
N LYS D 250 -30.33 56.20 -24.12
CA LYS D 250 -31.11 55.83 -25.29
C LYS D 250 -32.59 56.10 -25.01
N PHE D 251 -33.01 55.83 -23.78
CA PHE D 251 -34.41 55.98 -23.38
C PHE D 251 -34.78 57.46 -23.28
N GLY D 252 -33.94 58.25 -22.59
CA GLY D 252 -34.01 59.72 -22.66
C GLY D 252 -34.07 60.30 -24.08
N GLN D 253 -33.28 59.76 -24.99
CA GLN D 253 -33.30 60.22 -26.37
C GLN D 253 -34.60 59.91 -27.10
N ASP D 254 -35.14 58.71 -26.91
CA ASP D 254 -36.44 58.31 -27.49
C ASP D 254 -37.61 59.16 -27.00
N ILE D 255 -37.59 59.49 -25.72
CA ILE D 255 -38.63 60.27 -25.07
C ILE D 255 -38.50 61.72 -25.50
N ALA D 256 -37.28 62.17 -25.79
CA ALA D 256 -37.09 63.55 -26.23
C ALA D 256 -37.60 63.73 -27.63
N LEU D 257 -37.24 62.81 -28.52
CA LEU D 257 -37.72 62.83 -29.89
C LEU D 257 -39.21 62.67 -29.90
N MET D 258 -39.76 61.86 -29.00
CA MET D 258 -41.21 61.66 -29.01
C MET D 258 -41.94 62.93 -28.59
N ALA D 259 -41.36 63.66 -27.63
CA ALA D 259 -41.89 64.94 -27.15
C ALA D 259 -41.82 66.03 -28.21
N GLU D 260 -40.72 66.05 -28.98
CA GLU D 260 -40.56 67.04 -30.04
C GLU D 260 -41.61 66.87 -31.16
N ILE D 261 -41.82 65.65 -31.62
CA ILE D 261 -42.87 65.35 -32.60
C ILE D 261 -44.23 65.62 -31.98
N GLY D 262 -44.38 65.12 -30.74
CA GLY D 262 -45.47 65.51 -29.83
C GLY D 262 -46.87 64.97 -30.04
N SER D 263 -47.01 63.87 -30.77
CA SER D 263 -48.34 63.36 -31.05
C SER D 263 -48.52 61.93 -30.59
N GLU D 264 -47.47 61.35 -30.01
CA GLU D 264 -47.47 59.94 -29.63
C GLU D 264 -46.88 59.79 -28.23
N ILE D 265 -46.84 60.90 -27.50
CA ILE D 265 -46.56 60.85 -26.08
C ILE D 265 -47.40 61.95 -25.41
N ARG D 266 -47.62 61.83 -24.10
CA ARG D 266 -48.16 62.91 -23.27
C ARG D 266 -47.36 63.02 -21.97
N LEU D 267 -46.73 64.16 -21.73
CA LEU D 267 -45.85 64.34 -20.57
C LEU D 267 -46.35 65.34 -19.52
N SER D 268 -46.31 64.98 -18.25
CA SER D 268 -46.72 65.91 -17.22
C SER D 268 -45.51 66.36 -16.41
N ASN D 281 -38.76 71.70 -21.89
CA ASN D 281 -39.88 70.93 -21.29
C ASN D 281 -39.63 69.42 -20.94
N PRO D 282 -39.02 68.60 -21.82
CA PRO D 282 -38.63 67.28 -21.31
C PRO D 282 -37.20 67.24 -20.72
N VAL D 283 -36.98 68.07 -19.71
CA VAL D 283 -35.69 68.23 -19.05
C VAL D 283 -35.13 66.89 -18.56
N ASN D 284 -36.01 66.03 -18.06
CA ASN D 284 -35.57 64.75 -17.57
C ASN D 284 -34.99 63.81 -18.62
N ALA D 285 -35.64 63.76 -19.79
CA ALA D 285 -35.19 62.99 -20.95
C ALA D 285 -33.82 63.42 -21.47
N GLU D 286 -33.60 64.74 -21.58
CA GLU D 286 -32.32 65.31 -22.03
C GLU D 286 -31.16 65.00 -21.09
N THR D 287 -31.48 64.97 -19.79
CA THR D 287 -30.52 64.73 -18.75
C THR D 287 -30.07 63.28 -18.84
N LEU D 288 -30.95 62.42 -19.35
CA LEU D 288 -30.53 61.04 -19.55
C LEU D 288 -29.47 60.95 -20.63
N VAL D 289 -29.69 61.66 -21.74
CA VAL D 289 -28.66 61.73 -22.79
C VAL D 289 -27.37 62.35 -22.25
N THR D 290 -27.49 63.36 -21.40
CA THR D 290 -26.35 64.06 -20.83
C THR D 290 -25.48 63.10 -20.05
N LEU D 291 -26.12 62.36 -19.16
CA LEU D 291 -25.41 61.50 -18.18
C LEU D 291 -24.76 60.30 -18.85
N ALA D 292 -25.41 59.88 -19.93
CA ALA D 292 -24.89 58.85 -20.80
C ALA D 292 -23.55 59.26 -21.42
N ARG D 293 -23.48 60.47 -21.98
CA ARG D 293 -22.27 60.92 -22.64
C ARG D 293 -21.18 61.27 -21.64
N PHE D 294 -21.59 61.67 -20.44
CA PHE D 294 -20.66 61.90 -19.35
C PHE D 294 -19.87 60.65 -19.05
N ASN D 295 -20.59 59.59 -18.70
CA ASN D 295 -19.95 58.37 -18.28
C ASN D 295 -19.19 57.70 -19.41
N ALA D 296 -19.70 57.88 -20.64
CA ALA D 296 -19.05 57.43 -21.86
C ALA D 296 -17.71 58.11 -22.14
N VAL D 297 -17.56 59.34 -21.68
CA VAL D 297 -16.26 59.98 -21.67
C VAL D 297 -15.44 59.41 -20.52
N GLN D 298 -15.99 59.45 -19.30
CA GLN D 298 -15.26 59.04 -18.09
C GLN D 298 -14.71 57.61 -18.07
N ILE D 299 -15.29 56.74 -18.87
CA ILE D 299 -14.80 55.36 -19.00
C ILE D 299 -13.33 55.31 -19.48
N SER D 300 -12.90 56.34 -20.20
CA SER D 300 -11.57 56.39 -20.73
C SER D 300 -10.55 56.50 -19.63
N ALA D 301 -10.87 57.33 -18.64
CA ALA D 301 -9.98 57.57 -17.49
C ALA D 301 -9.62 56.31 -16.73
N LEU D 302 -10.60 55.45 -16.52
CA LEU D 302 -10.32 54.20 -15.83
C LEU D 302 -9.70 53.17 -16.73
N HIS D 303 -9.62 53.44 -18.02
CA HIS D 303 -8.82 52.59 -18.87
C HIS D 303 -7.37 53.07 -19.05
N GLN D 304 -7.13 54.37 -19.07
CA GLN D 304 -5.76 54.89 -19.01
C GLN D 304 -5.10 54.61 -17.65
N SER D 305 -5.90 54.32 -16.64
CA SER D 305 -5.36 53.94 -15.37
C SER D 305 -5.13 52.44 -15.27
N LEU D 306 -5.30 51.71 -16.37
CA LEU D 306 -4.88 50.31 -16.38
C LEU D 306 -3.35 50.21 -16.39
N VAL D 307 -2.69 51.18 -17.00
CA VAL D 307 -1.24 51.17 -17.03
C VAL D 307 -0.73 51.76 -15.73
N GLN D 308 -0.55 50.87 -14.75
CA GLN D 308 -0.02 51.24 -13.46
C GLN D 308 1.36 50.59 -13.28
N GLU D 309 2.38 51.40 -13.47
CA GLU D 309 3.76 50.94 -13.54
C GLU D 309 4.32 50.41 -12.20
N GLN D 310 5.13 49.35 -12.33
CA GLN D 310 5.87 48.76 -11.23
C GLN D 310 4.96 48.25 -10.10
N GLU D 311 5.37 48.39 -8.85
CA GLU D 311 4.59 47.83 -7.73
C GLU D 311 3.56 48.81 -7.14
N ARG D 312 3.57 50.05 -7.65
CA ARG D 312 2.61 51.10 -7.24
C ARG D 312 2.83 52.34 -8.05
N SER D 313 1.77 52.77 -8.69
CA SER D 313 1.78 53.94 -9.49
C SER D 313 0.86 54.92 -8.79
N GLY D 314 1.38 56.09 -8.42
CA GLY D 314 0.53 57.16 -7.91
C GLY D 314 -0.27 57.74 -9.06
N ALA D 315 0.35 57.82 -10.24
CA ALA D 315 -0.26 58.55 -11.34
C ALA D 315 -1.55 57.89 -11.77
N GLY D 316 -1.53 56.58 -11.95
CA GLY D 316 -2.70 55.84 -12.45
C GLY D 316 -3.76 55.72 -11.38
N TRP D 317 -3.35 55.27 -10.21
CA TRP D 317 -4.21 55.22 -9.03
C TRP D 317 -4.99 56.50 -8.71
N MET D 318 -4.35 57.66 -8.80
CA MET D 318 -5.03 58.89 -8.41
C MET D 318 -6.03 59.35 -9.42
N LEU D 319 -5.85 58.96 -10.68
CA LEU D 319 -6.81 59.29 -11.72
C LEU D 319 -8.12 58.57 -11.42
N GLU D 320 -8.02 57.48 -10.68
CA GLU D 320 -9.22 56.81 -10.24
C GLU D 320 -9.92 57.55 -9.09
N TRP D 321 -9.20 58.39 -8.38
CA TRP D 321 -9.83 59.11 -7.28
C TRP D 321 -10.62 60.26 -7.87
N LEU D 322 -10.11 60.78 -8.97
CA LEU D 322 -10.74 61.85 -9.69
C LEU D 322 -11.97 61.41 -10.50
N THR D 323 -12.05 60.16 -10.93
CA THR D 323 -13.13 59.84 -11.89
C THR D 323 -14.18 58.83 -11.39
N LEU D 324 -13.74 57.83 -10.62
CA LEU D 324 -14.66 56.77 -10.25
C LEU D 324 -15.96 57.20 -9.50
N PRO D 325 -15.90 57.96 -8.37
CA PRO D 325 -17.18 58.38 -7.76
C PRO D 325 -18.22 59.00 -8.72
N GLN D 326 -17.76 59.85 -9.63
CA GLN D 326 -18.69 60.53 -10.51
C GLN D 326 -19.29 59.61 -11.56
N MET D 327 -18.58 58.53 -11.89
CA MET D 327 -19.19 57.46 -12.64
C MET D 327 -20.33 56.83 -11.85
N VAL D 328 -20.06 56.40 -10.62
CA VAL D 328 -21.14 55.75 -9.86
C VAL D 328 -22.33 56.68 -9.57
N THR D 329 -22.05 57.94 -9.24
CA THR D 329 -23.10 58.92 -8.94
C THR D 329 -23.93 59.29 -10.16
N ALA D 330 -23.30 59.33 -11.33
CA ALA D 330 -23.99 59.58 -12.57
C ALA D 330 -24.95 58.42 -12.91
N THR D 331 -24.55 57.19 -12.55
CA THR D 331 -25.42 56.03 -12.71
C THR D 331 -26.55 56.02 -11.67
N GLY D 332 -26.23 56.51 -10.48
CA GLY D 332 -27.21 56.59 -9.41
C GLY D 332 -28.26 57.60 -9.78
N THR D 333 -27.83 58.85 -9.93
CA THR D 333 -28.64 59.95 -10.45
C THR D 333 -29.44 59.60 -11.69
N SER D 334 -28.81 59.04 -12.71
CA SER D 334 -29.54 58.67 -13.92
C SER D 334 -30.67 57.69 -13.58
N LEU D 335 -30.40 56.75 -12.67
CA LEU D 335 -31.46 55.85 -12.21
C LEU D 335 -32.57 56.59 -11.49
N LEU D 336 -32.22 57.64 -10.75
CA LEU D 336 -33.22 58.53 -10.14
C LEU D 336 -34.01 59.33 -11.20
N VAL D 337 -33.32 59.77 -12.25
CA VAL D 337 -33.87 60.72 -13.19
C VAL D 337 -34.82 60.02 -14.15
N ALA D 338 -34.44 58.81 -14.55
CA ALA D 338 -35.27 57.97 -15.41
C ALA D 338 -36.60 57.59 -14.73
N GLU D 339 -36.56 57.47 -13.42
CA GLU D 339 -37.74 57.10 -12.64
C GLU D 339 -38.69 58.30 -12.54
N ARG D 340 -38.11 59.49 -12.44
CA ARG D 340 -38.89 60.73 -12.46
C ARG D 340 -39.49 60.97 -13.83
N LEU D 341 -38.73 60.62 -14.86
CA LEU D 341 -39.19 60.68 -16.24
C LEU D 341 -40.34 59.70 -16.49
N ALA D 342 -40.23 58.47 -15.97
CA ALA D 342 -41.29 57.48 -16.15
C ALA D 342 -42.63 57.92 -15.52
N ALA D 343 -42.54 58.51 -14.35
CA ALA D 343 -43.68 59.09 -13.63
C ALA D 343 -44.34 60.23 -14.40
N GLN D 344 -43.58 60.91 -15.23
CA GLN D 344 -44.09 61.99 -16.06
C GLN D 344 -44.89 61.49 -17.24
N ILE D 345 -44.74 60.22 -17.62
CA ILE D 345 -45.35 59.70 -18.86
C ILE D 345 -46.82 59.26 -18.69
N ASP D 346 -47.73 60.14 -19.12
CA ASP D 346 -49.17 59.90 -18.99
C ASP D 346 -49.69 58.99 -20.09
N ARG D 347 -49.00 58.97 -21.22
CA ARG D 347 -49.41 58.18 -22.36
C ARG D 347 -48.27 57.97 -23.34
N LEU D 348 -48.02 56.73 -23.72
CA LEU D 348 -47.28 56.42 -24.93
C LEU D 348 -48.26 55.93 -25.99
N GLY D 349 -48.14 56.46 -27.20
CA GLY D 349 -48.90 55.98 -28.35
C GLY D 349 -49.91 56.96 -28.94
N ALA D 350 -50.23 56.75 -30.22
CA ALA D 350 -51.27 57.53 -30.95
C ALA D 350 -52.64 57.59 -30.25
N ASP D 351 -53.48 58.55 -30.67
CA ASP D 351 -54.83 58.69 -30.12
C ASP D 351 -55.93 58.31 -31.12
N SER E 2 16.84 -14.34 1.12
CA SER E 2 16.17 -13.08 1.44
C SER E 2 14.79 -13.07 0.79
N LEU E 3 13.88 -12.24 1.33
CA LEU E 3 12.45 -12.28 1.02
C LEU E 3 12.01 -11.79 -0.36
N SER E 4 12.63 -10.72 -0.86
CA SER E 4 12.30 -10.21 -2.19
C SER E 4 13.43 -10.51 -3.17
N PRO E 5 13.04 -10.95 -4.37
CA PRO E 5 13.86 -11.15 -5.58
C PRO E 5 14.79 -10.00 -5.94
N PHE E 6 14.41 -8.78 -5.56
CA PHE E 6 15.20 -7.58 -5.79
C PHE E 6 16.56 -7.63 -5.11
N GLU E 7 16.57 -8.09 -3.86
CA GLU E 7 17.77 -8.17 -3.06
C GLU E 7 18.20 -9.61 -2.90
N HIS E 8 17.82 -10.44 -3.85
CA HIS E 8 18.13 -11.86 -3.77
C HIS E 8 19.61 -12.07 -4.11
N PRO E 9 20.25 -13.06 -3.47
CA PRO E 9 21.57 -13.49 -3.90
C PRO E 9 21.65 -14.00 -5.34
N PHE E 10 20.60 -14.64 -5.85
CA PHE E 10 20.62 -15.07 -7.24
C PHE E 10 19.51 -14.53 -8.15
N LEU E 11 18.34 -14.21 -7.61
CA LEU E 11 17.22 -13.74 -8.45
C LEU E 11 17.37 -12.28 -8.82
N SER E 12 18.34 -11.61 -8.20
CA SER E 12 18.69 -10.24 -8.56
C SER E 12 19.37 -10.14 -9.92
N GLY E 13 19.63 -11.29 -10.56
CA GLY E 13 20.12 -11.29 -11.93
C GLY E 13 19.00 -10.92 -12.87
N LEU E 14 17.76 -11.06 -12.40
CA LEU E 14 16.62 -10.64 -13.16
C LEU E 14 15.97 -9.41 -12.50
N PHE E 15 16.03 -9.34 -11.18
CA PHE E 15 15.26 -8.33 -10.42
C PHE E 15 16.10 -7.28 -9.70
N GLY E 16 17.42 -7.34 -9.85
CA GLY E 16 18.27 -6.47 -9.06
C GLY E 16 18.33 -5.07 -9.65
N ASP E 17 18.70 -4.15 -8.77
CA ASP E 17 18.80 -2.74 -9.08
C ASP E 17 19.53 -2.13 -7.91
N SER E 18 20.85 -2.29 -7.89
CA SER E 18 21.63 -1.97 -6.70
C SER E 18 21.78 -0.47 -6.47
N GLU E 19 21.71 0.30 -7.54
CA GLU E 19 21.83 1.75 -7.45
C GLU E 19 20.61 2.35 -6.72
N ILE E 20 19.44 1.77 -6.97
CA ILE E 20 18.21 2.15 -6.31
C ILE E 20 18.18 1.63 -4.86
N ILE E 21 18.48 0.34 -4.69
CA ILE E 21 18.45 -0.34 -3.38
C ILE E 21 19.42 0.24 -2.33
N GLU E 22 20.60 0.70 -2.76
N GLU E 22 20.59 0.70 -2.77
CA GLU E 22 21.54 1.34 -1.85
CA GLU E 22 21.54 1.32 -1.84
C GLU E 22 21.20 2.80 -1.56
C GLU E 22 21.02 2.62 -1.25
N LEU E 23 19.95 3.16 -1.84
CA LEU E 23 19.34 4.39 -1.34
C LEU E 23 18.23 4.04 -0.33
N PHE E 24 18.03 2.73 -0.12
CA PHE E 24 17.18 2.22 0.96
C PHE E 24 17.95 1.35 1.93
N SER E 25 19.28 1.45 1.84
CA SER E 25 20.18 0.79 2.77
C SER E 25 20.23 1.58 4.07
N ALA E 26 20.70 0.95 5.12
CA ALA E 26 20.75 1.56 6.44
C ALA E 26 21.75 2.72 6.53
N LYS E 27 22.87 2.63 5.83
CA LYS E 27 23.88 3.68 5.91
C LYS E 27 23.41 4.96 5.23
N ALA E 28 22.70 4.81 4.10
CA ALA E 28 22.06 5.93 3.42
C ALA E 28 21.03 6.57 4.33
N ASP E 29 20.29 5.75 5.07
CA ASP E 29 19.30 6.22 6.03
C ASP E 29 19.99 7.02 7.11
N ILE E 30 20.97 6.40 7.76
CA ILE E 30 21.78 7.02 8.81
C ILE E 30 22.40 8.34 8.32
N ASP E 31 23.03 8.32 7.14
CA ASP E 31 23.68 9.52 6.57
C ASP E 31 22.71 10.66 6.28
N ALA E 32 21.50 10.32 5.83
CA ALA E 32 20.47 11.33 5.58
C ALA E 32 19.91 11.89 6.89
N MET E 33 19.89 11.06 7.93
CA MET E 33 19.52 11.51 9.27
C MET E 33 20.63 12.36 9.92
N ILE E 34 21.88 12.12 9.56
CA ILE E 34 22.99 12.97 10.02
C ILE E 34 22.89 14.36 9.38
N ARG E 35 22.54 14.37 8.08
CA ARG E 35 22.33 15.61 7.33
C ARG E 35 21.23 16.44 7.95
N PHE E 36 20.17 15.78 8.41
CA PHE E 36 19.09 16.43 9.13
C PHE E 36 19.58 17.13 10.39
N GLU E 37 20.24 16.39 11.28
CA GLU E 37 20.69 16.97 12.55
C GLU E 37 21.80 18.00 12.41
N THR E 38 22.60 17.87 11.34
CA THR E 38 23.64 18.86 11.06
C THR E 38 22.97 20.14 10.62
N ALA E 39 22.06 20.03 9.66
CA ALA E 39 21.32 21.20 9.16
C ALA E 39 20.36 21.83 10.18
N LEU E 40 19.92 21.05 11.17
CA LEU E 40 19.09 21.57 12.25
C LEU E 40 19.93 22.36 13.23
N ALA E 41 21.16 21.93 13.41
CA ALA E 41 22.09 22.64 14.27
C ALA E 41 22.51 24.00 13.69
N GLN E 42 22.54 24.09 12.35
CA GLN E 42 22.89 25.33 11.67
C GLN E 42 21.73 26.31 11.70
N ALA E 43 20.52 25.80 11.48
CA ALA E 43 19.33 26.64 11.35
C ALA E 43 18.87 27.25 12.68
N GLU E 44 19.12 26.54 13.77
CA GLU E 44 18.72 27.03 15.10
C GLU E 44 19.67 28.12 15.59
N ALA E 45 20.93 28.02 15.18
CA ALA E 45 21.93 29.04 15.47
C ALA E 45 21.80 30.25 14.54
N GLU E 46 21.21 30.02 13.36
CA GLU E 46 20.92 31.08 12.39
C GLU E 46 19.87 32.03 12.96
N ALA E 47 18.82 31.46 13.55
CA ALA E 47 17.80 32.23 14.25
C ALA E 47 18.12 32.41 15.74
N SER E 48 19.40 32.26 16.11
CA SER E 48 19.94 32.62 17.43
C SER E 48 19.22 32.02 18.65
N ILE E 49 18.98 30.70 18.63
CA ILE E 49 18.35 30.03 19.78
C ILE E 49 19.42 29.78 20.85
N PHE E 50 20.66 29.62 20.39
CA PHE E 50 21.80 29.44 21.28
C PHE E 50 23.05 30.02 20.63
N ALA E 51 24.21 29.43 20.91
CA ALA E 51 25.49 29.93 20.40
C ALA E 51 25.79 29.50 18.96
N ASP E 52 27.01 29.77 18.50
CA ASP E 52 27.43 29.41 17.15
C ASP E 52 28.50 28.34 17.20
N ASP E 53 29.45 28.50 18.13
CA ASP E 53 30.48 27.49 18.38
C ASP E 53 29.92 26.27 19.10
N GLU E 54 28.68 26.40 19.59
CA GLU E 54 27.92 25.25 20.07
C GLU E 54 27.34 24.49 18.90
N ALA E 55 27.06 25.20 17.81
CA ALA E 55 26.57 24.55 16.61
C ALA E 55 27.72 23.97 15.81
N GLU E 56 28.91 24.53 15.99
CA GLU E 56 30.11 24.09 15.26
C GLU E 56 30.58 22.66 15.62
N ALA E 57 30.44 22.29 16.89
CA ALA E 57 30.85 20.96 17.35
C ALA E 57 29.85 19.86 16.97
N ILE E 58 28.79 20.22 16.27
CA ILE E 58 27.83 19.25 15.75
C ILE E 58 28.00 19.08 14.23
N VAL E 59 28.37 20.18 13.57
CA VAL E 59 28.58 20.21 12.11
C VAL E 59 29.77 19.32 11.72
N SER E 60 30.88 19.44 12.46
CA SER E 60 32.07 18.66 12.17
C SER E 60 32.21 17.41 13.06
N GLY E 61 31.45 17.35 14.15
CA GLY E 61 31.50 16.21 15.05
C GLY E 61 30.80 15.00 14.49
N LEU E 62 29.82 15.24 13.63
CA LEU E 62 29.08 14.18 13.00
C LEU E 62 29.54 13.94 11.56
N SER E 63 30.70 14.49 11.21
N SER E 63 30.70 14.49 11.21
CA SER E 63 31.22 14.38 9.85
CA SER E 63 31.23 14.38 9.85
C SER E 63 31.79 12.98 9.58
C SER E 63 31.81 13.00 9.57
N GLU E 64 32.41 12.40 10.59
CA GLU E 64 32.97 11.06 10.48
C GLU E 64 32.23 10.08 11.38
N PHE E 65 30.91 10.19 11.40
CA PHE E 65 30.09 9.36 12.26
C PHE E 65 29.37 8.26 11.51
N ALA E 66 29.76 7.02 11.79
CA ALA E 66 28.93 5.87 11.45
C ALA E 66 28.48 5.25 12.76
N ALA E 67 27.27 4.70 12.79
CA ALA E 67 26.69 4.30 14.06
C ALA E 67 27.06 2.89 14.51
N ASP E 68 26.83 2.60 15.79
CA ASP E 68 26.92 1.25 16.32
C ASP E 68 25.58 0.56 16.07
N MET E 69 25.55 -0.32 15.07
CA MET E 69 24.29 -0.84 14.53
C MET E 69 23.53 -1.76 15.50
N SER E 70 24.29 -2.48 16.34
CA SER E 70 23.70 -3.38 17.35
C SER E 70 22.80 -2.62 18.31
N ALA E 71 23.33 -1.53 18.85
CA ALA E 71 22.58 -0.66 19.75
C ALA E 71 21.39 0.03 19.08
N LEU E 72 21.48 0.27 17.77
CA LEU E 72 20.37 0.86 17.00
C LEU E 72 19.18 -0.09 16.92
N ARG E 73 19.45 -1.35 16.63
CA ARG E 73 18.45 -2.40 16.61
C ARG E 73 17.92 -2.68 18.03
N HIS E 74 18.81 -2.56 19.04
CA HIS E 74 18.42 -2.59 20.47
C HIS E 74 17.51 -1.39 20.81
N GLY E 75 17.72 -0.30 20.09
CA GLY E 75 16.98 0.94 20.28
C GLY E 75 15.58 0.87 19.72
N VAL E 76 15.39 0.21 18.58
CA VAL E 76 14.01 0.08 18.09
C VAL E 76 13.31 -1.08 18.80
N ALA E 77 14.08 -1.96 19.42
CA ALA E 77 13.51 -3.00 20.27
C ALA E 77 12.78 -2.40 21.46
N LYS E 78 13.37 -1.38 22.05
CA LYS E 78 12.77 -0.74 23.21
C LYS E 78 11.75 0.30 22.76
N ASP E 79 12.24 1.39 22.18
CA ASP E 79 11.42 2.57 21.90
C ASP E 79 10.43 2.38 20.74
N GLY E 80 10.76 1.50 19.79
CA GLY E 80 9.86 1.26 18.68
C GLY E 80 10.18 2.11 17.46
N VAL E 81 11.28 2.83 17.56
CA VAL E 81 11.75 3.76 16.54
C VAL E 81 13.27 3.95 16.75
N VAL E 82 14.00 4.29 15.69
CA VAL E 82 15.46 4.36 15.70
C VAL E 82 16.04 5.52 16.49
N VAL E 83 15.35 6.66 16.42
CA VAL E 83 15.96 7.92 16.81
C VAL E 83 16.42 8.17 18.27
N PRO E 84 15.64 7.79 19.32
CA PRO E 84 16.12 8.14 20.67
C PRO E 84 17.50 7.61 21.01
N GLU E 85 17.80 6.39 20.57
CA GLU E 85 19.12 5.79 20.74
C GLU E 85 20.11 6.42 19.77
N LEU E 86 19.66 6.67 18.54
CA LEU E 86 20.49 7.29 17.52
C LEU E 86 20.94 8.68 17.97
N ILE E 87 20.02 9.43 18.55
CA ILE E 87 20.30 10.75 19.10
C ILE E 87 21.29 10.67 20.27
N ARG E 88 21.17 9.63 21.10
CA ARG E 88 22.09 9.39 22.22
C ARG E 88 23.52 9.06 21.73
N GLN E 89 23.62 8.42 20.57
CA GLN E 89 24.92 8.15 19.95
C GLN E 89 25.51 9.39 19.30
N MET E 90 24.66 10.35 18.98
CA MET E 90 25.11 11.63 18.46
C MET E 90 25.43 12.56 19.61
N ARG E 91 24.71 12.43 20.71
CA ARG E 91 24.98 13.18 21.94
C ARG E 91 26.32 12.79 22.59
N ALA E 92 26.81 11.59 22.29
CA ALA E 92 28.14 11.20 22.72
C ALA E 92 29.23 11.73 21.76
N ALA E 93 28.86 11.87 20.49
CA ALA E 93 29.81 12.23 19.43
C ALA E 93 30.12 13.72 19.40
N VAL E 94 29.45 14.48 20.24
CA VAL E 94 29.60 15.92 20.31
C VAL E 94 30.25 16.32 21.64
N ALA E 95 31.25 17.21 21.57
CA ALA E 95 31.99 17.62 22.75
C ALA E 95 31.22 18.63 23.60
N GLY E 96 31.32 18.47 24.91
CA GLY E 96 30.86 19.46 25.89
C GLY E 96 29.38 19.58 26.19
N GLN E 97 28.92 20.82 26.36
CA GLN E 97 27.51 21.11 26.66
C GLN E 97 26.72 21.44 25.40
N ALA E 98 27.40 21.33 24.26
CA ALA E 98 26.79 21.51 22.95
C ALA E 98 26.04 20.24 22.53
N ALA E 99 26.18 19.18 23.32
CA ALA E 99 25.55 17.90 23.07
C ALA E 99 24.11 17.88 23.58
N ASP E 100 23.83 18.73 24.56
CA ASP E 100 22.47 18.91 25.09
C ASP E 100 21.58 19.54 24.02
N LYS E 101 22.16 20.41 23.20
CA LYS E 101 21.39 21.19 22.24
C LYS E 101 21.15 20.50 20.88
N VAL E 102 21.63 19.27 20.70
CA VAL E 102 21.29 18.55 19.47
C VAL E 102 19.88 17.97 19.56
N HIS E 103 19.17 17.97 18.43
CA HIS E 103 17.78 17.52 18.29
C HIS E 103 16.78 18.38 19.08
N PHE E 104 17.13 19.65 19.32
CA PHE E 104 16.24 20.56 20.04
C PHE E 104 15.04 20.85 19.19
N GLY E 105 13.85 20.59 19.73
CA GLY E 105 12.59 20.95 19.07
C GLY E 105 12.15 20.04 17.94
N ALA E 106 12.90 18.98 17.69
CA ALA E 106 12.56 18.01 16.65
C ALA E 106 12.02 16.73 17.27
N THR E 107 11.20 15.99 16.52
CA THR E 107 10.65 14.72 17.00
C THR E 107 11.17 13.55 16.17
N SER E 108 10.86 12.33 16.62
CA SER E 108 11.26 11.10 15.95
C SER E 108 10.75 10.98 14.52
N GLN E 109 9.55 11.45 14.25
CA GLN E 109 8.99 11.36 12.91
C GLN E 109 9.64 12.34 11.93
N ASP E 110 10.15 13.46 12.46
CA ASP E 110 10.80 14.48 11.62
C ASP E 110 12.04 13.91 10.99
N VAL E 111 12.88 13.31 11.84
CA VAL E 111 14.18 12.81 11.42
C VAL E 111 14.03 11.60 10.49
N ILE E 112 12.96 10.83 10.68
CA ILE E 112 12.69 9.68 9.80
C ILE E 112 12.09 10.09 8.44
N ASP E 113 10.99 10.84 8.45
CA ASP E 113 10.33 11.28 7.22
C ASP E 113 11.20 12.19 6.32
N THR E 114 11.99 13.08 6.91
CA THR E 114 12.89 13.93 6.13
C THR E 114 13.96 13.08 5.45
N SER E 115 14.40 12.03 6.14
CA SER E 115 15.36 11.08 5.56
C SER E 115 14.74 10.29 4.44
N LEU E 116 13.44 10.01 4.54
CA LEU E 116 12.76 9.30 3.49
C LEU E 116 12.68 10.21 2.28
N MET E 117 12.27 11.46 2.51
CA MET E 117 12.06 12.43 1.47
C MET E 117 13.34 12.86 0.77
N LEU E 118 14.45 12.82 1.49
CA LEU E 118 15.76 13.06 0.90
C LEU E 118 16.12 11.95 -0.07
N ARG E 119 15.94 10.72 0.40
CA ARG E 119 16.35 9.54 -0.33
C ARG E 119 15.42 9.23 -1.51
N LEU E 120 14.18 9.70 -1.44
CA LEU E 120 13.26 9.54 -2.56
C LEU E 120 13.54 10.54 -3.66
N LYS E 121 14.16 11.67 -3.30
CA LYS E 121 14.47 12.71 -4.27
C LYS E 121 15.56 12.18 -5.17
N MET E 122 16.53 11.51 -4.56
CA MET E 122 17.63 10.87 -5.26
C MET E 122 17.12 9.72 -6.14
N ALA E 123 16.18 8.93 -5.59
CA ALA E 123 15.55 7.84 -6.33
C ALA E 123 14.76 8.33 -7.55
N ALA E 124 14.05 9.44 -7.39
CA ALA E 124 13.28 10.06 -8.45
C ALA E 124 14.14 10.48 -9.62
N GLU E 125 15.30 11.06 -9.33
CA GLU E 125 16.21 11.52 -10.37
C GLU E 125 16.75 10.38 -11.20
N ILE E 126 17.05 9.28 -10.54
CA ILE E 126 17.49 8.07 -11.21
C ILE E 126 16.35 7.53 -12.07
N ILE E 127 15.15 7.48 -11.51
CA ILE E 127 13.95 7.05 -12.24
C ILE E 127 13.65 7.95 -13.45
N ALA E 128 13.83 9.26 -13.29
CA ALA E 128 13.61 10.21 -14.39
C ALA E 128 14.67 10.13 -15.49
N THR E 129 15.94 9.94 -15.12
CA THR E 129 17.01 9.88 -16.10
C THR E 129 16.85 8.62 -16.94
N ARG E 130 16.50 7.52 -16.29
CA ARG E 130 16.27 6.25 -16.96
C ARG E 130 15.06 6.28 -17.90
N LEU E 131 13.99 6.94 -17.45
CA LEU E 131 12.74 7.03 -18.18
C LEU E 131 12.96 7.68 -19.55
N GLY E 132 13.66 8.81 -19.54
CA GLY E 132 13.92 9.55 -20.76
C GLY E 132 14.92 8.87 -21.66
N HIS E 133 15.79 8.05 -21.06
CA HIS E 133 16.77 7.31 -21.81
C HIS E 133 16.08 6.13 -22.48
N LEU E 134 15.06 5.61 -21.83
CA LEU E 134 14.29 4.52 -22.37
C LEU E 134 13.33 5.05 -23.43
N ILE E 135 12.89 6.29 -23.24
CA ILE E 135 12.04 6.98 -24.19
C ILE E 135 12.78 7.17 -25.52
N ASP E 136 14.04 7.57 -25.43
CA ASP E 136 14.92 7.65 -26.59
C ASP E 136 15.15 6.29 -27.22
N THR E 137 15.50 5.31 -26.39
CA THR E 137 15.74 3.92 -26.82
C THR E 137 14.55 3.33 -27.58
N LEU E 138 13.36 3.50 -27.01
CA LEU E 138 12.12 3.07 -27.64
C LEU E 138 11.80 3.92 -28.88
N GLY E 139 12.16 5.20 -28.84
CA GLY E 139 11.92 6.11 -29.96
C GLY E 139 12.81 5.80 -31.14
N ASP E 140 14.01 5.29 -30.87
CA ASP E 140 14.97 4.87 -31.89
C ASP E 140 14.44 3.64 -32.61
N LEU E 141 13.84 2.75 -31.82
CA LEU E 141 13.17 1.55 -32.33
C LEU E 141 11.97 1.90 -33.19
N ALA E 142 11.20 2.89 -32.70
CA ALA E 142 10.04 3.41 -33.38
C ALA E 142 10.36 3.97 -34.76
N SER E 143 11.40 4.79 -34.86
CA SER E 143 11.71 5.36 -36.15
C SER E 143 12.46 4.36 -37.05
N ARG E 144 12.97 3.27 -36.48
CA ARG E 144 13.74 2.31 -37.29
C ARG E 144 12.89 1.36 -38.11
N ASP E 145 11.93 0.73 -37.46
CA ASP E 145 11.08 -0.25 -38.11
C ASP E 145 9.67 0.27 -38.25
N GLY E 146 9.52 1.58 -38.01
CA GLY E 146 8.23 2.27 -37.97
C GLY E 146 7.25 2.10 -39.11
N HIS E 147 7.77 2.06 -40.32
CA HIS E 147 6.96 1.97 -41.52
C HIS E 147 6.63 0.51 -41.91
N LYS E 148 7.14 -0.46 -41.16
CA LYS E 148 6.84 -1.88 -41.44
C LYS E 148 5.45 -2.28 -40.93
N PRO E 149 4.70 -3.06 -41.74
CA PRO E 149 3.33 -3.45 -41.38
C PRO E 149 3.19 -4.40 -40.18
N LEU E 150 2.13 -4.21 -39.41
CA LEU E 150 1.67 -5.17 -38.43
C LEU E 150 0.26 -5.50 -38.81
N THR E 151 -0.23 -6.68 -38.42
CA THR E 151 -1.65 -6.85 -38.36
C THR E 151 -1.97 -6.57 -36.90
N GLY E 152 -2.80 -5.57 -36.67
CA GLY E 152 -3.14 -5.16 -35.32
C GLY E 152 -4.15 -6.12 -34.73
N TYR E 153 -4.22 -6.13 -33.40
CA TYR E 153 -5.13 -7.03 -32.74
C TYR E 153 -6.07 -6.24 -31.88
N THR E 154 -7.38 -6.39 -32.10
CA THR E 154 -8.39 -5.70 -31.29
C THR E 154 -9.26 -6.73 -30.58
N ARG E 155 -9.19 -6.70 -29.25
CA ARG E 155 -9.89 -7.63 -28.36
C ARG E 155 -9.58 -9.10 -28.63
N MET E 156 -8.29 -9.42 -28.68
CA MET E 156 -7.80 -10.79 -28.95
C MET E 156 -8.16 -11.39 -30.32
N GLN E 157 -8.48 -10.56 -31.29
CA GLN E 157 -8.63 -11.05 -32.67
C GLN E 157 -7.85 -10.18 -33.64
N ALA E 158 -7.41 -10.79 -34.73
CA ALA E 158 -6.86 -10.03 -35.85
C ALA E 158 -7.88 -9.02 -36.37
N ALA E 159 -7.40 -7.82 -36.74
CA ALA E 159 -8.29 -6.77 -37.25
C ALA E 159 -7.83 -6.32 -38.63
N ILE E 160 -7.55 -5.03 -38.78
CA ILE E 160 -6.91 -4.51 -39.99
C ILE E 160 -5.42 -4.25 -39.77
N GLY E 161 -4.74 -3.92 -40.86
CA GLY E 161 -3.33 -3.55 -40.83
C GLY E 161 -3.05 -2.18 -40.22
N ILE E 162 -2.00 -2.12 -39.42
CA ILE E 162 -1.41 -0.88 -38.93
C ILE E 162 0.08 -0.96 -39.25
N THR E 163 0.84 0.05 -38.83
CA THR E 163 2.28 -0.03 -38.92
C THR E 163 2.83 -0.11 -37.50
N VAL E 164 4.13 -0.25 -37.40
CA VAL E 164 4.83 -0.39 -36.13
C VAL E 164 4.79 0.88 -35.30
N ALA E 165 4.89 2.03 -35.96
CA ALA E 165 4.87 3.35 -35.31
C ALA E 165 3.57 3.58 -34.56
N ASP E 166 2.48 3.05 -35.12
CA ASP E 166 1.17 3.06 -34.49
C ASP E 166 1.13 2.32 -33.15
N ARG E 167 1.58 1.08 -33.14
CA ARG E 167 1.64 0.28 -31.92
C ARG E 167 2.59 0.90 -30.89
N ALA E 168 3.79 1.27 -31.36
CA ALA E 168 4.85 1.83 -30.51
C ALA E 168 4.50 3.15 -29.83
N ALA E 169 3.60 3.92 -30.44
CA ALA E 169 3.13 5.18 -29.85
C ALA E 169 2.33 4.93 -28.59
N GLY E 170 1.62 3.79 -28.55
CA GLY E 170 0.94 3.35 -27.34
C GLY E 170 1.86 2.87 -26.22
N TRP E 171 3.17 2.86 -26.50
CA TRP E 171 4.18 2.54 -25.49
C TRP E 171 4.91 3.79 -25.05
N ILE E 172 5.27 4.62 -26.03
CA ILE E 172 6.13 5.80 -25.84
C ILE E 172 5.38 7.00 -25.28
N ALA E 173 4.24 7.34 -25.90
CA ALA E 173 3.41 8.46 -25.44
C ALA E 173 3.05 8.51 -23.94
N PRO E 174 2.60 7.37 -23.33
CA PRO E 174 2.36 7.44 -21.89
C PRO E 174 3.61 7.60 -21.07
N LEU E 175 4.71 6.97 -21.50
CA LEU E 175 6.00 7.16 -20.82
C LEU E 175 6.43 8.64 -20.85
N GLU E 176 6.15 9.33 -21.96
CA GLU E 176 6.44 10.75 -22.06
C GLU E 176 5.63 11.58 -21.07
N ARG E 177 4.38 11.19 -20.89
CA ARG E 177 3.51 11.84 -19.92
C ARG E 177 3.96 11.58 -18.48
N HIS E 178 4.38 10.34 -18.19
CA HIS E 178 4.88 9.97 -16.87
C HIS E 178 6.14 10.75 -16.46
N LEU E 179 7.06 10.93 -17.42
CA LEU E 179 8.29 11.71 -17.23
C LEU E 179 7.93 13.16 -16.89
N LEU E 180 6.94 13.71 -17.58
CA LEU E 180 6.48 15.06 -17.30
C LEU E 180 5.79 15.16 -15.93
N ARG E 181 5.01 14.14 -15.59
CA ARG E 181 4.40 14.03 -14.26
C ARG E 181 5.42 13.97 -13.13
N LEU E 182 6.51 13.23 -13.37
CA LEU E 182 7.58 13.08 -12.39
C LEU E 182 8.34 14.38 -12.24
N GLU E 183 8.49 15.12 -13.33
CA GLU E 183 9.17 16.40 -13.28
C GLU E 183 8.33 17.47 -12.57
N THR E 184 7.01 17.33 -12.62
CA THR E 184 6.09 18.22 -11.93
C THR E 184 6.04 17.94 -10.42
N PHE E 185 6.03 16.65 -10.07
CA PHE E 185 6.07 16.25 -8.67
C PHE E 185 7.39 16.68 -8.00
N ALA E 186 8.48 16.63 -8.76
CA ALA E 186 9.82 16.86 -8.23
C ALA E 186 10.04 18.27 -7.68
N GLN E 187 9.43 19.25 -8.35
CA GLN E 187 9.46 20.66 -7.92
C GLN E 187 8.89 20.90 -6.52
N ASN E 188 7.69 20.38 -6.27
CA ASN E 188 7.06 20.57 -4.99
C ASN E 188 6.37 19.31 -4.48
N GLY E 189 7.17 18.44 -3.87
CA GLY E 189 6.66 17.15 -3.43
C GLY E 189 7.59 16.43 -2.46
N PHE E 190 8.88 16.70 -2.58
CA PHE E 190 9.85 16.20 -1.61
C PHE E 190 9.97 17.25 -0.50
N ALA E 191 9.14 17.07 0.51
CA ALA E 191 8.96 18.07 1.53
C ALA E 191 9.78 17.76 2.76
N LEU E 192 10.12 18.80 3.51
CA LEU E 192 10.80 18.61 4.78
C LEU E 192 9.77 18.25 5.83
N GLN E 193 10.05 17.25 6.64
CA GLN E 193 9.20 17.03 7.80
C GLN E 193 9.80 17.71 9.03
N PHE E 194 9.01 18.58 9.65
CA PHE E 194 9.44 19.36 10.82
C PHE E 194 8.20 19.84 11.60
N GLY E 195 7.90 19.15 12.70
CA GLY E 195 6.70 19.44 13.48
C GLY E 195 6.86 19.45 14.98
N GLY E 196 7.83 18.71 15.51
CA GLY E 196 7.98 18.62 16.96
C GLY E 196 7.05 17.54 17.52
N ALA E 197 6.93 17.47 18.84
CA ALA E 197 6.30 16.34 19.52
C ALA E 197 4.85 16.08 19.10
N ALA E 198 4.11 17.16 18.87
CA ALA E 198 2.73 17.02 18.42
C ALA E 198 2.43 17.89 17.21
N GLY E 199 3.45 18.52 16.63
CA GLY E 199 3.26 19.16 15.34
C GLY E 199 2.95 20.62 15.50
N THR E 200 3.57 21.24 16.48
CA THR E 200 3.26 22.62 16.78
C THR E 200 4.54 23.41 16.94
N LEU E 201 5.65 22.67 17.09
CA LEU E 201 6.99 23.21 17.37
C LEU E 201 6.99 24.00 18.67
N GLU E 202 6.59 23.29 19.72
CA GLU E 202 6.28 23.86 21.02
C GLU E 202 7.52 24.46 21.73
N LYS E 203 8.70 24.07 21.28
CA LYS E 203 9.94 24.54 21.89
C LYS E 203 10.54 25.73 21.12
N LEU E 204 10.08 25.91 19.88
CA LEU E 204 10.56 27.01 19.03
C LEU E 204 9.73 28.30 19.14
N GLY E 205 8.41 28.18 19.14
CA GLY E 205 7.54 29.34 19.34
C GLY E 205 7.38 30.22 18.12
N ASP E 206 7.78 31.48 18.25
CA ASP E 206 7.67 32.46 17.15
C ASP E 206 8.71 32.19 16.08
N ASN E 207 9.83 31.61 16.52
CA ASN E 207 10.96 31.30 15.64
C ASN E 207 10.75 30.07 14.76
N ALA E 208 9.63 29.38 14.95
CA ALA E 208 9.34 28.15 14.23
C ALA E 208 9.30 28.29 12.71
N GLY E 209 8.73 29.40 12.23
CA GLY E 209 8.50 29.60 10.80
C GLY E 209 9.78 29.74 10.01
N ALA E 210 10.67 30.59 10.50
CA ALA E 210 11.94 30.90 9.82
C ALA E 210 12.93 29.74 9.85
N VAL E 211 13.03 29.08 11.00
CA VAL E 211 13.89 27.91 11.18
C VAL E 211 13.52 26.82 10.20
N ARG E 212 12.22 26.59 10.01
CA ARG E 212 11.71 25.61 9.05
C ARG E 212 12.07 25.95 7.60
N ALA E 213 12.17 27.24 7.30
CA ALA E 213 12.52 27.67 5.95
C ALA E 213 13.99 27.47 5.66
N ASP E 214 14.82 27.73 6.66
CA ASP E 214 16.27 27.60 6.54
C ASP E 214 16.67 26.12 6.49
N LEU E 215 15.93 25.28 7.21
CA LEU E 215 16.18 23.85 7.26
C LEU E 215 15.80 23.18 5.94
N ALA E 216 14.74 23.70 5.31
CA ALA E 216 14.31 23.17 4.03
C ALA E 216 15.28 23.58 2.93
N LYS E 217 15.86 24.76 3.08
CA LYS E 217 16.82 25.29 2.12
C LYS E 217 18.18 24.62 2.24
N ARG E 218 18.49 24.10 3.42
CA ARG E 218 19.78 23.47 3.65
C ARG E 218 19.81 22.01 3.19
N LEU E 219 18.64 21.42 3.02
CA LEU E 219 18.54 20.01 2.64
C LEU E 219 17.96 19.86 1.23
N GLY E 220 17.64 20.99 0.60
CA GLY E 220 17.17 21.01 -0.79
C GLY E 220 15.77 20.46 -0.94
N LEU E 221 14.95 20.63 0.10
CA LEU E 221 13.60 20.11 0.09
C LEU E 221 12.60 21.25 0.12
N ALA E 222 11.38 20.98 -0.33
CA ALA E 222 10.32 21.97 -0.33
C ALA E 222 9.83 22.25 1.09
N ASP E 223 9.63 23.53 1.39
CA ASP E 223 9.17 24.00 2.69
C ASP E 223 7.64 24.00 2.72
N ARG E 224 7.07 23.19 3.60
CA ARG E 224 5.62 23.16 3.77
C ARG E 224 5.40 22.83 5.26
N PRO E 225 4.21 23.12 5.84
CA PRO E 225 4.03 22.72 7.24
C PRO E 225 4.04 21.21 7.46
N GLN E 226 4.20 20.79 8.72
CA GLN E 226 4.25 19.37 9.09
C GLN E 226 3.08 18.56 8.52
N TRP E 227 3.40 17.37 8.05
CA TRP E 227 2.40 16.51 7.46
C TRP E 227 2.50 15.17 8.15
N HIS E 228 2.58 15.23 9.48
CA HIS E 228 2.68 14.02 10.31
C HIS E 228 1.53 13.05 10.04
N ASN E 229 0.33 13.60 9.84
CA ASN E 229 -0.82 12.77 9.53
C ASN E 229 -1.39 13.02 8.13
N GLN E 230 -0.65 13.73 7.29
CA GLN E 230 -1.12 14.07 5.95
C GLN E 230 -0.26 13.40 4.91
N ARG E 231 -0.68 12.24 4.45
CA ARG E 231 0.19 11.41 3.63
C ARG E 231 -0.26 11.41 2.19
N ASP E 232 -0.79 12.54 1.74
CA ASP E 232 -1.30 12.65 0.37
C ASP E 232 -0.20 12.74 -0.65
N GLY E 233 0.96 13.25 -0.21
CA GLY E 233 2.13 13.38 -1.06
C GLY E 233 2.74 12.03 -1.32
N ILE E 234 2.66 11.15 -0.33
CA ILE E 234 3.21 9.79 -0.43
C ILE E 234 2.37 8.93 -1.37
N ALA E 235 1.05 9.07 -1.29
CA ALA E 235 0.17 8.29 -2.12
C ALA E 235 0.24 8.77 -3.57
N GLU E 236 0.46 10.06 -3.75
CA GLU E 236 0.67 10.65 -5.09
C GLU E 236 1.96 10.19 -5.77
N PHE E 237 3.04 10.09 -5.00
CA PHE E 237 4.28 9.55 -5.52
C PHE E 237 4.09 8.10 -5.88
N ALA E 238 3.39 7.35 -5.03
CA ALA E 238 3.18 5.92 -5.22
C ALA E 238 2.35 5.62 -6.46
N ASN E 239 1.38 6.51 -6.72
CA ASN E 239 0.62 6.45 -7.95
C ASN E 239 1.48 6.60 -9.20
N LEU E 240 2.49 7.46 -9.11
CA LEU E 240 3.38 7.74 -10.23
C LEU E 240 4.21 6.51 -10.53
N LEU E 241 4.80 5.98 -9.45
CA LEU E 241 5.54 4.72 -9.42
C LEU E 241 4.82 3.59 -10.18
N SER E 242 3.55 3.38 -9.88
CA SER E 242 2.78 2.31 -10.49
C SER E 242 2.35 2.63 -11.91
N LEU E 243 2.16 3.91 -12.19
CA LEU E 243 1.78 4.37 -13.53
C LEU E 243 2.85 4.06 -14.57
N VAL E 244 4.10 4.06 -14.12
CA VAL E 244 5.21 3.69 -14.97
C VAL E 244 5.23 2.19 -15.20
N THR E 245 5.08 1.43 -14.10
CA THR E 245 5.09 -0.04 -14.16
C THR E 245 3.95 -0.60 -15.00
N GLY E 246 2.78 0.03 -14.90
CA GLY E 246 1.62 -0.35 -15.68
C GLY E 246 1.83 -0.22 -17.18
N THR E 247 2.45 0.89 -17.60
CA THR E 247 2.68 1.19 -19.01
C THR E 247 3.82 0.33 -19.59
N LEU E 248 4.88 0.13 -18.81
CA LEU E 248 5.96 -0.82 -19.17
C LEU E 248 5.50 -2.27 -19.16
N GLY E 249 4.56 -2.60 -18.30
CA GLY E 249 3.96 -3.92 -18.26
C GLY E 249 3.05 -4.12 -19.46
N LYS E 250 2.47 -3.04 -19.94
CA LYS E 250 1.62 -3.06 -21.12
C LYS E 250 2.51 -3.26 -22.32
N PHE E 251 3.68 -2.61 -22.29
CA PHE E 251 4.74 -2.81 -23.30
C PHE E 251 5.20 -4.26 -23.32
N GLY E 252 5.46 -4.81 -22.13
CA GLY E 252 5.92 -6.16 -21.97
C GLY E 252 4.91 -7.16 -22.49
N GLN E 253 3.64 -6.92 -22.21
CA GLN E 253 2.60 -7.85 -22.58
C GLN E 253 2.40 -7.88 -24.08
N ASP E 254 2.75 -6.77 -24.74
CA ASP E 254 2.69 -6.69 -26.18
C ASP E 254 3.83 -7.49 -26.79
N ILE E 255 5.03 -7.34 -26.24
CA ILE E 255 6.23 -7.95 -26.80
C ILE E 255 6.14 -9.45 -26.65
N ALA E 256 5.72 -9.86 -25.46
CA ALA E 256 5.42 -11.24 -25.16
C ALA E 256 4.41 -11.83 -26.14
N LEU E 257 3.31 -11.11 -26.40
CA LEU E 257 2.29 -11.62 -27.30
C LEU E 257 2.74 -11.78 -28.74
N MET E 258 3.60 -10.88 -29.21
CA MET E 258 4.13 -10.93 -30.59
C MET E 258 5.16 -12.04 -30.75
N ALA E 259 5.81 -12.40 -29.65
CA ALA E 259 6.77 -13.49 -29.60
C ALA E 259 6.06 -14.83 -29.70
N GLU E 260 4.90 -14.95 -29.07
CA GLU E 260 4.14 -16.19 -29.12
C GLU E 260 3.51 -16.37 -30.50
N ILE E 261 3.13 -15.26 -31.12
CA ILE E 261 2.61 -15.28 -32.47
C ILE E 261 3.78 -15.67 -33.37
N GLY E 262 4.91 -15.01 -33.17
CA GLY E 262 6.19 -15.44 -33.73
C GLY E 262 6.58 -14.87 -35.08
N SER E 263 5.68 -14.12 -35.71
CA SER E 263 5.88 -13.72 -37.11
C SER E 263 6.23 -12.24 -37.31
N GLU E 264 5.86 -11.40 -36.36
CA GLU E 264 6.06 -9.97 -36.54
C GLU E 264 7.11 -9.38 -35.60
N ILE E 265 7.98 -10.24 -35.06
CA ILE E 265 9.03 -9.79 -34.16
C ILE E 265 10.26 -10.68 -34.39
N ARG E 266 11.42 -10.26 -33.91
CA ARG E 266 12.61 -11.10 -33.93
C ARG E 266 13.42 -10.81 -32.69
N LEU E 267 13.81 -11.87 -31.97
CA LEU E 267 14.34 -11.73 -30.62
C LEU E 267 15.71 -12.41 -30.41
N SER E 268 16.56 -11.72 -29.65
CA SER E 268 17.90 -12.22 -29.33
C SER E 268 18.22 -11.94 -27.86
N ASN E 281 12.03 -17.47 -24.28
CA ASN E 281 12.69 -16.25 -24.73
C ASN E 281 12.17 -14.90 -24.18
N PRO E 282 10.85 -14.74 -23.97
CA PRO E 282 10.50 -13.37 -23.65
C PRO E 282 10.36 -13.17 -22.15
N VAL E 283 11.36 -13.64 -21.40
CA VAL E 283 11.41 -13.53 -19.96
C VAL E 283 11.34 -12.09 -19.48
N ASN E 284 12.16 -11.22 -20.05
CA ASN E 284 12.12 -9.78 -19.78
C ASN E 284 10.73 -9.16 -20.00
N ALA E 285 10.11 -9.50 -21.14
CA ALA E 285 8.73 -9.09 -21.44
C ALA E 285 7.76 -9.55 -20.36
N GLU E 286 7.85 -10.82 -19.96
CA GLU E 286 6.98 -11.38 -18.92
C GLU E 286 7.23 -10.70 -17.58
N THR E 287 8.49 -10.36 -17.33
CA THR E 287 8.90 -9.76 -16.07
C THR E 287 8.26 -8.38 -15.86
N LEU E 288 8.15 -7.60 -16.93
CA LEU E 288 7.49 -6.30 -16.86
C LEU E 288 6.03 -6.40 -16.39
N VAL E 289 5.35 -7.42 -16.91
CA VAL E 289 3.96 -7.70 -16.57
C VAL E 289 3.82 -8.04 -15.08
N THR E 290 4.76 -8.81 -14.53
CA THR E 290 4.87 -9.05 -13.07
C THR E 290 5.04 -7.76 -12.26
N LEU E 291 5.99 -6.92 -12.68
CA LEU E 291 6.27 -5.68 -11.97
C LEU E 291 5.09 -4.71 -12.00
N ALA E 292 4.36 -4.69 -13.12
CA ALA E 292 3.09 -3.94 -13.22
C ALA E 292 2.06 -4.43 -12.19
N ARG E 293 1.88 -5.74 -12.12
CA ARG E 293 0.84 -6.30 -11.27
C ARG E 293 1.22 -6.21 -9.79
N PHE E 294 2.52 -6.24 -9.50
CA PHE E 294 3.03 -6.00 -8.16
C PHE E 294 2.68 -4.59 -7.68
N ASN E 295 3.16 -3.55 -8.38
CA ASN E 295 2.90 -2.17 -8.00
C ASN E 295 1.43 -1.79 -7.96
N ALA E 296 0.64 -2.36 -8.88
CA ALA E 296 -0.81 -2.19 -8.88
C ALA E 296 -1.51 -2.85 -7.68
N VAL E 297 -0.84 -3.79 -7.02
CA VAL E 297 -1.35 -4.31 -5.76
C VAL E 297 -0.84 -3.39 -4.62
N GLN E 298 0.44 -3.06 -4.67
CA GLN E 298 1.09 -2.29 -3.63
C GLN E 298 0.54 -0.88 -3.40
N ILE E 299 0.00 -0.25 -4.45
CA ILE E 299 -0.59 1.10 -4.37
C ILE E 299 -1.68 1.21 -3.30
N SER E 300 -2.37 0.09 -3.10
CA SER E 300 -3.48 0.01 -2.19
C SER E 300 -2.99 0.28 -0.78
N ALA E 301 -1.81 -0.23 -0.44
CA ALA E 301 -1.23 -0.04 0.90
C ALA E 301 -1.02 1.44 1.25
N LEU E 302 -0.42 2.22 0.35
CA LEU E 302 -0.27 3.66 0.58
C LEU E 302 -1.60 4.41 0.60
N HIS E 303 -2.63 3.83 0.00
CA HIS E 303 -3.94 4.44 0.07
C HIS E 303 -4.67 4.13 1.38
N GLN E 304 -4.53 2.89 1.88
CA GLN E 304 -5.03 2.55 3.21
C GLN E 304 -4.28 3.32 4.30
N SER E 305 -3.08 3.82 3.99
CA SER E 305 -2.32 4.59 4.95
C SER E 305 -2.63 6.05 4.94
N LEU E 306 -3.62 6.46 4.15
CA LEU E 306 -4.05 7.84 4.17
C LEU E 306 -4.82 8.08 5.46
N VAL E 307 -5.51 7.05 5.94
CA VAL E 307 -6.17 7.13 7.25
C VAL E 307 -5.13 7.02 8.36
N GLN E 308 -4.61 8.16 8.79
CA GLN E 308 -3.67 8.17 9.90
C GLN E 308 -4.14 9.10 11.02
N GLU E 309 -4.57 8.45 12.09
CA GLU E 309 -5.37 9.09 13.12
C GLU E 309 -4.58 9.99 14.05
N GLN E 310 -5.28 11.00 14.55
CA GLN E 310 -4.77 11.96 15.52
C GLN E 310 -3.49 12.67 15.04
N GLU E 311 -2.57 12.93 15.96
CA GLU E 311 -1.38 13.69 15.64
C GLU E 311 -0.29 12.83 14.98
N ARG E 312 -0.26 11.54 15.33
CA ARG E 312 0.67 10.55 14.78
C ARG E 312 0.08 9.16 14.90
N SER E 313 0.14 8.40 13.81
CA SER E 313 -0.36 7.03 13.82
C SER E 313 0.75 6.06 13.47
N GLY E 314 0.99 5.08 14.33
CA GLY E 314 1.99 4.06 14.04
C GLY E 314 1.43 3.04 13.09
N ALA E 315 0.14 2.75 13.25
CA ALA E 315 -0.59 1.78 12.42
C ALA E 315 -0.46 2.05 10.93
N GLY E 316 -0.84 3.25 10.50
CA GLY E 316 -0.79 3.62 9.10
C GLY E 316 0.60 4.03 8.64
N TRP E 317 1.40 4.60 9.54
CA TRP E 317 2.74 5.04 9.14
C TRP E 317 3.68 3.88 8.89
N MET E 318 3.64 2.86 9.75
CA MET E 318 4.53 1.71 9.60
C MET E 318 4.24 0.88 8.35
N LEU E 319 3.01 0.93 7.84
CA LEU E 319 2.64 0.31 6.56
C LEU E 319 3.49 0.88 5.42
N GLU E 320 3.69 2.20 5.45
CA GLU E 320 4.50 2.90 4.48
C GLU E 320 5.93 2.43 4.43
N TRP E 321 6.46 2.03 5.59
CA TRP E 321 7.84 1.54 5.71
C TRP E 321 7.94 0.18 5.04
N LEU E 322 6.93 -0.64 5.24
CA LEU E 322 6.85 -2.00 4.71
C LEU E 322 6.65 -2.05 3.19
N THR E 323 6.09 -0.99 2.61
CA THR E 323 5.73 -1.05 1.19
C THR E 323 6.46 -0.13 0.20
N LEU E 324 6.54 1.17 0.50
CA LEU E 324 7.17 2.11 -0.42
C LEU E 324 8.59 1.76 -0.94
N PRO E 325 9.57 1.40 -0.06
CA PRO E 325 10.90 1.01 -0.59
C PRO E 325 10.89 -0.01 -1.72
N GLN E 326 9.94 -0.93 -1.70
CA GLN E 326 9.79 -1.91 -2.75
C GLN E 326 9.06 -1.38 -3.98
N MET E 327 8.21 -0.38 -3.80
CA MET E 327 7.50 0.21 -4.91
C MET E 327 8.42 1.00 -5.82
N VAL E 328 9.37 1.72 -5.23
CA VAL E 328 10.32 2.47 -6.04
C VAL E 328 11.29 1.51 -6.73
N THR E 329 11.57 0.39 -6.07
CA THR E 329 12.50 -0.60 -6.60
C THR E 329 11.85 -1.33 -7.78
N ALA E 330 10.57 -1.66 -7.65
CA ALA E 330 9.79 -2.22 -8.76
C ALA E 330 9.85 -1.33 -10.01
N THR E 331 9.62 -0.04 -9.80
CA THR E 331 9.62 0.94 -10.88
C THR E 331 11.02 1.09 -11.50
N GLY E 332 12.04 1.12 -10.66
CA GLY E 332 13.42 1.15 -11.17
C GLY E 332 13.79 -0.08 -11.98
N THR E 333 13.44 -1.26 -11.46
CA THR E 333 13.75 -2.56 -12.07
C THR E 333 13.01 -2.75 -13.39
N SER E 334 11.74 -2.32 -13.40
CA SER E 334 10.91 -2.27 -14.60
C SER E 334 11.64 -1.52 -15.70
N LEU E 335 12.16 -0.35 -15.37
CA LEU E 335 12.91 0.46 -16.32
C LEU E 335 14.20 -0.23 -16.80
N LEU E 336 14.89 -0.91 -15.89
CA LEU E 336 16.11 -1.66 -16.21
C LEU E 336 15.84 -2.84 -17.15
N VAL E 337 14.79 -3.58 -16.82
CA VAL E 337 14.39 -4.76 -17.56
C VAL E 337 13.88 -4.39 -18.95
N ALA E 338 13.11 -3.30 -19.04
CA ALA E 338 12.59 -2.85 -20.32
C ALA E 338 13.69 -2.30 -21.23
N GLU E 339 14.73 -1.73 -20.62
CA GLU E 339 15.90 -1.26 -21.36
C GLU E 339 16.64 -2.47 -21.93
N ARG E 340 16.79 -3.50 -21.10
CA ARG E 340 17.39 -4.75 -21.53
C ARG E 340 16.55 -5.45 -22.60
N LEU E 341 15.23 -5.53 -22.39
CA LEU E 341 14.30 -6.11 -23.38
C LEU E 341 14.36 -5.40 -24.71
N ALA E 342 14.48 -4.08 -24.67
CA ALA E 342 14.54 -3.25 -25.87
C ALA E 342 15.69 -3.64 -26.78
N ALA E 343 16.85 -3.93 -26.18
CA ALA E 343 18.06 -4.27 -26.91
C ALA E 343 18.06 -5.70 -27.46
N GLN E 344 16.98 -6.43 -27.20
CA GLN E 344 16.80 -7.78 -27.70
C GLN E 344 15.93 -7.81 -28.96
N ILE E 345 15.41 -6.64 -29.33
CA ILE E 345 14.46 -6.54 -30.45
C ILE E 345 15.15 -6.21 -31.78
N ASP E 346 15.38 -7.24 -32.57
CA ASP E 346 16.08 -7.06 -33.83
C ASP E 346 15.15 -6.75 -35.01
N ARG E 347 13.85 -6.94 -34.80
CA ARG E 347 12.84 -6.53 -35.78
C ARG E 347 11.47 -6.40 -35.12
N LEU E 348 10.72 -5.40 -35.55
CA LEU E 348 9.29 -5.39 -35.32
C LEU E 348 8.70 -5.44 -36.71
N GLY E 349 7.42 -5.76 -36.83
CA GLY E 349 6.79 -5.82 -38.16
C GLY E 349 6.96 -7.11 -38.93
N ALA E 350 6.16 -7.25 -39.99
CA ALA E 350 6.17 -8.44 -40.84
C ALA E 350 7.29 -8.38 -41.89
N SER F 2 -30.49 -4.11 -3.96
CA SER F 2 -29.39 -4.05 -4.95
C SER F 2 -28.07 -4.51 -4.38
N LEU F 3 -27.05 -4.54 -5.24
CA LEU F 3 -25.74 -5.07 -4.85
C LEU F 3 -24.96 -4.08 -4.02
N SER F 4 -25.12 -2.79 -4.35
CA SER F 4 -24.37 -1.78 -3.68
C SER F 4 -25.29 -0.91 -2.86
N PRO F 5 -24.87 -0.63 -1.62
CA PRO F 5 -25.57 0.26 -0.71
C PRO F 5 -25.77 1.67 -1.27
N PHE F 6 -24.98 2.05 -2.27
CA PHE F 6 -25.09 3.35 -2.92
C PHE F 6 -26.44 3.50 -3.60
N GLU F 7 -26.93 2.41 -4.19
CA GLU F 7 -28.21 2.44 -4.90
C GLU F 7 -29.37 1.77 -4.14
N HIS F 8 -29.06 1.21 -2.98
CA HIS F 8 -29.98 0.35 -2.20
C HIS F 8 -31.16 1.14 -1.64
N PRO F 9 -32.40 0.65 -1.88
CA PRO F 9 -33.67 1.23 -1.43
C PRO F 9 -33.70 1.78 0.02
N PHE F 10 -33.05 1.10 0.97
CA PHE F 10 -32.91 1.69 2.29
C PHE F 10 -31.48 2.09 2.73
N LEU F 11 -30.45 1.38 2.27
CA LEU F 11 -29.09 1.66 2.71
C LEU F 11 -28.57 2.99 2.15
N SER F 12 -29.10 3.40 1.01
CA SER F 12 -28.82 4.72 0.46
C SER F 12 -29.24 5.89 1.35
N GLY F 13 -30.02 5.66 2.41
CA GLY F 13 -30.29 6.70 3.39
C GLY F 13 -29.01 7.14 4.09
N LEU F 14 -28.02 6.26 4.09
CA LEU F 14 -26.68 6.61 4.53
C LEU F 14 -25.76 6.79 3.34
N PHE F 15 -25.75 5.84 2.42
CA PHE F 15 -24.76 5.81 1.35
C PHE F 15 -25.19 6.51 0.06
N GLY F 16 -26.35 7.13 0.07
CA GLY F 16 -26.87 7.72 -1.18
C GLY F 16 -26.22 9.00 -1.68
N ASP F 17 -26.24 9.14 -3.00
CA ASP F 17 -25.80 10.33 -3.67
C ASP F 17 -26.47 10.23 -5.02
N SER F 18 -27.78 10.46 -5.05
CA SER F 18 -28.56 10.32 -6.27
C SER F 18 -28.09 11.23 -7.40
N GLU F 19 -27.66 12.45 -7.05
CA GLU F 19 -27.15 13.41 -8.02
C GLU F 19 -25.94 12.87 -8.76
N ILE F 20 -25.03 12.21 -8.06
CA ILE F 20 -23.91 11.55 -8.76
C ILE F 20 -24.33 10.29 -9.52
N ILE F 21 -25.12 9.44 -8.89
CA ILE F 21 -25.53 8.16 -9.47
C ILE F 21 -26.37 8.28 -10.76
N GLU F 22 -27.10 9.40 -10.90
CA GLU F 22 -27.88 9.68 -12.10
C GLU F 22 -26.94 9.91 -13.30
N LEU F 23 -25.71 10.33 -13.02
CA LEU F 23 -24.69 10.47 -14.04
C LEU F 23 -24.10 9.15 -14.61
N PHE F 24 -24.53 8.01 -14.08
CA PHE F 24 -24.11 6.71 -14.61
C PHE F 24 -25.29 5.85 -15.03
N SER F 25 -26.46 6.48 -15.10
CA SER F 25 -27.68 5.85 -15.57
C SER F 25 -27.56 5.52 -17.07
N ALA F 26 -28.37 4.58 -17.54
CA ALA F 26 -28.31 4.17 -18.93
C ALA F 26 -28.90 5.24 -19.83
N LYS F 27 -29.78 6.07 -19.29
CA LYS F 27 -30.34 7.16 -20.06
C LYS F 27 -29.28 8.23 -20.31
N ALA F 28 -28.47 8.51 -19.30
CA ALA F 28 -27.49 9.60 -19.35
C ALA F 28 -26.29 9.20 -20.17
N ASP F 29 -25.96 7.91 -20.13
CA ASP F 29 -24.96 7.32 -21.01
C ASP F 29 -25.45 7.43 -22.44
N ILE F 30 -26.68 6.94 -22.70
CA ILE F 30 -27.30 7.01 -24.02
C ILE F 30 -27.30 8.43 -24.58
N ASP F 31 -27.78 9.41 -23.81
CA ASP F 31 -27.82 10.82 -24.22
C ASP F 31 -26.46 11.37 -24.70
N ALA F 32 -25.40 10.92 -24.03
CA ALA F 32 -24.02 11.33 -24.31
C ALA F 32 -23.46 10.66 -25.55
N MET F 33 -24.01 9.49 -25.90
CA MET F 33 -23.58 8.78 -27.10
C MET F 33 -24.27 9.40 -28.31
N ILE F 34 -25.49 9.86 -28.09
CA ILE F 34 -26.22 10.66 -29.06
C ILE F 34 -25.43 11.96 -29.30
N ARG F 35 -24.88 12.55 -28.25
CA ARG F 35 -24.07 13.76 -28.41
C ARG F 35 -22.78 13.50 -29.18
N PHE F 36 -22.21 12.30 -29.03
CA PHE F 36 -21.03 11.92 -29.78
C PHE F 36 -21.34 11.75 -31.25
N GLU F 37 -22.35 10.95 -31.53
CA GLU F 37 -22.71 10.65 -32.91
C GLU F 37 -23.18 11.88 -33.64
N THR F 38 -23.89 12.76 -32.93
CA THR F 38 -24.36 14.04 -33.48
C THR F 38 -23.19 14.89 -33.93
N ALA F 39 -22.27 15.13 -33.00
CA ALA F 39 -21.13 15.99 -33.27
C ALA F 39 -20.22 15.42 -34.35
N LEU F 40 -20.06 14.09 -34.37
CA LEU F 40 -19.25 13.40 -35.37
C LEU F 40 -19.71 13.66 -36.80
N ALA F 41 -21.02 13.66 -36.99
CA ALA F 41 -21.59 13.90 -38.30
C ALA F 41 -21.41 15.36 -38.73
N GLN F 42 -21.43 16.27 -37.76
CA GLN F 42 -21.21 17.69 -38.02
C GLN F 42 -19.75 17.91 -38.34
N ALA F 43 -18.91 17.18 -37.63
CA ALA F 43 -17.47 17.29 -37.77
C ALA F 43 -17.02 16.83 -39.16
N GLU F 44 -17.67 15.80 -39.65
CA GLU F 44 -17.37 15.26 -40.97
C GLU F 44 -17.99 16.12 -42.06
N ALA F 45 -19.12 16.77 -41.77
CA ALA F 45 -19.69 17.77 -42.68
C ALA F 45 -18.78 19.01 -42.81
N GLU F 46 -18.16 19.41 -41.70
CA GLU F 46 -17.23 20.53 -41.69
C GLU F 46 -16.03 20.27 -42.59
N ALA F 47 -15.50 19.06 -42.54
CA ALA F 47 -14.32 18.70 -43.33
C ALA F 47 -14.62 18.28 -44.76
N SER F 48 -15.89 18.36 -45.17
CA SER F 48 -16.38 17.89 -46.47
C SER F 48 -16.17 16.39 -46.72
N ILE F 49 -16.53 15.57 -45.74
CA ILE F 49 -16.54 14.11 -45.92
C ILE F 49 -17.84 13.74 -46.62
N PHE F 50 -18.95 14.34 -46.16
CA PHE F 50 -20.20 14.32 -46.90
C PHE F 50 -20.86 15.71 -46.93
N ALA F 51 -21.95 15.85 -47.69
CA ALA F 51 -22.64 17.15 -47.86
C ALA F 51 -23.40 17.55 -46.58
N ASP F 52 -23.72 18.84 -46.44
CA ASP F 52 -24.27 19.40 -45.19
C ASP F 52 -25.66 18.90 -44.81
N ASP F 53 -26.49 18.67 -45.82
CA ASP F 53 -27.86 18.26 -45.60
C ASP F 53 -27.93 16.79 -45.18
N GLU F 54 -26.92 16.03 -45.58
CA GLU F 54 -26.79 14.64 -45.18
C GLU F 54 -26.54 14.59 -43.67
N ALA F 55 -25.69 15.46 -43.16
CA ALA F 55 -25.44 15.50 -41.71
C ALA F 55 -26.56 16.19 -40.94
N GLU F 56 -27.37 16.97 -41.66
CA GLU F 56 -28.50 17.67 -41.07
C GLU F 56 -29.62 16.69 -40.74
N ALA F 57 -29.66 15.60 -41.51
CA ALA F 57 -30.62 14.52 -41.29
C ALA F 57 -30.24 13.69 -40.10
N ILE F 58 -28.93 13.63 -39.82
CA ILE F 58 -28.42 12.85 -38.70
C ILE F 58 -28.69 13.60 -37.41
N VAL F 59 -28.44 14.90 -37.39
CA VAL F 59 -28.76 15.70 -36.21
C VAL F 59 -30.26 15.59 -35.87
N SER F 60 -31.09 15.77 -36.88
CA SER F 60 -32.54 15.77 -36.71
C SER F 60 -33.14 14.36 -36.69
N GLY F 61 -32.30 13.36 -36.94
CA GLY F 61 -32.70 11.98 -36.70
C GLY F 61 -32.54 11.65 -35.23
N LEU F 62 -31.36 11.95 -34.70
CA LEU F 62 -31.00 11.58 -33.32
C LEU F 62 -31.53 12.55 -32.28
N SER F 63 -32.12 13.65 -32.73
CA SER F 63 -32.73 14.65 -31.84
C SER F 63 -33.88 14.02 -31.05
N GLU F 64 -34.71 13.24 -31.76
CA GLU F 64 -35.85 12.56 -31.17
C GLU F 64 -35.62 11.04 -31.27
N PHE F 65 -34.69 10.53 -30.46
CA PHE F 65 -34.30 9.14 -30.56
C PHE F 65 -34.51 8.40 -29.24
N ALA F 66 -35.14 7.23 -29.35
CA ALA F 66 -35.38 6.37 -28.20
C ALA F 66 -34.81 4.98 -28.49
N ALA F 67 -33.83 4.58 -27.68
CA ALA F 67 -33.24 3.25 -27.80
C ALA F 67 -34.19 2.20 -27.25
N ASP F 68 -34.29 1.08 -27.94
CA ASP F 68 -35.05 -0.05 -27.45
C ASP F 68 -34.11 -0.93 -26.59
N MET F 69 -34.35 -0.90 -25.28
CA MET F 69 -33.40 -1.41 -24.28
C MET F 69 -33.35 -2.96 -24.22
N SER F 70 -34.43 -3.62 -24.65
CA SER F 70 -34.48 -5.07 -24.88
C SER F 70 -33.37 -5.52 -25.86
N ALA F 71 -33.30 -4.85 -27.02
CA ALA F 71 -32.37 -5.26 -28.05
C ALA F 71 -30.94 -4.76 -27.80
N LEU F 72 -30.81 -3.66 -27.07
CA LEU F 72 -29.49 -3.22 -26.59
C LEU F 72 -28.81 -4.28 -25.71
N ARG F 73 -29.60 -4.88 -24.82
CA ARG F 73 -29.15 -6.01 -24.00
C ARG F 73 -28.60 -7.16 -24.86
N HIS F 74 -29.33 -7.55 -25.92
CA HIS F 74 -28.84 -8.53 -26.91
C HIS F 74 -27.60 -8.05 -27.67
N GLY F 75 -27.53 -6.74 -27.88
CA GLY F 75 -26.36 -6.10 -28.45
C GLY F 75 -25.15 -6.46 -27.62
N VAL F 76 -25.16 -6.09 -26.33
CA VAL F 76 -23.99 -6.36 -25.49
C VAL F 76 -23.76 -7.85 -25.16
N ALA F 77 -24.78 -8.69 -25.26
CA ALA F 77 -24.56 -10.12 -25.08
C ALA F 77 -23.90 -10.78 -26.31
N LYS F 78 -24.41 -10.49 -27.50
CA LYS F 78 -23.83 -11.05 -28.73
C LYS F 78 -22.47 -10.42 -29.08
N ASP F 79 -22.40 -9.08 -29.07
CA ASP F 79 -21.16 -8.38 -29.43
C ASP F 79 -20.27 -7.97 -28.22
N GLY F 80 -20.78 -8.02 -27.01
CA GLY F 80 -19.93 -7.74 -25.85
C GLY F 80 -19.72 -6.27 -25.52
N VAL F 81 -20.55 -5.43 -26.15
CA VAL F 81 -20.36 -3.99 -26.25
C VAL F 81 -21.64 -3.39 -26.92
N VAL F 82 -22.06 -2.22 -26.46
CA VAL F 82 -23.38 -1.63 -26.80
C VAL F 82 -23.55 -1.07 -28.21
N VAL F 83 -22.50 -0.44 -28.71
CA VAL F 83 -22.66 0.41 -29.86
C VAL F 83 -23.06 -0.22 -31.24
N PRO F 84 -22.64 -1.45 -31.59
CA PRO F 84 -23.13 -1.82 -32.91
C PRO F 84 -24.64 -1.93 -33.01
N GLU F 85 -25.32 -2.35 -31.95
CA GLU F 85 -26.77 -2.42 -31.96
C GLU F 85 -27.39 -1.03 -31.72
N LEU F 86 -26.69 -0.19 -30.98
CA LEU F 86 -27.14 1.19 -30.78
C LEU F 86 -27.10 1.96 -32.11
N ILE F 87 -26.02 1.79 -32.85
CA ILE F 87 -25.85 2.41 -34.17
C ILE F 87 -26.86 1.87 -35.16
N ARG F 88 -27.11 0.55 -35.10
CA ARG F 88 -28.08 -0.10 -35.96
C ARG F 88 -29.50 0.46 -35.72
N GLN F 89 -29.80 0.72 -34.45
CA GLN F 89 -31.04 1.42 -34.08
C GLN F 89 -31.04 2.92 -34.43
N MET F 90 -29.85 3.52 -34.51
CA MET F 90 -29.72 4.94 -34.86
C MET F 90 -29.95 5.14 -36.35
N ARG F 91 -29.50 4.18 -37.15
CA ARG F 91 -29.67 4.18 -38.61
C ARG F 91 -31.13 4.04 -39.01
N ALA F 92 -31.89 3.35 -38.17
CA ALA F 92 -33.33 3.20 -38.34
C ALA F 92 -34.00 4.55 -38.14
N ALA F 93 -33.48 5.32 -37.17
CA ALA F 93 -34.03 6.63 -36.83
C ALA F 93 -33.65 7.76 -37.80
N VAL F 94 -32.66 7.53 -38.65
CA VAL F 94 -32.30 8.50 -39.68
C VAL F 94 -32.84 8.04 -41.03
N ALA F 95 -33.68 8.88 -41.66
CA ALA F 95 -34.35 8.51 -42.92
C ALA F 95 -33.53 8.83 -44.16
N GLY F 96 -33.80 8.08 -45.23
CA GLY F 96 -33.07 8.22 -46.49
C GLY F 96 -31.69 7.62 -46.39
N GLN F 97 -30.84 7.98 -47.35
CA GLN F 97 -29.49 7.41 -47.43
C GLN F 97 -28.43 8.14 -46.58
N ALA F 98 -28.90 8.97 -45.65
CA ALA F 98 -28.02 9.58 -44.67
C ALA F 98 -27.85 8.63 -43.49
N ALA F 99 -28.72 7.62 -43.44
CA ALA F 99 -28.62 6.51 -42.49
C ALA F 99 -27.26 5.84 -42.59
N ASP F 100 -26.79 5.68 -43.83
CA ASP F 100 -25.48 5.13 -44.18
C ASP F 100 -24.29 5.81 -43.51
N LYS F 101 -24.44 7.08 -43.18
CA LYS F 101 -23.29 7.90 -42.82
C LYS F 101 -22.98 8.05 -41.32
N VAL F 102 -23.88 7.61 -40.43
CA VAL F 102 -23.61 7.74 -38.98
C VAL F 102 -22.44 6.83 -38.60
N HIS F 103 -21.67 7.23 -37.58
CA HIS F 103 -20.61 6.40 -36.99
C HIS F 103 -19.34 6.24 -37.86
N PHE F 104 -19.32 6.92 -39.00
CA PHE F 104 -18.21 6.86 -39.94
C PHE F 104 -16.85 7.11 -39.29
N GLY F 105 -15.92 6.19 -39.52
CA GLY F 105 -14.56 6.32 -38.98
C GLY F 105 -14.41 6.13 -37.47
N ALA F 106 -15.53 5.96 -36.77
CA ALA F 106 -15.50 5.74 -35.35
C ALA F 106 -15.71 4.26 -35.05
N THR F 107 -15.09 3.80 -33.97
CA THR F 107 -15.23 2.44 -33.51
C THR F 107 -16.06 2.48 -32.23
N SER F 108 -16.38 1.30 -31.68
CA SER F 108 -17.26 1.22 -30.54
C SER F 108 -16.69 1.90 -29.31
N GLN F 109 -15.39 1.65 -29.06
CA GLN F 109 -14.67 2.20 -27.91
C GLN F 109 -14.63 3.72 -27.92
N ASP F 110 -14.61 4.31 -29.11
CA ASP F 110 -14.70 5.74 -29.23
C ASP F 110 -15.94 6.31 -28.57
N VAL F 111 -17.09 5.67 -28.76
CA VAL F 111 -18.31 6.27 -28.25
C VAL F 111 -18.52 5.98 -26.77
N ILE F 112 -18.11 4.81 -26.31
CA ILE F 112 -18.14 4.46 -24.89
C ILE F 112 -17.21 5.31 -24.04
N ASP F 113 -15.95 5.42 -24.44
CA ASP F 113 -14.98 6.19 -23.69
C ASP F 113 -15.21 7.69 -23.78
N THR F 114 -15.80 8.17 -24.88
CA THR F 114 -16.12 9.59 -24.95
C THR F 114 -17.31 9.90 -24.07
N SER F 115 -18.26 8.97 -23.98
CA SER F 115 -19.42 9.11 -23.12
C SER F 115 -18.99 9.19 -21.67
N LEU F 116 -18.10 8.28 -21.27
CA LEU F 116 -17.61 8.21 -19.92
C LEU F 116 -16.88 9.48 -19.54
N MET F 117 -16.12 10.05 -20.48
CA MET F 117 -15.35 11.27 -20.24
C MET F 117 -16.20 12.51 -20.15
N LEU F 118 -17.35 12.52 -20.83
CA LEU F 118 -18.30 13.60 -20.69
C LEU F 118 -18.91 13.55 -19.30
N ARG F 119 -19.27 12.34 -18.88
CA ARG F 119 -19.99 12.19 -17.63
C ARG F 119 -19.06 12.28 -16.43
N LEU F 120 -17.80 11.89 -16.61
CA LEU F 120 -16.78 12.09 -15.59
C LEU F 120 -16.53 13.59 -15.38
N LYS F 121 -16.42 14.33 -16.48
CA LYS F 121 -16.29 15.80 -16.45
C LYS F 121 -17.37 16.44 -15.59
N MET F 122 -18.65 16.20 -15.93
CA MET F 122 -19.80 16.65 -15.13
C MET F 122 -19.74 16.21 -13.66
N ALA F 123 -19.24 15.01 -13.41
CA ALA F 123 -19.09 14.53 -12.04
C ALA F 123 -18.01 15.31 -11.27
N ALA F 124 -16.89 15.58 -11.93
CA ALA F 124 -15.78 16.32 -11.30
C ALA F 124 -16.08 17.80 -11.03
N GLU F 125 -16.99 18.41 -11.80
CA GLU F 125 -17.55 19.71 -11.42
C GLU F 125 -18.34 19.66 -10.10
N ILE F 126 -19.20 18.65 -9.95
CA ILE F 126 -19.98 18.47 -8.71
C ILE F 126 -19.11 18.16 -7.50
N ILE F 127 -18.17 17.24 -7.66
CA ILE F 127 -17.17 16.92 -6.65
C ILE F 127 -16.41 18.18 -6.22
N ALA F 128 -15.88 18.94 -7.17
CA ALA F 128 -15.17 20.19 -6.86
C ALA F 128 -16.04 21.22 -6.13
N THR F 129 -17.29 21.35 -6.55
CA THR F 129 -18.20 22.28 -5.90
C THR F 129 -18.37 21.89 -4.43
N ARG F 130 -18.63 20.60 -4.20
CA ARG F 130 -18.81 20.04 -2.87
C ARG F 130 -17.57 20.15 -1.96
N LEU F 131 -16.40 19.85 -2.54
CA LEU F 131 -15.11 19.90 -1.84
C LEU F 131 -14.84 21.31 -1.31
N GLY F 132 -15.01 22.28 -2.21
CA GLY F 132 -14.83 23.68 -1.90
C GLY F 132 -15.76 24.17 -0.82
N HIS F 133 -17.03 23.74 -0.86
CA HIS F 133 -17.97 24.13 0.16
C HIS F 133 -17.56 23.56 1.53
N LEU F 134 -17.13 22.30 1.51
CA LEU F 134 -16.73 21.59 2.71
C LEU F 134 -15.51 22.20 3.37
N ILE F 135 -14.56 22.64 2.55
CA ILE F 135 -13.38 23.36 3.04
C ILE F 135 -13.85 24.56 3.86
N ASP F 136 -14.82 25.30 3.34
CA ASP F 136 -15.37 26.47 4.05
C ASP F 136 -16.14 26.07 5.29
N THR F 137 -16.87 24.97 5.21
CA THR F 137 -17.64 24.47 6.33
C THR F 137 -16.71 24.08 7.44
N LEU F 138 -15.69 23.33 7.05
CA LEU F 138 -14.63 22.90 7.94
C LEU F 138 -13.87 24.07 8.55
N GLY F 139 -13.72 25.14 7.79
CA GLY F 139 -13.03 26.34 8.27
C GLY F 139 -13.79 27.15 9.30
N ASP F 140 -15.11 27.00 9.31
CA ASP F 140 -15.94 27.63 10.30
C ASP F 140 -15.90 26.86 11.62
N LEU F 141 -15.80 25.53 11.55
CA LEU F 141 -15.56 24.73 12.77
C LEU F 141 -14.25 25.18 13.41
N ALA F 142 -13.22 25.23 12.56
CA ALA F 142 -11.91 25.77 12.93
C ALA F 142 -11.90 27.24 13.36
N SER F 143 -12.84 28.07 12.92
CA SER F 143 -12.82 29.47 13.38
C SER F 143 -13.63 29.70 14.66
N ARG F 144 -14.68 28.91 14.83
CA ARG F 144 -15.56 29.03 16.00
C ARG F 144 -14.89 28.56 17.30
N ASP F 145 -14.19 27.42 17.24
CA ASP F 145 -13.59 26.85 18.46
C ASP F 145 -12.07 26.76 18.37
N GLY F 146 -11.46 27.51 17.46
CA GLY F 146 -10.07 27.23 17.05
C GLY F 146 -8.99 27.39 18.08
N HIS F 147 -9.22 28.30 19.02
CA HIS F 147 -8.24 28.62 20.03
C HIS F 147 -8.40 27.82 21.33
N LYS F 148 -9.37 26.90 21.32
CA LYS F 148 -9.60 26.03 22.45
C LYS F 148 -8.60 24.89 22.46
N PRO F 149 -8.11 24.52 23.66
CA PRO F 149 -7.24 23.37 23.93
C PRO F 149 -7.78 22.01 23.50
N LEU F 150 -6.95 21.25 22.80
CA LEU F 150 -7.15 19.83 22.62
C LEU F 150 -6.06 19.08 23.36
N THR F 151 -6.34 17.88 23.84
CA THR F 151 -5.28 17.01 24.28
C THR F 151 -4.71 16.41 23.00
N GLY F 152 -3.42 16.56 22.76
CA GLY F 152 -2.79 15.91 21.63
C GLY F 152 -2.69 14.41 21.89
N TYR F 153 -2.81 13.61 20.83
CA TYR F 153 -2.63 12.17 20.90
C TYR F 153 -1.63 11.72 19.85
N THR F 154 -0.51 11.16 20.32
CA THR F 154 0.52 10.61 19.44
C THR F 154 0.70 9.12 19.71
N ARG F 155 0.42 8.32 18.67
CA ARG F 155 0.51 6.86 18.72
C ARG F 155 -0.35 6.28 19.85
N MET F 156 -1.65 6.57 19.79
CA MET F 156 -2.65 6.09 20.73
C MET F 156 -2.28 6.26 22.21
N GLN F 157 -1.63 7.38 22.52
CA GLN F 157 -1.30 7.78 23.89
C GLN F 157 -1.47 9.28 23.99
N ALA F 158 -1.75 9.78 25.19
CA ALA F 158 -1.77 11.22 25.40
C ALA F 158 -0.41 11.86 25.10
N ALA F 159 -0.42 13.13 24.66
CA ALA F 159 0.78 13.91 24.40
C ALA F 159 0.56 15.27 25.03
N ILE F 160 1.35 16.26 24.60
CA ILE F 160 1.12 17.63 25.07
C ILE F 160 -0.18 18.24 24.51
N GLY F 161 -0.71 19.23 25.21
CA GLY F 161 -1.90 19.89 24.76
C GLY F 161 -1.63 20.70 23.51
N ILE F 162 -2.51 20.55 22.52
CA ILE F 162 -2.50 21.39 21.33
C ILE F 162 -3.74 22.29 21.28
N THR F 163 -4.05 22.89 20.13
CA THR F 163 -5.29 23.64 19.97
C THR F 163 -6.15 23.02 18.88
N VAL F 164 -7.39 23.48 18.76
CA VAL F 164 -8.30 22.88 17.77
C VAL F 164 -7.83 23.22 16.36
N ALA F 165 -7.31 24.44 16.19
CA ALA F 165 -6.76 24.91 14.92
C ALA F 165 -5.70 23.94 14.41
N ASP F 166 -4.79 23.55 15.30
CA ASP F 166 -3.73 22.60 14.99
C ASP F 166 -4.27 21.29 14.41
N ARG F 167 -5.21 20.66 15.10
CA ARG F 167 -5.77 19.40 14.63
C ARG F 167 -6.62 19.58 13.36
N ALA F 168 -7.42 20.63 13.31
CA ALA F 168 -8.31 20.85 12.17
C ALA F 168 -7.58 21.19 10.87
N ALA F 169 -6.36 21.70 10.99
CA ALA F 169 -5.49 21.94 9.84
C ALA F 169 -5.21 20.65 9.05
N GLY F 170 -5.03 19.53 9.75
CA GLY F 170 -4.75 18.25 9.12
C GLY F 170 -5.98 17.63 8.49
N TRP F 171 -7.12 18.30 8.61
CA TRP F 171 -8.33 17.89 7.90
C TRP F 171 -8.54 18.82 6.70
N ILE F 172 -8.08 20.05 6.80
CA ILE F 172 -8.46 21.09 5.84
C ILE F 172 -7.43 21.21 4.73
N ALA F 173 -6.17 21.32 5.14
CA ALA F 173 -5.08 21.54 4.20
C ALA F 173 -4.93 20.52 3.09
N PRO F 174 -5.09 19.20 3.37
CA PRO F 174 -4.96 18.33 2.23
C PRO F 174 -6.17 18.37 1.30
N LEU F 175 -7.31 18.84 1.78
CA LEU F 175 -8.48 18.97 0.91
C LEU F 175 -8.30 20.12 -0.07
N GLU F 176 -7.64 21.16 0.38
CA GLU F 176 -7.34 22.27 -0.49
C GLU F 176 -6.34 21.87 -1.53
N ARG F 177 -5.45 20.96 -1.17
CA ARG F 177 -4.51 20.44 -2.14
C ARG F 177 -5.19 19.52 -3.14
N HIS F 178 -6.21 18.77 -2.67
CA HIS F 178 -7.01 17.93 -3.58
C HIS F 178 -7.87 18.77 -4.52
N LEU F 179 -8.40 19.90 -4.04
CA LEU F 179 -9.21 20.80 -4.86
C LEU F 179 -8.35 21.35 -5.98
N LEU F 180 -7.15 21.77 -5.60
CA LEU F 180 -6.19 22.25 -6.57
C LEU F 180 -5.83 21.15 -7.56
N ARG F 181 -5.68 19.93 -7.05
CA ARG F 181 -5.35 18.80 -7.90
C ARG F 181 -6.46 18.54 -8.93
N LEU F 182 -7.71 18.60 -8.47
CA LEU F 182 -8.87 18.32 -9.31
C LEU F 182 -9.06 19.37 -10.41
N GLU F 183 -8.76 20.63 -10.11
CA GLU F 183 -8.90 21.68 -11.11
C GLU F 183 -7.77 21.62 -12.13
N THR F 184 -6.59 21.21 -11.68
CA THR F 184 -5.43 21.00 -12.55
C THR F 184 -5.72 19.85 -13.52
N PHE F 185 -6.39 18.82 -13.03
CA PHE F 185 -6.77 17.69 -13.87
C PHE F 185 -7.88 18.09 -14.86
N ALA F 186 -8.80 18.95 -14.43
CA ALA F 186 -9.97 19.32 -15.24
C ALA F 186 -9.62 20.13 -16.49
N GLN F 187 -8.43 20.73 -16.51
CA GLN F 187 -8.00 21.53 -17.65
C GLN F 187 -7.89 20.71 -18.92
N ASN F 188 -7.12 19.63 -18.90
CA ASN F 188 -7.02 18.79 -20.08
C ASN F 188 -7.36 17.32 -19.89
N GLY F 189 -7.47 16.86 -18.64
CA GLY F 189 -7.68 15.44 -18.33
C GLY F 189 -8.92 14.74 -18.86
N PHE F 190 -9.96 15.51 -19.19
CA PHE F 190 -11.16 14.93 -19.80
C PHE F 190 -11.04 14.96 -21.32
N ALA F 191 -10.79 13.81 -21.89
CA ALA F 191 -10.37 13.74 -23.28
C ALA F 191 -11.38 13.06 -24.17
N LEU F 192 -11.43 13.49 -25.43
CA LEU F 192 -12.18 12.83 -26.47
C LEU F 192 -11.56 11.47 -26.66
N GLN F 193 -12.35 10.47 -27.04
CA GLN F 193 -11.78 9.25 -27.57
C GLN F 193 -12.18 9.11 -29.03
N PHE F 194 -11.22 9.20 -29.94
CA PHE F 194 -11.48 9.10 -31.38
C PHE F 194 -10.35 8.41 -32.15
N GLY F 195 -10.48 7.10 -32.35
CA GLY F 195 -9.42 6.30 -32.91
C GLY F 195 -9.72 5.50 -34.16
N GLY F 196 -10.93 4.99 -34.29
CA GLY F 196 -11.23 4.10 -35.41
C GLY F 196 -10.93 2.68 -35.03
N ALA F 197 -11.26 1.74 -35.92
CA ALA F 197 -11.22 0.28 -35.66
C ALA F 197 -10.03 -0.20 -34.85
N ALA F 198 -8.83 0.16 -35.29
CA ALA F 198 -7.59 -0.22 -34.62
C ALA F 198 -6.77 1.01 -34.21
N GLY F 199 -7.46 2.14 -34.04
CA GLY F 199 -6.81 3.36 -33.57
C GLY F 199 -5.95 4.14 -34.55
N THR F 200 -6.13 3.93 -35.85
CA THR F 200 -5.35 4.70 -36.84
C THR F 200 -6.15 5.64 -37.69
N LEU F 201 -7.47 5.74 -37.46
CA LEU F 201 -8.39 6.66 -38.17
C LEU F 201 -8.35 6.50 -39.69
N GLU F 202 -8.41 5.24 -40.13
CA GLU F 202 -8.06 4.85 -41.48
C GLU F 202 -9.04 5.37 -42.52
N LYS F 203 -10.28 5.61 -42.10
CA LYS F 203 -11.38 6.01 -42.97
C LYS F 203 -11.32 7.50 -43.32
N LEU F 204 -10.46 8.24 -42.63
CA LEU F 204 -10.41 9.69 -42.76
C LEU F 204 -9.22 10.23 -43.52
N GLY F 205 -8.15 9.43 -43.59
CA GLY F 205 -6.93 9.84 -44.27
C GLY F 205 -6.31 11.06 -43.62
N ASP F 206 -5.95 12.04 -44.44
CA ASP F 206 -5.28 13.27 -43.98
C ASP F 206 -6.21 14.26 -43.30
N ASN F 207 -7.51 14.00 -43.34
CA ASN F 207 -8.49 14.85 -42.68
C ASN F 207 -8.53 14.63 -41.17
N ALA F 208 -7.97 13.51 -40.74
CA ALA F 208 -8.11 12.99 -39.37
C ALA F 208 -7.78 13.96 -38.21
N GLY F 209 -6.80 14.84 -38.40
CA GLY F 209 -6.42 15.75 -37.33
C GLY F 209 -7.40 16.88 -37.15
N ALA F 210 -7.98 17.33 -38.25
CA ALA F 210 -8.94 18.44 -38.20
C ALA F 210 -10.31 17.97 -37.68
N VAL F 211 -10.64 16.70 -37.90
CA VAL F 211 -11.95 16.16 -37.55
C VAL F 211 -11.98 15.80 -36.06
N ARG F 212 -10.82 15.39 -35.55
CA ARG F 212 -10.66 15.12 -34.12
C ARG F 212 -10.75 16.41 -33.31
N ALA F 213 -9.95 17.42 -33.69
CA ALA F 213 -10.00 18.78 -33.11
C ALA F 213 -11.42 19.38 -33.07
N ASP F 214 -12.14 19.27 -34.18
CA ASP F 214 -13.49 19.82 -34.35
C ASP F 214 -14.54 19.08 -33.53
N LEU F 215 -14.42 17.75 -33.47
CA LEU F 215 -15.32 16.93 -32.67
C LEU F 215 -15.10 17.20 -31.19
N ALA F 216 -13.84 17.39 -30.81
CA ALA F 216 -13.48 17.65 -29.42
C ALA F 216 -14.02 18.98 -28.95
N LYS F 217 -13.84 20.01 -29.78
CA LYS F 217 -14.34 21.34 -29.45
C LYS F 217 -15.86 21.31 -29.25
N ARG F 218 -16.58 20.74 -30.22
CA ARG F 218 -18.02 20.57 -30.16
C ARG F 218 -18.53 19.82 -28.93
N LEU F 219 -17.83 18.77 -28.52
CA LEU F 219 -18.23 18.00 -27.36
C LEU F 219 -17.83 18.66 -26.04
N GLY F 220 -16.84 19.53 -26.09
CA GLY F 220 -16.38 20.25 -24.92
C GLY F 220 -15.35 19.45 -24.17
N LEU F 221 -14.50 18.76 -24.92
CA LEU F 221 -13.46 17.92 -24.35
C LEU F 221 -12.12 18.24 -24.99
N ALA F 222 -11.06 17.74 -24.38
CA ALA F 222 -9.73 17.92 -24.96
C ALA F 222 -9.47 17.04 -26.19
N ASP F 223 -8.80 17.64 -27.16
CA ASP F 223 -8.29 16.90 -28.30
C ASP F 223 -6.95 16.28 -27.89
N ARG F 224 -6.81 14.98 -28.11
CA ARG F 224 -5.55 14.28 -27.93
C ARG F 224 -5.65 13.00 -28.75
N PRO F 225 -4.52 12.50 -29.30
CA PRO F 225 -4.51 11.21 -29.98
C PRO F 225 -5.21 10.07 -29.22
N GLN F 226 -5.78 9.12 -29.94
CA GLN F 226 -6.57 8.08 -29.30
C GLN F 226 -5.77 7.34 -28.24
N TRP F 227 -6.47 6.90 -27.21
CA TRP F 227 -5.85 6.27 -26.05
C TRP F 227 -6.57 4.98 -25.71
N HIS F 228 -7.02 4.25 -26.74
CA HIS F 228 -7.69 2.96 -26.60
C HIS F 228 -7.03 2.02 -25.59
N ASN F 229 -5.70 1.94 -25.64
CA ASN F 229 -4.95 1.13 -24.66
C ASN F 229 -4.10 1.96 -23.70
N GLN F 230 -4.33 3.28 -23.66
CA GLN F 230 -3.57 4.14 -22.78
C GLN F 230 -4.50 4.66 -21.69
N ARG F 231 -4.43 4.03 -20.52
CA ARG F 231 -5.40 4.29 -19.47
C ARG F 231 -4.73 4.93 -18.24
N ASP F 232 -3.62 5.62 -18.49
CA ASP F 232 -2.93 6.38 -17.43
C ASP F 232 -3.80 7.51 -16.89
N GLY F 233 -4.59 8.14 -17.75
CA GLY F 233 -5.49 9.21 -17.35
C GLY F 233 -6.59 8.75 -16.42
N ILE F 234 -7.14 7.58 -16.71
CA ILE F 234 -8.19 6.98 -15.87
C ILE F 234 -7.73 6.69 -14.46
N ALA F 235 -6.53 6.10 -14.33
CA ALA F 235 -5.99 5.77 -13.02
C ALA F 235 -5.49 7.01 -12.30
N GLU F 236 -5.08 8.03 -13.07
CA GLU F 236 -4.70 9.35 -12.52
C GLU F 236 -5.89 10.01 -11.85
N PHE F 237 -7.04 9.94 -12.50
CA PHE F 237 -8.28 10.45 -11.95
C PHE F 237 -8.73 9.70 -10.70
N ALA F 238 -8.65 8.38 -10.74
CA ALA F 238 -9.07 7.52 -9.65
C ALA F 238 -8.18 7.68 -8.43
N ASN F 239 -6.91 8.00 -8.67
CA ASN F 239 -6.03 8.33 -7.59
C ASN F 239 -6.47 9.56 -6.79
N LEU F 240 -6.90 10.62 -7.48
CA LEU F 240 -7.41 11.80 -6.76
C LEU F 240 -8.72 11.49 -6.02
N LEU F 241 -9.58 10.70 -6.66
CA LEU F 241 -10.86 10.25 -6.08
C LEU F 241 -10.65 9.62 -4.72
N SER F 242 -9.66 8.74 -4.67
CA SER F 242 -9.31 8.02 -3.47
C SER F 242 -8.56 8.89 -2.46
N LEU F 243 -7.76 9.83 -2.92
CA LEU F 243 -7.07 10.82 -2.08
C LEU F 243 -8.03 11.63 -1.24
N VAL F 244 -9.15 12.02 -1.84
CA VAL F 244 -10.20 12.73 -1.13
C VAL F 244 -10.79 11.89 0.00
N THR F 245 -11.23 10.66 -0.33
CA THR F 245 -11.88 9.77 0.64
C THR F 245 -10.90 9.37 1.72
N GLY F 246 -9.62 9.25 1.34
CA GLY F 246 -8.53 9.06 2.29
C GLY F 246 -8.41 10.15 3.36
N THR F 247 -8.33 11.41 2.94
CA THR F 247 -8.28 12.53 3.89
C THR F 247 -9.56 12.67 4.73
N LEU F 248 -10.72 12.46 4.09
CA LEU F 248 -12.01 12.53 4.78
C LEU F 248 -12.13 11.39 5.76
N GLY F 249 -11.55 10.24 5.39
CA GLY F 249 -11.54 9.06 6.23
C GLY F 249 -10.73 9.29 7.48
N LYS F 250 -9.67 10.08 7.34
CA LYS F 250 -8.85 10.49 8.46
C LYS F 250 -9.71 11.35 9.38
N PHE F 251 -10.35 12.37 8.83
CA PHE F 251 -11.22 13.27 9.60
C PHE F 251 -12.23 12.48 10.40
N GLY F 252 -12.99 11.63 9.72
CA GLY F 252 -13.94 10.70 10.37
C GLY F 252 -13.38 9.78 11.44
N GLN F 253 -12.16 9.29 11.21
CA GLN F 253 -11.45 8.53 12.24
C GLN F 253 -11.12 9.37 13.48
N ASP F 254 -10.63 10.59 13.27
CA ASP F 254 -10.30 11.52 14.35
C ASP F 254 -11.51 11.82 15.21
N ILE F 255 -12.66 12.00 14.57
CA ILE F 255 -13.88 12.42 15.26
C ILE F 255 -14.46 11.26 16.05
N ALA F 256 -14.41 10.07 15.46
CA ALA F 256 -14.91 8.87 16.12
C ALA F 256 -14.11 8.62 17.39
N LEU F 257 -12.79 8.74 17.26
CA LEU F 257 -11.88 8.67 18.41
C LEU F 257 -12.20 9.70 19.48
N MET F 258 -12.56 10.92 19.06
CA MET F 258 -12.83 12.00 19.99
C MET F 258 -14.12 11.76 20.73
N ALA F 259 -15.10 11.20 20.01
CA ALA F 259 -16.41 10.86 20.53
C ALA F 259 -16.35 9.75 21.57
N GLU F 260 -15.45 8.80 21.36
CA GLU F 260 -15.37 7.64 22.25
C GLU F 260 -14.84 8.07 23.61
N ILE F 261 -13.80 8.90 23.59
CA ILE F 261 -13.24 9.51 24.79
C ILE F 261 -14.25 10.52 25.32
N GLY F 262 -14.86 11.26 24.42
CA GLY F 262 -16.07 11.99 24.74
C GLY F 262 -15.89 13.31 25.44
N SER F 263 -14.68 13.58 25.93
CA SER F 263 -14.46 14.73 26.80
C SER F 263 -14.06 15.98 26.05
N GLU F 264 -13.93 15.90 24.73
CA GLU F 264 -13.48 17.04 23.95
C GLU F 264 -14.26 17.29 22.66
N ILE F 265 -15.51 16.85 22.58
CA ILE F 265 -16.36 17.12 21.41
C ILE F 265 -17.85 17.14 21.79
N ARG F 266 -18.69 17.87 21.07
CA ARG F 266 -20.14 17.61 21.12
C ARG F 266 -20.83 17.38 19.77
N LEU F 267 -21.52 16.25 19.66
CA LEU F 267 -22.34 15.96 18.48
C LEU F 267 -23.82 16.26 18.74
N SER F 268 -24.66 16.12 17.72
CA SER F 268 -26.08 16.47 17.88
C SER F 268 -27.08 15.41 17.39
N GLY F 269 -26.72 14.63 16.38
CA GLY F 269 -27.61 13.55 15.91
C GLY F 269 -27.65 12.35 16.84
N GLY F 270 -28.35 12.51 17.97
CA GLY F 270 -28.27 11.62 19.13
C GLY F 270 -28.85 10.23 18.95
N ASN F 281 -22.90 5.59 17.92
CA ASN F 281 -23.48 6.91 17.57
C ASN F 281 -22.85 7.79 16.47
N PRO F 282 -21.51 7.79 16.31
CA PRO F 282 -21.01 8.66 15.25
C PRO F 282 -20.96 7.92 13.92
N VAL F 283 -22.13 7.66 13.35
CA VAL F 283 -22.27 6.81 12.21
C VAL F 283 -21.62 7.42 11.00
N ASN F 284 -21.72 8.75 10.89
CA ASN F 284 -21.14 9.45 9.75
C ASN F 284 -19.63 9.38 9.79
N ALA F 285 -19.07 9.51 11.00
CA ALA F 285 -17.63 9.43 11.23
C ALA F 285 -17.07 8.07 10.87
N GLU F 286 -17.82 7.00 11.19
CA GLU F 286 -17.45 5.64 10.84
C GLU F 286 -17.51 5.42 9.34
N THR F 287 -18.54 5.97 8.71
CA THR F 287 -18.78 5.83 7.26
C THR F 287 -17.64 6.41 6.42
N LEU F 288 -17.05 7.51 6.90
CA LEU F 288 -15.89 8.11 6.27
C LEU F 288 -14.69 7.17 6.23
N VAL F 289 -14.46 6.46 7.34
CA VAL F 289 -13.42 5.44 7.39
C VAL F 289 -13.69 4.31 6.41
N THR F 290 -14.89 3.74 6.44
CA THR F 290 -15.35 2.75 5.43
C THR F 290 -15.14 3.16 3.96
N LEU F 291 -15.64 4.33 3.58
CA LEU F 291 -15.50 4.85 2.22
C LEU F 291 -14.04 5.05 1.81
N ALA F 292 -13.19 5.41 2.77
CA ALA F 292 -11.76 5.48 2.53
C ALA F 292 -11.17 4.10 2.27
N ARG F 293 -11.61 3.08 2.99
CA ARG F 293 -10.98 1.78 2.81
C ARG F 293 -11.48 1.14 1.53
N PHE F 294 -12.74 1.42 1.19
CA PHE F 294 -13.32 1.01 -0.09
C PHE F 294 -12.52 1.57 -1.27
N ASN F 295 -12.38 2.88 -1.37
CA ASN F 295 -11.63 3.50 -2.49
C ASN F 295 -10.17 3.07 -2.58
N ALA F 296 -9.57 2.86 -1.41
CA ALA F 296 -8.22 2.34 -1.27
C ALA F 296 -8.06 0.89 -1.71
N VAL F 297 -9.15 0.13 -1.80
CA VAL F 297 -9.12 -1.16 -2.46
C VAL F 297 -9.33 -0.97 -3.97
N GLN F 298 -10.34 -0.20 -4.35
CA GLN F 298 -10.71 -0.06 -5.75
C GLN F 298 -9.64 0.53 -6.65
N ILE F 299 -8.76 1.36 -6.06
CA ILE F 299 -7.65 1.98 -6.80
C ILE F 299 -6.80 0.92 -7.50
N SER F 300 -6.66 -0.24 -6.87
CA SER F 300 -5.84 -1.31 -7.35
C SER F 300 -6.33 -1.84 -8.69
N ALA F 301 -7.65 -1.92 -8.83
CA ALA F 301 -8.27 -2.40 -10.06
C ALA F 301 -7.89 -1.59 -11.30
N LEU F 302 -7.91 -0.26 -11.18
CA LEU F 302 -7.59 0.61 -12.33
C LEU F 302 -6.12 0.61 -12.66
N HIS F 303 -5.29 0.35 -11.65
CA HIS F 303 -3.87 0.18 -11.91
C HIS F 303 -3.59 -1.17 -12.52
N GLN F 304 -4.39 -2.18 -12.19
CA GLN F 304 -4.27 -3.47 -12.84
C GLN F 304 -4.74 -3.35 -14.30
N SER F 305 -5.72 -2.47 -14.53
CA SER F 305 -6.23 -2.20 -15.86
C SER F 305 -5.28 -1.37 -16.68
N LEU F 306 -4.15 -0.96 -16.11
CA LEU F 306 -3.14 -0.26 -16.90
C LEU F 306 -2.45 -1.17 -17.92
N VAL F 307 -2.53 -2.48 -17.71
CA VAL F 307 -2.02 -3.48 -18.65
C VAL F 307 -3.11 -3.79 -19.68
N GLN F 308 -3.06 -3.16 -20.85
CA GLN F 308 -4.05 -3.46 -21.90
C GLN F 308 -3.34 -3.81 -23.19
N GLU F 309 -3.39 -5.08 -23.55
CA GLU F 309 -2.61 -5.62 -24.67
C GLU F 309 -3.10 -5.13 -26.02
N GLN F 310 -2.15 -4.86 -26.90
CA GLN F 310 -2.39 -4.56 -28.32
C GLN F 310 -3.27 -3.33 -28.55
N GLU F 311 -4.25 -3.42 -29.45
CA GLU F 311 -4.99 -2.21 -29.85
C GLU F 311 -6.31 -2.03 -29.10
N ARG F 312 -6.84 -3.11 -28.55
CA ARG F 312 -7.97 -3.03 -27.64
C ARG F 312 -7.91 -4.24 -26.74
N SER F 313 -8.28 -4.05 -25.49
CA SER F 313 -8.25 -5.15 -24.55
C SER F 313 -9.51 -5.20 -23.73
N GLY F 314 -10.39 -6.12 -24.06
CA GLY F 314 -11.62 -6.34 -23.29
C GLY F 314 -11.42 -6.56 -21.80
N ALA F 315 -10.47 -7.41 -21.43
CA ALA F 315 -10.25 -7.80 -20.03
C ALA F 315 -9.82 -6.66 -19.13
N GLY F 316 -9.03 -5.74 -19.66
CA GLY F 316 -8.65 -4.57 -18.87
C GLY F 316 -9.74 -3.51 -18.89
N TRP F 317 -10.32 -3.32 -20.06
CA TRP F 317 -11.33 -2.30 -20.30
C TRP F 317 -12.60 -2.51 -19.48
N MET F 318 -13.00 -3.77 -19.34
CA MET F 318 -14.21 -4.08 -18.60
C MET F 318 -14.01 -4.01 -17.08
N LEU F 319 -12.76 -4.11 -16.64
CA LEU F 319 -12.47 -3.95 -15.23
C LEU F 319 -12.70 -2.48 -14.84
N GLU F 320 -12.54 -1.58 -15.80
CA GLU F 320 -12.87 -0.19 -15.58
C GLU F 320 -14.37 -0.04 -15.40
N TRP F 321 -15.14 -0.70 -16.26
CA TRP F 321 -16.61 -0.68 -16.23
C TRP F 321 -17.18 -1.10 -14.87
N LEU F 322 -16.63 -2.20 -14.35
CA LEU F 322 -17.01 -2.75 -13.06
C LEU F 322 -16.70 -1.87 -11.86
N THR F 323 -15.60 -1.12 -11.92
CA THR F 323 -15.12 -0.43 -10.70
C THR F 323 -15.23 1.08 -10.64
N LEU F 324 -14.75 1.77 -11.69
CA LEU F 324 -14.73 3.26 -11.73
C LEU F 324 -16.00 4.05 -11.30
N PRO F 325 -17.20 3.72 -11.85
CA PRO F 325 -18.42 4.42 -11.41
C PRO F 325 -18.68 4.36 -9.90
N GLN F 326 -18.29 3.25 -9.28
CA GLN F 326 -18.39 3.16 -7.84
C GLN F 326 -17.36 4.04 -7.12
N MET F 327 -16.16 4.18 -7.68
CA MET F 327 -15.14 5.08 -7.10
C MET F 327 -15.55 6.54 -7.06
N VAL F 328 -16.09 7.05 -8.16
CA VAL F 328 -16.58 8.42 -8.14
C VAL F 328 -17.79 8.60 -7.20
N THR F 329 -18.62 7.57 -7.07
CA THR F 329 -19.78 7.63 -6.16
C THR F 329 -19.30 7.64 -4.72
N ALA F 330 -18.26 6.87 -4.45
CA ALA F 330 -17.70 6.81 -3.10
C ALA F 330 -17.11 8.15 -2.69
N THR F 331 -16.70 8.94 -3.68
CA THR F 331 -16.13 10.26 -3.41
C THR F 331 -17.23 11.24 -3.06
N GLY F 332 -18.33 11.18 -3.78
CA GLY F 332 -19.38 12.16 -3.60
C GLY F 332 -20.16 11.94 -2.32
N THR F 333 -20.31 10.66 -1.95
CA THR F 333 -20.97 10.25 -0.72
C THR F 333 -20.10 10.68 0.44
N SER F 334 -18.79 10.48 0.31
CA SER F 334 -17.84 10.96 1.31
C SER F 334 -17.96 12.45 1.56
N LEU F 335 -18.21 13.23 0.52
CA LEU F 335 -18.37 14.67 0.69
C LEU F 335 -19.74 15.00 1.26
N LEU F 336 -20.74 14.17 0.94
CA LEU F 336 -22.08 14.32 1.50
C LEU F 336 -22.08 14.02 3.00
N VAL F 337 -21.47 12.89 3.35
CA VAL F 337 -21.36 12.43 4.71
C VAL F 337 -20.49 13.38 5.56
N ALA F 338 -19.44 13.94 4.99
CA ALA F 338 -18.55 14.81 5.78
C ALA F 338 -19.21 16.14 6.11
N GLU F 339 -20.06 16.59 5.18
CA GLU F 339 -20.85 17.80 5.36
C GLU F 339 -21.88 17.54 6.48
N ARG F 340 -22.49 16.35 6.44
CA ARG F 340 -23.43 15.88 7.45
C ARG F 340 -22.80 15.64 8.83
N LEU F 341 -21.55 15.19 8.87
CA LEU F 341 -20.85 15.01 10.12
C LEU F 341 -20.47 16.37 10.66
N ALA F 342 -20.03 17.27 9.80
CA ALA F 342 -19.57 18.58 10.25
C ALA F 342 -20.73 19.41 10.78
N ALA F 343 -21.91 19.19 10.19
CA ALA F 343 -23.10 19.87 10.67
C ALA F 343 -23.52 19.30 12.02
N GLN F 344 -23.04 18.10 12.37
CA GLN F 344 -23.31 17.57 13.71
C GLN F 344 -22.42 18.13 14.83
N ILE F 345 -21.34 18.83 14.51
CA ILE F 345 -20.40 19.24 15.58
C ILE F 345 -20.69 20.60 16.19
N ASP F 346 -20.87 20.63 17.52
CA ASP F 346 -21.30 21.83 18.24
C ASP F 346 -20.25 22.50 19.14
N ARG F 347 -19.20 21.76 19.46
CA ARG F 347 -18.02 22.33 20.12
C ARG F 347 -16.81 21.43 19.82
N LEU F 348 -15.62 22.01 19.78
CA LEU F 348 -14.39 21.22 19.75
C LEU F 348 -13.49 21.73 20.88
N GLY F 349 -12.93 20.82 21.68
CA GLY F 349 -12.02 21.22 22.75
C GLY F 349 -12.55 21.14 24.18
N ALA F 350 -11.64 21.16 25.15
CA ALA F 350 -12.00 21.24 26.56
C ALA F 350 -12.49 22.64 26.93
N SER G 2 18.01 -1.99 3.99
CA SER G 2 17.34 -2.94 3.05
C SER G 2 15.87 -2.58 2.80
N LEU G 3 15.26 -3.23 1.82
CA LEU G 3 13.93 -2.87 1.31
C LEU G 3 12.80 -3.20 2.27
N SER G 4 12.85 -4.40 2.85
CA SER G 4 11.87 -4.77 3.85
C SER G 4 12.42 -4.58 5.25
N PRO G 5 11.60 -3.99 6.14
CA PRO G 5 11.86 -3.83 7.56
C PRO G 5 12.09 -5.15 8.31
N PHE G 6 11.56 -6.25 7.76
CA PHE G 6 11.73 -7.60 8.34
C PHE G 6 13.22 -7.99 8.48
N GLU G 7 14.03 -7.65 7.48
CA GLU G 7 15.44 -8.05 7.43
C GLU G 7 16.38 -6.88 7.67
N HIS G 8 15.80 -5.76 8.06
CA HIS G 8 16.51 -4.49 8.18
C HIS G 8 17.40 -4.45 9.42
N PRO G 9 18.69 -4.11 9.25
CA PRO G 9 19.71 -4.03 10.31
C PRO G 9 19.28 -3.32 11.60
N PHE G 10 18.42 -2.30 11.53
CA PHE G 10 17.84 -1.76 12.77
C PHE G 10 16.34 -1.99 12.97
N LEU G 11 15.56 -1.93 11.89
CA LEU G 11 14.11 -2.09 11.97
C LEU G 11 13.65 -3.53 12.21
N SER G 12 14.57 -4.50 12.17
CA SER G 12 14.26 -5.86 12.55
C SER G 12 14.30 -6.05 14.07
N GLY G 13 14.43 -4.96 14.81
CA GLY G 13 14.32 -5.02 16.27
C GLY G 13 12.86 -4.93 16.67
N LEU G 14 12.01 -4.64 15.70
CA LEU G 14 10.57 -4.69 15.83
C LEU G 14 10.01 -5.77 14.90
N PHE G 15 10.31 -5.66 13.62
CA PHE G 15 9.71 -6.53 12.61
C PHE G 15 10.41 -7.89 12.42
N GLY G 16 11.53 -8.12 13.10
CA GLY G 16 12.38 -9.28 12.84
C GLY G 16 11.83 -10.61 13.27
N ASP G 17 12.19 -11.65 12.51
CA ASP G 17 11.87 -13.03 12.83
C ASP G 17 12.91 -13.82 12.08
N SER G 18 14.08 -13.97 12.66
CA SER G 18 15.17 -14.63 11.94
C SER G 18 14.94 -16.12 11.72
N GLU G 19 13.94 -16.68 12.41
CA GLU G 19 13.61 -18.11 12.31
C GLU G 19 12.83 -18.39 11.02
N ILE G 20 11.88 -17.53 10.70
CA ILE G 20 11.07 -17.69 9.50
C ILE G 20 11.87 -17.19 8.27
N ILE G 21 12.72 -16.19 8.50
CA ILE G 21 13.45 -15.54 7.43
C ILE G 21 14.52 -16.44 6.83
N GLU G 22 15.23 -17.19 7.68
N GLU G 22 15.23 -17.18 7.67
CA GLU G 22 16.29 -18.10 7.24
CA GLU G 22 16.31 -18.08 7.19
C GLU G 22 15.73 -19.39 6.62
C GLU G 22 15.78 -19.16 6.24
N LEU G 23 14.46 -19.35 6.24
CA LEU G 23 13.83 -20.40 5.46
C LEU G 23 13.57 -19.88 4.05
N PHE G 24 14.07 -18.68 3.76
CA PHE G 24 13.95 -18.08 2.45
C PHE G 24 15.28 -17.52 1.99
N SER G 25 16.34 -17.80 2.74
CA SER G 25 17.70 -17.49 2.30
C SER G 25 17.99 -18.37 1.08
N ALA G 26 18.80 -17.87 0.16
CA ALA G 26 19.25 -18.66 -0.99
C ALA G 26 19.87 -20.01 -0.61
N LYS G 27 20.51 -20.06 0.57
CA LYS G 27 21.07 -21.30 1.13
C LYS G 27 19.98 -22.33 1.35
N ALA G 28 18.83 -21.92 1.88
CA ALA G 28 17.75 -22.87 2.17
C ALA G 28 17.06 -23.38 0.91
N ASP G 29 16.89 -22.48 -0.04
CA ASP G 29 16.35 -22.80 -1.36
C ASP G 29 17.25 -23.82 -2.05
N ILE G 30 18.55 -23.58 -2.04
CA ILE G 30 19.53 -24.44 -2.70
C ILE G 30 19.57 -25.83 -2.07
N ASP G 31 19.61 -25.85 -0.73
CA ASP G 31 19.56 -27.08 0.06
C ASP G 31 18.31 -27.89 -0.25
N ALA G 32 17.17 -27.23 -0.39
CA ALA G 32 15.95 -27.92 -0.76
C ALA G 32 16.01 -28.44 -2.21
N MET G 33 16.66 -27.68 -3.10
CA MET G 33 16.79 -28.05 -4.51
C MET G 33 17.72 -29.26 -4.72
N ILE G 34 18.76 -29.35 -3.89
CA ILE G 34 19.63 -30.52 -3.82
C ILE G 34 18.82 -31.73 -3.31
N ARG G 35 18.01 -31.48 -2.28
CA ARG G 35 17.12 -32.51 -1.72
C ARG G 35 16.07 -33.02 -2.73
N PHE G 36 15.63 -32.17 -3.64
CA PHE G 36 14.78 -32.58 -4.76
C PHE G 36 15.51 -33.51 -5.72
N GLU G 37 16.67 -33.06 -6.21
CA GLU G 37 17.40 -33.78 -7.26
C GLU G 37 17.95 -35.13 -6.81
N THR G 38 18.31 -35.21 -5.53
CA THR G 38 18.76 -36.46 -4.91
C THR G 38 17.58 -37.41 -4.87
N ALA G 39 16.44 -36.89 -4.44
CA ALA G 39 15.24 -37.71 -4.30
C ALA G 39 14.71 -38.20 -5.63
N LEU G 40 14.89 -37.37 -6.66
CA LEU G 40 14.54 -37.71 -8.03
C LEU G 40 15.32 -38.93 -8.49
N ALA G 41 16.64 -38.86 -8.34
CA ALA G 41 17.53 -39.95 -8.78
C ALA G 41 17.21 -41.27 -8.09
N GLN G 42 16.89 -41.20 -6.80
CA GLN G 42 16.43 -42.37 -6.07
C GLN G 42 15.07 -42.88 -6.57
N ALA G 43 14.16 -41.96 -6.91
CA ALA G 43 12.82 -42.33 -7.39
C ALA G 43 12.86 -43.00 -8.75
N GLU G 44 13.82 -42.59 -9.58
CA GLU G 44 13.92 -43.14 -10.91
C GLU G 44 14.59 -44.50 -10.90
N ALA G 45 15.50 -44.73 -9.95
CA ALA G 45 16.10 -46.06 -9.79
C ALA G 45 15.13 -47.02 -9.12
N GLU G 46 14.17 -46.44 -8.40
CA GLU G 46 13.12 -47.21 -7.77
C GLU G 46 12.18 -47.82 -8.82
N ALA G 47 11.94 -47.12 -9.92
CA ALA G 47 11.10 -47.70 -10.98
C ALA G 47 11.92 -48.40 -12.07
N SER G 48 13.20 -48.61 -11.81
CA SER G 48 14.18 -49.08 -12.79
C SER G 48 14.11 -48.33 -14.13
N ILE G 49 14.38 -47.02 -14.08
CA ILE G 49 14.61 -46.25 -15.30
C ILE G 49 16.09 -46.47 -15.63
N PHE G 50 16.89 -46.64 -14.58
CA PHE G 50 18.31 -47.02 -14.73
C PHE G 50 18.77 -47.91 -13.57
N ALA G 51 20.07 -47.86 -13.25
CA ALA G 51 20.63 -48.77 -12.25
C ALA G 51 20.92 -48.05 -10.93
N ASP G 52 21.03 -48.85 -9.87
CA ASP G 52 21.20 -48.35 -8.50
C ASP G 52 22.52 -47.63 -8.27
N ASP G 53 23.61 -48.18 -8.82
CA ASP G 53 24.96 -47.64 -8.62
C ASP G 53 25.18 -46.28 -9.27
N GLU G 54 24.43 -46.02 -10.35
CA GLU G 54 24.47 -44.76 -11.06
C GLU G 54 23.77 -43.72 -10.22
N ALA G 55 22.64 -44.13 -9.66
CA ALA G 55 21.80 -43.26 -8.84
C ALA G 55 22.48 -42.82 -7.56
N GLU G 56 23.17 -43.73 -6.90
CA GLU G 56 23.83 -43.39 -5.66
C GLU G 56 25.15 -42.62 -5.89
N ALA G 57 25.68 -42.70 -7.11
CA ALA G 57 26.79 -41.86 -7.52
C ALA G 57 26.32 -40.41 -7.74
N ILE G 58 25.03 -40.24 -8.03
CA ILE G 58 24.42 -38.91 -8.02
C ILE G 58 24.22 -38.45 -6.57
N VAL G 59 23.58 -39.30 -5.76
CA VAL G 59 23.36 -39.07 -4.31
C VAL G 59 24.62 -38.61 -3.58
N SER G 60 25.70 -39.38 -3.73
CA SER G 60 26.98 -39.06 -3.11
C SER G 60 27.67 -37.85 -3.75
N GLY G 61 27.43 -37.64 -5.04
CA GLY G 61 27.99 -36.48 -5.73
C GLY G 61 27.40 -35.20 -5.18
N LEU G 62 26.08 -35.22 -5.01
CA LEU G 62 25.34 -34.04 -4.56
C LEU G 62 25.37 -33.81 -3.07
N SER G 63 25.90 -34.79 -2.33
N SER G 63 25.90 -34.78 -2.31
CA SER G 63 25.96 -34.76 -0.87
CA SER G 63 25.92 -34.70 -0.85
C SER G 63 26.91 -33.68 -0.34
C SER G 63 26.92 -33.66 -0.33
N GLU G 64 27.95 -33.39 -1.12
CA GLU G 64 28.94 -32.35 -0.78
C GLU G 64 29.10 -31.34 -1.91
N PHE G 65 28.07 -31.22 -2.72
CA PHE G 65 28.00 -30.21 -3.75
C PHE G 65 27.77 -28.85 -3.10
N ALA G 66 28.71 -27.92 -3.31
CA ALA G 66 28.54 -26.52 -2.90
C ALA G 66 28.16 -25.71 -4.13
N ALA G 67 27.88 -24.42 -3.98
CA ALA G 67 27.38 -23.64 -5.11
C ALA G 67 28.14 -22.36 -5.36
N ASP G 68 28.41 -22.07 -6.64
CA ASP G 68 28.97 -20.79 -7.03
C ASP G 68 27.82 -19.81 -7.15
N MET G 69 27.74 -18.86 -6.22
CA MET G 69 26.60 -17.94 -6.15
C MET G 69 26.59 -16.95 -7.31
N SER G 70 27.79 -16.53 -7.72
CA SER G 70 27.96 -15.61 -8.85
C SER G 70 27.43 -16.22 -10.15
N ALA G 71 27.72 -17.50 -10.34
CA ALA G 71 27.33 -18.20 -11.54
C ALA G 71 25.82 -18.37 -11.61
N LEU G 72 25.22 -18.51 -10.43
CA LEU G 72 23.77 -18.64 -10.32
C LEU G 72 23.06 -17.35 -10.67
N ARG G 73 23.57 -16.23 -10.15
CA ARG G 73 22.99 -14.91 -10.41
C ARG G 73 23.19 -14.50 -11.89
N HIS G 74 24.33 -14.90 -12.44
CA HIS G 74 24.60 -14.71 -13.87
C HIS G 74 23.77 -15.72 -14.69
N GLY G 75 23.37 -16.80 -14.02
CA GLY G 75 22.51 -17.81 -14.61
C GLY G 75 21.14 -17.25 -14.89
N VAL G 76 20.45 -16.75 -13.86
CA VAL G 76 19.08 -16.22 -14.04
C VAL G 76 19.05 -14.92 -14.86
N ALA G 77 20.21 -14.28 -15.02
CA ALA G 77 20.35 -13.12 -15.89
C ALA G 77 20.13 -13.55 -17.33
N LYS G 78 20.63 -14.72 -17.68
CA LYS G 78 20.48 -15.24 -19.02
C LYS G 78 19.28 -16.17 -19.18
N ASP G 79 18.75 -16.70 -18.07
CA ASP G 79 17.69 -17.71 -18.12
C ASP G 79 16.35 -17.27 -17.55
N GLY G 80 16.37 -16.55 -16.43
CA GLY G 80 15.14 -16.15 -15.73
C GLY G 80 14.76 -17.10 -14.62
N VAL G 81 15.40 -18.27 -14.63
CA VAL G 81 15.24 -19.34 -13.66
C VAL G 81 16.65 -19.84 -13.28
N VAL G 82 16.85 -20.29 -12.05
CA VAL G 82 18.19 -20.75 -11.64
C VAL G 82 18.56 -22.08 -12.20
N VAL G 83 17.56 -22.91 -12.37
CA VAL G 83 17.83 -24.33 -12.47
C VAL G 83 18.58 -24.92 -13.67
N PRO G 84 18.47 -24.33 -14.89
CA PRO G 84 19.42 -24.74 -15.94
C PRO G 84 20.91 -24.60 -15.58
N GLU G 85 21.27 -23.52 -14.89
CA GLU G 85 22.64 -23.30 -14.43
C GLU G 85 22.97 -24.21 -13.26
N LEU G 86 21.98 -24.41 -12.40
CA LEU G 86 22.09 -25.29 -11.25
C LEU G 86 22.34 -26.75 -11.65
N ILE G 87 21.63 -27.23 -12.67
CA ILE G 87 21.78 -28.59 -13.18
C ILE G 87 23.15 -28.80 -13.82
N ARG G 88 23.59 -27.79 -14.57
CA ARG G 88 24.91 -27.76 -15.20
C ARG G 88 26.03 -27.76 -14.18
N GLN G 89 25.83 -27.06 -13.06
CA GLN G 89 26.83 -26.98 -12.00
C GLN G 89 26.87 -28.28 -11.18
N MET G 90 25.70 -28.90 -11.01
CA MET G 90 25.54 -30.14 -10.24
C MET G 90 26.20 -31.31 -10.93
N ARG G 91 26.08 -31.34 -12.25
CA ARG G 91 26.72 -32.35 -13.08
C ARG G 91 28.24 -32.29 -12.97
N ALA G 92 28.76 -31.11 -12.64
CA ALA G 92 30.19 -30.91 -12.40
C ALA G 92 30.65 -31.35 -11.00
N ALA G 93 29.82 -32.16 -10.33
CA ALA G 93 30.18 -32.73 -9.05
C ALA G 93 29.81 -34.23 -9.05
N VAL G 94 29.29 -34.69 -10.21
CA VAL G 94 28.86 -36.08 -10.40
C VAL G 94 29.69 -36.68 -11.52
N ALA G 95 30.45 -37.72 -11.19
CA ALA G 95 31.37 -38.34 -12.14
C ALA G 95 30.72 -39.44 -13.02
N GLY G 96 30.92 -39.24 -14.38
CA GLY G 96 30.63 -40.33 -15.33
C GLY G 96 29.26 -40.36 -15.98
N GLN G 97 28.94 -41.53 -16.55
CA GLN G 97 27.68 -41.83 -17.28
C GLN G 97 26.36 -41.33 -16.64
N ALA G 98 26.32 -41.28 -15.32
CA ALA G 98 25.09 -40.99 -14.57
C ALA G 98 24.72 -39.53 -14.52
N ALA G 99 25.68 -38.67 -14.88
CA ALA G 99 25.47 -37.21 -14.90
C ALA G 99 24.48 -36.78 -15.98
N ASP G 100 24.35 -37.58 -17.03
CA ASP G 100 23.34 -37.35 -18.07
C ASP G 100 21.94 -37.63 -17.58
N LYS G 101 21.83 -38.42 -16.52
CA LYS G 101 20.51 -38.80 -16.01
C LYS G 101 20.01 -37.94 -14.84
N VAL G 102 20.77 -36.94 -14.40
CA VAL G 102 20.24 -36.03 -13.37
C VAL G 102 19.23 -35.06 -14.00
N HIS G 103 18.18 -34.74 -13.25
CA HIS G 103 17.10 -33.85 -13.68
C HIS G 103 16.24 -34.43 -14.84
N PHE G 104 16.39 -35.73 -15.09
CA PHE G 104 15.71 -36.42 -16.19
C PHE G 104 14.18 -36.40 -15.99
N GLY G 105 13.46 -36.00 -17.03
CA GLY G 105 12.00 -35.98 -16.99
C GLY G 105 11.34 -34.79 -16.31
N ALA G 106 12.13 -33.96 -15.62
CA ALA G 106 11.61 -32.78 -14.89
C ALA G 106 11.96 -31.45 -15.56
N THR G 107 11.33 -30.38 -15.08
CA THR G 107 11.55 -29.05 -15.62
C THR G 107 12.00 -28.11 -14.50
N SER G 108 12.27 -26.85 -14.85
CA SER G 108 12.68 -25.83 -13.89
C SER G 108 11.61 -25.54 -12.83
N GLN G 109 10.33 -25.50 -13.24
CA GLN G 109 9.23 -25.22 -12.32
C GLN G 109 9.12 -26.31 -11.27
N ASP G 110 9.45 -27.54 -11.68
CA ASP G 110 9.37 -28.70 -10.82
C ASP G 110 10.31 -28.63 -9.64
N VAL G 111 11.50 -28.06 -9.82
CA VAL G 111 12.41 -27.95 -8.69
C VAL G 111 12.15 -26.68 -7.86
N ILE G 112 11.66 -25.61 -8.50
CA ILE G 112 11.43 -24.34 -7.81
C ILE G 112 10.20 -24.44 -6.90
N ASP G 113 9.09 -24.92 -7.47
CA ASP G 113 7.83 -25.03 -6.72
C ASP G 113 7.88 -26.05 -5.58
N THR G 114 8.55 -27.19 -5.81
CA THR G 114 8.80 -28.22 -4.77
C THR G 114 9.61 -27.69 -3.59
N SER G 115 10.76 -27.07 -3.90
CA SER G 115 11.58 -26.39 -2.89
C SER G 115 10.78 -25.36 -2.09
N LEU G 116 9.90 -24.62 -2.76
CA LEU G 116 9.01 -23.72 -2.07
C LEU G 116 8.09 -24.52 -1.18
N MET G 117 7.47 -25.56 -1.73
CA MET G 117 6.52 -26.38 -0.96
C MET G 117 7.10 -27.07 0.25
N LEU G 118 8.38 -27.37 0.21
CA LEU G 118 9.09 -27.94 1.34
C LEU G 118 9.30 -26.87 2.39
N ARG G 119 9.66 -25.68 1.94
CA ARG G 119 10.10 -24.63 2.85
C ARG G 119 8.91 -23.94 3.52
N LEU G 120 7.80 -23.85 2.77
CA LEU G 120 6.51 -23.41 3.30
C LEU G 120 6.01 -24.37 4.36
N LYS G 121 6.23 -25.67 4.14
CA LYS G 121 5.76 -26.69 5.05
C LYS G 121 6.49 -26.53 6.38
N MET G 122 7.79 -26.28 6.31
CA MET G 122 8.61 -26.08 7.50
C MET G 122 8.12 -24.88 8.27
N ALA G 123 7.77 -23.82 7.53
CA ALA G 123 7.30 -22.58 8.11
C ALA G 123 5.93 -22.75 8.75
N ALA G 124 5.11 -23.62 8.17
CA ALA G 124 3.76 -23.84 8.67
C ALA G 124 3.74 -24.67 9.96
N GLU G 125 4.77 -25.48 10.16
CA GLU G 125 4.91 -26.19 11.44
C GLU G 125 5.42 -25.24 12.54
N ILE G 126 6.10 -24.19 12.13
CA ILE G 126 6.55 -23.16 13.06
C ILE G 126 5.38 -22.27 13.45
N ILE G 127 4.59 -21.87 12.46
CA ILE G 127 3.40 -21.05 12.71
C ILE G 127 2.39 -21.73 13.65
N ALA G 128 2.21 -23.02 13.50
CA ALA G 128 1.35 -23.81 14.37
C ALA G 128 1.84 -23.85 15.82
N THR G 129 3.15 -23.94 15.98
CA THR G 129 3.77 -23.99 17.31
C THR G 129 3.60 -22.66 18.03
N ARG G 130 3.75 -21.56 17.29
CA ARG G 130 3.57 -20.23 17.84
C ARG G 130 2.11 -19.95 18.12
N LEU G 131 1.24 -20.37 17.21
CA LEU G 131 -0.19 -20.17 17.31
C LEU G 131 -0.73 -20.73 18.61
N GLY G 132 -0.46 -22.02 18.84
CA GLY G 132 -0.98 -22.77 19.99
C GLY G 132 -0.41 -22.25 21.29
N HIS G 133 0.83 -21.75 21.23
CA HIS G 133 1.47 -21.13 22.39
C HIS G 133 0.83 -19.78 22.70
N LEU G 134 0.38 -19.09 21.67
CA LEU G 134 -0.23 -17.79 21.84
C LEU G 134 -1.63 -17.94 22.42
N ILE G 135 -2.31 -19.01 22.00
CA ILE G 135 -3.64 -19.35 22.50
C ILE G 135 -3.60 -19.62 24.01
N ASP G 136 -2.52 -20.23 24.47
CA ASP G 136 -2.36 -20.47 25.89
C ASP G 136 -2.02 -19.21 26.65
N THR G 137 -1.19 -18.36 26.07
CA THR G 137 -0.76 -17.13 26.72
C THR G 137 -1.94 -16.17 26.86
N LEU G 138 -2.79 -16.16 25.84
CA LEU G 138 -3.98 -15.36 25.89
C LEU G 138 -5.01 -15.97 26.85
N GLY G 139 -5.02 -17.29 26.96
CA GLY G 139 -5.91 -17.95 27.89
C GLY G 139 -5.49 -17.60 29.30
N ASP G 140 -4.18 -17.47 29.49
CA ASP G 140 -3.58 -17.12 30.77
C ASP G 140 -3.88 -15.70 31.17
N LEU G 141 -4.12 -14.83 30.19
CA LEU G 141 -4.58 -13.48 30.47
C LEU G 141 -6.03 -13.53 30.92
N ALA G 142 -6.83 -14.29 30.19
CA ALA G 142 -8.26 -14.40 30.48
C ALA G 142 -8.58 -15.20 31.76
N SER G 143 -7.67 -16.02 32.25
CA SER G 143 -7.99 -16.78 33.44
C SER G 143 -7.46 -16.03 34.66
N ARG G 144 -6.55 -15.09 34.42
CA ARG G 144 -6.01 -14.28 35.50
C ARG G 144 -6.98 -13.16 35.79
N ASP G 145 -7.55 -12.58 34.74
CA ASP G 145 -8.39 -11.40 34.88
C ASP G 145 -9.77 -11.50 34.22
N GLY G 146 -10.23 -12.70 33.90
CA GLY G 146 -11.45 -12.86 33.12
C GLY G 146 -12.73 -12.41 33.77
N HIS G 147 -12.78 -12.46 35.09
CA HIS G 147 -13.97 -12.07 35.81
C HIS G 147 -14.10 -10.55 35.97
N LYS G 148 -13.00 -9.81 35.93
CA LYS G 148 -13.03 -8.37 36.11
C LYS G 148 -13.87 -7.68 35.02
N PRO G 149 -14.70 -6.67 35.40
CA PRO G 149 -15.53 -6.04 34.39
C PRO G 149 -14.80 -5.06 33.48
N LEU G 150 -15.33 -4.91 32.26
CA LEU G 150 -14.84 -3.98 31.27
C LEU G 150 -15.99 -3.11 30.83
N THR G 151 -15.67 -1.89 30.39
CA THR G 151 -16.59 -1.07 29.64
C THR G 151 -16.62 -1.58 28.21
N GLY G 152 -17.78 -2.04 27.75
CA GLY G 152 -17.93 -2.41 26.36
C GLY G 152 -18.00 -1.18 25.47
N TYR G 153 -17.66 -1.34 24.19
CA TYR G 153 -17.68 -0.25 23.23
C TYR G 153 -18.20 -0.72 21.88
N THR G 154 -19.38 -0.24 21.49
CA THR G 154 -19.97 -0.63 20.21
C THR G 154 -20.09 0.61 19.37
N ARG G 155 -19.68 0.47 18.10
CA ARG G 155 -19.68 1.54 17.12
C ARG G 155 -19.11 2.83 17.75
N MET G 156 -17.91 2.67 18.32
CA MET G 156 -17.10 3.73 18.91
C MET G 156 -17.78 4.58 19.99
N GLN G 157 -18.69 3.97 20.74
CA GLN G 157 -19.33 4.62 21.89
C GLN G 157 -19.46 3.60 22.98
N ALA G 158 -19.40 4.06 24.24
CA ALA G 158 -19.64 3.18 25.39
C ALA G 158 -20.98 2.43 25.24
N ALA G 159 -20.91 1.13 25.50
CA ALA G 159 -22.06 0.28 25.51
C ALA G 159 -22.09 -0.22 26.95
N ILE G 160 -22.85 -1.28 27.24
CA ILE G 160 -22.98 -1.75 28.63
C ILE G 160 -21.72 -2.42 29.12
N GLY G 161 -21.63 -2.65 30.43
CA GLY G 161 -20.46 -3.30 31.02
C GLY G 161 -20.46 -4.80 30.77
N ILE G 162 -19.33 -5.31 30.24
CA ILE G 162 -19.13 -6.74 30.03
C ILE G 162 -18.01 -7.16 30.97
N THR G 163 -17.46 -8.37 30.79
CA THR G 163 -16.27 -8.79 31.51
C THR G 163 -15.11 -8.96 30.54
N VAL G 164 -13.92 -9.24 31.06
CA VAL G 164 -12.73 -9.44 30.25
C VAL G 164 -12.81 -10.71 29.41
N ALA G 165 -13.24 -11.80 30.02
CA ALA G 165 -13.45 -13.07 29.33
C ALA G 165 -14.29 -12.93 28.04
N ASP G 166 -15.18 -11.93 28.00
CA ASP G 166 -16.06 -11.72 26.87
C ASP G 166 -15.32 -11.10 25.69
N ARG G 167 -14.52 -10.07 25.96
CA ARG G 167 -13.71 -9.40 24.94
C ARG G 167 -12.57 -10.31 24.47
N ALA G 168 -11.99 -11.04 25.44
CA ALA G 168 -10.82 -11.91 25.24
C ALA G 168 -11.13 -13.07 24.32
N ALA G 169 -12.34 -13.60 24.46
CA ALA G 169 -12.86 -14.64 23.56
C ALA G 169 -12.78 -14.23 22.10
N GLY G 170 -13.10 -12.96 21.81
CA GLY G 170 -12.96 -12.42 20.46
C GLY G 170 -11.55 -12.40 19.88
N TRP G 171 -10.55 -12.51 20.74
CA TRP G 171 -9.18 -12.64 20.25
C TRP G 171 -8.83 -14.11 20.14
N ILE G 172 -9.19 -14.87 21.16
CA ILE G 172 -8.71 -16.22 21.31
C ILE G 172 -9.39 -17.20 20.36
N ALA G 173 -10.72 -17.20 20.36
CA ALA G 173 -11.50 -18.16 19.57
C ALA G 173 -11.28 -18.19 18.04
N PRO G 174 -11.12 -17.02 17.38
CA PRO G 174 -10.72 -17.11 15.99
C PRO G 174 -9.34 -17.72 15.76
N LEU G 175 -8.40 -17.47 16.67
CA LEU G 175 -7.06 -18.05 16.59
C LEU G 175 -7.12 -19.54 16.75
N GLU G 176 -8.04 -20.00 17.59
CA GLU G 176 -8.28 -21.42 17.77
C GLU G 176 -8.79 -22.04 16.46
N ARG G 177 -9.64 -21.31 15.76
CA ARG G 177 -10.21 -21.81 14.51
C ARG G 177 -9.19 -21.79 13.37
N HIS G 178 -8.23 -20.85 13.43
CA HIS G 178 -7.16 -20.78 12.42
C HIS G 178 -6.25 -21.98 12.53
N LEU G 179 -6.00 -22.41 13.76
CA LEU G 179 -5.21 -23.62 13.99
C LEU G 179 -5.86 -24.82 13.29
N LEU G 180 -7.15 -25.05 13.52
CA LEU G 180 -7.84 -26.14 12.83
C LEU G 180 -7.74 -26.02 11.32
N ARG G 181 -7.95 -24.81 10.79
CA ARG G 181 -7.79 -24.52 9.35
C ARG G 181 -6.41 -24.88 8.81
N LEU G 182 -5.38 -24.57 9.58
CA LEU G 182 -3.98 -24.76 9.21
C LEU G 182 -3.63 -26.25 9.29
N GLU G 183 -4.14 -26.92 10.33
CA GLU G 183 -3.86 -28.34 10.51
C GLU G 183 -4.56 -29.16 9.44
N THR G 184 -5.77 -28.75 9.06
CA THR G 184 -6.47 -29.32 7.92
C THR G 184 -5.66 -29.14 6.64
N PHE G 185 -5.18 -27.91 6.40
CA PHE G 185 -4.41 -27.60 5.21
C PHE G 185 -3.13 -28.44 5.14
N ALA G 186 -2.47 -28.62 6.28
CA ALA G 186 -1.16 -29.27 6.35
C ALA G 186 -1.19 -30.76 5.97
N GLN G 187 -2.37 -31.33 5.84
CA GLN G 187 -2.52 -32.75 5.55
C GLN G 187 -2.24 -33.18 4.12
N ASN G 188 -2.32 -32.26 3.16
N ASN G 188 -2.37 -32.26 3.17
CA ASN G 188 -2.07 -32.58 1.75
CA ASN G 188 -2.23 -32.55 1.75
C ASN G 188 -1.73 -31.34 0.95
C ASN G 188 -1.94 -31.31 0.93
N GLY G 189 -1.70 -30.20 1.61
CA GLY G 189 -1.55 -28.92 0.93
C GLY G 189 -0.14 -28.53 0.54
N PHE G 190 0.83 -29.30 1.00
CA PHE G 190 2.20 -29.13 0.55
C PHE G 190 2.55 -30.24 -0.43
N ALA G 191 2.52 -29.89 -1.71
CA ALA G 191 2.51 -30.89 -2.76
C ALA G 191 3.83 -30.92 -3.48
N LEU G 192 4.20 -32.11 -3.93
CA LEU G 192 5.33 -32.24 -4.84
C LEU G 192 4.94 -31.59 -6.16
N GLN G 193 5.90 -30.93 -6.80
CA GLN G 193 5.69 -30.43 -8.15
C GLN G 193 6.47 -31.29 -9.14
N PHE G 194 5.75 -31.97 -10.01
CA PHE G 194 6.37 -32.91 -10.94
C PHE G 194 5.56 -33.07 -12.22
N GLY G 195 5.96 -32.36 -13.28
CA GLY G 195 5.22 -32.37 -14.53
C GLY G 195 6.03 -32.42 -15.80
N GLY G 196 7.24 -31.89 -15.78
CA GLY G 196 8.06 -31.88 -16.99
C GLY G 196 7.82 -30.62 -17.81
N ALA G 197 8.35 -30.60 -19.03
CA ALA G 197 8.33 -29.40 -19.86
C ALA G 197 6.93 -28.86 -20.12
N ALA G 198 6.01 -29.72 -20.54
CA ALA G 198 4.64 -29.27 -20.79
C ALA G 198 3.64 -29.84 -19.80
N GLY G 199 4.13 -30.22 -18.63
CA GLY G 199 3.30 -30.71 -17.55
C GLY G 199 2.74 -32.11 -17.81
N THR G 200 3.46 -32.91 -18.59
CA THR G 200 2.92 -34.18 -19.06
C THR G 200 3.80 -35.39 -18.74
N LEU G 201 5.01 -35.12 -18.27
CA LEU G 201 6.02 -36.15 -17.96
C LEU G 201 6.26 -37.10 -19.14
N GLU G 202 6.70 -36.53 -20.24
CA GLU G 202 6.80 -37.27 -21.48
C GLU G 202 8.07 -38.12 -21.54
N LYS G 203 9.05 -37.83 -20.69
CA LYS G 203 10.30 -38.60 -20.65
C LYS G 203 10.20 -39.83 -19.74
N LEU G 204 9.03 -40.01 -19.11
CA LEU G 204 8.82 -41.14 -18.22
C LEU G 204 7.78 -42.13 -18.75
N GLY G 205 6.89 -41.65 -19.62
CA GLY G 205 5.92 -42.51 -20.31
C GLY G 205 4.95 -43.27 -19.42
N ASP G 206 5.14 -44.58 -19.35
CA ASP G 206 4.31 -45.42 -18.49
C ASP G 206 4.67 -45.33 -17.02
N ASN G 207 5.93 -44.99 -16.75
CA ASN G 207 6.46 -44.98 -15.39
C ASN G 207 6.25 -43.65 -14.67
N ALA G 208 5.53 -42.73 -15.33
CA ALA G 208 5.24 -41.41 -14.79
C ALA G 208 4.65 -41.47 -13.39
N GLY G 209 3.49 -42.10 -13.28
CA GLY G 209 2.74 -42.12 -12.03
C GLY G 209 3.51 -42.77 -10.90
N ALA G 210 4.26 -43.80 -11.24
CA ALA G 210 5.02 -44.57 -10.27
C ALA G 210 6.19 -43.78 -9.71
N VAL G 211 6.89 -43.03 -10.57
CA VAL G 211 8.03 -42.23 -10.14
C VAL G 211 7.62 -41.08 -9.21
N ARG G 212 6.56 -40.39 -9.59
CA ARG G 212 6.02 -39.29 -8.79
C ARG G 212 5.61 -39.72 -7.39
N ALA G 213 4.96 -40.88 -7.32
CA ALA G 213 4.55 -41.53 -6.06
C ALA G 213 5.70 -41.62 -5.06
N ASP G 214 6.81 -42.15 -5.54
CA ASP G 214 7.99 -42.37 -4.71
C ASP G 214 8.78 -41.12 -4.42
N LEU G 215 8.86 -40.22 -5.39
CA LEU G 215 9.55 -38.94 -5.22
C LEU G 215 8.88 -38.10 -4.14
N ALA G 216 7.54 -38.08 -4.16
CA ALA G 216 6.77 -37.46 -3.10
C ALA G 216 7.05 -38.05 -1.70
N LYS G 217 7.24 -39.37 -1.63
CA LYS G 217 7.46 -40.09 -0.38
C LYS G 217 8.77 -39.76 0.36
N ARG G 218 9.87 -39.56 -0.38
CA ARG G 218 11.14 -39.24 0.28
C ARG G 218 11.19 -37.78 0.73
N LEU G 219 10.44 -36.94 0.04
CA LEU G 219 10.39 -35.53 0.41
C LEU G 219 9.39 -35.24 1.56
N GLY G 220 8.48 -36.18 1.81
CA GLY G 220 7.39 -35.95 2.76
C GLY G 220 6.37 -34.93 2.26
N LEU G 221 6.00 -35.03 0.99
CA LEU G 221 5.02 -34.13 0.39
C LEU G 221 3.92 -34.96 -0.24
N ALA G 222 2.84 -34.31 -0.64
CA ALA G 222 1.68 -35.01 -1.17
C ALA G 222 1.80 -35.31 -2.66
N ASP G 223 1.21 -36.44 -3.05
CA ASP G 223 1.20 -36.91 -4.43
C ASP G 223 -0.05 -36.40 -5.16
N ARG G 224 0.09 -35.27 -5.82
CA ARG G 224 -1.00 -34.72 -6.62
C ARG G 224 -0.47 -34.57 -8.03
N PRO G 225 -1.30 -34.83 -9.05
CA PRO G 225 -0.81 -34.66 -10.43
C PRO G 225 -0.55 -33.19 -10.72
N GLN G 226 0.50 -32.92 -11.49
CA GLN G 226 1.11 -31.59 -11.61
C GLN G 226 0.20 -30.37 -11.64
N TRP G 227 0.69 -29.28 -11.07
CA TRP G 227 -0.13 -28.11 -10.87
C TRP G 227 0.59 -26.85 -11.33
N HIS G 228 1.24 -26.94 -12.51
CA HIS G 228 1.98 -25.80 -13.08
C HIS G 228 1.17 -24.53 -13.20
N ASN G 229 0.00 -24.63 -13.82
CA ASN G 229 -0.91 -23.49 -13.88
C ASN G 229 -1.97 -23.40 -12.76
N GLN G 230 -2.11 -24.43 -11.95
CA GLN G 230 -3.18 -24.48 -10.96
C GLN G 230 -2.73 -23.92 -9.60
N ARG G 231 -2.96 -22.63 -9.35
CA ARG G 231 -2.38 -22.00 -8.17
C ARG G 231 -3.36 -21.77 -7.01
N ASP G 232 -4.44 -22.53 -6.99
CA ASP G 232 -5.44 -22.40 -5.93
C ASP G 232 -4.88 -22.72 -4.55
N GLY G 233 -3.97 -23.70 -4.49
CA GLY G 233 -3.30 -24.07 -3.25
C GLY G 233 -2.49 -22.94 -2.66
N ILE G 234 -1.81 -22.19 -3.52
CA ILE G 234 -1.03 -21.05 -3.08
C ILE G 234 -1.93 -19.96 -2.50
N ALA G 235 -3.00 -19.63 -3.23
CA ALA G 235 -3.90 -18.56 -2.80
C ALA G 235 -4.65 -18.88 -1.51
N GLU G 236 -4.91 -20.17 -1.28
CA GLU G 236 -5.61 -20.61 -0.08
C GLU G 236 -4.69 -20.56 1.13
N PHE G 237 -3.41 -20.78 0.90
CA PHE G 237 -2.45 -20.79 1.98
C PHE G 237 -2.19 -19.36 2.39
N ALA G 238 -2.21 -18.47 1.42
CA ALA G 238 -2.03 -17.05 1.65
C ALA G 238 -3.24 -16.47 2.39
N ASN G 239 -4.42 -17.00 2.07
CA ASN G 239 -5.64 -16.66 2.78
C ASN G 239 -5.50 -16.90 4.26
N LEU G 240 -5.03 -18.08 4.64
CA LEU G 240 -4.81 -18.41 6.03
C LEU G 240 -3.77 -17.50 6.70
N LEU G 241 -2.73 -17.11 5.96
CA LEU G 241 -1.64 -16.28 6.49
C LEU G 241 -2.20 -14.94 6.93
N SER G 242 -3.03 -14.37 6.06
CA SER G 242 -3.70 -13.12 6.33
C SER G 242 -4.77 -13.23 7.44
N LEU G 243 -5.37 -14.41 7.54
CA LEU G 243 -6.46 -14.67 8.46
C LEU G 243 -5.95 -14.57 9.90
N VAL G 244 -4.81 -15.21 10.13
CA VAL G 244 -4.04 -15.06 11.37
C VAL G 244 -3.69 -13.59 11.64
N THR G 245 -3.01 -12.92 10.70
CA THR G 245 -2.56 -11.55 10.95
C THR G 245 -3.68 -10.56 11.23
N GLY G 246 -4.80 -10.71 10.52
CA GLY G 246 -5.98 -9.87 10.65
C GLY G 246 -6.60 -9.97 12.03
N THR G 247 -6.79 -11.20 12.50
CA THR G 247 -7.29 -11.44 13.85
C THR G 247 -6.30 -10.91 14.90
N LEU G 248 -5.00 -11.06 14.62
CA LEU G 248 -3.98 -10.53 15.50
C LEU G 248 -3.95 -9.01 15.50
N GLY G 249 -4.31 -8.39 14.38
CA GLY G 249 -4.42 -6.95 14.32
C GLY G 249 -5.66 -6.48 15.03
N LYS G 250 -6.69 -7.33 15.09
CA LYS G 250 -7.91 -6.99 15.80
C LYS G 250 -7.60 -6.94 17.28
N PHE G 251 -6.82 -7.91 17.73
CA PHE G 251 -6.32 -7.93 19.07
C PHE G 251 -5.46 -6.67 19.33
N GLY G 252 -4.60 -6.36 18.36
CA GLY G 252 -3.75 -5.17 18.42
C GLY G 252 -4.49 -3.83 18.43
N GLN G 253 -5.64 -3.75 17.79
CA GLN G 253 -6.37 -2.50 17.76
C GLN G 253 -7.08 -2.33 19.08
N ASP G 254 -7.55 -3.46 19.60
CA ASP G 254 -8.28 -3.50 20.85
C ASP G 254 -7.41 -3.02 21.99
N ILE G 255 -6.18 -3.53 22.08
CA ILE G 255 -5.25 -3.12 23.13
C ILE G 255 -4.82 -1.65 22.96
N ALA G 256 -4.45 -1.27 21.73
CA ALA G 256 -4.05 0.11 21.43
C ALA G 256 -5.10 1.14 21.88
N LEU G 257 -6.37 0.83 21.64
CA LEU G 257 -7.49 1.66 22.07
C LEU G 257 -7.65 1.69 23.56
N MET G 258 -7.42 0.56 24.20
CA MET G 258 -7.65 0.48 25.64
C MET G 258 -6.58 1.25 26.37
N ALA G 259 -5.41 1.37 25.75
CA ALA G 259 -4.31 2.11 26.31
C ALA G 259 -4.51 3.61 26.16
N GLU G 260 -5.22 4.04 25.12
CA GLU G 260 -5.49 5.47 24.92
C GLU G 260 -6.53 6.02 25.89
N ILE G 261 -7.54 5.21 26.19
CA ILE G 261 -8.46 5.51 27.29
C ILE G 261 -7.76 5.28 28.62
N GLY G 262 -7.27 4.08 28.83
CA GLY G 262 -6.35 3.80 29.94
C GLY G 262 -6.96 3.85 31.32
N SER G 263 -8.19 3.38 31.46
CA SER G 263 -8.74 3.21 32.80
C SER G 263 -8.89 1.73 33.10
N GLU G 264 -8.76 0.92 32.05
CA GLU G 264 -9.04 -0.52 32.11
C GLU G 264 -7.87 -1.43 31.71
N ILE G 265 -6.65 -0.90 31.69
CA ILE G 265 -5.46 -1.70 31.40
C ILE G 265 -4.20 -1.15 32.13
N ARG G 266 -3.20 -1.99 32.36
CA ARG G 266 -1.86 -1.50 32.70
C ARG G 266 -0.84 -2.17 31.77
N LEU G 267 0.08 -1.39 31.21
CA LEU G 267 1.18 -1.93 30.41
C LEU G 267 2.53 -1.60 31.07
N SER G 268 3.41 -2.59 31.09
CA SER G 268 4.74 -2.40 31.63
C SER G 268 5.58 -1.72 30.56
N ASN G 281 4.18 4.22 23.16
CA ASN G 281 3.96 3.31 24.26
C ASN G 281 3.29 1.98 23.89
N PRO G 282 2.17 1.97 23.14
CA PRO G 282 1.68 0.65 22.77
C PRO G 282 2.15 0.27 21.38
N VAL G 283 3.47 0.34 21.17
CA VAL G 283 4.14 0.08 19.90
C VAL G 283 3.75 -1.27 19.29
N ASN G 284 3.83 -2.31 20.13
CA ASN G 284 3.49 -3.67 19.74
C ASN G 284 2.07 -3.86 19.19
N ALA G 285 1.11 -3.23 19.88
CA ALA G 285 -0.29 -3.26 19.47
C ALA G 285 -0.46 -2.69 18.08
N GLU G 286 0.15 -1.51 17.87
CA GLU G 286 0.08 -0.76 16.61
C GLU G 286 0.65 -1.58 15.48
N THR G 287 1.78 -2.21 15.75
CA THR G 287 2.51 -3.03 14.78
C THR G 287 1.65 -4.19 14.21
N LEU G 288 0.85 -4.82 15.07
CA LEU G 288 -0.09 -5.89 14.69
C LEU G 288 -1.13 -5.40 13.68
N VAL G 289 -1.64 -4.19 13.88
CA VAL G 289 -2.57 -3.57 12.94
C VAL G 289 -1.90 -3.30 11.58
N THR G 290 -0.64 -2.86 11.63
CA THR G 290 0.18 -2.64 10.45
C THR G 290 0.35 -3.94 9.64
N LEU G 291 0.68 -5.02 10.35
CA LEU G 291 0.93 -6.31 9.71
C LEU G 291 -0.34 -6.96 9.20
N ALA G 292 -1.45 -6.65 9.89
CA ALA G 292 -2.77 -7.02 9.41
C ALA G 292 -3.08 -6.40 8.03
N ARG G 293 -3.04 -5.07 7.92
CA ARG G 293 -3.33 -4.41 6.64
C ARG G 293 -2.29 -4.69 5.57
N PHE G 294 -1.07 -5.05 5.98
CA PHE G 294 -0.06 -5.47 5.02
C PHE G 294 -0.51 -6.72 4.27
N ASN G 295 -0.75 -7.81 4.99
CA ASN G 295 -1.21 -9.06 4.39
C ASN G 295 -2.55 -8.99 3.68
N ALA G 296 -3.43 -8.12 4.18
CA ALA G 296 -4.72 -7.81 3.55
C ALA G 296 -4.56 -7.11 2.19
N VAL G 297 -3.44 -6.42 2.00
CA VAL G 297 -3.06 -5.96 0.67
C VAL G 297 -2.45 -7.09 -0.16
N GLN G 298 -1.52 -7.84 0.45
CA GLN G 298 -0.72 -8.82 -0.31
C GLN G 298 -1.52 -10.00 -0.83
N ILE G 299 -2.62 -10.31 -0.15
CA ILE G 299 -3.55 -11.38 -0.55
C ILE G 299 -4.03 -11.23 -2.01
N SER G 300 -4.11 -10.00 -2.48
CA SER G 300 -4.62 -9.68 -3.80
C SER G 300 -3.67 -10.15 -4.89
N ALA G 301 -2.37 -10.07 -4.60
CA ALA G 301 -1.34 -10.55 -5.52
C ALA G 301 -1.57 -12.00 -5.91
N LEU G 302 -1.77 -12.85 -4.91
CA LEU G 302 -1.92 -14.29 -5.12
C LEU G 302 -3.22 -14.67 -5.81
N HIS G 303 -4.24 -13.85 -5.61
CA HIS G 303 -5.50 -14.11 -6.29
C HIS G 303 -5.46 -13.59 -7.72
N GLN G 304 -4.69 -12.54 -7.97
CA GLN G 304 -4.42 -12.11 -9.34
C GLN G 304 -3.58 -13.18 -10.05
N SER G 305 -2.70 -13.83 -9.29
CA SER G 305 -1.82 -14.89 -9.81
C SER G 305 -2.52 -16.18 -10.18
N LEU G 306 -3.81 -16.26 -9.89
CA LEU G 306 -4.62 -17.39 -10.28
C LEU G 306 -4.78 -17.45 -11.80
N VAL G 307 -4.75 -16.30 -12.47
CA VAL G 307 -4.72 -16.32 -13.92
C VAL G 307 -3.30 -16.64 -14.29
N GLN G 308 -3.06 -17.90 -14.64
CA GLN G 308 -1.77 -18.31 -15.13
C GLN G 308 -1.97 -19.09 -16.40
N GLU G 309 -1.73 -18.42 -17.52
CA GLU G 309 -2.12 -18.88 -18.84
C GLU G 309 -1.27 -20.00 -19.42
N GLN G 310 -1.93 -20.79 -20.28
CA GLN G 310 -1.35 -21.94 -20.97
C GLN G 310 -0.64 -22.92 -20.03
N GLU G 311 0.47 -23.52 -20.42
CA GLU G 311 1.10 -24.53 -19.56
C GLU G 311 1.96 -23.97 -18.46
N ARG G 312 2.39 -22.73 -18.61
CA ARG G 312 3.23 -22.06 -17.63
C ARG G 312 3.23 -20.57 -17.96
N SER G 313 2.83 -19.74 -17.01
CA SER G 313 2.81 -18.30 -17.20
C SER G 313 3.86 -17.67 -16.36
N GLY G 314 4.82 -17.01 -16.96
CA GLY G 314 5.87 -16.37 -16.19
C GLY G 314 5.37 -15.22 -15.35
N ALA G 315 4.48 -14.42 -15.95
CA ALA G 315 4.00 -13.19 -15.34
C ALA G 315 3.31 -13.45 -14.03
N GLY G 316 2.43 -14.44 -13.99
CA GLY G 316 1.68 -14.74 -12.77
C GLY G 316 2.52 -15.46 -11.74
N TRP G 317 3.33 -16.40 -12.22
CA TRP G 317 4.24 -17.21 -11.39
C TRP G 317 5.22 -16.35 -10.62
N MET G 318 5.84 -15.40 -11.29
CA MET G 318 6.79 -14.52 -10.64
C MET G 318 6.20 -13.52 -9.63
N LEU G 319 4.91 -13.21 -9.75
CA LEU G 319 4.26 -12.33 -8.78
C LEU G 319 4.28 -12.99 -7.42
N GLU G 320 4.04 -14.30 -7.42
CA GLU G 320 4.09 -15.08 -6.20
C GLU G 320 5.48 -15.07 -5.59
N TRP G 321 6.54 -15.02 -6.42
CA TRP G 321 7.90 -14.97 -5.88
C TRP G 321 8.10 -13.69 -5.10
N LEU G 322 7.61 -12.59 -5.66
CA LEU G 322 7.78 -11.26 -5.12
C LEU G 322 7.00 -11.01 -3.82
N THR G 323 5.90 -11.75 -3.61
CA THR G 323 4.94 -11.43 -2.56
C THR G 323 4.82 -12.44 -1.43
N LEU G 324 4.78 -13.72 -1.78
CA LEU G 324 4.52 -14.79 -0.80
C LEU G 324 5.48 -14.95 0.41
N PRO G 325 6.82 -14.99 0.19
CA PRO G 325 7.71 -14.98 1.36
C PRO G 325 7.51 -13.82 2.34
N GLN G 326 7.03 -12.68 1.87
CA GLN G 326 6.70 -11.61 2.80
C GLN G 326 5.43 -11.85 3.61
N MET G 327 4.43 -12.48 3.00
CA MET G 327 3.25 -12.90 3.71
C MET G 327 3.51 -13.90 4.84
N VAL G 328 4.39 -14.89 4.63
CA VAL G 328 4.64 -15.83 5.72
C VAL G 328 5.47 -15.19 6.87
N THR G 329 6.28 -14.20 6.53
CA THR G 329 7.08 -13.50 7.52
C THR G 329 6.19 -12.52 8.27
N ALA G 330 5.21 -11.95 7.58
CA ALA G 330 4.25 -11.07 8.23
C ALA G 330 3.53 -11.86 9.30
N THR G 331 3.11 -13.09 8.97
CA THR G 331 2.42 -13.93 9.93
C THR G 331 3.34 -14.40 11.07
N GLY G 332 4.59 -14.72 10.72
CA GLY G 332 5.59 -15.12 11.68
C GLY G 332 5.93 -14.01 12.67
N THR G 333 6.02 -12.79 12.17
CA THR G 333 6.30 -11.64 12.99
C THR G 333 5.09 -11.25 13.83
N SER G 334 3.90 -11.33 13.22
CA SER G 334 2.63 -11.03 13.90
C SER G 334 2.53 -11.84 15.18
N LEU G 335 2.89 -13.11 15.06
CA LEU G 335 2.93 -14.02 16.18
C LEU G 335 3.98 -13.65 17.23
N LEU G 336 5.18 -13.31 16.77
CA LEU G 336 6.24 -12.91 17.66
C LEU G 336 5.85 -11.70 18.49
N VAL G 337 5.34 -10.68 17.78
CA VAL G 337 4.94 -9.41 18.35
C VAL G 337 3.69 -9.51 19.25
N ALA G 338 2.75 -10.40 18.93
CA ALA G 338 1.57 -10.55 19.78
C ALA G 338 1.94 -11.22 21.11
N GLU G 339 2.90 -12.14 21.05
CA GLU G 339 3.43 -12.82 22.21
C GLU G 339 4.19 -11.85 23.12
N ARG G 340 4.86 -10.91 22.49
CA ARG G 340 5.60 -9.88 23.19
C ARG G 340 4.66 -8.81 23.79
N LEU G 341 3.55 -8.52 23.09
CA LEU G 341 2.47 -7.66 23.63
C LEU G 341 1.76 -8.27 24.84
N ALA G 342 1.45 -9.56 24.76
CA ALA G 342 0.73 -10.24 25.82
C ALA G 342 1.62 -10.37 27.06
N ALA G 343 2.93 -10.42 26.84
CA ALA G 343 3.93 -10.39 27.91
C ALA G 343 3.91 -9.07 28.69
N GLN G 344 3.38 -8.00 28.08
CA GLN G 344 3.26 -6.67 28.71
C GLN G 344 1.96 -6.44 29.48
N ILE G 345 0.91 -7.20 29.16
CA ILE G 345 -0.39 -6.95 29.79
C ILE G 345 -0.47 -7.46 31.24
N ASP G 346 -0.27 -6.55 32.19
CA ASP G 346 -0.20 -6.89 33.62
C ASP G 346 -1.58 -6.98 34.28
N ARG G 347 -2.52 -6.19 33.75
CA ARG G 347 -3.89 -6.20 34.24
C ARG G 347 -4.79 -5.81 33.08
N LEU G 348 -5.93 -6.46 33.00
CA LEU G 348 -7.02 -6.08 32.12
C LEU G 348 -8.22 -5.79 33.01
N GLY G 349 -9.18 -5.03 32.49
CA GLY G 349 -10.38 -4.69 33.26
C GLY G 349 -10.20 -3.52 34.23
N ALA G 350 -11.32 -2.98 34.71
CA ALA G 350 -11.28 -1.85 35.62
C ALA G 350 -11.34 -2.29 37.06
N SER H 2 -26.78 2.04 -14.26
CA SER H 2 -26.47 1.96 -12.79
C SER H 2 -24.98 1.78 -12.60
N LEU H 3 -24.51 1.77 -11.36
CA LEU H 3 -23.06 1.76 -11.08
C LEU H 3 -22.35 0.46 -11.49
N SER H 4 -22.91 -0.71 -11.14
CA SER H 4 -22.35 -2.00 -11.51
C SER H 4 -23.04 -2.56 -12.75
N PRO H 5 -22.25 -2.97 -13.75
CA PRO H 5 -22.72 -3.60 -14.99
C PRO H 5 -23.55 -4.89 -14.79
N PHE H 6 -23.42 -5.52 -13.61
CA PHE H 6 -24.25 -6.64 -13.22
C PHE H 6 -25.75 -6.30 -13.20
N GLU H 7 -26.09 -5.07 -12.78
CA GLU H 7 -27.48 -4.64 -12.67
C GLU H 7 -27.84 -3.56 -13.69
N HIS H 8 -26.90 -3.26 -14.59
CA HIS H 8 -27.05 -2.20 -15.58
C HIS H 8 -28.05 -2.57 -16.66
N PRO H 9 -29.01 -1.67 -16.94
CA PRO H 9 -30.03 -1.85 -17.95
C PRO H 9 -29.59 -2.50 -19.24
N PHE H 10 -28.41 -2.18 -19.77
CA PHE H 10 -27.93 -2.92 -20.95
C PHE H 10 -26.70 -3.80 -20.76
N LEU H 11 -25.82 -3.41 -19.82
CA LEU H 11 -24.59 -4.16 -19.60
C LEU H 11 -24.81 -5.47 -18.85
N SER H 12 -25.99 -5.64 -18.25
CA SER H 12 -26.46 -6.96 -17.78
C SER H 12 -26.72 -7.97 -18.91
N GLY H 13 -26.64 -7.52 -20.17
CA GLY H 13 -26.59 -8.42 -21.32
C GLY H 13 -25.39 -9.36 -21.25
N LEU H 14 -24.23 -8.82 -20.90
CA LEU H 14 -23.04 -9.66 -20.73
C LEU H 14 -22.81 -10.07 -19.26
N PHE H 15 -23.09 -9.17 -18.33
CA PHE H 15 -22.73 -9.33 -16.92
C PHE H 15 -23.88 -9.71 -15.97
N GLY H 16 -25.09 -9.93 -16.47
CA GLY H 16 -26.24 -10.15 -15.60
C GLY H 16 -26.23 -11.49 -14.89
N ASP H 17 -26.99 -11.57 -13.80
CA ASP H 17 -27.34 -12.80 -13.10
C ASP H 17 -28.52 -12.47 -12.20
N SER H 18 -29.72 -12.51 -12.76
CA SER H 18 -30.91 -12.13 -12.00
C SER H 18 -31.14 -13.04 -10.79
N GLU H 19 -30.82 -14.33 -10.96
CA GLU H 19 -31.03 -15.30 -9.91
C GLU H 19 -30.17 -15.06 -8.65
N ILE H 20 -28.89 -14.78 -8.84
CA ILE H 20 -28.02 -14.51 -7.69
C ILE H 20 -28.34 -13.12 -7.13
N ILE H 21 -28.57 -12.15 -8.01
CA ILE H 21 -28.86 -10.77 -7.60
C ILE H 21 -30.11 -10.58 -6.72
N GLU H 22 -31.16 -11.35 -7.01
N GLU H 22 -31.17 -11.36 -6.97
CA GLU H 22 -32.39 -11.27 -6.24
CA GLU H 22 -32.42 -11.25 -6.22
C GLU H 22 -32.32 -12.15 -4.98
C GLU H 22 -32.25 -11.64 -4.74
N LEU H 23 -31.11 -12.26 -4.44
CA LEU H 23 -30.84 -12.74 -3.11
C LEU H 23 -30.27 -11.57 -2.33
N PHE H 24 -30.06 -10.46 -3.04
CA PHE H 24 -29.56 -9.26 -2.42
C PHE H 24 -30.56 -8.13 -2.58
N SER H 25 -31.79 -8.48 -2.94
CA SER H 25 -32.84 -7.47 -3.11
C SER H 25 -33.32 -7.08 -1.74
N ALA H 26 -33.94 -5.91 -1.61
CA ALA H 26 -34.41 -5.43 -0.31
C ALA H 26 -35.59 -6.26 0.17
N LYS H 27 -36.40 -6.71 -0.79
CA LYS H 27 -37.51 -7.61 -0.52
C LYS H 27 -37.05 -8.92 0.15
N ALA H 28 -36.01 -9.54 -0.39
CA ALA H 28 -35.48 -10.78 0.13
C ALA H 28 -34.76 -10.58 1.46
N ASP H 29 -34.02 -9.48 1.55
CA ASP H 29 -33.41 -9.10 2.83
C ASP H 29 -34.46 -8.99 3.93
N ILE H 30 -35.48 -8.14 3.71
CA ILE H 30 -36.55 -7.94 4.67
C ILE H 30 -37.28 -9.24 5.01
N ASP H 31 -37.49 -10.07 3.99
CA ASP H 31 -38.05 -11.41 4.19
C ASP H 31 -37.24 -12.23 5.18
N ALA H 32 -35.91 -12.19 5.04
CA ALA H 32 -35.01 -12.89 5.93
C ALA H 32 -34.98 -12.30 7.33
N MET H 33 -35.11 -10.99 7.44
CA MET H 33 -35.16 -10.34 8.75
C MET H 33 -36.45 -10.63 9.49
N ILE H 34 -37.53 -10.82 8.74
CA ILE H 34 -38.80 -11.27 9.33
C ILE H 34 -38.61 -12.69 9.87
N ARG H 35 -37.98 -13.57 9.09
CA ARG H 35 -37.72 -14.96 9.49
C ARG H 35 -37.03 -14.99 10.84
N PHE H 36 -36.00 -14.15 10.98
CA PHE H 36 -35.25 -13.98 12.22
C PHE H 36 -36.17 -13.62 13.39
N GLU H 37 -37.04 -12.64 13.18
CA GLU H 37 -37.92 -12.13 14.23
C GLU H 37 -39.06 -13.07 14.63
N THR H 38 -39.62 -13.75 13.63
CA THR H 38 -40.65 -14.77 13.85
C THR H 38 -40.07 -15.94 14.64
N ALA H 39 -38.91 -16.43 14.18
CA ALA H 39 -38.25 -17.58 14.81
C ALA H 39 -37.72 -17.25 16.20
N LEU H 40 -37.25 -16.02 16.40
CA LEU H 40 -36.75 -15.61 17.71
C LEU H 40 -37.90 -15.50 18.71
N ALA H 41 -39.10 -15.20 18.21
CA ALA H 41 -40.27 -15.13 19.07
C ALA H 41 -40.67 -16.52 19.48
N GLN H 42 -40.57 -17.45 18.53
CA GLN H 42 -40.96 -18.83 18.77
C GLN H 42 -39.99 -19.52 19.70
N ALA H 43 -38.71 -19.17 19.56
CA ALA H 43 -37.66 -19.79 20.35
C ALA H 43 -37.78 -19.42 21.82
N GLU H 44 -38.11 -18.15 22.05
CA GLU H 44 -38.13 -17.59 23.39
C GLU H 44 -39.37 -18.01 24.16
N ALA H 45 -40.45 -18.28 23.44
CA ALA H 45 -41.67 -18.79 24.06
C ALA H 45 -41.46 -20.21 24.55
N GLU H 46 -40.80 -21.00 23.70
CA GLU H 46 -40.38 -22.37 23.98
C GLU H 46 -39.47 -22.47 25.22
N ALA H 47 -38.67 -21.43 25.45
CA ALA H 47 -37.84 -21.34 26.65
C ALA H 47 -38.55 -20.70 27.84
N SER H 48 -39.82 -20.30 27.68
CA SER H 48 -40.63 -19.60 28.69
C SER H 48 -40.08 -18.23 29.11
N ILE H 49 -39.97 -17.30 28.17
CA ILE H 49 -39.64 -15.92 28.49
C ILE H 49 -40.91 -15.06 28.41
N PHE H 50 -41.89 -15.53 27.64
CA PHE H 50 -43.24 -14.98 27.63
C PHE H 50 -44.16 -16.11 27.20
N ALA H 51 -45.47 -15.92 27.33
CA ALA H 51 -46.40 -17.03 27.07
C ALA H 51 -46.66 -17.25 25.57
N ASP H 52 -47.33 -18.36 25.24
CA ASP H 52 -47.44 -18.79 23.85
C ASP H 52 -48.45 -18.04 23.00
N ASP H 53 -49.42 -17.41 23.65
CA ASP H 53 -50.37 -16.58 22.91
C ASP H 53 -49.70 -15.28 22.43
N GLU H 54 -48.70 -14.82 23.19
CA GLU H 54 -47.93 -13.63 22.87
C GLU H 54 -46.96 -13.89 21.73
N ALA H 55 -46.41 -15.11 21.70
CA ALA H 55 -45.51 -15.52 20.63
C ALA H 55 -46.28 -15.69 19.36
N GLU H 56 -47.46 -16.29 19.47
CA GLU H 56 -48.31 -16.53 18.31
C GLU H 56 -48.91 -15.22 17.76
N ALA H 57 -48.97 -14.19 18.61
CA ALA H 57 -49.36 -12.85 18.18
C ALA H 57 -48.31 -12.22 17.27
N ILE H 58 -47.05 -12.28 17.72
CA ILE H 58 -45.91 -11.83 16.93
C ILE H 58 -45.84 -12.61 15.62
N VAL H 59 -45.96 -13.93 15.72
CA VAL H 59 -45.84 -14.79 14.54
C VAL H 59 -46.91 -14.48 13.50
N SER H 60 -48.17 -14.50 13.89
CA SER H 60 -49.24 -14.32 12.92
C SER H 60 -49.41 -12.87 12.48
N GLY H 61 -48.99 -11.92 13.32
CA GLY H 61 -49.00 -10.51 12.96
C GLY H 61 -48.02 -10.25 11.83
N LEU H 62 -46.85 -10.86 11.93
CA LEU H 62 -45.78 -10.69 10.95
C LEU H 62 -45.98 -11.51 9.68
N SER H 63 -46.95 -12.42 9.70
N SER H 63 -46.94 -12.43 9.71
CA SER H 63 -47.25 -13.25 8.54
CA SER H 63 -47.25 -13.25 8.54
C SER H 63 -47.75 -12.43 7.35
C SER H 63 -47.70 -12.41 7.36
N GLU H 64 -48.44 -11.33 7.65
CA GLU H 64 -48.88 -10.42 6.61
C GLU H 64 -48.36 -8.99 6.82
N PHE H 65 -47.23 -8.87 7.52
CA PHE H 65 -46.56 -7.59 7.63
C PHE H 65 -45.93 -7.27 6.28
N ALA H 66 -46.01 -6.02 5.87
CA ALA H 66 -45.13 -5.53 4.81
C ALA H 66 -44.62 -4.14 5.18
N ALA H 67 -43.47 -3.77 4.63
CA ALA H 67 -42.76 -2.62 5.14
C ALA H 67 -43.01 -1.34 4.35
N ASP H 68 -42.80 -0.20 5.00
CA ASP H 68 -42.76 1.09 4.34
C ASP H 68 -41.28 1.38 4.02
N MET H 69 -40.94 1.28 2.75
CA MET H 69 -39.56 1.39 2.27
C MET H 69 -39.02 2.80 2.45
N SER H 70 -39.90 3.77 2.20
CA SER H 70 -39.59 5.17 2.37
C SER H 70 -39.16 5.45 3.80
N ALA H 71 -39.98 5.00 4.74
CA ALA H 71 -39.70 5.17 6.16
C ALA H 71 -38.42 4.45 6.58
N LEU H 72 -38.21 3.24 6.08
CA LEU H 72 -36.97 2.52 6.33
C LEU H 72 -35.69 3.27 5.90
N ARG H 73 -35.76 3.99 4.79
CA ARG H 73 -34.62 4.77 4.30
C ARG H 73 -34.29 5.88 5.26
N HIS H 74 -35.32 6.60 5.72
CA HIS H 74 -35.17 7.70 6.67
C HIS H 74 -34.67 7.15 8.03
N GLY H 75 -35.14 5.95 8.36
CA GLY H 75 -34.63 5.15 9.45
C GLY H 75 -33.12 4.92 9.41
N VAL H 76 -32.56 4.53 8.27
CA VAL H 76 -31.07 4.42 8.26
C VAL H 76 -30.38 5.78 8.12
N ALA H 77 -31.11 6.81 7.71
CA ALA H 77 -30.54 8.13 7.62
C ALA H 77 -30.22 8.60 9.03
N LYS H 78 -31.19 8.47 9.94
CA LYS H 78 -30.90 8.75 11.35
C LYS H 78 -29.90 7.75 11.92
N ASP H 79 -30.33 6.50 12.06
CA ASP H 79 -29.61 5.50 12.85
C ASP H 79 -28.36 4.97 12.19
N GLY H 80 -28.38 4.82 10.87
CA GLY H 80 -27.25 4.24 10.20
C GLY H 80 -27.37 2.74 10.09
N VAL H 81 -28.55 2.22 10.42
CA VAL H 81 -28.82 0.79 10.36
C VAL H 81 -30.34 0.72 10.14
N VAL H 82 -30.87 -0.29 9.42
CA VAL H 82 -32.34 -0.39 9.34
C VAL H 82 -33.03 -0.65 10.64
N VAL H 83 -32.56 -1.67 11.36
CA VAL H 83 -33.40 -2.37 12.34
C VAL H 83 -34.17 -1.58 13.41
N PRO H 84 -33.60 -0.49 14.01
CA PRO H 84 -34.50 0.28 14.88
C PRO H 84 -35.83 0.70 14.23
N GLU H 85 -35.79 1.19 12.99
CA GLU H 85 -37.01 1.52 12.28
C GLU H 85 -37.82 0.29 11.88
N LEU H 86 -37.14 -0.75 11.41
CA LEU H 86 -37.78 -2.00 11.04
C LEU H 86 -38.56 -2.63 12.20
N ILE H 87 -37.95 -2.63 13.38
CA ILE H 87 -38.56 -3.18 14.57
C ILE H 87 -39.78 -2.32 14.92
N ARG H 88 -39.62 -1.00 14.82
CA ARG H 88 -40.74 -0.05 15.02
C ARG H 88 -41.96 -0.35 14.11
N GLN H 89 -41.73 -0.59 12.82
CA GLN H 89 -42.83 -0.96 11.90
C GLN H 89 -43.37 -2.34 12.20
N MET H 90 -42.51 -3.25 12.67
CA MET H 90 -42.94 -4.59 13.05
C MET H 90 -43.85 -4.59 14.26
N ARG H 91 -43.51 -3.81 15.29
CA ARG H 91 -44.30 -3.72 16.53
C ARG H 91 -45.73 -3.26 16.26
N ALA H 92 -45.88 -2.22 15.46
CA ALA H 92 -47.20 -1.69 15.12
C ALA H 92 -48.04 -2.62 14.24
N ALA H 93 -47.50 -3.77 13.86
CA ALA H 93 -48.27 -4.77 13.15
C ALA H 93 -48.74 -5.88 14.08
N VAL H 94 -48.36 -5.78 15.35
CA VAL H 94 -48.67 -6.78 16.40
C VAL H 94 -49.67 -6.21 17.42
N ALA H 95 -50.68 -7.00 17.78
CA ALA H 95 -51.66 -6.58 18.79
C ALA H 95 -51.12 -6.59 20.23
N GLY H 96 -51.50 -5.56 20.98
CA GLY H 96 -51.37 -5.54 22.43
C GLY H 96 -49.99 -5.38 23.03
N GLN H 97 -49.78 -6.07 24.15
CA GLN H 97 -48.53 -6.06 24.90
C GLN H 97 -47.51 -6.99 24.26
N ALA H 98 -47.97 -7.85 23.34
CA ALA H 98 -47.10 -8.81 22.67
C ALA H 98 -46.14 -8.15 21.66
N ALA H 99 -46.36 -6.87 21.38
CA ALA H 99 -45.45 -6.08 20.56
C ALA H 99 -44.20 -5.64 21.33
N ASP H 100 -44.29 -5.55 22.65
CA ASP H 100 -43.16 -5.15 23.50
C ASP H 100 -42.04 -6.17 23.48
N LYS H 101 -42.39 -7.39 23.08
CA LYS H 101 -41.49 -8.53 23.21
C LYS H 101 -40.80 -8.94 21.91
N VAL H 102 -41.16 -8.33 20.77
CA VAL H 102 -40.46 -8.63 19.52
C VAL H 102 -39.06 -8.02 19.62
N HIS H 103 -38.06 -8.72 19.07
CA HIS H 103 -36.65 -8.29 19.09
C HIS H 103 -35.97 -8.38 20.49
N PHE H 104 -36.55 -9.16 21.39
CA PHE H 104 -36.07 -9.19 22.78
C PHE H 104 -34.73 -9.90 22.91
N GLY H 105 -33.73 -9.17 23.43
CA GLY H 105 -32.41 -9.75 23.63
C GLY H 105 -31.50 -9.68 22.42
N ALA H 106 -32.07 -9.43 21.24
CA ALA H 106 -31.27 -9.31 20.03
C ALA H 106 -30.89 -7.86 19.77
N THR H 107 -29.74 -7.67 19.10
CA THR H 107 -29.30 -6.34 18.69
C THR H 107 -29.38 -6.24 17.17
N SER H 108 -29.24 -5.03 16.65
CA SER H 108 -29.27 -4.78 15.22
C SER H 108 -28.38 -5.69 14.36
N GLN H 109 -27.17 -5.96 14.83
CA GLN H 109 -26.21 -6.76 14.06
C GLN H 109 -26.63 -8.23 13.96
N ASP H 110 -27.33 -8.70 14.98
CA ASP H 110 -27.87 -10.05 14.98
C ASP H 110 -28.79 -10.24 13.78
N VAL H 111 -29.70 -9.30 13.56
CA VAL H 111 -30.69 -9.49 12.53
C VAL H 111 -30.10 -9.25 11.17
N ILE H 112 -29.17 -8.29 11.08
CA ILE H 112 -28.46 -8.01 9.82
C ILE H 112 -27.56 -9.16 9.32
N ASP H 113 -26.67 -9.65 10.20
CA ASP H 113 -25.74 -10.71 9.80
C ASP H 113 -26.44 -12.08 9.64
N THR H 114 -27.54 -12.32 10.38
CA THR H 114 -28.33 -13.55 10.22
C THR H 114 -29.08 -13.54 8.89
N SER H 115 -29.61 -12.38 8.51
CA SER H 115 -30.19 -12.21 7.18
C SER H 115 -29.18 -12.41 6.07
N LEU H 116 -27.96 -11.97 6.29
CA LEU H 116 -26.94 -12.12 5.28
C LEU H 116 -26.57 -13.59 5.14
N MET H 117 -26.29 -14.23 6.28
CA MET H 117 -25.93 -15.64 6.30
C MET H 117 -26.99 -16.55 5.67
N LEU H 118 -28.26 -16.32 6.01
CA LEU H 118 -29.39 -17.03 5.39
C LEU H 118 -29.33 -16.95 3.87
N ARG H 119 -29.13 -15.73 3.36
CA ARG H 119 -29.15 -15.45 1.93
C ARG H 119 -27.86 -15.85 1.20
N LEU H 120 -26.72 -15.71 1.88
CA LEU H 120 -25.47 -16.23 1.35
C LEU H 120 -25.57 -17.75 1.16
N LYS H 121 -26.18 -18.44 2.12
CA LYS H 121 -26.37 -19.89 2.07
C LYS H 121 -27.21 -20.32 0.86
N MET H 122 -28.17 -19.49 0.48
CA MET H 122 -28.98 -19.80 -0.68
C MET H 122 -28.21 -19.52 -1.96
N ALA H 123 -27.30 -18.54 -1.90
CA ALA H 123 -26.45 -18.21 -3.04
C ALA H 123 -25.37 -19.26 -3.24
N ALA H 124 -24.92 -19.85 -2.14
CA ALA H 124 -23.94 -20.94 -2.18
C ALA H 124 -24.55 -22.23 -2.70
N GLU H 125 -25.82 -22.48 -2.42
CA GLU H 125 -26.53 -23.61 -3.01
C GLU H 125 -26.65 -23.43 -4.54
N ILE H 126 -26.74 -22.18 -4.99
CA ILE H 126 -26.87 -21.92 -6.39
C ILE H 126 -25.49 -22.03 -7.05
N ILE H 127 -24.46 -21.51 -6.38
CA ILE H 127 -23.10 -21.53 -6.95
C ILE H 127 -22.55 -22.94 -7.08
N ALA H 128 -22.70 -23.73 -6.02
CA ALA H 128 -22.31 -25.13 -6.00
C ALA H 128 -23.00 -25.95 -7.08
N THR H 129 -24.29 -25.71 -7.30
CA THR H 129 -25.01 -26.43 -8.38
C THR H 129 -24.41 -26.14 -9.75
N ARG H 130 -24.26 -24.84 -10.06
CA ARG H 130 -23.71 -24.38 -11.33
C ARG H 130 -22.29 -24.87 -11.56
N LEU H 131 -21.52 -24.89 -10.47
CA LEU H 131 -20.16 -25.40 -10.47
C LEU H 131 -20.23 -26.80 -11.02
N GLY H 132 -20.97 -27.67 -10.33
CA GLY H 132 -21.23 -29.05 -10.77
C GLY H 132 -21.65 -29.26 -12.22
N HIS H 133 -22.52 -28.40 -12.75
CA HIS H 133 -23.04 -28.53 -14.12
C HIS H 133 -22.02 -28.14 -15.22
N LEU H 134 -21.16 -27.15 -14.93
CA LEU H 134 -20.15 -26.69 -15.88
C LEU H 134 -19.00 -27.71 -15.97
N ILE H 135 -18.74 -28.39 -14.85
CA ILE H 135 -17.72 -29.44 -14.78
C ILE H 135 -18.08 -30.61 -15.69
N ASP H 136 -19.38 -30.91 -15.80
CA ASP H 136 -19.82 -31.94 -16.76
C ASP H 136 -19.83 -31.43 -18.20
N THR H 137 -20.09 -30.14 -18.40
CA THR H 137 -19.99 -29.55 -19.74
C THR H 137 -18.55 -29.52 -20.23
N LEU H 138 -17.64 -29.05 -19.38
CA LEU H 138 -16.20 -29.08 -19.63
C LEU H 138 -15.65 -30.51 -19.74
N GLY H 139 -16.25 -31.44 -19.00
CA GLY H 139 -15.96 -32.85 -19.12
C GLY H 139 -16.39 -33.38 -20.47
N ASP H 140 -17.56 -32.94 -20.94
CA ASP H 140 -18.05 -33.35 -22.26
C ASP H 140 -17.17 -32.82 -23.41
N LEU H 141 -16.57 -31.64 -23.22
CA LEU H 141 -15.71 -31.07 -24.25
C LEU H 141 -14.39 -31.83 -24.32
N ALA H 142 -14.01 -32.46 -23.22
CA ALA H 142 -12.88 -33.38 -23.24
C ALA H 142 -13.28 -34.69 -23.90
N SER H 143 -14.45 -35.23 -23.60
CA SER H 143 -14.80 -36.55 -24.15
C SER H 143 -15.30 -36.52 -25.61
N ARG H 144 -15.28 -35.34 -26.21
CA ARG H 144 -15.48 -35.19 -27.64
C ARG H 144 -14.14 -34.98 -28.34
N ASP H 145 -13.25 -34.20 -27.72
CA ASP H 145 -12.06 -33.70 -28.39
C ASP H 145 -10.73 -33.95 -27.69
N GLY H 146 -10.75 -34.55 -26.50
CA GLY H 146 -9.55 -34.67 -25.64
C GLY H 146 -8.38 -35.45 -26.19
N HIS H 147 -8.65 -36.17 -27.26
CA HIS H 147 -7.67 -37.00 -27.95
C HIS H 147 -6.91 -36.22 -29.03
N LYS H 148 -7.44 -35.06 -29.41
CA LYS H 148 -6.84 -34.23 -30.46
C LYS H 148 -5.61 -33.49 -29.92
N PRO H 149 -4.54 -33.35 -30.74
CA PRO H 149 -3.33 -32.73 -30.18
C PRO H 149 -3.34 -31.18 -30.12
N LEU H 150 -2.76 -30.64 -29.06
CA LEU H 150 -2.58 -29.19 -28.91
C LEU H 150 -1.11 -28.87 -28.94
N THR H 151 -0.80 -27.63 -29.28
CA THR H 151 0.55 -27.14 -29.16
C THR H 151 0.70 -26.63 -27.73
N GLY H 152 1.70 -27.16 -27.04
CA GLY H 152 2.03 -26.67 -25.71
C GLY H 152 2.60 -25.26 -25.82
N TYR H 153 2.28 -24.43 -24.84
CA TYR H 153 2.90 -23.13 -24.76
C TYR H 153 3.33 -22.90 -23.33
N THR H 154 4.63 -22.75 -23.14
CA THR H 154 5.18 -22.48 -21.83
C THR H 154 5.97 -21.21 -21.93
N ARG H 155 5.80 -20.35 -20.92
CA ARG H 155 6.60 -19.14 -20.73
C ARG H 155 6.43 -18.22 -21.94
N MET H 156 5.21 -18.24 -22.48
CA MET H 156 4.82 -17.56 -23.73
C MET H 156 5.53 -18.00 -25.01
N GLN H 157 6.09 -19.20 -25.00
CA GLN H 157 6.78 -19.78 -26.15
C GLN H 157 6.20 -21.14 -26.51
N ALA H 158 6.31 -21.53 -27.78
CA ALA H 158 5.88 -22.86 -28.20
C ALA H 158 6.70 -23.95 -27.50
N ALA H 159 6.01 -25.01 -27.10
CA ALA H 159 6.64 -26.16 -26.48
C ALA H 159 6.36 -27.41 -27.30
N ILE H 160 6.47 -28.56 -26.66
CA ILE H 160 6.22 -29.83 -27.31
C ILE H 160 4.73 -30.08 -27.42
N GLY H 161 4.33 -31.04 -28.25
CA GLY H 161 2.92 -31.36 -28.43
C GLY H 161 2.31 -31.92 -27.16
N ILE H 162 1.10 -31.47 -26.84
CA ILE H 162 0.27 -32.13 -25.84
C ILE H 162 -1.03 -32.55 -26.51
N THR H 163 -2.04 -32.89 -25.72
CA THR H 163 -3.37 -33.20 -26.24
C THR H 163 -4.37 -32.26 -25.58
N VAL H 164 -5.62 -32.32 -26.04
CA VAL H 164 -6.67 -31.44 -25.51
C VAL H 164 -6.93 -31.77 -24.04
N ALA H 165 -6.95 -33.08 -23.73
CA ALA H 165 -7.24 -33.54 -22.38
C ALA H 165 -6.20 -33.07 -21.37
N ASP H 166 -4.95 -32.94 -21.80
CA ASP H 166 -3.85 -32.47 -20.97
C ASP H 166 -4.10 -31.09 -20.38
N ARG H 167 -4.29 -30.11 -21.27
CA ARG H 167 -4.58 -28.71 -20.91
C ARG H 167 -5.95 -28.51 -20.24
N ALA H 168 -6.91 -29.38 -20.59
CA ALA H 168 -8.25 -29.40 -19.97
C ALA H 168 -8.23 -29.71 -18.48
N ALA H 169 -7.24 -30.48 -18.04
CA ALA H 169 -7.06 -30.78 -16.63
C ALA H 169 -6.69 -29.54 -15.81
N GLY H 170 -6.17 -28.52 -16.46
CA GLY H 170 -5.91 -27.26 -15.78
C GLY H 170 -7.18 -26.45 -15.63
N TRP H 171 -8.25 -26.85 -16.32
CA TRP H 171 -9.52 -26.15 -16.13
C TRP H 171 -10.39 -26.90 -15.14
N ILE H 172 -10.53 -28.20 -15.37
CA ILE H 172 -11.50 -29.04 -14.68
C ILE H 172 -11.12 -29.39 -13.23
N ALA H 173 -9.89 -29.83 -13.02
CA ALA H 173 -9.47 -30.32 -11.70
C ALA H 173 -9.49 -29.29 -10.53
N PRO H 174 -9.10 -28.02 -10.78
CA PRO H 174 -9.32 -27.09 -9.67
C PRO H 174 -10.79 -26.76 -9.42
N LEU H 175 -11.63 -26.82 -10.46
CA LEU H 175 -13.07 -26.65 -10.29
C LEU H 175 -13.71 -27.79 -9.49
N GLU H 176 -13.13 -28.99 -9.54
CA GLU H 176 -13.57 -30.08 -8.66
C GLU H 176 -13.17 -29.78 -7.22
N ARG H 177 -12.03 -29.13 -7.04
CA ARG H 177 -11.56 -28.75 -5.73
C ARG H 177 -12.37 -27.58 -5.16
N HIS H 178 -12.86 -26.72 -6.06
CA HIS H 178 -13.66 -25.61 -5.60
C HIS H 178 -15.06 -26.07 -5.20
N LEU H 179 -15.56 -27.14 -5.81
CA LEU H 179 -16.81 -27.76 -5.36
C LEU H 179 -16.63 -28.34 -3.97
N LEU H 180 -15.51 -29.02 -3.74
CA LEU H 180 -15.20 -29.66 -2.46
C LEU H 180 -15.02 -28.69 -1.29
N ARG H 181 -14.33 -27.59 -1.54
CA ARG H 181 -14.12 -26.57 -0.54
C ARG H 181 -15.45 -25.93 -0.18
N LEU H 182 -16.32 -25.77 -1.19
CA LEU H 182 -17.63 -25.18 -0.98
C LEU H 182 -18.55 -26.06 -0.15
N GLU H 183 -18.62 -27.34 -0.50
CA GLU H 183 -19.46 -28.27 0.26
C GLU H 183 -18.96 -28.43 1.70
N THR H 184 -17.64 -28.50 1.88
CA THR H 184 -17.03 -28.42 3.20
C THR H 184 -17.46 -27.15 3.96
N PHE H 185 -17.45 -26.01 3.27
CA PHE H 185 -17.87 -24.76 3.90
C PHE H 185 -19.36 -24.70 4.25
N ALA H 186 -20.21 -25.38 3.47
CA ALA H 186 -21.66 -25.22 3.60
C ALA H 186 -22.23 -26.02 4.77
N GLN H 187 -21.38 -26.79 5.43
CA GLN H 187 -21.77 -27.63 6.53
C GLN H 187 -21.99 -26.81 7.76
N ASN H 188 -21.05 -25.93 8.07
CA ASN H 188 -21.12 -25.16 9.31
CA ASN H 188 -21.09 -25.17 9.32
C ASN H 188 -20.83 -23.69 9.13
C ASN H 188 -20.66 -23.73 9.15
N GLY H 189 -20.46 -23.30 7.92
CA GLY H 189 -19.98 -21.95 7.65
C GLY H 189 -21.03 -20.86 7.69
N PHE H 190 -22.29 -21.24 7.50
CA PHE H 190 -23.42 -20.33 7.58
C PHE H 190 -24.03 -20.31 8.95
N ALA H 191 -23.60 -19.35 9.75
CA ALA H 191 -23.90 -19.35 11.14
C ALA H 191 -25.00 -18.34 11.49
N LEU H 192 -25.78 -18.64 12.52
CA LEU H 192 -26.67 -17.64 13.07
C LEU H 192 -25.83 -16.55 13.72
N GLN H 193 -26.22 -15.30 13.57
CA GLN H 193 -25.61 -14.25 14.36
C GLN H 193 -26.59 -13.87 15.45
N PHE H 194 -26.21 -14.11 16.71
CA PHE H 194 -27.06 -13.81 17.88
C PHE H 194 -26.21 -13.55 19.14
N GLY H 195 -26.10 -12.28 19.52
CA GLY H 195 -25.19 -11.84 20.56
C GLY H 195 -25.68 -10.83 21.58
N GLY H 196 -26.63 -9.99 21.23
CA GLY H 196 -27.13 -9.02 22.20
C GLY H 196 -26.41 -7.70 22.05
N ALA H 197 -26.77 -6.73 22.86
CA ALA H 197 -26.20 -5.38 22.77
C ALA H 197 -24.68 -5.38 22.61
N ALA H 198 -23.98 -6.03 23.54
CA ALA H 198 -22.52 -6.05 23.49
C ALA H 198 -21.93 -7.45 23.40
N GLY H 199 -22.69 -8.39 22.85
CA GLY H 199 -22.17 -9.72 22.56
C GLY H 199 -22.36 -10.75 23.65
N THR H 200 -23.01 -10.36 24.74
CA THR H 200 -23.08 -11.24 25.91
C THR H 200 -24.44 -11.81 26.26
N LEU H 201 -25.44 -11.63 25.40
CA LEU H 201 -26.82 -12.14 25.63
C LEU H 201 -27.35 -11.84 27.05
N GLU H 202 -27.40 -10.56 27.35
CA GLU H 202 -27.64 -10.10 28.72
C GLU H 202 -29.11 -10.17 29.12
N LYS H 203 -30.02 -10.30 28.15
CA LYS H 203 -31.43 -10.32 28.46
C LYS H 203 -31.93 -11.74 28.59
N LEU H 204 -31.04 -12.71 28.32
CA LEU H 204 -31.45 -14.11 28.43
C LEU H 204 -30.85 -14.86 29.62
N GLY H 205 -29.79 -14.32 30.22
CA GLY H 205 -29.10 -15.00 31.32
C GLY H 205 -28.65 -16.42 31.00
N ASP H 206 -29.29 -17.38 31.67
CA ASP H 206 -28.98 -18.80 31.48
C ASP H 206 -29.76 -19.41 30.36
N ASN H 207 -30.79 -18.72 29.89
CA ASN H 207 -31.56 -19.23 28.76
C ASN H 207 -30.80 -19.12 27.44
N ALA H 208 -29.83 -18.19 27.39
CA ALA H 208 -29.00 -17.91 26.22
C ALA H 208 -28.79 -19.10 25.28
N GLY H 209 -28.10 -20.14 25.75
CA GLY H 209 -27.72 -21.27 24.92
C GLY H 209 -28.90 -22.03 24.32
N ALA H 210 -29.94 -22.19 25.12
CA ALA H 210 -31.16 -22.90 24.70
C ALA H 210 -31.90 -22.13 23.60
N VAL H 211 -31.92 -20.80 23.72
CA VAL H 211 -32.62 -19.96 22.78
C VAL H 211 -31.82 -19.89 21.47
N ARG H 212 -30.51 -19.72 21.60
CA ARG H 212 -29.61 -19.70 20.47
C ARG H 212 -29.61 -21.01 19.67
N ALA H 213 -29.64 -22.14 20.36
CA ALA H 213 -29.79 -23.46 19.69
C ALA H 213 -31.13 -23.63 18.97
N ASP H 214 -32.20 -23.16 19.61
CA ASP H 214 -33.55 -23.27 19.07
C ASP H 214 -33.65 -22.44 17.81
N LEU H 215 -33.37 -21.15 17.98
CA LEU H 215 -33.28 -20.17 16.89
C LEU H 215 -32.42 -20.63 15.72
N ALA H 216 -31.23 -21.18 16.00
CA ALA H 216 -30.34 -21.69 14.93
C ALA H 216 -30.99 -22.83 14.17
N LYS H 217 -31.58 -23.80 14.88
CA LYS H 217 -32.27 -24.92 14.26
C LYS H 217 -33.47 -24.47 13.41
N ARG H 218 -34.27 -23.55 13.96
CA ARG H 218 -35.44 -23.02 13.25
C ARG H 218 -35.08 -22.32 11.94
N LEU H 219 -33.94 -21.65 11.93
CA LEU H 219 -33.52 -20.90 10.76
C LEU H 219 -32.64 -21.72 9.84
N GLY H 220 -32.23 -22.90 10.26
CA GLY H 220 -31.41 -23.76 9.43
C GLY H 220 -29.97 -23.31 9.28
N LEU H 221 -29.52 -22.41 10.16
CA LEU H 221 -28.12 -22.00 10.23
C LEU H 221 -27.45 -22.77 11.36
N ALA H 222 -26.12 -22.69 11.40
CA ALA H 222 -25.33 -23.36 12.43
C ALA H 222 -25.28 -22.58 13.77
N ASP H 223 -25.11 -23.33 14.85
CA ASP H 223 -25.17 -22.78 16.21
C ASP H 223 -23.75 -22.55 16.77
N ARG H 224 -23.32 -21.31 16.79
CA ARG H 224 -22.00 -20.98 17.32
C ARG H 224 -22.19 -19.68 18.09
N PRO H 225 -21.39 -19.44 19.15
CA PRO H 225 -21.32 -18.14 19.82
C PRO H 225 -21.14 -16.99 18.84
N GLN H 226 -21.59 -15.81 19.23
CA GLN H 226 -21.63 -14.67 18.34
C GLN H 226 -20.28 -14.28 17.79
N TRP H 227 -20.31 -13.69 16.60
CA TRP H 227 -19.11 -13.36 15.89
C TRP H 227 -19.25 -11.94 15.35
N HIS H 228 -19.68 -11.03 16.23
CA HIS H 228 -19.82 -9.60 15.87
C HIS H 228 -18.51 -9.02 15.34
N ASN H 229 -17.42 -9.31 16.03
CA ASN H 229 -16.09 -8.83 15.66
C ASN H 229 -15.18 -9.95 15.16
N GLN H 230 -15.76 -11.07 14.76
CA GLN H 230 -15.00 -12.22 14.27
C GLN H 230 -15.43 -12.55 12.84
N ARG H 231 -14.72 -11.98 11.88
CA ARG H 231 -15.21 -11.96 10.49
C ARG H 231 -14.45 -12.94 9.60
N ASP H 232 -13.71 -13.83 10.28
CA ASP H 232 -12.94 -14.91 9.67
C ASP H 232 -13.71 -15.77 8.67
N GLY H 233 -14.98 -16.06 8.97
CA GLY H 233 -15.81 -16.88 8.10
C GLY H 233 -16.14 -16.18 6.80
N ILE H 234 -16.45 -14.89 6.91
CA ILE H 234 -16.82 -14.06 5.77
C ILE H 234 -15.64 -14.00 4.81
N ALA H 235 -14.44 -13.83 5.38
CA ALA H 235 -13.20 -13.81 4.63
C ALA H 235 -12.93 -15.16 3.96
N GLU H 236 -13.10 -16.23 4.74
CA GLU H 236 -12.97 -17.60 4.23
C GLU H 236 -13.88 -17.86 3.04
N PHE H 237 -15.10 -17.35 3.12
CA PHE H 237 -16.07 -17.52 2.05
C PHE H 237 -15.68 -16.66 0.85
N ALA H 238 -15.18 -15.44 1.09
CA ALA H 238 -14.84 -14.56 -0.03
C ALA H 238 -13.67 -15.14 -0.80
N ASN H 239 -12.71 -15.67 -0.04
CA ASN H 239 -11.58 -16.36 -0.60
C ASN H 239 -12.03 -17.44 -1.55
N LEU H 240 -13.06 -18.19 -1.16
CA LEU H 240 -13.64 -19.19 -2.06
C LEU H 240 -14.21 -18.61 -3.36
N LEU H 241 -14.91 -17.49 -3.24
CA LEU H 241 -15.56 -16.85 -4.37
C LEU H 241 -14.52 -16.38 -5.38
N SER H 242 -13.39 -15.90 -4.87
CA SER H 242 -12.30 -15.46 -5.74
C SER H 242 -11.54 -16.62 -6.36
N LEU H 243 -11.56 -17.79 -5.71
CA LEU H 243 -10.92 -18.99 -6.22
C LEU H 243 -11.64 -19.53 -7.44
N VAL H 244 -12.96 -19.37 -7.49
CA VAL H 244 -13.73 -19.86 -8.63
C VAL H 244 -13.50 -18.94 -9.83
N THR H 245 -13.62 -17.63 -9.60
CA THR H 245 -13.39 -16.65 -10.68
C THR H 245 -11.99 -16.71 -11.24
N GLY H 246 -11.01 -16.99 -10.39
CA GLY H 246 -9.64 -17.21 -10.86
C GLY H 246 -9.45 -18.39 -11.80
N THR H 247 -9.99 -19.56 -11.44
CA THR H 247 -9.87 -20.74 -12.29
C THR H 247 -10.64 -20.48 -13.58
N LEU H 248 -11.80 -19.83 -13.45
CA LEU H 248 -12.53 -19.44 -14.66
C LEU H 248 -11.81 -18.37 -15.46
N GLY H 249 -10.99 -17.56 -14.80
CA GLY H 249 -10.22 -16.52 -15.48
C GLY H 249 -9.07 -17.09 -16.30
N LYS H 250 -8.35 -18.03 -15.71
CA LYS H 250 -7.34 -18.81 -16.40
C LYS H 250 -7.95 -19.56 -17.59
N PHE H 251 -9.12 -20.16 -17.39
CA PHE H 251 -9.86 -20.79 -18.48
C PHE H 251 -10.15 -19.79 -19.60
N GLY H 252 -10.60 -18.58 -19.23
CA GLY H 252 -10.94 -17.55 -20.20
C GLY H 252 -9.70 -17.13 -20.99
N GLN H 253 -8.62 -16.94 -20.26
CA GLN H 253 -7.35 -16.44 -20.79
C GLN H 253 -6.74 -17.43 -21.80
N ASP H 254 -6.88 -18.72 -21.54
CA ASP H 254 -6.47 -19.78 -22.47
C ASP H 254 -7.29 -19.78 -23.74
N ILE H 255 -8.59 -19.55 -23.60
CA ILE H 255 -9.49 -19.64 -24.74
C ILE H 255 -9.29 -18.45 -25.65
N ALA H 256 -9.11 -17.29 -25.06
CA ALA H 256 -8.82 -16.06 -25.79
C ALA H 256 -7.52 -16.18 -26.56
N LEU H 257 -6.49 -16.70 -25.88
CA LEU H 257 -5.20 -16.94 -26.51
C LEU H 257 -5.29 -17.89 -27.67
N MET H 258 -6.08 -18.95 -27.50
CA MET H 258 -6.23 -19.93 -28.56
C MET H 258 -7.03 -19.34 -29.73
N ALA H 259 -7.91 -18.40 -29.41
CA ALA H 259 -8.71 -17.73 -30.43
C ALA H 259 -7.84 -16.81 -31.27
N GLU H 260 -6.89 -16.15 -30.62
CA GLU H 260 -6.04 -15.16 -31.29
C GLU H 260 -5.06 -15.82 -32.25
N ILE H 261 -4.45 -16.92 -31.84
CA ILE H 261 -3.56 -17.68 -32.71
C ILE H 261 -4.42 -18.30 -33.81
N GLY H 262 -5.50 -18.98 -33.40
CA GLY H 262 -6.61 -19.31 -34.30
C GLY H 262 -6.48 -20.55 -35.15
N SER H 263 -5.70 -21.54 -34.71
CA SER H 263 -5.52 -22.77 -35.47
C SER H 263 -5.94 -24.00 -34.67
N GLU H 264 -6.04 -23.82 -33.35
CA GLU H 264 -6.32 -24.95 -32.46
C GLU H 264 -7.63 -24.82 -31.70
N ILE H 265 -8.54 -24.02 -32.27
CA ILE H 265 -9.86 -23.82 -31.68
C ILE H 265 -10.85 -23.51 -32.81
N ARG H 266 -12.15 -23.51 -32.48
CA ARG H 266 -13.20 -23.12 -33.41
C ARG H 266 -14.37 -22.63 -32.55
N LEU H 267 -14.75 -21.37 -32.70
CA LEU H 267 -15.80 -20.76 -31.89
C LEU H 267 -16.94 -20.27 -32.75
N SER H 268 -18.17 -20.39 -32.26
CA SER H 268 -19.33 -19.77 -32.91
C SER H 268 -20.05 -18.88 -31.90
N ASN H 281 -14.59 -11.58 -32.07
CA ASN H 281 -15.16 -12.87 -31.66
C ASN H 281 -15.26 -13.18 -30.14
N PRO H 282 -14.13 -13.23 -29.38
CA PRO H 282 -14.08 -14.13 -28.21
C PRO H 282 -14.42 -13.45 -26.89
N VAL H 283 -15.51 -12.70 -26.89
CA VAL H 283 -15.92 -11.87 -25.77
C VAL H 283 -16.00 -12.54 -24.39
N ASN H 284 -16.68 -13.67 -24.32
CA ASN H 284 -16.91 -14.34 -23.06
C ASN H 284 -15.63 -14.76 -22.34
N ALA H 285 -14.65 -15.18 -23.13
CA ALA H 285 -13.31 -15.47 -22.63
C ALA H 285 -12.65 -14.26 -21.93
N GLU H 286 -12.70 -13.10 -22.59
CA GLU H 286 -12.20 -11.87 -21.97
C GLU H 286 -12.96 -11.53 -20.70
N THR H 287 -14.28 -11.66 -20.74
CA THR H 287 -15.14 -11.35 -19.60
C THR H 287 -14.75 -12.14 -18.34
N LEU H 288 -14.39 -13.40 -18.51
CA LEU H 288 -13.94 -14.24 -17.41
C LEU H 288 -12.67 -13.72 -16.76
N VAL H 289 -11.79 -13.16 -17.57
CA VAL H 289 -10.54 -12.62 -17.08
C VAL H 289 -10.84 -11.34 -16.29
N THR H 290 -11.81 -10.57 -16.77
CA THR H 290 -12.23 -9.37 -16.07
C THR H 290 -12.78 -9.74 -14.69
N LEU H 291 -13.70 -10.71 -14.67
CA LEU H 291 -14.32 -11.15 -13.43
C LEU H 291 -13.34 -11.76 -12.45
N ALA H 292 -12.28 -12.39 -12.95
CA ALA H 292 -11.21 -12.93 -12.11
C ALA H 292 -10.44 -11.81 -11.45
N ARG H 293 -10.06 -10.81 -12.25
CA ARG H 293 -9.31 -9.68 -11.72
C ARG H 293 -10.16 -8.82 -10.80
N PHE H 294 -11.47 -8.83 -11.00
CA PHE H 294 -12.35 -8.09 -10.11
C PHE H 294 -12.37 -8.63 -8.70
N ASN H 295 -12.59 -9.93 -8.54
CA ASN H 295 -12.66 -10.57 -7.23
C ASN H 295 -11.32 -10.65 -6.52
N ALA H 296 -10.26 -10.69 -7.33
CA ALA H 296 -8.88 -10.68 -6.83
C ALA H 296 -8.52 -9.31 -6.28
N VAL H 297 -9.26 -8.27 -6.69
CA VAL H 297 -9.13 -6.97 -6.06
C VAL H 297 -9.95 -7.01 -4.79
N GLN H 298 -11.23 -7.34 -4.90
CA GLN H 298 -12.14 -7.20 -3.76
C GLN H 298 -11.82 -8.03 -2.53
N ILE H 299 -11.11 -9.14 -2.70
CA ILE H 299 -10.77 -10.04 -1.60
C ILE H 299 -9.99 -9.27 -0.55
N SER H 300 -9.24 -8.28 -1.02
CA SER H 300 -8.48 -7.42 -0.16
C SER H 300 -9.37 -6.68 0.85
N ALA H 301 -10.56 -6.27 0.42
CA ALA H 301 -11.51 -5.53 1.26
C ALA H 301 -11.95 -6.33 2.47
N LEU H 302 -12.30 -7.60 2.23
CA LEU H 302 -12.85 -8.45 3.28
C LEU H 302 -11.77 -8.83 4.24
N HIS H 303 -10.54 -8.84 3.75
CA HIS H 303 -9.41 -9.08 4.61
C HIS H 303 -9.07 -7.86 5.45
N GLN H 304 -9.25 -6.66 4.89
CA GLN H 304 -9.11 -5.46 5.68
C GLN H 304 -10.16 -5.36 6.75
N SER H 305 -11.35 -5.86 6.45
CA SER H 305 -12.41 -5.88 7.42
C SER H 305 -12.29 -6.94 8.50
N LEU H 306 -11.13 -7.58 8.66
CA LEU H 306 -10.95 -8.47 9.82
C LEU H 306 -10.62 -7.65 11.08
N VAL H 307 -10.14 -6.42 10.87
CA VAL H 307 -9.80 -5.54 11.97
C VAL H 307 -11.07 -4.81 12.39
N GLN H 308 -11.88 -5.50 13.20
CA GLN H 308 -13.09 -4.92 13.73
C GLN H 308 -12.93 -4.73 15.23
N GLU H 309 -12.69 -3.47 15.62
CA GLU H 309 -12.34 -3.15 16.99
C GLU H 309 -13.47 -3.34 18.01
N GLN H 310 -13.05 -3.61 19.24
CA GLN H 310 -13.93 -3.74 20.39
C GLN H 310 -15.12 -4.67 20.16
N GLU H 311 -16.30 -4.30 20.64
CA GLU H 311 -17.46 -5.16 20.61
C GLU H 311 -18.19 -5.11 19.29
N ARG H 312 -18.05 -4.00 18.55
CA ARG H 312 -18.66 -3.81 17.23
C ARG H 312 -18.02 -2.66 16.50
N SER H 313 -17.48 -2.91 15.32
CA SER H 313 -16.88 -1.87 14.52
C SER H 313 -17.68 -1.59 13.26
N GLY H 314 -18.33 -0.43 13.22
CA GLY H 314 -19.05 0.01 12.04
C GLY H 314 -18.18 0.18 10.83
N ALA H 315 -16.99 0.74 11.00
CA ALA H 315 -16.10 1.03 9.87
C ALA H 315 -15.66 -0.22 9.11
N GLY H 316 -15.29 -1.26 9.87
CA GLY H 316 -15.00 -2.57 9.32
C GLY H 316 -16.23 -3.17 8.69
N TRP H 317 -17.29 -3.32 9.48
CA TRP H 317 -18.55 -3.92 9.07
C TRP H 317 -19.10 -3.40 7.74
N MET H 318 -19.18 -2.09 7.63
CA MET H 318 -19.79 -1.48 6.49
C MET H 318 -18.95 -1.70 5.22
N LEU H 319 -17.63 -1.92 5.36
CA LEU H 319 -16.83 -2.27 4.19
C LEU H 319 -17.32 -3.59 3.58
N GLU H 320 -17.74 -4.53 4.45
CA GLU H 320 -18.32 -5.80 3.97
C GLU H 320 -19.57 -5.59 3.11
N TRP H 321 -20.39 -4.63 3.51
CA TRP H 321 -21.67 -4.33 2.88
C TRP H 321 -21.48 -3.87 1.44
N LEU H 322 -20.50 -2.97 1.26
CA LEU H 322 -20.12 -2.44 -0.05
C LEU H 322 -19.59 -3.50 -1.04
N THR H 323 -18.84 -4.49 -0.56
CA THR H 323 -18.09 -5.34 -1.48
C THR H 323 -18.63 -6.76 -1.70
N LEU H 324 -19.09 -7.39 -0.62
CA LEU H 324 -19.43 -8.80 -0.64
C LEU H 324 -20.55 -9.18 -1.62
N PRO H 325 -21.70 -8.46 -1.67
CA PRO H 325 -22.65 -8.83 -2.72
C PRO H 325 -22.11 -8.86 -4.15
N GLN H 326 -21.21 -7.93 -4.48
CA GLN H 326 -20.60 -7.92 -5.80
C GLN H 326 -19.68 -9.12 -5.99
N MET H 327 -19.08 -9.61 -4.89
CA MET H 327 -18.22 -10.80 -4.93
C MET H 327 -18.98 -12.07 -5.20
N VAL H 328 -20.17 -12.22 -4.60
CA VAL H 328 -20.94 -13.43 -4.88
C VAL H 328 -21.58 -13.34 -6.27
N THR H 329 -21.94 -12.13 -6.67
CA THR H 329 -22.48 -11.94 -8.00
C THR H 329 -21.44 -12.23 -9.06
N ALA H 330 -20.24 -11.67 -8.90
CA ALA H 330 -19.13 -11.91 -9.83
C ALA H 330 -18.97 -13.39 -10.08
N THR H 331 -18.90 -14.16 -9.00
CA THR H 331 -18.79 -15.61 -9.07
C THR H 331 -19.96 -16.27 -9.80
N GLY H 332 -21.18 -15.78 -9.60
CA GLY H 332 -22.35 -16.35 -10.28
C GLY H 332 -22.30 -16.08 -11.78
N THR H 333 -21.96 -14.84 -12.12
CA THR H 333 -21.81 -14.38 -13.49
C THR H 333 -20.70 -15.14 -14.17
N SER H 334 -19.60 -15.33 -13.46
CA SER H 334 -18.48 -16.05 -14.02
C SER H 334 -18.87 -17.44 -14.47
N LEU H 335 -19.62 -18.16 -13.64
CA LEU H 335 -20.17 -19.47 -14.01
C LEU H 335 -21.17 -19.43 -15.16
N LEU H 336 -21.89 -18.32 -15.26
CA LEU H 336 -22.86 -18.15 -16.34
C LEU H 336 -22.15 -17.96 -17.69
N VAL H 337 -21.23 -16.99 -17.70
CA VAL H 337 -20.41 -16.65 -18.85
C VAL H 337 -19.59 -17.83 -19.35
N ALA H 338 -19.02 -18.60 -18.42
CA ALA H 338 -18.22 -19.77 -18.77
C ALA H 338 -19.03 -20.87 -19.51
N GLU H 339 -20.26 -21.08 -19.05
CA GLU H 339 -21.23 -21.98 -19.65
C GLU H 339 -21.65 -21.47 -21.03
N ARG H 340 -21.69 -20.14 -21.18
CA ARG H 340 -22.02 -19.56 -22.48
C ARG H 340 -20.85 -19.68 -23.44
N LEU H 341 -19.63 -19.63 -22.89
CA LEU H 341 -18.42 -19.76 -23.68
C LEU H 341 -18.22 -21.19 -24.15
N ALA H 342 -18.35 -22.15 -23.24
CA ALA H 342 -18.13 -23.56 -23.58
C ALA H 342 -19.16 -24.06 -24.57
N ALA H 343 -20.32 -23.43 -24.59
CA ALA H 343 -21.35 -23.77 -25.55
C ALA H 343 -20.99 -23.29 -26.97
N GLN H 344 -20.14 -22.28 -27.04
CA GLN H 344 -19.70 -21.73 -28.31
C GLN H 344 -18.51 -22.48 -28.89
N ILE H 345 -17.74 -23.14 -28.04
CA ILE H 345 -16.59 -23.94 -28.51
C ILE H 345 -17.02 -25.16 -29.32
N ASP H 346 -16.86 -25.10 -30.64
CA ASP H 346 -17.22 -26.24 -31.51
C ASP H 346 -16.12 -27.29 -31.71
N ARG H 347 -14.86 -26.88 -31.64
CA ARG H 347 -13.74 -27.81 -31.76
C ARG H 347 -12.51 -27.35 -30.99
N LEU H 348 -11.74 -28.31 -30.46
CA LEU H 348 -10.42 -28.01 -29.86
C LEU H 348 -9.29 -28.85 -30.46
N GLY H 349 -8.15 -28.21 -30.75
CA GLY H 349 -6.94 -28.89 -31.23
C GLY H 349 -6.75 -28.97 -32.73
N ALA H 350 -5.58 -28.56 -33.24
CA ALA H 350 -5.30 -28.67 -34.68
C ALA H 350 -5.02 -30.11 -35.09
N SER I 2 16.76 -65.61 50.70
CA SER I 2 15.77 -65.58 49.61
C SER I 2 16.38 -65.15 48.27
N LEU I 3 15.56 -65.17 47.21
CA LEU I 3 16.01 -64.99 45.83
C LEU I 3 16.49 -63.59 45.48
N SER I 4 16.02 -62.59 46.23
CA SER I 4 16.35 -61.21 45.98
C SER I 4 16.91 -60.58 47.24
N PRO I 5 17.99 -59.79 47.10
CA PRO I 5 18.63 -59.11 48.21
C PRO I 5 17.74 -58.10 48.92
N PHE I 6 16.75 -57.52 48.23
CA PHE I 6 15.79 -56.62 48.85
C PHE I 6 15.06 -57.25 50.04
N GLU I 7 14.67 -58.51 49.91
CA GLU I 7 13.89 -59.20 50.96
C GLU I 7 14.76 -60.21 51.73
N HIS I 8 16.04 -60.29 51.42
CA HIS I 8 16.98 -61.27 52.01
C HIS I 8 17.25 -60.97 53.47
N PRO I 9 17.24 -62.00 54.34
CA PRO I 9 17.51 -61.94 55.78
C PRO I 9 18.72 -61.12 56.23
N PHE I 10 19.86 -61.25 55.56
CA PHE I 10 20.96 -60.33 55.86
C PHE I 10 21.23 -59.23 54.84
N LEU I 11 20.94 -59.49 53.55
CA LEU I 11 21.28 -58.53 52.47
C LEU I 11 20.40 -57.29 52.47
N SER I 12 19.20 -57.41 53.04
CA SER I 12 18.35 -56.27 53.24
C SER I 12 18.93 -55.25 54.20
N GLY I 13 19.99 -55.64 54.93
CA GLY I 13 20.80 -54.70 55.69
C GLY I 13 21.36 -53.65 54.75
N LEU I 14 21.63 -54.03 53.52
CA LEU I 14 22.00 -53.07 52.51
C LEU I 14 20.77 -52.62 51.74
N PHE I 15 20.05 -53.60 51.19
CA PHE I 15 19.05 -53.38 50.14
C PHE I 15 17.61 -53.28 50.59
N GLY I 16 17.36 -53.22 51.89
CA GLY I 16 16.01 -53.33 52.39
C GLY I 16 15.23 -52.05 52.26
N ASP I 17 13.92 -52.18 52.35
CA ASP I 17 12.97 -51.10 52.17
C ASP I 17 11.66 -51.73 52.55
N SER I 18 11.48 -51.99 53.84
CA SER I 18 10.29 -52.71 54.27
C SER I 18 8.99 -51.93 53.93
N GLU I 19 9.07 -50.59 53.99
CA GLU I 19 7.93 -49.69 53.71
C GLU I 19 7.34 -49.84 52.31
N ILE I 20 8.21 -50.04 51.32
CA ILE I 20 7.76 -50.21 49.96
C ILE I 20 7.39 -51.67 49.72
N ILE I 21 8.13 -52.60 50.32
CA ILE I 21 7.91 -54.04 50.09
C ILE I 21 6.62 -54.58 50.75
N GLU I 22 6.17 -53.96 51.83
N GLU I 22 6.19 -53.95 51.84
CA GLU I 22 4.91 -54.36 52.47
CA GLU I 22 4.94 -54.29 52.50
C GLU I 22 3.68 -53.88 51.69
C GLU I 22 3.77 -54.09 51.54
N LEU I 23 3.90 -53.16 50.60
CA LEU I 23 2.86 -52.84 49.63
C LEU I 23 2.75 -53.92 48.56
N PHE I 24 3.69 -54.86 48.58
CA PHE I 24 3.70 -55.94 47.62
C PHE I 24 3.37 -57.30 48.19
N SER I 25 3.29 -57.32 49.52
CA SER I 25 2.91 -58.52 50.26
C SER I 25 1.55 -59.08 49.80
N ALA I 26 1.35 -60.36 50.13
CA ALA I 26 0.09 -61.04 49.88
C ALA I 26 -1.03 -60.35 50.63
N LYS I 27 -0.78 -59.97 51.89
CA LYS I 27 -1.79 -59.33 52.72
C LYS I 27 -2.24 -57.99 52.13
N ALA I 28 -1.26 -57.15 51.77
CA ALA I 28 -1.50 -55.89 51.07
C ALA I 28 -2.47 -56.01 49.89
N ASP I 29 -2.13 -56.96 49.02
CA ASP I 29 -2.81 -57.28 47.79
C ASP I 29 -4.26 -57.71 48.03
N ILE I 30 -4.44 -58.61 49.00
CA ILE I 30 -5.73 -59.22 49.25
C ILE I 30 -6.68 -58.12 49.72
N ASP I 31 -6.16 -57.25 50.58
CA ASP I 31 -6.91 -56.08 51.03
C ASP I 31 -7.37 -55.17 49.89
N ALA I 32 -6.53 -55.00 48.87
CA ALA I 32 -6.88 -54.17 47.75
C ALA I 32 -7.95 -54.84 46.89
N MET I 33 -7.94 -56.17 46.83
CA MET I 33 -8.96 -56.87 46.07
C MET I 33 -10.30 -56.88 46.79
N ILE I 34 -10.25 -56.82 48.12
CA ILE I 34 -11.46 -56.70 48.92
C ILE I 34 -12.04 -55.34 48.64
N ARG I 35 -11.17 -54.32 48.64
CA ARG I 35 -11.63 -52.94 48.42
C ARG I 35 -12.37 -52.87 47.10
N PHE I 36 -11.80 -53.48 46.06
CA PHE I 36 -12.40 -53.52 44.72
C PHE I 36 -13.79 -54.15 44.72
N GLU I 37 -13.93 -55.27 45.42
CA GLU I 37 -15.16 -56.05 45.40
C GLU I 37 -16.28 -55.40 46.21
N THR I 38 -15.90 -54.83 47.35
CA THR I 38 -16.78 -54.00 48.16
C THR I 38 -17.23 -52.77 47.36
N ALA I 39 -16.28 -52.09 46.72
CA ALA I 39 -16.63 -50.91 45.91
C ALA I 39 -17.46 -51.24 44.68
N LEU I 40 -17.29 -52.46 44.14
CA LEU I 40 -18.03 -52.89 42.96
C LEU I 40 -19.49 -53.08 43.28
N ALA I 41 -19.74 -53.71 44.42
CA ALA I 41 -21.08 -54.05 44.85
C ALA I 41 -21.89 -52.77 45.16
N GLN I 42 -21.19 -51.76 45.65
CA GLN I 42 -21.80 -50.50 46.01
C GLN I 42 -22.16 -49.72 44.75
N ALA I 43 -21.30 -49.83 43.74
CA ALA I 43 -21.46 -49.07 42.52
C ALA I 43 -22.53 -49.68 41.64
N GLU I 44 -22.73 -50.99 41.79
CA GLU I 44 -23.77 -51.66 41.05
C GLU I 44 -25.14 -51.42 41.67
N ALA I 45 -25.18 -51.20 42.98
CA ALA I 45 -26.42 -50.89 43.68
C ALA I 45 -26.79 -49.42 43.56
N GLU I 46 -25.79 -48.58 43.31
CA GLU I 46 -26.06 -47.18 43.00
C GLU I 46 -26.73 -47.07 41.63
N ALA I 47 -26.27 -47.86 40.67
CA ALA I 47 -26.89 -47.90 39.35
C ALA I 47 -28.13 -48.77 39.35
N SER I 48 -28.31 -49.53 40.43
CA SER I 48 -29.42 -50.44 40.64
C SER I 48 -29.47 -51.58 39.61
N ILE I 49 -28.38 -52.31 39.46
CA ILE I 49 -28.43 -53.60 38.78
C ILE I 49 -29.16 -54.55 39.74
N PHE I 50 -28.73 -54.53 41.00
CA PHE I 50 -29.45 -55.25 42.05
C PHE I 50 -29.80 -54.35 43.26
N ALA I 51 -30.48 -54.91 44.25
CA ALA I 51 -30.99 -54.18 45.42
C ALA I 51 -29.90 -53.69 46.42
N ASP I 52 -30.32 -52.86 47.39
CA ASP I 52 -29.40 -52.09 48.23
C ASP I 52 -29.02 -52.75 49.55
N ASP I 53 -29.98 -53.45 50.16
CA ASP I 53 -29.69 -54.24 51.35
C ASP I 53 -28.80 -55.46 51.00
N GLU I 54 -28.98 -55.97 49.77
CA GLU I 54 -28.10 -56.97 49.18
C GLU I 54 -26.64 -56.49 49.15
N ALA I 55 -26.44 -55.32 48.56
CA ALA I 55 -25.12 -54.69 48.46
C ALA I 55 -24.52 -54.44 49.83
N GLU I 56 -25.35 -53.99 50.77
CA GLU I 56 -24.93 -53.75 52.14
C GLU I 56 -24.43 -55.03 52.85
N ALA I 57 -25.05 -56.17 52.54
CA ALA I 57 -24.67 -57.48 53.11
C ALA I 57 -23.33 -57.95 52.56
N ILE I 58 -23.09 -57.65 51.29
CA ILE I 58 -21.78 -57.89 50.69
C ILE I 58 -20.71 -57.05 51.38
N VAL I 59 -20.98 -55.77 51.62
CA VAL I 59 -20.01 -54.89 52.29
C VAL I 59 -19.60 -55.40 53.69
N SER I 60 -20.59 -55.66 54.54
CA SER I 60 -20.35 -56.12 55.92
C SER I 60 -19.74 -57.51 55.96
N GLY I 61 -20.24 -58.40 55.12
CA GLY I 61 -19.67 -59.73 54.99
C GLY I 61 -18.23 -59.69 54.53
N LEU I 62 -17.90 -58.76 53.63
CA LEU I 62 -16.53 -58.63 53.17
C LEU I 62 -15.63 -57.90 54.15
N SER I 63 -16.22 -57.10 55.04
N SER I 63 -16.22 -57.10 55.04
CA SER I 63 -15.43 -56.35 56.00
CA SER I 63 -15.45 -56.34 56.03
C SER I 63 -14.90 -57.24 57.13
C SER I 63 -15.14 -57.15 57.29
N GLU I 64 -15.47 -58.44 57.25
CA GLU I 64 -15.00 -59.39 58.26
C GLU I 64 -14.29 -60.58 57.61
N PHE I 65 -14.37 -60.64 56.28
CA PHE I 65 -13.81 -61.73 55.49
C PHE I 65 -12.30 -61.86 55.64
N ALA I 66 -11.85 -63.07 55.93
CA ALA I 66 -10.42 -63.35 56.01
C ALA I 66 -10.05 -64.53 55.13
N ALA I 67 -9.10 -64.33 54.24
CA ALA I 67 -8.65 -65.38 53.31
C ALA I 67 -7.84 -66.52 53.93
N ASP I 68 -7.89 -67.66 53.24
CA ASP I 68 -7.08 -68.83 53.52
C ASP I 68 -5.95 -68.89 52.48
N MET I 69 -4.72 -68.80 52.95
CA MET I 69 -3.61 -68.66 52.02
C MET I 69 -3.33 -69.95 51.24
N SER I 70 -3.40 -71.09 51.93
CA SER I 70 -3.19 -72.39 51.31
C SER I 70 -4.24 -72.68 50.23
N ALA I 71 -5.49 -72.31 50.51
CA ALA I 71 -6.53 -72.48 49.53
C ALA I 71 -6.31 -71.56 48.32
N LEU I 72 -5.87 -70.33 48.56
CA LEU I 72 -5.62 -69.42 47.45
C LEU I 72 -4.47 -69.90 46.57
N ARG I 73 -3.43 -70.43 47.23
CA ARG I 73 -2.28 -71.05 46.57
C ARG I 73 -2.70 -72.13 45.59
N HIS I 74 -3.60 -73.00 46.05
CA HIS I 74 -4.16 -74.07 45.25
C HIS I 74 -4.99 -73.53 44.09
N GLY I 75 -5.75 -72.48 44.38
CA GLY I 75 -6.51 -71.78 43.36
C GLY I 75 -5.68 -71.30 42.17
N VAL I 76 -4.50 -70.77 42.43
CA VAL I 76 -3.62 -70.42 41.30
C VAL I 76 -2.91 -71.66 40.70
N ALA I 77 -2.72 -72.71 41.50
CA ALA I 77 -2.18 -73.95 40.96
C ALA I 77 -3.19 -74.66 40.03
N LYS I 78 -4.48 -74.38 40.22
CA LYS I 78 -5.47 -74.96 39.36
C LYS I 78 -5.85 -74.03 38.23
N ASP I 79 -5.95 -72.73 38.49
CA ASP I 79 -6.57 -71.81 37.53
C ASP I 79 -5.55 -70.89 36.90
N GLY I 80 -4.36 -70.87 37.47
CA GLY I 80 -3.31 -69.99 36.99
C GLY I 80 -3.46 -68.58 37.48
N VAL I 81 -4.45 -68.35 38.33
CA VAL I 81 -4.93 -67.01 38.69
C VAL I 81 -5.60 -67.05 40.09
N VAL I 82 -5.57 -65.97 40.86
CA VAL I 82 -6.11 -66.02 42.24
C VAL I 82 -7.62 -65.92 42.34
N VAL I 83 -8.22 -65.09 41.48
CA VAL I 83 -9.55 -64.60 41.77
C VAL I 83 -10.70 -65.60 41.88
N PRO I 84 -10.77 -66.65 41.02
CA PRO I 84 -11.86 -67.60 41.27
C PRO I 84 -11.88 -68.21 42.69
N GLU I 85 -10.72 -68.53 43.25
CA GLU I 85 -10.70 -69.06 44.61
C GLU I 85 -10.95 -67.99 45.65
N LEU I 86 -10.48 -66.77 45.37
CA LEU I 86 -10.74 -65.64 46.24
C LEU I 86 -12.22 -65.31 46.28
N ILE I 87 -12.82 -65.18 45.09
CA ILE I 87 -14.25 -64.92 44.98
C ILE I 87 -15.07 -66.03 45.64
N ARG I 88 -14.66 -67.28 45.47
CA ARG I 88 -15.35 -68.41 46.13
C ARG I 88 -15.31 -68.30 47.66
N GLN I 89 -14.14 -67.96 48.19
CA GLN I 89 -13.97 -67.74 49.63
C GLN I 89 -14.75 -66.54 50.13
N MET I 90 -14.77 -65.49 49.31
CA MET I 90 -15.56 -64.29 49.59
C MET I 90 -17.05 -64.58 49.69
N ARG I 91 -17.58 -65.40 48.79
CA ARG I 91 -19.00 -65.72 48.78
C ARG I 91 -19.50 -66.39 50.07
N ALA I 92 -18.64 -67.16 50.73
CA ALA I 92 -19.03 -67.85 51.95
C ALA I 92 -19.08 -66.93 53.17
N ALA I 93 -18.42 -65.77 53.08
CA ALA I 93 -18.50 -64.78 54.17
C ALA I 93 -19.76 -63.92 54.07
N VAL I 94 -20.50 -64.07 52.96
CA VAL I 94 -21.66 -63.24 52.65
C VAL I 94 -22.96 -64.05 52.72
N ALA I 95 -23.89 -63.56 53.55
CA ALA I 95 -25.19 -64.21 53.80
C ALA I 95 -26.22 -63.99 52.70
N GLY I 96 -27.09 -64.98 52.50
CA GLY I 96 -28.17 -64.89 51.52
C GLY I 96 -27.78 -64.95 50.04
N GLN I 97 -28.71 -64.53 49.19
CA GLN I 97 -28.58 -64.58 47.73
C GLN I 97 -27.63 -63.50 47.19
N ALA I 98 -27.27 -62.56 48.05
CA ALA I 98 -26.29 -61.55 47.73
C ALA I 98 -24.88 -62.13 47.69
N ALA I 99 -24.74 -63.41 48.03
CA ALA I 99 -23.47 -64.12 47.79
C ALA I 99 -23.20 -64.30 46.30
N ASP I 100 -24.26 -64.37 45.50
CA ASP I 100 -24.12 -64.60 44.06
C ASP I 100 -23.84 -63.34 43.25
N LYS I 101 -24.06 -62.18 43.87
CA LYS I 101 -23.90 -60.93 43.16
C LYS I 101 -22.50 -60.34 43.31
N VAL I 102 -21.65 -60.96 44.13
CA VAL I 102 -20.28 -60.45 44.30
C VAL I 102 -19.50 -60.81 43.04
N HIS I 103 -18.58 -59.93 42.64
CA HIS I 103 -17.79 -60.10 41.40
C HIS I 103 -18.63 -60.14 40.09
N PHE I 104 -19.86 -59.68 40.17
CA PHE I 104 -20.73 -59.70 39.00
C PHE I 104 -20.26 -58.64 38.03
N GLY I 105 -20.08 -59.02 36.77
CA GLY I 105 -19.66 -58.06 35.75
C GLY I 105 -18.17 -58.02 35.52
N ALA I 106 -17.40 -58.24 36.59
CA ALA I 106 -15.94 -58.15 36.52
C ALA I 106 -15.26 -59.46 36.13
N THR I 107 -13.94 -59.40 35.90
CA THR I 107 -13.15 -60.56 35.56
C THR I 107 -11.88 -60.64 36.42
N SER I 108 -11.11 -61.70 36.27
CA SER I 108 -9.85 -61.83 36.97
C SER I 108 -8.87 -60.64 36.81
N GLN I 109 -8.71 -60.16 35.58
CA GLN I 109 -7.76 -59.08 35.31
C GLN I 109 -8.15 -57.79 36.03
N ASP I 110 -9.46 -57.55 36.10
CA ASP I 110 -10.02 -56.37 36.72
C ASP I 110 -9.56 -56.21 38.14
N VAL I 111 -9.73 -57.26 38.94
CA VAL I 111 -9.42 -57.16 40.36
C VAL I 111 -7.91 -57.19 40.62
N ILE I 112 -7.17 -57.91 39.77
CA ILE I 112 -5.70 -58.03 39.91
C ILE I 112 -4.98 -56.73 39.55
N ASP I 113 -5.34 -56.14 38.41
CA ASP I 113 -4.74 -54.88 37.97
C ASP I 113 -5.19 -53.66 38.80
N THR I 114 -6.38 -53.71 39.39
CA THR I 114 -6.86 -52.60 40.22
C THR I 114 -6.10 -52.64 41.53
N SER I 115 -5.87 -53.85 42.00
CA SER I 115 -5.08 -54.09 43.18
C SER I 115 -3.70 -53.53 42.96
N LEU I 116 -3.07 -53.92 41.84
CA LEU I 116 -1.77 -53.35 41.45
C LEU I 116 -1.82 -51.82 41.48
N MET I 117 -2.83 -51.21 40.86
CA MET I 117 -2.89 -49.73 40.73
C MET I 117 -3.08 -48.97 42.04
N LEU I 118 -3.89 -49.52 42.96
CA LEU I 118 -4.06 -48.95 44.30
C LEU I 118 -2.75 -49.02 45.06
N ARG I 119 -2.01 -50.09 44.80
CA ARG I 119 -0.78 -50.31 45.51
C ARG I 119 0.38 -49.54 44.87
N LEU I 120 0.39 -49.46 43.54
CA LEU I 120 1.32 -48.60 42.79
C LEU I 120 1.16 -47.09 43.09
N LYS I 121 -0.07 -46.65 43.32
CA LYS I 121 -0.42 -45.27 43.68
C LYS I 121 0.13 -44.85 45.03
N MET I 122 0.09 -45.79 45.96
CA MET I 122 0.63 -45.63 47.30
C MET I 122 2.13 -45.62 47.27
N ALA I 123 2.72 -46.41 46.38
CA ALA I 123 4.17 -46.49 46.31
C ALA I 123 4.71 -45.21 45.71
N ALA I 124 3.96 -44.66 44.75
CA ALA I 124 4.32 -43.38 44.14
C ALA I 124 4.20 -42.19 45.09
N GLU I 125 3.36 -42.30 46.12
CA GLU I 125 3.30 -41.25 47.13
C GLU I 125 4.56 -41.28 47.98
N ILE I 126 4.91 -42.47 48.48
CA ILE I 126 6.14 -42.68 49.25
C ILE I 126 7.39 -42.26 48.50
N ILE I 127 7.54 -42.76 47.27
CA ILE I 127 8.65 -42.38 46.38
C ILE I 127 8.73 -40.85 46.16
N ALA I 128 7.58 -40.18 46.07
CA ALA I 128 7.54 -38.73 45.90
C ALA I 128 7.94 -37.96 47.15
N THR I 129 7.57 -38.49 48.31
CA THR I 129 7.96 -37.88 49.58
C THR I 129 9.46 -38.05 49.84
N ARG I 130 9.98 -39.22 49.47
CA ARG I 130 11.39 -39.52 49.65
C ARG I 130 12.25 -38.67 48.73
N LEU I 131 11.78 -38.54 47.49
CA LEU I 131 12.40 -37.77 46.42
C LEU I 131 12.44 -36.31 46.77
N GLY I 132 11.35 -35.80 47.34
CA GLY I 132 11.28 -34.42 47.77
C GLY I 132 12.16 -34.16 48.98
N HIS I 133 12.29 -35.15 49.85
CA HIS I 133 13.15 -34.95 51.02
C HIS I 133 14.63 -34.96 50.62
N LEU I 134 14.97 -35.80 49.63
CA LEU I 134 16.33 -35.92 49.14
C LEU I 134 16.80 -34.65 48.42
N ILE I 135 15.90 -34.05 47.63
CA ILE I 135 16.18 -32.77 46.97
C ILE I 135 16.59 -31.67 47.97
N ASP I 136 15.97 -31.67 49.14
CA ASP I 136 16.37 -30.77 50.24
C ASP I 136 17.73 -31.14 50.80
N THR I 137 17.97 -32.44 50.94
CA THR I 137 19.20 -32.94 51.54
C THR I 137 20.45 -32.66 50.69
N LEU I 138 20.35 -33.07 49.42
CA LEU I 138 21.34 -32.74 48.39
C LEU I 138 21.54 -31.22 48.27
N GLY I 139 20.43 -30.48 48.21
CA GLY I 139 20.46 -29.01 48.15
C GLY I 139 21.02 -28.32 49.38
N ASP I 140 21.05 -29.04 50.50
CA ASP I 140 21.64 -28.51 51.73
C ASP I 140 23.14 -28.56 51.72
N LEU I 141 23.68 -29.67 51.23
CA LEU I 141 25.11 -29.83 51.03
C LEU I 141 25.64 -28.80 50.04
N ALA I 142 24.88 -28.57 48.97
CA ALA I 142 25.26 -27.64 47.90
C ALA I 142 25.18 -26.15 48.26
N SER I 143 24.77 -25.83 49.48
CA SER I 143 24.78 -24.43 49.92
C SER I 143 25.64 -24.27 51.16
N ARG I 144 26.01 -25.40 51.77
CA ARG I 144 26.93 -25.37 52.90
C ARG I 144 28.34 -25.33 52.31
N ASP I 145 28.53 -26.03 51.20
CA ASP I 145 29.85 -26.16 50.61
C ASP I 145 29.93 -25.86 49.12
N GLY I 146 28.83 -25.34 48.56
CA GLY I 146 28.76 -25.08 47.11
C GLY I 146 29.70 -23.99 46.63
N HIS I 147 30.08 -23.12 47.55
CA HIS I 147 31.02 -22.03 47.30
C HIS I 147 32.48 -22.50 47.09
N LYS I 148 32.78 -23.73 47.54
CA LYS I 148 34.14 -24.29 47.50
C LYS I 148 34.51 -24.76 46.08
N PRO I 149 35.81 -24.65 45.71
CA PRO I 149 36.33 -25.17 44.43
C PRO I 149 36.28 -26.70 44.27
N LEU I 150 36.20 -27.14 43.02
CA LEU I 150 36.19 -28.57 42.69
C LEU I 150 37.00 -28.79 41.39
N THR I 151 37.66 -29.95 41.29
CA THR I 151 38.36 -30.28 40.06
C THR I 151 37.42 -31.00 39.11
N GLY I 152 37.12 -30.37 37.98
CA GLY I 152 36.20 -30.95 37.00
C GLY I 152 36.81 -32.04 36.16
N TYR I 153 36.04 -33.08 35.86
CA TYR I 153 36.51 -34.17 35.01
C TYR I 153 35.66 -34.37 33.77
N THR I 154 36.21 -33.98 32.63
CA THR I 154 35.57 -34.32 31.37
C THR I 154 36.31 -35.46 30.75
N ARG I 155 35.57 -36.53 30.45
CA ARG I 155 36.07 -37.70 29.76
C ARG I 155 37.27 -38.38 30.45
N MET I 156 37.15 -38.52 31.77
CA MET I 156 38.18 -39.10 32.66
C MET I 156 39.53 -38.34 32.78
N GLN I 157 39.57 -37.08 32.35
CA GLN I 157 40.73 -36.21 32.60
C GLN I 157 40.29 -34.91 33.23
N ALA I 158 41.19 -34.27 33.95
CA ALA I 158 40.91 -32.98 34.54
C ALA I 158 40.71 -31.93 33.46
N ALA I 159 39.75 -31.02 33.70
CA ALA I 159 39.56 -29.82 32.87
C ALA I 159 39.73 -28.64 33.82
N ILE I 160 39.41 -27.43 33.36
CA ILE I 160 39.55 -26.27 34.27
C ILE I 160 38.44 -26.33 35.33
N GLY I 161 38.78 -25.84 36.53
CA GLY I 161 38.00 -26.09 37.73
C GLY I 161 36.61 -25.51 37.79
N ILE I 162 35.80 -26.11 38.69
CA ILE I 162 34.40 -25.77 38.84
C ILE I 162 34.18 -25.46 40.32
N THR I 163 32.92 -25.60 40.78
CA THR I 163 32.63 -25.56 42.20
C THR I 163 31.88 -26.82 42.59
N VAL I 164 31.51 -26.91 43.87
CA VAL I 164 30.68 -28.00 44.32
C VAL I 164 29.30 -27.74 43.74
N ALA I 165 28.91 -26.47 43.71
CA ALA I 165 27.60 -26.05 43.20
C ALA I 165 27.30 -26.54 41.79
N ASP I 166 28.31 -26.45 40.92
CA ASP I 166 28.16 -26.86 39.54
C ASP I 166 27.95 -28.34 39.35
N ARG I 167 28.73 -29.18 40.04
CA ARG I 167 28.56 -30.63 39.90
C ARG I 167 27.26 -31.07 40.53
N ALA I 168 26.95 -30.46 41.68
CA ALA I 168 25.72 -30.76 42.42
C ALA I 168 24.42 -30.48 41.66
N ALA I 169 24.43 -29.52 40.73
CA ALA I 169 23.29 -29.27 39.85
C ALA I 169 22.94 -30.49 38.99
N GLY I 170 23.95 -31.28 38.62
CA GLY I 170 23.70 -32.50 37.85
C GLY I 170 23.22 -33.65 38.70
N TRP I 171 23.16 -33.43 40.01
CA TRP I 171 22.52 -34.39 40.89
C TRP I 171 21.11 -33.91 41.19
N ILE I 172 20.96 -32.62 41.50
CA ILE I 172 19.68 -32.13 42.00
C ILE I 172 18.69 -31.82 40.89
N ALA I 173 19.10 -31.07 39.88
CA ALA I 173 18.15 -30.66 38.81
C ALA I 173 17.38 -31.78 38.06
N PRO I 174 18.01 -32.93 37.77
CA PRO I 174 17.14 -33.95 37.19
C PRO I 174 16.19 -34.59 38.19
N LEU I 175 16.59 -34.63 39.46
CA LEU I 175 15.71 -35.19 40.49
C LEU I 175 14.45 -34.35 40.61
N GLU I 176 14.62 -33.04 40.51
CA GLU I 176 13.52 -32.10 40.47
C GLU I 176 12.64 -32.35 39.27
N ARG I 177 13.24 -32.67 38.13
CA ARG I 177 12.45 -32.97 36.94
C ARG I 177 11.61 -34.22 37.14
N HIS I 178 12.21 -35.24 37.75
CA HIS I 178 11.55 -36.50 38.08
C HIS I 178 10.37 -36.37 39.04
N LEU I 179 10.50 -35.46 40.01
CA LEU I 179 9.46 -35.28 41.01
C LEU I 179 8.24 -34.72 40.30
N LEU I 180 8.48 -33.78 39.39
CA LEU I 180 7.43 -33.15 38.60
C LEU I 180 6.78 -34.19 37.71
N ARG I 181 7.63 -34.99 37.08
CA ARG I 181 7.21 -36.09 36.22
C ARG I 181 6.32 -37.09 36.94
N LEU I 182 6.69 -37.38 38.19
CA LEU I 182 5.92 -38.26 39.05
C LEU I 182 4.53 -37.66 39.39
N GLU I 183 4.52 -36.43 39.88
CA GLU I 183 3.26 -35.78 40.27
C GLU I 183 2.36 -35.59 39.07
N THR I 184 2.95 -35.36 37.92
CA THR I 184 2.17 -35.30 36.68
C THR I 184 1.52 -36.64 36.42
N PHE I 185 2.31 -37.72 36.45
CA PHE I 185 1.80 -39.07 36.20
C PHE I 185 0.66 -39.43 37.16
N ALA I 186 0.72 -38.91 38.39
CA ALA I 186 -0.23 -39.28 39.43
C ALA I 186 -1.64 -38.71 39.28
N GLN I 187 -1.86 -37.84 38.30
CA GLN I 187 -3.18 -37.27 38.13
C GLN I 187 -4.19 -38.20 37.44
N ASN I 188 -3.71 -39.07 36.56
CA ASN I 188 -4.60 -39.87 35.77
C ASN I 188 -4.04 -41.22 35.46
N GLY I 189 -2.87 -41.50 36.01
CA GLY I 189 -2.11 -42.67 35.58
C GLY I 189 -2.28 -43.86 36.49
N PHE I 190 -3.11 -43.72 37.50
CA PHE I 190 -3.44 -44.87 38.34
C PHE I 190 -4.91 -45.12 38.11
N ALA I 191 -5.16 -46.03 37.17
CA ALA I 191 -6.46 -46.15 36.56
C ALA I 191 -7.12 -47.41 37.05
N LEU I 192 -8.44 -47.34 37.25
CA LEU I 192 -9.26 -48.52 37.52
C LEU I 192 -9.11 -49.53 36.37
N GLN I 193 -9.24 -50.82 36.67
CA GLN I 193 -9.31 -51.79 35.61
C GLN I 193 -10.66 -52.42 35.66
N PHE I 194 -11.47 -52.21 34.63
CA PHE I 194 -12.83 -52.70 34.65
C PHE I 194 -13.33 -52.96 33.24
N GLY I 195 -13.17 -54.20 32.77
CA GLY I 195 -13.61 -54.56 31.43
C GLY I 195 -14.42 -55.83 31.29
N GLY I 196 -14.36 -56.71 32.29
CA GLY I 196 -15.11 -57.96 32.20
C GLY I 196 -14.44 -59.01 31.31
N ALA I 197 -15.23 -59.95 30.80
CA ALA I 197 -14.67 -61.18 30.21
C ALA I 197 -13.72 -60.96 29.04
N ALA I 198 -14.21 -60.27 28.01
CA ALA I 198 -13.38 -59.93 26.86
C ALA I 198 -13.36 -58.43 26.63
N GLY I 199 -13.40 -57.70 27.73
CA GLY I 199 -13.24 -56.25 27.70
C GLY I 199 -14.45 -55.40 27.33
N THR I 200 -15.64 -56.00 27.25
CA THR I 200 -16.77 -55.25 26.73
C THR I 200 -17.85 -54.96 27.73
N LEU I 201 -17.62 -55.35 28.99
CA LEU I 201 -18.58 -55.17 30.07
C LEU I 201 -20.02 -55.55 29.69
N GLU I 202 -20.15 -56.68 29.00
CA GLU I 202 -21.40 -57.08 28.36
C GLU I 202 -22.50 -57.42 29.37
N LYS I 203 -22.08 -57.76 30.59
CA LYS I 203 -22.97 -57.96 31.72
C LYS I 203 -23.62 -56.68 32.23
N LEU I 204 -23.03 -55.52 31.92
CA LEU I 204 -23.63 -54.28 32.38
C LEU I 204 -24.43 -53.56 31.31
N GLY I 205 -24.11 -53.88 30.04
CA GLY I 205 -24.83 -53.37 28.88
C GLY I 205 -24.78 -51.87 28.72
N ASP I 206 -25.82 -51.20 29.24
CA ASP I 206 -25.96 -49.75 29.14
C ASP I 206 -25.46 -48.96 30.37
N ASN I 207 -25.53 -49.58 31.54
CA ASN I 207 -25.06 -48.94 32.76
C ASN I 207 -23.57 -49.16 32.98
N ALA I 208 -22.90 -49.54 31.89
CA ALA I 208 -21.49 -49.86 31.90
C ALA I 208 -20.68 -48.63 32.30
N GLY I 209 -20.98 -47.51 31.66
CA GLY I 209 -20.23 -46.27 31.89
C GLY I 209 -20.48 -45.72 33.28
N ALA I 210 -21.74 -45.75 33.69
CA ALA I 210 -22.19 -45.24 34.99
C ALA I 210 -21.58 -46.01 36.15
N VAL I 211 -21.52 -47.34 36.01
CA VAL I 211 -20.91 -48.20 37.02
C VAL I 211 -19.40 -48.00 37.10
N ARG I 212 -18.71 -48.06 35.96
CA ARG I 212 -17.27 -47.84 35.87
C ARG I 212 -16.83 -46.53 36.54
N ALA I 213 -17.55 -45.45 36.26
CA ALA I 213 -17.28 -44.14 36.86
C ALA I 213 -17.36 -44.10 38.39
N ASP I 214 -18.40 -44.71 38.93
CA ASP I 214 -18.67 -44.69 40.35
C ASP I 214 -17.70 -45.64 41.05
N LEU I 215 -17.44 -46.78 40.43
CA LEU I 215 -16.47 -47.73 40.95
C LEU I 215 -15.10 -47.07 41.07
N ALA I 216 -14.68 -46.34 40.03
CA ALA I 216 -13.42 -45.58 40.02
C ALA I 216 -13.35 -44.58 41.18
N LYS I 217 -14.42 -43.80 41.33
CA LYS I 217 -14.44 -42.69 42.25
C LYS I 217 -14.31 -43.18 43.69
N ARG I 218 -14.97 -44.30 43.98
CA ARG I 218 -14.92 -44.90 45.31
C ARG I 218 -13.52 -45.37 45.67
N LEU I 219 -12.80 -45.89 44.68
CA LEU I 219 -11.45 -46.40 44.93
C LEU I 219 -10.36 -45.33 44.85
N GLY I 220 -10.70 -44.15 44.35
CA GLY I 220 -9.74 -43.05 44.27
C GLY I 220 -8.75 -43.24 43.13
N LEU I 221 -9.26 -43.76 42.02
CA LEU I 221 -8.45 -44.03 40.83
C LEU I 221 -9.10 -43.34 39.64
N ALA I 222 -8.34 -43.16 38.57
CA ALA I 222 -8.87 -42.57 37.36
C ALA I 222 -9.76 -43.55 36.59
N ASP I 223 -10.65 -42.97 35.80
CA ASP I 223 -11.66 -43.70 35.05
C ASP I 223 -11.32 -43.65 33.55
N ARG I 224 -11.09 -44.81 32.94
CA ARG I 224 -10.82 -44.86 31.50
C ARG I 224 -11.37 -46.18 30.97
N PRO I 225 -11.64 -46.30 29.65
CA PRO I 225 -12.02 -47.66 29.22
C PRO I 225 -10.93 -48.69 29.56
N GLN I 226 -11.33 -49.95 29.67
CA GLN I 226 -10.44 -51.01 30.10
C GLN I 226 -9.17 -51.09 29.27
N TRP I 227 -8.10 -51.54 29.89
CA TRP I 227 -6.82 -51.56 29.24
C TRP I 227 -6.24 -52.94 29.46
N HIS I 228 -7.01 -53.97 29.08
CA HIS I 228 -6.52 -55.34 29.20
C HIS I 228 -5.24 -55.56 28.37
N ASN I 229 -5.24 -55.08 27.14
CA ASN I 229 -4.10 -55.20 26.25
C ASN I 229 -3.37 -53.87 25.98
N GLN I 230 -3.65 -52.85 26.79
CA GLN I 230 -2.95 -51.57 26.65
C GLN I 230 -2.09 -51.25 27.88
N ARG I 231 -0.82 -51.63 27.81
CA ARG I 231 0.05 -51.62 28.99
C ARG I 231 1.05 -50.45 28.97
N ASP I 232 0.71 -49.41 28.20
CA ASP I 232 1.58 -48.28 28.00
C ASP I 232 1.79 -47.45 29.27
N GLY I 233 0.77 -47.38 30.12
CA GLY I 233 0.91 -46.72 31.42
C GLY I 233 1.81 -47.49 32.38
N ILE I 234 1.87 -48.81 32.22
CA ILE I 234 2.81 -49.58 33.02
C ILE I 234 4.22 -49.29 32.56
N ALA I 235 4.46 -49.36 31.26
CA ALA I 235 5.80 -49.13 30.72
C ALA I 235 6.27 -47.70 30.91
N GLU I 236 5.33 -46.76 31.04
CA GLU I 236 5.68 -45.39 31.21
C GLU I 236 6.01 -45.13 32.65
N PHE I 237 5.37 -45.88 33.54
CA PHE I 237 5.59 -45.69 34.96
C PHE I 237 6.92 -46.35 35.30
N ALA I 238 7.17 -47.48 34.65
CA ALA I 238 8.44 -48.19 34.78
C ALA I 238 9.59 -47.31 34.30
N ASN I 239 9.35 -46.57 33.23
CA ASN I 239 10.32 -45.62 32.74
C ASN I 239 10.73 -44.55 33.76
N LEU I 240 9.78 -44.05 34.54
CA LEU I 240 10.07 -43.09 35.60
C LEU I 240 10.76 -43.74 36.79
N LEU I 241 10.48 -45.02 37.01
CA LEU I 241 11.12 -45.74 38.09
C LEU I 241 12.60 -45.80 37.80
N SER I 242 12.95 -46.12 36.55
CA SER I 242 14.33 -46.21 36.12
C SER I 242 15.01 -44.87 35.92
N LEU I 243 14.23 -43.90 35.46
CA LEU I 243 14.70 -42.54 35.33
C LEU I 243 15.20 -42.04 36.68
N VAL I 244 14.42 -42.27 37.72
CA VAL I 244 14.83 -41.92 39.09
C VAL I 244 16.11 -42.66 39.50
N THR I 245 16.23 -43.97 39.20
CA THR I 245 17.44 -44.73 39.59
C THR I 245 18.72 -44.36 38.84
N GLY I 246 18.59 -43.99 37.56
CA GLY I 246 19.73 -43.52 36.77
C GLY I 246 20.41 -42.27 37.33
N THR I 247 19.63 -41.24 37.67
CA THR I 247 20.21 -40.00 38.23
C THR I 247 20.93 -40.31 39.53
N LEU I 248 20.36 -41.23 40.29
CA LEU I 248 20.96 -41.63 41.56
C LEU I 248 22.20 -42.49 41.36
N GLY I 249 22.25 -43.22 40.25
CA GLY I 249 23.42 -44.02 39.91
C GLY I 249 24.53 -43.13 39.41
N LYS I 250 24.16 -42.03 38.78
CA LYS I 250 25.09 -41.00 38.38
C LYS I 250 25.66 -40.31 39.60
N PHE I 251 24.79 -40.04 40.57
CA PHE I 251 25.20 -39.42 41.82
C PHE I 251 26.16 -40.34 42.55
N GLY I 252 25.82 -41.63 42.58
CA GLY I 252 26.67 -42.62 43.20
C GLY I 252 28.03 -42.72 42.53
N GLN I 253 28.03 -42.72 41.20
CA GLN I 253 29.26 -42.91 40.43
C GLN I 253 30.20 -41.75 40.61
N ASP I 254 29.64 -40.55 40.70
CA ASP I 254 30.42 -39.37 41.01
C ASP I 254 31.04 -39.43 42.39
N ILE I 255 30.24 -39.84 43.37
CA ILE I 255 30.69 -39.87 44.76
C ILE I 255 31.83 -40.85 44.91
N ALA I 256 31.65 -42.01 44.29
CA ALA I 256 32.60 -43.12 44.37
C ALA I 256 33.88 -42.79 43.63
N LEU I 257 33.79 -41.96 42.60
CA LEU I 257 34.99 -41.51 41.92
C LEU I 257 35.75 -40.50 42.75
N MET I 258 35.02 -39.69 43.51
CA MET I 258 35.65 -38.73 44.41
C MET I 258 36.30 -39.44 45.59
N ALA I 259 35.69 -40.54 46.01
CA ALA I 259 36.18 -41.32 47.15
C ALA I 259 37.54 -41.99 46.87
N GLU I 260 37.72 -42.47 45.64
CA GLU I 260 38.97 -43.11 45.25
C GLU I 260 40.15 -42.14 45.23
N ILE I 261 39.97 -41.02 44.53
CA ILE I 261 40.93 -39.93 44.51
C ILE I 261 41.20 -39.41 45.92
N GLY I 262 40.13 -39.10 46.64
CA GLY I 262 40.23 -38.93 48.09
C GLY I 262 40.80 -37.63 48.62
N SER I 263 40.97 -36.63 47.76
CA SER I 263 41.38 -35.31 48.23
C SER I 263 40.27 -34.26 48.10
N GLU I 264 39.05 -34.70 47.80
CA GLU I 264 37.94 -33.76 47.70
C GLU I 264 36.64 -34.24 48.35
N ILE I 265 36.77 -35.20 49.27
CA ILE I 265 35.65 -35.69 50.08
C ILE I 265 36.13 -36.33 51.41
N ARG I 266 35.38 -36.13 52.49
CA ARG I 266 35.54 -36.96 53.69
C ARG I 266 34.25 -37.78 53.96
N LEU I 267 34.40 -38.94 54.60
CA LEU I 267 33.27 -39.81 54.91
C LEU I 267 33.35 -40.37 56.32
N SER I 268 32.23 -40.90 56.81
CA SER I 268 32.19 -41.53 58.14
C SER I 268 31.58 -42.93 58.08
N ASN I 281 34.76 -49.39 50.76
CA ASN I 281 34.39 -48.33 51.70
C ASN I 281 33.14 -47.49 51.33
N PRO I 282 33.06 -46.92 50.11
CA PRO I 282 31.81 -46.20 49.92
C PRO I 282 30.76 -47.11 49.27
N VAL I 283 30.23 -48.04 50.05
CA VAL I 283 29.31 -49.04 49.53
C VAL I 283 28.04 -48.39 49.01
N ASN I 284 27.52 -47.46 49.79
CA ASN I 284 26.31 -46.71 49.43
C ASN I 284 26.36 -46.12 48.02
N ALA I 285 27.50 -45.54 47.62
CA ALA I 285 27.67 -45.01 46.29
C ALA I 285 27.66 -46.08 45.20
N GLU I 286 28.27 -47.23 45.50
CA GLU I 286 28.37 -48.33 44.56
C GLU I 286 27.01 -48.97 44.31
N THR I 287 26.23 -49.03 45.38
CA THR I 287 24.94 -49.67 45.39
C THR I 287 23.99 -48.91 44.47
N LEU I 288 24.07 -47.58 44.54
CA LEU I 288 23.30 -46.70 43.65
C LEU I 288 23.54 -47.03 42.15
N VAL I 289 24.81 -47.28 41.80
CA VAL I 289 25.14 -47.67 40.45
C VAL I 289 24.54 -49.06 40.10
N THR I 290 24.50 -49.96 41.08
CA THR I 290 23.93 -51.29 40.88
C THR I 290 22.42 -51.17 40.56
N LEU I 291 21.75 -50.35 41.35
CA LEU I 291 20.32 -50.21 41.21
C LEU I 291 20.00 -49.51 39.91
N ALA I 292 20.86 -48.56 39.54
CA ALA I 292 20.74 -47.89 38.25
C ALA I 292 20.76 -48.89 37.10
N ARG I 293 21.76 -49.78 37.06
CA ARG I 293 21.88 -50.76 35.97
C ARG I 293 20.82 -51.85 36.02
N PHE I 294 20.30 -52.12 37.21
CA PHE I 294 19.29 -53.15 37.41
C PHE I 294 17.99 -52.75 36.76
N ASN I 295 17.52 -51.53 37.07
CA ASN I 295 16.28 -51.04 36.51
C ASN I 295 16.40 -50.79 35.03
N ALA I 296 17.62 -50.43 34.61
CA ALA I 296 17.91 -50.18 33.23
C ALA I 296 17.90 -51.47 32.41
N VAL I 297 18.13 -52.60 33.09
CA VAL I 297 17.84 -53.91 32.49
C VAL I 297 16.33 -54.23 32.53
N GLN I 298 15.71 -54.10 33.70
CA GLN I 298 14.30 -54.49 33.93
C GLN I 298 13.27 -53.74 33.09
N ILE I 299 13.59 -52.50 32.68
CA ILE I 299 12.69 -51.64 31.90
C ILE I 299 12.37 -52.28 30.56
N SER I 300 13.29 -53.11 30.09
CA SER I 300 13.16 -53.81 28.84
C SER I 300 12.07 -54.88 28.90
N ALA I 301 11.75 -55.38 30.09
CA ALA I 301 10.75 -56.45 30.23
C ALA I 301 9.36 -55.85 30.11
N LEU I 302 9.20 -54.70 30.76
CA LEU I 302 7.93 -54.02 30.73
C LEU I 302 7.63 -53.56 29.33
N HIS I 303 8.67 -53.20 28.58
CA HIS I 303 8.48 -52.86 27.18
C HIS I 303 8.20 -54.05 26.27
N GLN I 304 8.72 -55.24 26.61
CA GLN I 304 8.47 -56.39 25.74
C GLN I 304 7.02 -56.76 25.86
N SER I 305 6.54 -56.62 27.09
CA SER I 305 5.16 -56.79 27.47
C SER I 305 4.12 -55.82 26.95
N LEU I 306 4.51 -54.90 26.08
CA LEU I 306 3.51 -54.11 25.38
C LEU I 306 2.82 -54.98 24.31
N VAL I 307 3.48 -56.03 23.85
CA VAL I 307 2.84 -56.94 22.89
C VAL I 307 1.93 -57.95 23.59
N GLN I 308 0.72 -57.52 23.92
CA GLN I 308 -0.26 -58.42 24.52
C GLN I 308 -1.39 -58.70 23.54
N GLU I 309 -1.38 -59.92 22.99
CA GLU I 309 -2.23 -60.29 21.86
C GLU I 309 -3.71 -60.51 22.19
N GLN I 310 -4.55 -60.17 21.22
CA GLN I 310 -6.01 -60.35 21.34
C GLN I 310 -6.56 -59.65 22.60
N GLU I 311 -7.57 -60.22 23.25
CA GLU I 311 -8.24 -59.51 24.34
C GLU I 311 -7.54 -59.64 25.69
N ARG I 312 -6.61 -60.60 25.79
CA ARG I 312 -5.85 -60.85 27.01
C ARG I 312 -4.70 -61.79 26.69
N SER I 313 -3.49 -61.41 27.07
CA SER I 313 -2.34 -62.25 26.87
C SER I 313 -1.69 -62.62 28.17
N GLY I 314 -1.69 -63.91 28.50
CA GLY I 314 -1.09 -64.40 29.74
C GLY I 314 0.41 -64.22 29.69
N ALA I 315 0.99 -64.52 28.54
CA ALA I 315 2.43 -64.49 28.35
C ALA I 315 3.07 -63.16 28.77
N GLY I 316 2.61 -62.07 28.18
CA GLY I 316 3.13 -60.73 28.49
C GLY I 316 2.68 -60.21 29.84
N TRP I 317 1.44 -60.51 30.23
CA TRP I 317 0.90 -60.07 31.51
C TRP I 317 1.77 -60.53 32.67
N MET I 318 2.15 -61.80 32.66
CA MET I 318 2.86 -62.43 33.78
C MET I 318 4.31 -61.97 33.88
N LEU I 319 4.86 -61.46 32.78
CA LEU I 319 6.15 -60.80 32.80
C LEU I 319 6.12 -59.52 33.63
N GLU I 320 4.96 -58.84 33.67
CA GLU I 320 4.79 -57.66 34.56
C GLU I 320 4.79 -58.08 36.00
N TRP I 321 4.34 -59.30 36.28
CA TRP I 321 4.29 -59.81 37.64
C TRP I 321 5.69 -60.10 38.11
N LEU I 322 6.51 -60.59 37.21
CA LEU I 322 7.85 -61.01 37.58
C LEU I 322 8.81 -59.81 37.83
N THR I 323 8.60 -58.72 37.09
CA THR I 323 9.57 -57.63 37.01
C THR I 323 9.18 -56.27 37.59
N LEU I 324 7.91 -55.92 37.53
CA LEU I 324 7.51 -54.60 37.99
C LEU I 324 7.68 -54.35 39.50
N PRO I 325 7.23 -55.29 40.38
CA PRO I 325 7.49 -55.10 41.81
C PRO I 325 8.93 -54.84 42.20
N GLN I 326 9.90 -55.32 41.44
CA GLN I 326 11.26 -55.07 41.81
C GLN I 326 11.78 -53.76 41.24
N MET I 327 11.14 -53.25 40.20
CA MET I 327 11.53 -51.91 39.78
C MET I 327 11.11 -50.89 40.81
N VAL I 328 9.86 -50.95 41.30
CA VAL I 328 9.48 -50.01 42.35
C VAL I 328 10.32 -50.12 43.64
N THR I 329 10.66 -51.34 44.02
CA THR I 329 11.51 -51.56 45.18
C THR I 329 12.94 -51.02 45.01
N ALA I 330 13.54 -51.26 43.83
CA ALA I 330 14.87 -50.71 43.48
C ALA I 330 14.88 -49.19 43.50
N THR I 331 13.78 -48.56 43.09
CA THR I 331 13.66 -47.12 43.11
C THR I 331 13.60 -46.64 44.53
N GLY I 332 12.76 -47.29 45.34
CA GLY I 332 12.63 -46.92 46.74
C GLY I 332 13.92 -47.09 47.53
N THR I 333 14.62 -48.19 47.27
CA THR I 333 15.85 -48.52 47.95
C THR I 333 16.96 -47.58 47.52
N SER I 334 16.98 -47.24 46.23
CA SER I 334 17.88 -46.20 45.76
C SER I 334 17.74 -44.91 46.57
N LEU I 335 16.51 -44.47 46.78
CA LEU I 335 16.23 -43.24 47.51
C LEU I 335 16.64 -43.35 48.97
N LEU I 336 16.49 -44.55 49.52
CA LEU I 336 16.93 -44.84 50.87
C LEU I 336 18.45 -44.76 50.99
N VAL I 337 19.13 -45.36 50.02
CA VAL I 337 20.58 -45.45 50.03
C VAL I 337 21.20 -44.10 49.78
N ALA I 338 20.60 -43.32 48.89
CA ALA I 338 21.11 -41.98 48.57
C ALA I 338 21.03 -41.05 49.77
N GLU I 339 19.96 -41.19 50.53
CA GLU I 339 19.77 -40.46 51.77
C GLU I 339 20.88 -40.85 52.76
N ARG I 340 21.12 -42.15 52.90
CA ARG I 340 22.16 -42.66 53.79
C ARG I 340 23.56 -42.20 53.41
N LEU I 341 23.84 -42.23 52.11
CA LEU I 341 25.09 -41.75 51.53
C LEU I 341 25.35 -40.28 51.79
N ALA I 342 24.34 -39.44 51.58
CA ALA I 342 24.48 -38.00 51.75
C ALA I 342 24.74 -37.59 53.21
N ALA I 343 24.32 -38.46 54.14
CA ALA I 343 24.59 -38.29 55.56
C ALA I 343 26.05 -38.53 55.84
N GLN I 344 26.66 -39.45 55.10
CA GLN I 344 28.08 -39.75 55.30
C GLN I 344 29.03 -38.71 54.76
N ILE I 345 28.54 -37.87 53.84
CA ILE I 345 29.35 -36.76 53.33
C ILE I 345 29.45 -35.63 54.36
N ASP I 346 30.66 -35.40 54.88
CA ASP I 346 30.92 -34.31 55.83
C ASP I 346 31.52 -33.08 55.17
N ARG I 347 32.08 -33.25 53.98
CA ARG I 347 32.56 -32.15 53.16
C ARG I 347 32.79 -32.61 51.74
N LEU I 348 32.41 -31.78 50.78
CA LEU I 348 32.81 -31.95 49.39
C LEU I 348 33.79 -30.85 49.08
N GLY I 349 34.52 -30.97 47.98
CA GLY I 349 35.46 -29.92 47.55
C GLY I 349 36.77 -29.88 48.33
N ALA I 350 37.68 -29.00 47.89
CA ALA I 350 39.02 -28.90 48.50
C ALA I 350 39.15 -27.67 49.39
N SER J 2 25.30 -53.98 4.21
CA SER J 2 25.45 -53.17 5.45
C SER J 2 24.78 -53.80 6.67
N LEU J 3 25.18 -53.35 7.85
CA LEU J 3 24.84 -53.98 9.14
C LEU J 3 23.38 -53.94 9.51
N SER J 4 22.75 -52.78 9.37
CA SER J 4 21.34 -52.68 9.67
C SER J 4 20.51 -52.74 8.40
N PRO J 5 19.43 -53.55 8.42
CA PRO J 5 18.49 -53.70 7.31
C PRO J 5 17.73 -52.43 6.94
N PHE J 6 17.75 -51.44 7.83
CA PHE J 6 17.15 -50.14 7.57
C PHE J 6 17.84 -49.41 6.41
N GLU J 7 19.17 -49.56 6.29
CA GLU J 7 19.91 -48.91 5.22
C GLU J 7 20.47 -49.89 4.17
N HIS J 8 20.05 -51.15 4.27
CA HIS J 8 20.52 -52.26 3.42
C HIS J 8 19.95 -52.19 2.01
N PRO J 9 20.80 -52.38 0.98
CA PRO J 9 20.43 -52.44 -0.44
C PRO J 9 19.19 -53.27 -0.82
N PHE J 10 19.02 -54.47 -0.29
CA PHE J 10 17.76 -55.18 -0.58
C PHE J 10 16.75 -55.26 0.56
N LEU J 11 17.21 -55.36 1.79
CA LEU J 11 16.29 -55.49 2.95
C LEU J 11 15.44 -54.23 3.25
N SER J 12 15.90 -53.08 2.78
CA SER J 12 15.12 -51.84 2.91
C SER J 12 13.84 -51.79 2.05
N GLY J 13 13.61 -52.81 1.23
CA GLY J 13 12.31 -52.96 0.57
C GLY J 13 11.27 -53.33 1.61
N LEU J 14 11.73 -53.80 2.76
CA LEU J 14 10.85 -54.08 3.87
C LEU J 14 11.07 -53.06 4.97
N PHE J 15 12.34 -52.83 5.29
CA PHE J 15 12.73 -52.06 6.47
C PHE J 15 13.09 -50.61 6.20
N GLY J 16 12.93 -50.18 4.97
CA GLY J 16 13.32 -48.83 4.62
C GLY J 16 12.38 -47.74 5.10
N ASP J 17 12.97 -46.56 5.25
CA ASP J 17 12.31 -45.32 5.54
C ASP J 17 13.36 -44.26 5.25
N SER J 18 13.37 -43.74 4.03
CA SER J 18 14.44 -42.83 3.63
C SER J 18 14.32 -41.45 4.29
N GLU J 19 13.09 -41.05 4.59
CA GLU J 19 12.79 -39.73 5.14
C GLU J 19 13.33 -39.51 6.56
N ILE J 20 13.23 -40.53 7.41
CA ILE J 20 13.73 -40.45 8.78
C ILE J 20 15.23 -40.70 8.82
N ILE J 21 15.70 -41.50 7.86
CA ILE J 21 17.10 -41.87 7.79
C ILE J 21 18.02 -40.73 7.37
N GLU J 22 17.60 -39.93 6.38
CA GLU J 22 18.41 -38.77 5.92
C GLU J 22 18.70 -37.78 7.04
N LEU J 23 17.90 -37.84 8.10
CA LEU J 23 18.07 -36.97 9.27
C LEU J 23 19.24 -37.40 10.15
N PHE J 24 19.82 -38.54 9.82
CA PHE J 24 20.98 -39.05 10.53
C PHE J 24 22.14 -39.26 9.56
N SER J 25 21.97 -38.84 8.32
CA SER J 25 23.02 -38.95 7.31
C SER J 25 24.08 -37.90 7.57
N ALA J 26 25.19 -38.03 6.86
CA ALA J 26 26.36 -37.17 7.02
C ALA J 26 26.09 -35.67 6.81
N LYS J 27 25.44 -35.33 5.69
CA LYS J 27 25.20 -33.94 5.33
C LYS J 27 24.25 -33.22 6.30
N ALA J 28 23.24 -33.93 6.80
CA ALA J 28 22.26 -33.32 7.69
C ALA J 28 22.86 -32.97 9.03
N ASP J 29 23.81 -33.79 9.45
CA ASP J 29 24.50 -33.62 10.71
C ASP J 29 25.33 -32.35 10.68
N ILE J 30 26.19 -32.24 9.67
CA ILE J 30 27.10 -31.11 9.51
C ILE J 30 26.31 -29.83 9.29
N ASP J 31 25.20 -29.93 8.55
CA ASP J 31 24.30 -28.80 8.33
C ASP J 31 23.79 -28.19 9.63
N ALA J 32 23.41 -29.06 10.58
CA ALA J 32 22.94 -28.61 11.88
C ALA J 32 24.08 -28.02 12.72
N MET J 33 25.28 -28.54 12.52
CA MET J 33 26.44 -28.02 13.26
C MET J 33 26.91 -26.67 12.71
N ILE J 34 26.70 -26.45 11.41
CA ILE J 34 26.98 -25.18 10.77
C ILE J 34 25.89 -24.21 11.23
N ARG J 35 24.66 -24.70 11.29
CA ARG J 35 23.56 -23.95 11.86
C ARG J 35 23.79 -23.54 13.32
N PHE J 36 24.45 -24.40 14.10
CA PHE J 36 24.81 -24.08 15.48
C PHE J 36 25.81 -22.95 15.53
N GLU J 37 26.88 -23.07 14.73
CA GLU J 37 27.99 -22.12 14.80
C GLU J 37 27.67 -20.78 14.13
N THR J 38 26.75 -20.79 13.18
CA THR J 38 26.27 -19.57 12.53
C THR J 38 25.39 -18.79 13.50
N ALA J 39 24.50 -19.50 14.19
CA ALA J 39 23.59 -18.87 15.14
C ALA J 39 24.29 -18.49 16.43
N LEU J 40 25.39 -19.16 16.75
CA LEU J 40 26.17 -18.88 17.96
C LEU J 40 26.76 -17.48 17.89
N ALA J 41 27.42 -17.20 16.78
CA ALA J 41 28.06 -15.92 16.51
C ALA J 41 27.06 -14.77 16.42
N GLN J 42 25.88 -15.07 15.89
CA GLN J 42 24.79 -14.11 15.80
C GLN J 42 24.24 -13.77 17.18
N ALA J 43 24.23 -14.77 18.07
CA ALA J 43 23.73 -14.59 19.43
C ALA J 43 24.71 -13.79 20.28
N GLU J 44 25.99 -13.87 19.93
CA GLU J 44 27.01 -13.11 20.63
C GLU J 44 27.11 -11.67 20.10
N ALA J 45 26.73 -11.48 18.83
CA ALA J 45 26.54 -10.14 18.27
C ALA J 45 25.28 -9.51 18.86
N GLU J 46 24.33 -10.37 19.23
CA GLU J 46 23.10 -9.93 19.87
C GLU J 46 23.35 -9.49 21.32
N ALA J 47 24.45 -10.04 21.91
CA ALA J 47 24.85 -9.70 23.27
C ALA J 47 26.12 -8.85 23.30
N SER J 48 26.49 -8.35 22.11
CA SER J 48 27.61 -7.41 21.91
C SER J 48 28.97 -7.84 22.47
N ILE J 49 29.33 -9.10 22.21
CA ILE J 49 30.64 -9.65 22.56
C ILE J 49 31.66 -9.11 21.57
N PHE J 50 31.23 -8.92 20.33
CA PHE J 50 31.97 -8.14 19.34
C PHE J 50 30.99 -7.33 18.46
N ALA J 51 31.48 -6.77 17.37
CA ALA J 51 30.63 -5.94 16.52
C ALA J 51 29.77 -6.77 15.55
N ASP J 52 28.86 -6.05 14.84
CA ASP J 52 27.97 -6.71 13.89
C ASP J 52 28.69 -7.14 12.59
N ASP J 53 29.53 -6.26 12.04
CA ASP J 53 30.26 -6.59 10.79
C ASP J 53 31.54 -7.41 10.99
N GLU J 54 31.42 -8.48 11.78
CA GLU J 54 32.53 -9.39 12.06
C GLU J 54 31.90 -10.74 12.33
N ALA J 55 30.71 -10.71 12.93
CA ALA J 55 29.87 -11.88 13.02
C ALA J 55 29.23 -12.14 11.67
N GLU J 56 29.10 -11.07 10.88
CA GLU J 56 28.56 -11.13 9.52
C GLU J 56 29.47 -11.95 8.59
N ALA J 57 30.78 -11.82 8.83
CA ALA J 57 31.78 -12.58 8.08
C ALA J 57 31.81 -14.06 8.47
N ILE J 58 31.35 -14.34 9.69
CA ILE J 58 31.20 -15.71 10.14
C ILE J 58 29.99 -16.29 9.44
N VAL J 59 28.85 -15.63 9.57
CA VAL J 59 27.59 -16.07 8.96
C VAL J 59 27.76 -16.37 7.47
N SER J 60 28.40 -15.43 6.77
CA SER J 60 28.71 -15.58 5.34
C SER J 60 29.77 -16.64 5.08
N GLY J 61 30.71 -16.77 6.01
CA GLY J 61 31.81 -17.74 5.87
C GLY J 61 31.34 -19.17 6.02
N LEU J 62 30.31 -19.37 6.83
CA LEU J 62 29.77 -20.70 7.06
C LEU J 62 28.69 -21.03 6.05
N SER J 63 28.21 -20.00 5.34
CA SER J 63 27.08 -20.16 4.44
C SER J 63 27.45 -20.84 3.12
N GLU J 64 28.76 -20.79 2.81
CA GLU J 64 29.22 -21.44 1.59
C GLU J 64 30.15 -22.58 1.97
N PHE J 65 30.23 -22.86 3.28
CA PHE J 65 31.19 -23.83 3.81
C PHE J 65 30.89 -25.27 3.42
N ALA J 66 31.84 -25.86 2.69
CA ALA J 66 31.86 -27.29 2.39
C ALA J 66 32.94 -27.95 3.25
N ALA J 67 32.57 -28.96 4.02
CA ALA J 67 33.52 -29.65 4.90
C ALA J 67 34.38 -30.66 4.13
N ASP J 68 35.46 -31.11 4.80
CA ASP J 68 36.36 -32.12 4.24
C ASP J 68 36.09 -33.43 4.95
N MET J 69 35.32 -34.31 4.30
CA MET J 69 34.84 -35.55 4.89
C MET J 69 35.98 -36.47 5.32
N SER J 70 37.03 -36.52 4.50
CA SER J 70 38.23 -37.28 4.85
C SER J 70 38.90 -36.79 6.13
N ALA J 71 39.10 -35.44 6.20
CA ALA J 71 39.78 -34.88 7.39
C ALA J 71 38.92 -34.94 8.66
N LEU J 72 37.60 -35.04 8.50
CA LEU J 72 36.69 -35.23 9.62
C LEU J 72 36.81 -36.63 10.20
N ARG J 73 36.84 -37.63 9.31
CA ARG J 73 37.01 -39.03 9.65
C ARG J 73 38.33 -39.23 10.40
N HIS J 74 39.37 -38.52 9.96
CA HIS J 74 40.68 -38.52 10.63
C HIS J 74 40.64 -37.72 11.92
N GLY J 75 39.72 -36.77 12.00
CA GLY J 75 39.58 -35.91 13.18
C GLY J 75 39.00 -36.63 14.38
N VAL J 76 38.06 -37.53 14.16
CA VAL J 76 37.58 -38.32 15.28
C VAL J 76 38.59 -39.43 15.61
N ALA J 77 39.48 -39.73 14.66
CA ALA J 77 40.51 -40.75 14.88
C ALA J 77 41.60 -40.24 15.82
N LYS J 78 41.86 -38.94 15.79
CA LYS J 78 42.84 -38.35 16.69
C LYS J 78 42.21 -37.90 18.02
N ASP J 79 41.25 -36.99 17.95
CA ASP J 79 40.75 -36.32 19.17
C ASP J 79 39.75 -37.17 19.93
N GLY J 80 38.86 -37.83 19.19
CA GLY J 80 37.85 -38.67 19.79
C GLY J 80 36.48 -38.20 19.38
N VAL J 81 36.43 -37.07 18.68
CA VAL J 81 35.18 -36.46 18.30
C VAL J 81 35.41 -35.57 17.07
N VAL J 82 34.33 -35.14 16.42
CA VAL J 82 34.42 -34.42 15.14
C VAL J 82 34.83 -32.96 15.31
N VAL J 83 34.53 -32.39 16.46
CA VAL J 83 34.55 -30.92 16.60
C VAL J 83 35.90 -30.18 16.63
N PRO J 84 36.90 -30.61 17.44
CA PRO J 84 38.19 -29.92 17.32
C PRO J 84 38.74 -29.83 15.89
N GLU J 85 38.46 -30.85 15.07
CA GLU J 85 38.74 -30.77 13.64
C GLU J 85 37.82 -29.85 12.84
N LEU J 86 36.50 -30.04 12.97
CA LEU J 86 35.52 -29.25 12.20
C LEU J 86 35.58 -27.74 12.48
N ILE J 87 35.82 -27.38 13.73
CA ILE J 87 36.04 -25.98 14.13
C ILE J 87 37.26 -25.43 13.41
N ARG J 88 38.33 -26.23 13.40
CA ARG J 88 39.57 -25.85 12.73
C ARG J 88 39.41 -25.73 11.21
N GLN J 89 38.49 -26.52 10.63
CA GLN J 89 38.14 -26.38 9.21
C GLN J 89 37.29 -25.14 8.96
N MET J 90 36.51 -24.75 9.96
CA MET J 90 35.63 -23.59 9.84
C MET J 90 36.42 -22.28 9.91
N ARG J 91 37.51 -22.28 10.66
CA ARG J 91 38.39 -21.12 10.73
C ARG J 91 39.19 -20.91 9.43
N ALA J 92 39.35 -21.98 8.66
CA ALA J 92 39.97 -21.91 7.35
C ALA J 92 39.04 -21.20 6.38
N ALA J 93 37.76 -21.55 6.46
CA ALA J 93 36.76 -20.92 5.59
C ALA J 93 36.14 -19.66 6.19
N VAL J 94 36.62 -19.23 7.36
CA VAL J 94 36.17 -17.96 7.94
C VAL J 94 36.83 -16.83 7.18
N ALA J 95 36.13 -15.70 7.10
CA ALA J 95 36.63 -14.53 6.39
C ALA J 95 37.14 -13.54 7.42
N GLY J 96 38.47 -13.23 7.31
CA GLY J 96 39.04 -12.24 8.24
C GLY J 96 39.88 -12.85 9.39
N GLN J 97 41.24 -12.58 9.24
CA GLN J 97 42.17 -12.90 10.32
C GLN J 97 41.87 -12.08 11.59
N ALA J 98 41.09 -12.67 12.49
CA ALA J 98 40.80 -11.99 13.75
C ALA J 98 40.96 -12.97 14.91
N ALA J 99 42.21 -13.46 15.04
CA ALA J 99 42.61 -14.55 15.94
C ALA J 99 41.83 -15.84 15.70
N ASP J 100 40.68 -15.95 16.36
CA ASP J 100 39.72 -16.99 16.10
C ASP J 100 38.42 -16.32 16.42
N LYS J 101 37.30 -16.83 15.94
CA LYS J 101 36.02 -16.23 16.33
C LYS J 101 34.90 -17.23 16.59
N VAL J 102 34.92 -18.34 15.87
CA VAL J 102 33.95 -19.39 16.11
C VAL J 102 34.32 -20.11 17.40
N HIS J 103 33.31 -20.67 18.06
CA HIS J 103 33.51 -21.61 19.18
C HIS J 103 34.14 -21.01 20.45
N PHE J 104 33.91 -19.73 20.70
CA PHE J 104 34.41 -19.15 21.95
C PHE J 104 33.37 -19.41 23.04
N GLY J 105 33.84 -20.04 24.14
CA GLY J 105 32.97 -20.35 25.26
C GLY J 105 32.40 -21.75 25.24
N ALA J 106 32.23 -22.28 24.02
CA ALA J 106 31.57 -23.57 23.81
C ALA J 106 32.54 -24.75 23.75
N THR J 107 31.99 -25.96 23.76
CA THR J 107 32.77 -27.21 23.80
C THR J 107 32.33 -28.21 22.73
N SER J 108 33.03 -29.34 22.72
CA SER J 108 32.76 -30.45 21.83
C SER J 108 31.35 -31.06 21.98
N GLN J 109 30.92 -31.31 23.22
CA GLN J 109 29.59 -31.87 23.48
C GLN J 109 28.43 -30.93 23.08
N ASP J 110 28.64 -29.63 23.26
CA ASP J 110 27.64 -28.61 22.92
C ASP J 110 27.13 -28.73 21.49
N VAL J 111 28.05 -28.74 20.56
CA VAL J 111 27.72 -28.72 19.14
C VAL J 111 27.14 -30.06 18.66
N ILE J 112 27.55 -31.18 19.27
CA ILE J 112 26.99 -32.48 18.87
C ILE J 112 25.56 -32.69 19.40
N ASP J 113 25.36 -32.42 20.68
CA ASP J 113 24.06 -32.62 21.31
C ASP J 113 23.00 -31.62 20.86
N THR J 114 23.41 -30.41 20.48
CA THR J 114 22.47 -29.49 19.85
C THR J 114 22.11 -29.97 18.45
N SER J 115 23.08 -30.53 17.73
CA SER J 115 22.83 -31.07 16.41
C SER J 115 21.85 -32.24 16.46
N LEU J 116 22.03 -33.11 17.45
CA LEU J 116 21.15 -34.22 17.67
C LEU J 116 19.75 -33.74 17.94
N MET J 117 19.61 -32.80 18.86
CA MET J 117 18.31 -32.28 19.29
C MET J 117 17.53 -31.62 18.17
N LEU J 118 18.27 -31.03 17.22
CA LEU J 118 17.65 -30.32 16.11
C LEU J 118 17.04 -31.35 15.18
N ARG J 119 17.83 -32.37 14.90
CA ARG J 119 17.49 -33.37 13.94
C ARG J 119 16.41 -34.30 14.49
N LEU J 120 16.33 -34.42 15.82
CA LEU J 120 15.29 -35.23 16.47
C LEU J 120 13.95 -34.53 16.47
N LYS J 121 13.97 -33.20 16.47
CA LYS J 121 12.75 -32.39 16.41
C LYS J 121 12.05 -32.56 15.06
N MET J 122 12.85 -32.66 14.01
CA MET J 122 12.36 -32.91 12.67
C MET J 122 11.85 -34.34 12.59
N ALA J 123 12.54 -35.23 13.29
CA ALA J 123 12.14 -36.62 13.33
C ALA J 123 10.81 -36.76 14.03
N ALA J 124 10.72 -36.16 15.21
CA ALA J 124 9.53 -36.21 16.03
C ALA J 124 8.33 -35.60 15.31
N GLU J 125 8.60 -34.58 14.48
CA GLU J 125 7.56 -33.97 13.68
C GLU J 125 7.09 -34.83 12.51
N ILE J 126 7.91 -35.78 12.09
CA ILE J 126 7.48 -36.70 11.05
C ILE J 126 6.64 -37.81 11.67
N ILE J 127 7.10 -38.28 12.82
CA ILE J 127 6.44 -39.35 13.55
C ILE J 127 5.04 -38.94 14.00
N ALA J 128 4.92 -37.71 14.49
CA ALA J 128 3.61 -37.16 14.87
C ALA J 128 2.67 -37.03 13.67
N THR J 129 3.18 -36.48 12.56
CA THR J 129 2.49 -36.43 11.26
C THR J 129 1.95 -37.82 10.81
N ARG J 130 2.81 -38.85 10.79
CA ARG J 130 2.43 -40.23 10.39
C ARG J 130 1.44 -40.90 11.35
N LEU J 131 1.69 -40.70 12.65
CA LEU J 131 0.84 -41.17 13.74
C LEU J 131 -0.60 -40.76 13.56
N GLY J 132 -0.80 -39.47 13.31
CA GLY J 132 -2.11 -38.90 13.05
C GLY J 132 -2.81 -39.48 11.83
N HIS J 133 -2.06 -39.71 10.76
CA HIS J 133 -2.66 -40.31 9.56
C HIS J 133 -3.04 -41.77 9.77
N LEU J 134 -2.26 -42.47 10.60
CA LEU J 134 -2.51 -43.89 10.90
C LEU J 134 -3.78 -44.09 11.75
N ILE J 135 -3.95 -43.24 12.77
CA ILE J 135 -5.16 -43.21 13.58
C ILE J 135 -6.41 -43.02 12.71
N ASP J 136 -6.31 -42.10 11.74
CA ASP J 136 -7.38 -41.91 10.77
C ASP J 136 -7.64 -43.13 9.88
N THR J 137 -6.57 -43.87 9.52
CA THR J 137 -6.68 -45.03 8.64
C THR J 137 -7.36 -46.22 9.35
N LEU J 138 -6.90 -46.49 10.56
CA LEU J 138 -7.48 -47.51 11.40
C LEU J 138 -8.92 -47.20 11.81
N GLY J 139 -9.23 -45.90 11.94
CA GLY J 139 -10.57 -45.44 12.31
C GLY J 139 -11.54 -45.65 11.15
N ASP J 140 -10.99 -45.57 9.94
CA ASP J 140 -11.74 -45.83 8.71
C ASP J 140 -12.01 -47.34 8.56
N LEU J 141 -11.13 -48.18 9.12
CA LEU J 141 -11.32 -49.64 9.11
C LEU J 141 -12.43 -50.05 10.04
N ALA J 142 -12.65 -49.24 11.06
CA ALA J 142 -13.62 -49.57 12.08
C ALA J 142 -14.88 -48.75 11.85
N SER J 143 -14.84 -47.89 10.83
CA SER J 143 -16.10 -47.33 10.31
C SER J 143 -16.36 -47.89 8.91
N ARG J 144 -15.91 -49.12 8.71
CA ARG J 144 -16.21 -49.88 7.51
C ARG J 144 -16.64 -51.26 7.95
N ASP J 145 -16.00 -51.75 9.01
CA ASP J 145 -16.24 -53.11 9.46
C ASP J 145 -16.61 -53.17 10.92
N GLY J 146 -16.58 -52.01 11.59
CA GLY J 146 -16.61 -51.92 13.05
C GLY J 146 -17.76 -52.59 13.78
N HIS J 147 -18.89 -52.72 13.12
CA HIS J 147 -20.06 -53.30 13.74
C HIS J 147 -20.01 -54.83 13.73
N LYS J 148 -19.26 -55.39 12.78
CA LYS J 148 -19.27 -56.82 12.50
C LYS J 148 -18.58 -57.62 13.60
N PRO J 149 -19.09 -58.84 13.88
CA PRO J 149 -18.53 -59.66 14.98
C PRO J 149 -17.14 -60.26 14.74
N LEU J 150 -16.32 -60.26 15.79
CA LEU J 150 -15.12 -61.05 15.86
C LEU J 150 -15.33 -62.15 16.88
N THR J 151 -14.51 -63.20 16.81
CA THR J 151 -14.52 -64.20 17.85
C THR J 151 -13.49 -63.68 18.79
N GLY J 152 -13.91 -63.47 20.05
CA GLY J 152 -12.99 -63.02 21.08
C GLY J 152 -11.99 -64.09 21.43
N TYR J 153 -10.80 -63.66 21.82
CA TYR J 153 -9.79 -64.57 22.33
C TYR J 153 -9.11 -63.99 23.58
N THR J 154 -9.22 -64.70 24.69
CA THR J 154 -8.49 -64.33 25.91
C THR J 154 -7.62 -65.51 26.34
N ARG J 155 -6.36 -65.24 26.67
CA ARG J 155 -5.37 -66.21 27.11
C ARG J 155 -5.24 -67.43 26.20
N MET J 156 -5.15 -67.18 24.90
CA MET J 156 -4.94 -68.19 23.84
C MET J 156 -6.04 -69.23 23.72
N GLN J 157 -7.26 -68.86 24.10
CA GLN J 157 -8.43 -69.70 23.93
C GLN J 157 -9.61 -68.86 23.46
N ALA J 158 -10.57 -69.49 22.77
CA ALA J 158 -11.77 -68.80 22.35
C ALA J 158 -12.63 -68.41 23.55
N ALA J 159 -13.35 -67.30 23.40
CA ALA J 159 -14.20 -66.75 24.47
C ALA J 159 -15.51 -66.25 23.88
N ILE J 160 -16.13 -65.26 24.51
CA ILE J 160 -17.38 -64.68 24.01
C ILE J 160 -17.07 -63.82 22.79
N GLY J 161 -18.09 -63.59 21.95
CA GLY J 161 -17.94 -62.75 20.77
C GLY J 161 -17.93 -61.27 21.09
N ILE J 162 -17.05 -60.53 20.43
CA ILE J 162 -17.01 -59.07 20.54
C ILE J 162 -17.19 -58.52 19.13
N THR J 163 -17.02 -57.21 18.93
CA THR J 163 -17.14 -56.64 17.58
C THR J 163 -15.76 -56.23 17.07
N VAL J 164 -15.72 -55.80 15.81
CA VAL J 164 -14.49 -55.31 15.18
C VAL J 164 -13.98 -54.04 15.88
N ALA J 165 -14.92 -53.17 16.28
CA ALA J 165 -14.58 -51.92 16.99
C ALA J 165 -13.95 -52.13 18.36
N ASP J 166 -14.30 -53.22 19.03
CA ASP J 166 -13.78 -53.48 20.37
C ASP J 166 -12.29 -53.79 20.37
N ARG J 167 -11.86 -54.66 19.46
CA ARG J 167 -10.44 -55.03 19.39
C ARG J 167 -9.63 -53.90 18.76
N ALA J 168 -10.23 -53.23 17.77
CA ALA J 168 -9.60 -52.07 17.12
C ALA J 168 -9.40 -50.88 18.05
N ALA J 169 -10.20 -50.81 19.11
CA ALA J 169 -10.05 -49.76 20.13
C ALA J 169 -8.73 -49.92 20.87
N GLY J 170 -8.32 -51.17 21.09
CA GLY J 170 -6.99 -51.46 21.57
C GLY J 170 -5.86 -51.23 20.57
N TRP J 171 -6.19 -50.93 19.32
CA TRP J 171 -5.13 -50.55 18.39
C TRP J 171 -5.01 -49.03 18.35
N ILE J 172 -6.17 -48.37 18.34
CA ILE J 172 -6.22 -46.93 18.13
C ILE J 172 -6.00 -46.11 19.42
N ALA J 173 -6.73 -46.43 20.49
CA ALA J 173 -6.63 -45.68 21.75
C ALA J 173 -5.21 -45.45 22.36
N PRO J 174 -4.36 -46.49 22.40
CA PRO J 174 -3.00 -46.14 22.86
C PRO J 174 -2.20 -45.25 21.89
N LEU J 175 -2.39 -45.41 20.58
CA LEU J 175 -1.76 -44.51 19.59
C LEU J 175 -2.19 -43.06 19.77
N GLU J 176 -3.45 -42.86 20.13
CA GLU J 176 -3.96 -41.54 20.40
C GLU J 176 -3.25 -40.96 21.62
N ARG J 177 -2.98 -41.82 22.61
CA ARG J 177 -2.28 -41.37 23.81
C ARG J 177 -0.82 -41.07 23.53
N HIS J 178 -0.21 -41.82 22.61
CA HIS J 178 1.15 -41.58 22.16
C HIS J 178 1.31 -40.24 21.45
N LEU J 179 0.35 -39.91 20.59
CA LEU J 179 0.31 -38.63 19.88
C LEU J 179 0.32 -37.49 20.90
N LEU J 180 -0.56 -37.56 21.89
CA LEU J 180 -0.60 -36.56 22.94
C LEU J 180 0.70 -36.47 23.76
N ARG J 181 1.29 -37.63 24.04
CA ARG J 181 2.56 -37.73 24.78
C ARG J 181 3.70 -37.05 24.04
N LEU J 182 3.74 -37.27 22.72
CA LEU J 182 4.75 -36.71 21.86
C LEU J 182 4.59 -35.20 21.80
N GLU J 183 3.34 -34.76 21.72
CA GLU J 183 3.02 -33.36 21.57
C GLU J 183 3.39 -32.61 22.83
N THR J 184 3.12 -33.23 23.97
CA THR J 184 3.52 -32.67 25.25
C THR J 184 5.04 -32.60 25.26
N PHE J 185 5.69 -33.70 24.90
CA PHE J 185 7.16 -33.75 24.86
C PHE J 185 7.79 -32.67 23.98
N ALA J 186 7.25 -32.44 22.79
CA ALA J 186 7.86 -31.54 21.80
C ALA J 186 7.81 -30.03 22.12
N GLN J 187 7.16 -29.64 23.21
CA GLN J 187 7.07 -28.23 23.57
C GLN J 187 8.31 -27.71 24.27
N ASN J 188 9.01 -28.60 24.97
N ASN J 188 9.01 -28.58 24.99
CA ASN J 188 10.16 -28.19 25.75
CA ASN J 188 10.21 -28.19 25.71
C ASN J 188 11.25 -29.26 25.86
C ASN J 188 11.35 -29.17 25.54
N GLY J 189 11.01 -30.43 25.28
CA GLY J 189 11.97 -31.54 25.35
C GLY J 189 13.14 -31.60 24.38
N PHE J 190 13.16 -30.71 23.38
CA PHE J 190 14.31 -30.55 22.48
C PHE J 190 15.09 -29.30 22.88
N ALA J 191 16.14 -29.49 23.67
CA ALA J 191 16.86 -28.39 24.28
C ALA J 191 18.15 -28.03 23.54
N LEU J 192 18.57 -26.78 23.69
CA LEU J 192 19.88 -26.37 23.24
C LEU J 192 20.92 -26.98 24.19
N GLN J 193 22.00 -27.53 23.66
CA GLN J 193 23.13 -27.87 24.53
C GLN J 193 24.22 -26.82 24.38
N PHE J 194 24.42 -26.05 25.44
CA PHE J 194 25.38 -24.97 25.46
C PHE J 194 25.88 -24.78 26.89
N GLY J 195 26.88 -25.57 27.26
CA GLY J 195 27.42 -25.52 28.61
C GLY J 195 28.89 -25.18 28.68
N GLY J 196 29.62 -25.41 27.60
CA GLY J 196 31.04 -25.10 27.60
C GLY J 196 31.85 -26.21 28.22
N ALA J 197 33.15 -25.99 28.38
CA ALA J 197 34.11 -27.06 28.71
C ALA J 197 33.70 -28.02 29.83
N ALA J 198 33.47 -27.47 31.02
CA ALA J 198 33.08 -28.28 32.19
C ALA J 198 31.66 -27.92 32.69
N GLY J 199 30.84 -27.42 31.77
CA GLY J 199 29.45 -27.09 32.06
C GLY J 199 29.23 -25.73 32.70
N THR J 200 30.27 -24.91 32.76
CA THR J 200 30.20 -23.65 33.50
C THR J 200 30.19 -22.39 32.66
N LEU J 201 30.31 -22.54 31.34
CA LEU J 201 30.47 -21.42 30.41
C LEU J 201 31.50 -20.41 30.94
N GLU J 202 32.73 -20.89 31.09
CA GLU J 202 33.78 -20.16 31.81
C GLU J 202 34.20 -18.87 31.08
N LYS J 203 34.03 -18.86 29.77
CA LYS J 203 34.47 -17.77 28.93
C LYS J 203 33.38 -16.72 28.71
N LEU J 204 32.24 -16.89 29.39
CA LEU J 204 31.11 -15.99 29.23
C LEU J 204 30.81 -15.13 30.46
N GLY J 205 30.86 -15.75 31.65
CA GLY J 205 30.64 -15.03 32.91
C GLY J 205 29.19 -14.60 33.16
N ASP J 206 28.96 -13.28 33.13
CA ASP J 206 27.64 -12.70 33.33
C ASP J 206 26.80 -12.93 32.08
N ASN J 207 27.47 -13.00 30.94
CA ASN J 207 26.84 -13.19 29.64
C ASN J 207 26.43 -14.65 29.34
N ALA J 208 26.18 -15.44 30.37
CA ALA J 208 25.73 -16.79 30.15
C ALA J 208 24.27 -16.73 29.72
N GLY J 209 23.45 -16.05 30.53
CA GLY J 209 22.01 -15.99 30.33
C GLY J 209 21.58 -15.61 28.94
N ALA J 210 21.89 -14.38 28.53
CA ALA J 210 21.38 -13.82 27.29
C ALA J 210 21.97 -14.44 26.00
N VAL J 211 23.15 -15.02 26.10
CA VAL J 211 23.71 -15.72 24.93
C VAL J 211 22.98 -17.04 24.72
N ARG J 212 22.88 -17.81 25.80
CA ARG J 212 22.22 -19.12 25.74
C ARG J 212 20.74 -18.98 25.39
N ALA J 213 20.09 -17.97 25.96
CA ALA J 213 18.68 -17.75 25.68
C ALA J 213 18.40 -17.35 24.22
N ASP J 214 19.32 -16.57 23.62
CA ASP J 214 19.11 -16.13 22.22
C ASP J 214 19.46 -17.23 21.22
N LEU J 215 20.49 -18.01 21.53
CA LEU J 215 20.94 -19.09 20.67
C LEU J 215 19.87 -20.17 20.59
N ALA J 216 19.18 -20.36 21.70
CA ALA J 216 18.06 -21.26 21.77
C ALA J 216 16.91 -20.75 20.91
N LYS J 217 16.64 -19.45 20.97
CA LYS J 217 15.51 -18.88 20.23
C LYS J 217 15.78 -18.81 18.72
N ARG J 218 17.03 -18.70 18.33
CA ARG J 218 17.38 -18.67 16.91
C ARG J 218 17.24 -20.03 16.23
N LEU J 219 17.66 -21.10 16.93
CA LEU J 219 17.57 -22.45 16.39
C LEU J 219 16.29 -23.17 16.80
N GLY J 220 15.44 -22.47 17.56
CA GLY J 220 14.14 -23.00 17.97
C GLY J 220 14.17 -24.16 18.94
N LEU J 221 15.15 -24.16 19.83
CA LEU J 221 15.23 -25.15 20.86
C LEU J 221 14.95 -24.45 22.17
N ALA J 222 14.64 -25.20 23.21
CA ALA J 222 14.33 -24.60 24.48
C ALA J 222 15.60 -24.29 25.26
N ASP J 223 15.50 -23.29 26.14
CA ASP J 223 16.62 -22.84 26.94
C ASP J 223 16.64 -23.49 28.33
N ARG J 224 17.56 -24.42 28.53
CA ARG J 224 17.77 -25.04 29.84
C ARG J 224 19.27 -25.03 30.15
N PRO J 225 19.63 -24.93 31.45
CA PRO J 225 21.03 -25.09 31.83
C PRO J 225 21.54 -26.48 31.47
N GLN J 226 22.85 -26.56 31.18
CA GLN J 226 23.42 -27.70 30.48
C GLN J 226 23.13 -29.07 31.06
N TRP J 227 22.92 -30.02 30.16
CA TRP J 227 22.51 -31.36 30.51
C TRP J 227 23.55 -32.30 29.96
N HIS J 228 24.81 -31.89 30.08
CA HIS J 228 25.97 -32.69 29.65
C HIS J 228 25.95 -34.10 30.22
N ASN J 229 25.67 -34.17 31.52
CA ASN J 229 25.61 -35.41 32.22
C ASN J 229 24.22 -35.64 32.71
N GLN J 230 23.24 -34.91 32.16
CA GLN J 230 21.83 -35.14 32.51
C GLN J 230 21.06 -35.67 31.31
N ARG J 231 20.97 -36.99 31.20
CA ARG J 231 20.48 -37.62 29.98
C ARG J 231 19.05 -38.17 30.10
N ASP J 232 18.27 -37.58 31.00
CA ASP J 232 16.90 -38.01 31.24
C ASP J 232 15.95 -37.76 30.08
N GLY J 233 15.99 -36.58 29.47
CA GLY J 233 15.17 -36.25 28.30
C GLY J 233 15.43 -37.15 27.11
N ILE J 234 16.70 -37.48 26.92
CA ILE J 234 17.13 -38.47 25.95
C ILE J 234 16.42 -39.79 26.18
N ALA J 235 16.49 -40.29 27.42
CA ALA J 235 15.90 -41.60 27.75
C ALA J 235 14.38 -41.59 27.73
N GLU J 236 13.80 -40.42 27.99
CA GLU J 236 12.35 -40.22 28.01
C GLU J 236 11.79 -40.25 26.60
N PHE J 237 12.54 -39.65 25.67
CA PHE J 237 12.18 -39.65 24.25
C PHE J 237 12.21 -41.07 23.67
N ALA J 238 13.20 -41.84 24.08
CA ALA J 238 13.37 -43.20 23.61
C ALA J 238 12.23 -44.05 24.10
N ASN J 239 11.85 -43.85 25.36
CA ASN J 239 10.69 -44.54 25.94
C ASN J 239 9.47 -44.40 25.08
N LEU J 240 9.22 -43.17 24.65
CA LEU J 240 8.16 -42.87 23.71
C LEU J 240 8.28 -43.60 22.38
N LEU J 241 9.49 -43.62 21.83
CA LEU J 241 9.77 -44.34 20.58
C LEU J 241 9.38 -45.81 20.68
N SER J 242 9.71 -46.45 21.81
CA SER J 242 9.33 -47.85 22.00
C SER J 242 7.89 -48.02 22.49
N LEU J 243 7.26 -46.94 22.93
CA LEU J 243 5.89 -47.01 23.35
C LEU J 243 5.08 -47.18 22.08
N VAL J 244 5.44 -46.40 21.07
CA VAL J 244 4.79 -46.44 19.75
C VAL J 244 4.98 -47.78 19.06
N THR J 245 6.23 -48.28 19.03
CA THR J 245 6.50 -49.57 18.38
C THR J 245 5.85 -50.70 19.15
N GLY J 246 5.76 -50.52 20.46
CA GLY J 246 5.09 -51.48 21.33
C GLY J 246 3.64 -51.71 20.97
N THR J 247 2.88 -50.62 20.84
CA THR J 247 1.47 -50.70 20.44
C THR J 247 1.30 -51.27 19.04
N LEU J 248 2.15 -50.84 18.11
CA LEU J 248 2.09 -51.34 16.76
C LEU J 248 2.51 -52.81 16.66
N GLY J 249 3.29 -53.29 17.62
CA GLY J 249 3.61 -54.71 17.71
C GLY J 249 2.39 -55.52 18.11
N LYS J 250 1.60 -54.96 19.01
CA LYS J 250 0.36 -55.57 19.48
C LYS J 250 -0.61 -55.64 18.32
N PHE J 251 -0.65 -54.57 17.54
CA PHE J 251 -1.46 -54.52 16.35
C PHE J 251 -1.05 -55.64 15.41
N GLY J 252 0.26 -55.74 15.16
CA GLY J 252 0.79 -56.73 14.22
C GLY J 252 0.53 -58.15 14.66
N GLN J 253 0.71 -58.38 15.96
CA GLN J 253 0.48 -59.70 16.53
C GLN J 253 -0.98 -60.13 16.42
N ASP J 254 -1.93 -59.19 16.52
CA ASP J 254 -3.35 -59.52 16.40
C ASP J 254 -3.71 -59.85 14.95
N ILE J 255 -3.12 -59.10 14.03
CA ILE J 255 -3.43 -59.26 12.60
C ILE J 255 -2.95 -60.63 12.13
N ALA J 256 -1.74 -60.98 12.57
CA ALA J 256 -1.11 -62.24 12.17
C ALA J 256 -1.79 -63.45 12.78
N LEU J 257 -2.31 -63.31 14.01
CA LEU J 257 -3.09 -64.41 14.58
C LEU J 257 -4.41 -64.57 13.82
N MET J 258 -5.07 -63.45 13.50
CA MET J 258 -6.31 -63.50 12.76
C MET J 258 -6.10 -64.10 11.37
N ALA J 259 -4.93 -63.83 10.79
CA ALA J 259 -4.54 -64.41 9.51
C ALA J 259 -4.17 -65.87 9.63
N GLU J 260 -3.68 -66.28 10.80
CA GLU J 260 -3.29 -67.68 10.97
C GLU J 260 -4.53 -68.55 11.22
N ILE J 261 -5.54 -67.94 11.83
CA ILE J 261 -6.81 -68.62 12.02
C ILE J 261 -7.55 -68.67 10.70
N GLY J 262 -7.51 -67.56 9.97
CA GLY J 262 -7.89 -67.55 8.56
C GLY J 262 -9.35 -67.26 8.27
N SER J 263 -10.18 -67.33 9.31
CA SER J 263 -11.63 -67.25 9.10
C SER J 263 -12.22 -65.84 9.25
N GLU J 264 -11.49 -64.91 9.87
CA GLU J 264 -12.09 -63.59 10.17
C GLU J 264 -11.36 -62.33 9.66
N ILE J 265 -10.57 -62.48 8.59
CA ILE J 265 -9.88 -61.34 7.95
C ILE J 265 -9.53 -61.69 6.50
N ARG J 266 -9.77 -60.77 5.56
CA ARG J 266 -9.23 -60.97 4.20
C ARG J 266 -8.05 -60.03 3.96
N LEU J 267 -6.95 -60.56 3.43
CA LEU J 267 -5.75 -59.76 3.12
C LEU J 267 -5.47 -59.63 1.61
N SER J 268 -4.95 -58.48 1.18
CA SER J 268 -4.87 -58.13 -0.24
C SER J 268 -3.50 -58.27 -0.89
N GLY J 269 -3.41 -57.81 -2.14
CA GLY J 269 -2.22 -57.96 -2.96
C GLY J 269 -2.04 -59.40 -3.42
N GLY J 270 -2.63 -59.72 -4.58
CA GLY J 270 -2.44 -61.02 -5.24
C GLY J 270 -3.12 -62.23 -4.61
N ASN J 281 2.84 -64.61 3.94
CA ASN J 281 1.67 -63.73 3.69
C ASN J 281 1.41 -62.57 4.69
N PRO J 282 1.38 -62.81 6.02
CA PRO J 282 1.14 -61.61 6.81
C PRO J 282 2.48 -61.02 7.23
N VAL J 283 3.29 -60.64 6.26
CA VAL J 283 4.69 -60.25 6.44
C VAL J 283 4.82 -58.99 7.29
N ASN J 284 4.10 -57.95 6.86
CA ASN J 284 4.04 -56.67 7.54
C ASN J 284 3.61 -56.78 8.99
N ALA J 285 2.65 -57.67 9.24
CA ALA J 285 2.21 -57.93 10.59
C ALA J 285 3.37 -58.41 11.46
N GLU J 286 4.10 -59.41 10.98
CA GLU J 286 5.24 -59.95 11.71
C GLU J 286 6.35 -58.94 11.92
N THR J 287 6.55 -58.09 10.91
CA THR J 287 7.56 -57.08 10.89
C THR J 287 7.32 -56.07 12.00
N LEU J 288 6.04 -55.73 12.20
CA LEU J 288 5.62 -54.88 13.32
C LEU J 288 6.03 -55.48 14.66
N VAL J 289 5.84 -56.80 14.79
CA VAL J 289 6.15 -57.53 16.01
C VAL J 289 7.65 -57.50 16.25
N THR J 290 8.43 -57.74 15.19
CA THR J 290 9.90 -57.68 15.28
C THR J 290 10.34 -56.33 15.81
N LEU J 291 9.94 -55.28 15.10
CA LEU J 291 10.29 -53.90 15.47
C LEU J 291 9.92 -53.53 16.91
N ALA J 292 8.85 -54.13 17.46
CA ALA J 292 8.46 -53.87 18.84
C ALA J 292 9.51 -54.47 19.76
N ARG J 293 9.89 -55.72 19.48
CA ARG J 293 10.88 -56.41 20.32
C ARG J 293 12.25 -55.73 20.23
N PHE J 294 12.51 -55.12 19.07
CA PHE J 294 13.74 -54.45 18.81
C PHE J 294 13.91 -53.23 19.68
N ASN J 295 12.89 -52.39 19.73
CA ASN J 295 12.96 -51.18 20.52
C ASN J 295 12.79 -51.48 22.00
N ALA J 296 12.10 -52.58 22.29
CA ALA J 296 12.03 -53.06 23.65
C ALA J 296 13.38 -53.54 24.18
N VAL J 297 14.27 -53.95 23.29
CA VAL J 297 15.67 -54.18 23.68
C VAL J 297 16.46 -52.87 23.83
N GLN J 298 16.45 -52.01 22.79
CA GLN J 298 17.32 -50.81 22.77
C GLN J 298 17.08 -49.79 23.88
N ILE J 299 15.83 -49.69 24.34
CA ILE J 299 15.49 -48.81 25.46
C ILE J 299 16.45 -49.01 26.65
N SER J 300 16.91 -50.25 26.83
CA SER J 300 17.81 -50.61 27.92
C SER J 300 19.11 -49.84 27.84
N ALA J 301 19.67 -49.71 26.63
CA ALA J 301 20.94 -49.01 26.43
C ALA J 301 20.86 -47.57 26.88
N LEU J 302 19.78 -46.90 26.49
CA LEU J 302 19.57 -45.50 26.84
C LEU J 302 19.34 -45.32 28.33
N HIS J 303 18.87 -46.35 29.00
CA HIS J 303 18.69 -46.25 30.42
C HIS J 303 19.99 -46.53 31.15
N GLN J 304 20.87 -47.31 30.51
CA GLN J 304 22.21 -47.57 31.07
C GLN J 304 23.06 -46.33 30.96
N SER J 305 22.75 -45.52 29.96
CA SER J 305 23.43 -44.27 29.68
C SER J 305 22.88 -43.06 30.42
N LEU J 306 21.98 -43.29 31.37
CA LEU J 306 21.63 -42.27 32.34
C LEU J 306 22.82 -42.09 33.28
N VAL J 307 23.50 -43.18 33.60
CA VAL J 307 24.73 -43.12 34.36
C VAL J 307 25.89 -42.56 33.54
N GLN J 308 26.16 -41.27 33.71
CA GLN J 308 27.22 -40.62 32.97
C GLN J 308 28.05 -39.79 33.91
N GLU J 309 29.25 -40.29 34.22
CA GLU J 309 30.06 -39.77 35.32
C GLU J 309 30.68 -38.39 35.11
N GLN J 310 30.85 -37.70 36.23
CA GLN J 310 31.54 -36.42 36.33
C GLN J 310 30.95 -35.36 35.40
N GLU J 311 31.77 -34.57 34.73
CA GLU J 311 31.22 -33.50 33.88
C GLU J 311 30.91 -34.02 32.49
N ARG J 312 31.48 -35.18 32.17
CA ARG J 312 31.29 -35.79 30.88
C ARG J 312 31.80 -37.23 30.88
N SER J 313 30.91 -38.12 30.50
CA SER J 313 31.27 -39.51 30.33
C SER J 313 31.36 -39.76 28.87
N GLY J 314 32.48 -40.31 28.41
CA GLY J 314 32.58 -40.76 27.05
C GLY J 314 31.81 -42.07 26.88
N ALA J 315 32.01 -43.00 27.80
CA ALA J 315 31.43 -44.34 27.73
C ALA J 315 29.92 -44.30 27.65
N GLY J 316 29.33 -43.53 28.55
CA GLY J 316 27.90 -43.36 28.55
C GLY J 316 27.39 -42.61 27.33
N TRP J 317 28.09 -41.55 26.91
CA TRP J 317 27.57 -40.70 25.83
C TRP J 317 27.56 -41.43 24.51
N MET J 318 28.64 -42.17 24.27
CA MET J 318 28.79 -42.89 23.02
C MET J 318 27.77 -44.01 22.87
N LEU J 319 27.31 -44.55 23.99
CA LEU J 319 26.31 -45.62 23.96
C LEU J 319 25.01 -45.15 23.29
N GLU J 320 24.60 -43.91 23.54
CA GLU J 320 23.43 -43.35 22.88
C GLU J 320 23.68 -43.18 21.36
N TRP J 321 24.91 -42.81 20.97
CA TRP J 321 25.24 -42.68 19.54
C TRP J 321 24.99 -43.98 18.83
N LEU J 322 25.39 -45.09 19.45
CA LEU J 322 25.19 -46.42 18.88
C LEU J 322 23.73 -46.79 18.64
N THR J 323 22.87 -46.46 19.60
CA THR J 323 21.52 -46.98 19.64
C THR J 323 20.38 -46.03 19.26
N LEU J 324 20.37 -44.82 19.83
CA LEU J 324 19.28 -43.84 19.60
C LEU J 324 18.78 -43.66 18.15
N PRO J 325 19.69 -43.47 17.17
CA PRO J 325 19.20 -43.27 15.80
C PRO J 325 18.43 -44.44 15.20
N GLN J 326 18.77 -45.66 15.63
CA GLN J 326 18.05 -46.83 15.18
C GLN J 326 16.72 -47.00 15.89
N MET J 327 16.58 -46.39 17.08
CA MET J 327 15.30 -46.44 17.79
C MET J 327 14.26 -45.62 17.06
N VAL J 328 14.61 -44.38 16.70
CA VAL J 328 13.71 -43.53 15.94
C VAL J 328 13.43 -44.11 14.56
N THR J 329 14.43 -44.76 13.96
CA THR J 329 14.23 -45.38 12.67
C THR J 329 13.30 -46.60 12.76
N ALA J 330 13.41 -47.38 13.84
CA ALA J 330 12.46 -48.46 14.09
C ALA J 330 11.04 -47.91 14.18
N THR J 331 10.87 -46.83 14.94
CA THR J 331 9.57 -46.17 15.11
C THR J 331 8.98 -45.64 13.81
N GLY J 332 9.83 -45.00 13.00
CA GLY J 332 9.42 -44.45 11.72
C GLY J 332 8.99 -45.55 10.79
N THR J 333 9.80 -46.60 10.72
CA THR J 333 9.52 -47.76 9.86
C THR J 333 8.28 -48.51 10.35
N SER J 334 8.14 -48.63 11.67
CA SER J 334 6.98 -49.27 12.28
C SER J 334 5.71 -48.63 11.73
N LEU J 335 5.65 -47.31 11.82
CA LEU J 335 4.52 -46.50 11.36
C LEU J 335 4.28 -46.61 9.87
N LEU J 336 5.35 -46.86 9.14
CA LEU J 336 5.29 -46.97 7.69
C LEU J 336 4.75 -48.34 7.27
N VAL J 337 5.23 -49.37 7.95
CA VAL J 337 4.82 -50.75 7.71
C VAL J 337 3.37 -50.96 8.16
N ALA J 338 3.00 -50.32 9.27
CA ALA J 338 1.65 -50.41 9.82
C ALA J 338 0.63 -49.91 8.81
N GLU J 339 1.00 -48.83 8.14
CA GLU J 339 0.18 -48.19 7.12
C GLU J 339 0.18 -49.03 5.85
N ARG J 340 1.21 -49.83 5.64
CA ARG J 340 1.24 -50.70 4.48
C ARG J 340 0.40 -51.96 4.76
N LEU J 341 0.34 -52.35 6.03
CA LEU J 341 -0.45 -53.50 6.46
C LEU J 341 -1.93 -53.16 6.46
N ALA J 342 -2.25 -51.91 6.79
CA ALA J 342 -3.63 -51.46 6.91
C ALA J 342 -4.29 -51.39 5.55
N ALA J 343 -3.49 -51.07 4.53
CA ALA J 343 -3.96 -51.01 3.16
C ALA J 343 -4.15 -52.42 2.60
N GLN J 344 -3.51 -53.41 3.20
CA GLN J 344 -3.74 -54.79 2.83
C GLN J 344 -5.02 -55.37 3.45
N ILE J 345 -5.45 -54.82 4.57
CA ILE J 345 -6.66 -55.35 5.24
C ILE J 345 -7.94 -54.94 4.52
N ASP J 346 -8.58 -55.89 3.85
CA ASP J 346 -9.79 -55.62 3.09
C ASP J 346 -11.05 -55.89 3.90
N ARG J 347 -10.96 -56.79 4.86
CA ARG J 347 -12.12 -57.14 5.66
C ARG J 347 -11.70 -57.53 7.05
N LEU J 348 -12.51 -57.16 8.03
CA LEU J 348 -12.37 -57.69 9.36
C LEU J 348 -13.74 -58.20 9.78
N GLY J 349 -13.75 -59.36 10.43
CA GLY J 349 -14.98 -59.94 10.92
C GLY J 349 -15.45 -61.18 10.22
N ALA J 350 -16.34 -61.90 10.91
CA ALA J 350 -17.03 -63.07 10.38
C ALA J 350 -18.36 -62.66 9.72
N SER K 2 5.04 -60.65 48.67
CA SER K 2 6.48 -60.78 48.35
C SER K 2 6.73 -60.30 46.91
N LEU K 3 7.96 -59.84 46.62
CA LEU K 3 8.30 -59.21 45.34
C LEU K 3 8.18 -60.16 44.14
N SER K 4 8.83 -61.32 44.25
CA SER K 4 8.80 -62.29 43.17
C SER K 4 7.64 -63.26 43.31
N PRO K 5 6.89 -63.47 42.21
CA PRO K 5 5.90 -64.54 42.12
C PRO K 5 6.51 -65.91 42.40
N PHE K 6 7.80 -66.07 42.16
CA PHE K 6 8.50 -67.32 42.50
C PHE K 6 8.34 -67.70 43.98
N GLU K 7 8.44 -66.71 44.87
CA GLU K 7 8.42 -66.98 46.32
C GLU K 7 7.12 -66.54 46.99
N HIS K 8 6.11 -66.21 46.19
CA HIS K 8 4.86 -65.62 46.66
C HIS K 8 3.92 -66.64 47.31
N PRO K 9 3.31 -66.29 48.46
CA PRO K 9 2.41 -67.22 49.16
C PRO K 9 1.27 -67.82 48.33
N PHE K 10 0.70 -67.08 47.38
CA PHE K 10 -0.20 -67.78 46.47
C PHE K 10 0.33 -67.98 45.04
N LEU K 11 1.06 -67.00 44.49
CA LEU K 11 1.48 -67.09 43.07
C LEU K 11 2.47 -68.21 42.79
N SER K 12 3.12 -68.71 43.84
CA SER K 12 3.95 -69.90 43.70
C SER K 12 3.17 -71.17 43.34
N GLY K 13 1.84 -71.08 43.27
CA GLY K 13 1.04 -72.23 42.89
C GLY K 13 1.29 -72.51 41.42
N LEU K 14 1.56 -71.43 40.69
CA LEU K 14 2.01 -71.49 39.30
C LEU K 14 3.54 -71.45 39.24
N PHE K 15 4.14 -70.45 39.87
CA PHE K 15 5.57 -70.16 39.67
C PHE K 15 6.58 -70.83 40.61
N GLY K 16 6.10 -71.63 41.57
CA GLY K 16 6.95 -72.11 42.64
C GLY K 16 7.95 -73.17 42.26
N ASP K 17 9.04 -73.21 43.02
CA ASP K 17 10.06 -74.25 42.93
C ASP K 17 10.84 -74.27 44.23
N SER K 18 10.28 -74.83 45.31
CA SER K 18 10.97 -74.81 46.60
C SER K 18 12.31 -75.54 46.56
N GLU K 19 12.42 -76.59 45.74
CA GLU K 19 13.65 -77.39 45.65
C GLU K 19 14.85 -76.57 45.13
N ILE K 20 14.63 -75.78 44.09
CA ILE K 20 15.63 -74.84 43.61
C ILE K 20 15.76 -73.61 44.52
N ILE K 21 14.68 -73.15 45.15
CA ILE K 21 14.69 -71.87 45.89
C ILE K 21 15.47 -71.93 47.23
N GLU K 22 15.39 -73.08 47.90
N GLU K 22 15.39 -73.08 47.90
CA GLU K 22 16.11 -73.30 49.15
CA GLU K 22 16.12 -73.32 49.16
C GLU K 22 17.62 -73.27 48.98
C GLU K 22 17.63 -73.25 48.98
N LEU K 23 18.07 -73.33 47.72
CA LEU K 23 19.50 -73.23 47.40
C LEU K 23 19.99 -71.75 47.38
N PHE K 24 19.06 -70.82 47.51
CA PHE K 24 19.42 -69.43 47.68
C PHE K 24 18.85 -68.84 48.95
N SER K 25 18.53 -69.70 49.90
CA SER K 25 18.13 -69.23 51.21
C SER K 25 19.35 -68.71 51.95
N ALA K 26 19.14 -67.84 52.92
CA ALA K 26 20.25 -67.38 53.76
C ALA K 26 20.84 -68.51 54.57
N LYS K 27 20.02 -69.49 54.95
CA LYS K 27 20.47 -70.72 55.62
C LYS K 27 21.57 -71.45 54.83
N ALA K 28 21.29 -71.71 53.55
CA ALA K 28 22.17 -72.52 52.73
C ALA K 28 23.49 -71.79 52.47
N ASP K 29 23.39 -70.48 52.31
CA ASP K 29 24.53 -69.61 52.13
C ASP K 29 25.47 -69.83 53.29
N ILE K 30 24.99 -69.51 54.50
CA ILE K 30 25.72 -69.75 55.75
C ILE K 30 26.37 -71.13 55.79
N ASP K 31 25.59 -72.19 55.60
CA ASP K 31 26.10 -73.55 55.54
C ASP K 31 27.21 -73.81 54.53
N ALA K 32 27.10 -73.22 53.34
CA ALA K 32 28.17 -73.28 52.33
C ALA K 32 29.40 -72.47 52.75
N MET K 33 29.16 -71.38 53.48
CA MET K 33 30.24 -70.54 53.98
C MET K 33 30.97 -71.18 55.17
N ILE K 34 30.26 -72.02 55.93
CA ILE K 34 30.85 -72.77 57.03
C ILE K 34 31.77 -73.84 56.44
N ARG K 35 31.34 -74.41 55.30
CA ARG K 35 32.10 -75.43 54.60
C ARG K 35 33.38 -74.87 54.02
N PHE K 36 33.30 -73.62 53.57
CA PHE K 36 34.48 -72.90 53.11
C PHE K 36 35.52 -72.81 54.22
N GLU K 37 35.13 -72.30 55.39
CA GLU K 37 36.09 -72.10 56.47
C GLU K 37 36.50 -73.39 57.18
N THR K 38 35.67 -74.42 57.10
CA THR K 38 36.06 -75.73 57.64
C THR K 38 37.17 -76.30 56.75
N ALA K 39 36.99 -76.18 55.44
CA ALA K 39 38.00 -76.59 54.47
C ALA K 39 39.29 -75.75 54.53
N LEU K 40 39.14 -74.44 54.72
CA LEU K 40 40.28 -73.53 54.71
C LEU K 40 41.26 -73.80 55.83
N ALA K 41 40.74 -74.08 57.03
CA ALA K 41 41.58 -74.41 58.17
C ALA K 41 42.32 -75.73 57.95
N GLN K 42 41.71 -76.63 57.18
CA GLN K 42 42.31 -77.93 56.89
C GLN K 42 43.42 -77.86 55.86
N ALA K 43 43.21 -77.05 54.82
CA ALA K 43 44.23 -76.86 53.79
C ALA K 43 45.43 -76.05 54.29
N GLU K 44 45.18 -75.21 55.29
CA GLU K 44 46.23 -74.42 55.90
C GLU K 44 47.10 -75.22 56.89
N ALA K 45 46.52 -76.21 57.56
CA ALA K 45 47.31 -77.10 58.41
C ALA K 45 48.08 -78.13 57.56
N GLU K 46 47.60 -78.37 56.35
CA GLU K 46 48.27 -79.24 55.39
C GLU K 46 49.62 -78.66 54.97
N ALA K 47 49.61 -77.36 54.63
CA ALA K 47 50.83 -76.65 54.31
C ALA K 47 51.66 -76.27 55.55
N SER K 48 51.20 -76.69 56.73
CA SER K 48 51.82 -76.40 58.04
C SER K 48 51.98 -74.91 58.31
N ILE K 49 50.92 -74.15 58.03
CA ILE K 49 50.92 -72.75 58.41
C ILE K 49 50.63 -72.70 59.91
N PHE K 50 49.71 -73.55 60.37
CA PHE K 50 49.54 -73.77 61.80
C PHE K 50 49.36 -75.26 62.14
N ALA K 51 49.18 -75.57 63.43
CA ALA K 51 49.10 -76.95 63.91
C ALA K 51 47.81 -77.68 63.52
N ASP K 52 47.86 -79.02 63.55
CA ASP K 52 46.70 -79.85 63.22
C ASP K 52 45.61 -79.77 64.27
N ASP K 53 46.02 -79.64 65.54
CA ASP K 53 45.06 -79.55 66.65
C ASP K 53 44.37 -78.19 66.71
N GLU K 54 44.94 -77.20 66.02
CA GLU K 54 44.31 -75.89 65.90
C GLU K 54 43.27 -75.94 64.83
N ALA K 55 43.60 -76.64 63.74
CA ALA K 55 42.70 -76.81 62.62
C ALA K 55 41.54 -77.68 63.04
N GLU K 56 41.85 -78.67 63.88
CA GLU K 56 40.86 -79.53 64.52
C GLU K 56 39.77 -78.74 65.23
N ALA K 57 40.17 -77.72 65.99
CA ALA K 57 39.25 -76.88 66.77
C ALA K 57 38.38 -76.00 65.88
N ILE K 58 38.89 -75.62 64.72
CA ILE K 58 38.10 -74.87 63.75
C ILE K 58 37.11 -75.78 63.04
N VAL K 59 37.48 -77.03 62.80
CA VAL K 59 36.54 -77.99 62.26
C VAL K 59 35.46 -78.38 63.27
N SER K 60 35.85 -78.62 64.53
CA SER K 60 34.88 -79.02 65.56
C SER K 60 34.00 -77.87 66.06
N GLY K 61 34.54 -76.66 66.02
CA GLY K 61 33.80 -75.49 66.49
C GLY K 61 32.74 -75.02 65.52
N LEU K 62 32.85 -75.44 64.26
CA LEU K 62 31.91 -75.02 63.24
C LEU K 62 30.89 -76.10 62.89
N SER K 63 30.89 -77.18 63.68
N SER K 63 30.88 -77.18 63.68
CA SER K 63 29.90 -78.25 63.52
CA SER K 63 29.90 -78.24 63.50
C SER K 63 28.64 -77.89 64.30
C SER K 63 28.64 -77.89 64.30
N GLU K 64 28.84 -77.34 65.49
CA GLU K 64 27.72 -76.95 66.35
C GLU K 64 27.23 -75.51 66.06
N PHE K 65 27.77 -74.87 65.02
CA PHE K 65 27.54 -73.44 64.75
C PHE K 65 26.14 -73.06 64.23
N ALA K 66 25.47 -72.20 65.00
CA ALA K 66 24.22 -71.54 64.58
C ALA K 66 24.43 -70.03 64.46
N ALA K 67 23.87 -69.44 63.40
CA ALA K 67 24.10 -68.03 63.10
C ALA K 67 23.11 -67.08 63.76
N ASP K 68 23.58 -65.90 64.13
CA ASP K 68 22.74 -64.84 64.73
C ASP K 68 22.29 -63.89 63.61
N MET K 69 21.12 -64.16 63.04
CA MET K 69 20.66 -63.44 61.86
C MET K 69 20.50 -61.92 62.08
N SER K 70 19.98 -61.54 63.25
CA SER K 70 19.90 -60.15 63.73
C SER K 70 21.22 -59.42 63.50
N ALA K 71 22.30 -59.95 64.08
CA ALA K 71 23.61 -59.31 64.02
C ALA K 71 24.18 -59.38 62.61
N LEU K 72 23.86 -60.46 61.89
CA LEU K 72 24.32 -60.67 60.53
C LEU K 72 23.88 -59.55 59.63
N ARG K 73 22.62 -59.14 59.75
CA ARG K 73 22.09 -58.05 58.92
C ARG K 73 22.62 -56.67 59.28
N HIS K 74 22.97 -56.48 60.56
CA HIS K 74 23.62 -55.25 61.00
C HIS K 74 25.03 -55.21 60.43
N GLY K 75 25.62 -56.39 60.29
CA GLY K 75 26.92 -56.57 59.66
C GLY K 75 26.93 -56.03 58.26
N VAL K 76 25.91 -56.38 57.45
CA VAL K 76 25.90 -55.87 56.09
C VAL K 76 25.34 -54.44 56.03
N ALA K 77 24.61 -54.04 57.07
CA ALA K 77 24.19 -52.65 57.17
C ALA K 77 25.40 -51.71 57.24
N LYS K 78 26.36 -52.02 58.13
CA LYS K 78 27.55 -51.17 58.33
C LYS K 78 28.67 -51.39 57.32
N ASP K 79 29.05 -52.65 57.10
CA ASP K 79 30.18 -53.00 56.25
C ASP K 79 29.83 -53.23 54.78
N GLY K 80 28.54 -53.32 54.47
CA GLY K 80 28.13 -53.55 53.09
C GLY K 80 28.22 -55.00 52.62
N VAL K 81 28.65 -55.87 53.52
CA VAL K 81 28.90 -57.26 53.20
C VAL K 81 28.78 -58.10 54.48
N VAL K 82 28.29 -59.34 54.30
CA VAL K 82 28.04 -60.28 55.38
C VAL K 82 29.20 -60.64 56.27
N VAL K 83 30.33 -60.97 55.66
CA VAL K 83 31.40 -61.75 56.28
C VAL K 83 32.16 -61.18 57.50
N PRO K 84 32.48 -59.88 57.55
CA PRO K 84 33.11 -59.45 58.81
C PRO K 84 32.32 -59.79 60.09
N GLU K 85 30.99 -59.73 60.02
CA GLU K 85 30.16 -60.15 61.15
C GLU K 85 30.11 -61.66 61.28
N LEU K 86 30.05 -62.35 60.14
CA LEU K 86 29.96 -63.80 60.16
C LEU K 86 31.22 -64.39 60.76
N ILE K 87 32.35 -63.80 60.36
CA ILE K 87 33.66 -64.17 60.83
C ILE K 87 33.79 -63.94 62.32
N ARG K 88 33.29 -62.81 62.79
CA ARG K 88 33.30 -62.53 64.22
C ARG K 88 32.51 -63.58 65.00
N GLN K 89 31.35 -63.97 64.47
CA GLN K 89 30.52 -65.06 65.02
C GLN K 89 31.25 -66.42 65.03
N MET K 90 32.10 -66.65 64.04
CA MET K 90 32.88 -67.87 64.00
C MET K 90 34.12 -67.83 64.90
N ARG K 91 34.61 -66.63 65.23
CA ARG K 91 35.75 -66.50 66.15
C ARG K 91 35.27 -66.61 67.59
N ALA K 92 33.98 -66.31 67.78
CA ALA K 92 33.33 -66.51 69.05
C ALA K 92 32.83 -67.96 69.15
N ALA K 93 32.67 -68.62 68.00
CA ALA K 93 32.22 -70.02 67.99
C ALA K 93 33.34 -71.02 68.32
N VAL K 94 34.60 -70.59 68.21
CA VAL K 94 35.72 -71.46 68.58
C VAL K 94 36.50 -70.86 69.75
N ALA K 95 36.38 -71.47 70.93
CA ALA K 95 37.17 -71.04 72.08
C ALA K 95 38.59 -71.56 71.92
N GLY K 96 39.56 -70.73 72.29
CA GLY K 96 40.97 -71.07 72.13
C GLY K 96 41.74 -69.99 71.39
N GLN K 97 43.00 -70.27 71.07
CA GLN K 97 43.80 -69.32 70.30
C GLN K 97 43.70 -69.66 68.83
N ALA K 98 42.98 -70.75 68.55
CA ALA K 98 42.69 -71.19 67.19
C ALA K 98 41.64 -70.28 66.53
N ALA K 99 40.92 -69.53 67.37
CA ALA K 99 39.95 -68.52 66.95
C ALA K 99 40.48 -67.45 66.01
N ASP K 100 41.79 -67.28 65.95
CA ASP K 100 42.39 -66.21 65.19
C ASP K 100 42.67 -66.68 63.77
N LYS K 101 42.85 -67.98 63.62
CA LYS K 101 43.38 -68.53 62.38
C LYS K 101 42.31 -68.85 61.32
N VAL K 102 41.04 -68.71 61.68
CA VAL K 102 39.95 -68.82 60.71
C VAL K 102 39.97 -67.59 59.81
N HIS K 103 39.83 -67.79 58.49
CA HIS K 103 39.78 -66.71 57.51
C HIS K 103 41.16 -66.04 57.36
N PHE K 104 42.21 -66.82 57.55
CA PHE K 104 43.56 -66.34 57.32
C PHE K 104 43.81 -66.28 55.81
N GLY K 105 44.19 -65.12 55.31
CA GLY K 105 44.50 -64.95 53.89
C GLY K 105 43.33 -65.00 52.91
N ALA K 106 42.11 -65.13 53.44
CA ALA K 106 40.91 -65.05 52.62
C ALA K 106 40.31 -63.67 52.77
N THR K 107 39.65 -63.21 51.71
CA THR K 107 38.95 -61.95 51.75
C THR K 107 37.45 -62.21 51.66
N SER K 108 36.64 -61.16 51.79
CA SER K 108 35.18 -61.26 51.81
C SER K 108 34.57 -61.86 50.54
N GLN K 109 35.18 -61.60 49.39
CA GLN K 109 34.65 -62.07 48.12
C GLN K 109 34.90 -63.57 47.97
N ASP K 110 36.04 -64.03 48.48
CA ASP K 110 36.41 -65.44 48.41
C ASP K 110 35.30 -66.31 48.92
N VAL K 111 34.93 -66.09 50.17
CA VAL K 111 33.84 -66.83 50.80
C VAL K 111 32.49 -66.66 50.07
N ILE K 112 32.14 -65.44 49.67
CA ILE K 112 30.84 -65.20 49.01
C ILE K 112 30.70 -65.88 47.62
N ASP K 113 31.71 -65.72 46.78
CA ASP K 113 31.70 -66.30 45.47
C ASP K 113 31.85 -67.81 45.52
N THR K 114 32.64 -68.32 46.47
CA THR K 114 32.77 -69.77 46.65
C THR K 114 31.45 -70.38 47.12
N SER K 115 30.80 -69.73 48.10
CA SER K 115 29.48 -70.14 48.54
C SER K 115 28.49 -70.24 47.36
N LEU K 116 28.54 -69.26 46.46
CA LEU K 116 27.67 -69.19 45.30
C LEU K 116 27.91 -70.38 44.36
N MET K 117 29.19 -70.64 44.09
CA MET K 117 29.61 -71.69 43.19
C MET K 117 29.19 -73.07 43.68
N LEU K 118 29.37 -73.31 44.98
CA LEU K 118 28.89 -74.51 45.67
C LEU K 118 27.37 -74.72 45.51
N ARG K 119 26.63 -73.62 45.51
CA ARG K 119 25.17 -73.72 45.58
C ARG K 119 24.59 -73.81 44.17
N LEU K 120 25.29 -73.22 43.21
CA LEU K 120 24.93 -73.29 41.79
C LEU K 120 25.19 -74.69 41.25
N LYS K 121 26.19 -75.37 41.80
CA LYS K 121 26.49 -76.73 41.38
C LYS K 121 25.34 -77.69 41.66
N MET K 122 24.77 -77.61 42.87
CA MET K 122 23.63 -78.45 43.25
C MET K 122 22.39 -78.09 42.44
N ALA K 123 22.23 -76.79 42.20
CA ALA K 123 21.19 -76.25 41.35
C ALA K 123 21.28 -76.83 39.93
N ALA K 124 22.50 -76.96 39.43
CA ALA K 124 22.75 -77.47 38.11
C ALA K 124 22.63 -78.98 38.03
N GLU K 125 22.91 -79.68 39.12
CA GLU K 125 22.61 -81.10 39.17
C GLU K 125 21.10 -81.32 39.08
N ILE K 126 20.35 -80.54 39.87
CA ILE K 126 18.89 -80.61 39.87
C ILE K 126 18.33 -80.29 38.51
N ILE K 127 18.83 -79.21 37.91
CA ILE K 127 18.38 -78.81 36.57
C ILE K 127 18.72 -79.86 35.51
N ALA K 128 19.92 -80.44 35.60
CA ALA K 128 20.33 -81.48 34.68
C ALA K 128 19.48 -82.74 34.74
N THR K 129 19.07 -83.15 35.95
CA THR K 129 18.21 -84.33 36.12
C THR K 129 16.84 -84.05 35.51
N ARG K 130 16.29 -82.88 35.85
CA ARG K 130 14.99 -82.46 35.34
C ARG K 130 14.97 -82.37 33.83
N LEU K 131 16.02 -81.77 33.29
CA LEU K 131 16.21 -81.65 31.86
C LEU K 131 16.19 -83.04 31.20
N GLY K 132 17.03 -83.94 31.71
CA GLY K 132 17.06 -85.34 31.28
C GLY K 132 15.71 -86.07 31.26
N HIS K 133 14.91 -85.84 32.32
CA HIS K 133 13.62 -86.49 32.52
C HIS K 133 12.59 -85.91 31.55
N LEU K 134 12.66 -84.61 31.33
CA LEU K 134 11.76 -83.92 30.41
C LEU K 134 11.92 -84.41 28.97
N ILE K 135 13.17 -84.62 28.53
CA ILE K 135 13.50 -85.23 27.23
C ILE K 135 12.89 -86.63 27.03
N ASP K 136 12.93 -87.45 28.08
CA ASP K 136 12.22 -88.72 28.11
C ASP K 136 10.69 -88.55 27.88
N THR K 137 10.10 -87.60 28.62
CA THR K 137 8.67 -87.36 28.59
C THR K 137 8.24 -86.88 27.22
N LEU K 138 8.96 -85.86 26.73
CA LEU K 138 8.74 -85.32 25.40
C LEU K 138 8.90 -86.39 24.32
N GLY K 139 9.94 -87.20 24.42
CA GLY K 139 10.10 -88.37 23.57
C GLY K 139 9.02 -89.44 23.69
N ASP K 140 8.36 -89.52 24.85
CA ASP K 140 7.29 -90.52 25.03
C ASP K 140 6.00 -90.12 24.33
N LEU K 141 5.74 -88.82 24.34
CA LEU K 141 4.71 -88.23 23.48
C LEU K 141 4.97 -88.48 21.99
N ALA K 142 6.23 -88.35 21.58
CA ALA K 142 6.64 -88.48 20.15
C ALA K 142 6.62 -89.92 19.63
N SER K 143 6.63 -90.90 20.53
CA SER K 143 6.38 -92.27 20.12
C SER K 143 4.89 -92.58 20.15
N ARG K 144 4.14 -91.91 21.03
CA ARG K 144 2.71 -92.17 21.14
C ARG K 144 1.98 -91.66 19.91
N ASP K 145 2.33 -90.44 19.50
CA ASP K 145 1.58 -89.75 18.43
C ASP K 145 2.41 -89.36 17.18
N GLY K 146 3.69 -89.71 17.14
CA GLY K 146 4.63 -89.20 16.12
C GLY K 146 4.41 -89.42 14.63
N HIS K 147 3.63 -90.43 14.27
CA HIS K 147 3.38 -90.79 12.87
C HIS K 147 2.12 -90.11 12.32
N LYS K 148 1.37 -89.45 13.20
CA LYS K 148 0.11 -88.77 12.83
C LYS K 148 0.36 -87.40 12.22
N PRO K 149 -0.46 -87.01 11.22
CA PRO K 149 -0.32 -85.72 10.53
C PRO K 149 -0.56 -84.47 11.38
N LEU K 150 0.21 -83.43 11.07
CA LEU K 150 0.01 -82.09 11.57
C LEU K 150 0.03 -81.14 10.41
N THR K 151 -0.83 -80.11 10.47
CA THR K 151 -0.68 -78.97 9.60
C THR K 151 0.55 -78.22 10.03
N GLY K 152 1.56 -78.19 9.17
CA GLY K 152 2.71 -77.34 9.37
C GLY K 152 2.29 -75.89 9.21
N TYR K 153 2.87 -75.01 10.02
CA TYR K 153 2.59 -73.59 9.94
C TYR K 153 3.90 -72.82 9.83
N THR K 154 4.05 -72.07 8.75
CA THR K 154 5.24 -71.27 8.54
C THR K 154 4.83 -69.82 8.41
N ARG K 155 5.38 -68.97 9.29
CA ARG K 155 5.17 -67.51 9.26
C ARG K 155 3.72 -67.11 9.41
N MET K 156 3.11 -67.62 10.49
CA MET K 156 1.66 -67.55 10.77
C MET K 156 0.75 -67.87 9.57
N GLN K 157 1.10 -68.91 8.82
CA GLN K 157 0.31 -69.32 7.68
C GLN K 157 0.24 -70.82 7.63
N ALA K 158 -0.89 -71.33 7.14
CA ALA K 158 -1.04 -72.74 6.83
C ALA K 158 0.08 -73.09 5.84
N ALA K 159 0.70 -74.25 6.01
CA ALA K 159 1.68 -74.73 5.03
C ALA K 159 1.32 -76.13 4.53
N ILE K 160 2.34 -76.90 4.14
CA ILE K 160 2.12 -78.29 3.73
C ILE K 160 2.06 -79.19 4.96
N GLY K 161 1.79 -80.47 4.76
CA GLY K 161 1.65 -81.40 5.87
C GLY K 161 2.97 -81.88 6.45
N ILE K 162 3.04 -81.95 7.78
CA ILE K 162 4.14 -82.65 8.47
C ILE K 162 3.61 -83.78 9.38
N THR K 163 4.47 -84.32 10.24
CA THR K 163 4.01 -85.26 11.26
C THR K 163 4.29 -84.69 12.63
N VAL K 164 3.96 -85.44 13.68
CA VAL K 164 4.16 -84.94 15.04
C VAL K 164 5.64 -84.99 15.45
N ALA K 165 6.32 -86.11 15.15
CA ALA K 165 7.76 -86.24 15.46
C ALA K 165 8.60 -85.18 14.75
N ASP K 166 8.23 -84.87 13.50
CA ASP K 166 8.73 -83.69 12.76
C ASP K 166 8.74 -82.42 13.63
N ARG K 167 7.56 -82.05 14.14
CA ARG K 167 7.40 -80.84 14.97
C ARG K 167 8.10 -80.97 16.32
N ALA K 168 7.99 -82.14 16.95
CA ALA K 168 8.54 -82.38 18.28
C ALA K 168 10.06 -82.39 18.32
N ALA K 169 10.70 -82.68 17.19
CA ALA K 169 12.15 -82.61 17.05
C ALA K 169 12.66 -81.23 17.43
N GLY K 170 11.88 -80.20 17.11
CA GLY K 170 12.23 -78.81 17.39
C GLY K 170 12.05 -78.45 18.85
N TRP K 171 11.38 -79.35 19.58
CA TRP K 171 11.31 -79.20 21.04
C TRP K 171 12.35 -80.07 21.69
N ILE K 172 12.62 -81.23 21.10
CA ILE K 172 13.48 -82.19 21.78
C ILE K 172 14.96 -81.98 21.51
N ALA K 173 15.34 -81.90 20.22
CA ALA K 173 16.76 -81.76 19.84
C ALA K 173 17.53 -80.69 20.60
N PRO K 174 17.02 -79.43 20.64
CA PRO K 174 17.78 -78.42 21.38
C PRO K 174 17.91 -78.65 22.91
N LEU K 175 16.91 -79.27 23.51
CA LEU K 175 16.97 -79.64 24.90
C LEU K 175 18.11 -80.62 25.14
N GLU K 176 18.29 -81.56 24.23
CA GLU K 176 19.36 -82.52 24.35
C GLU K 176 20.72 -81.88 24.15
N ARG K 177 20.75 -80.83 23.35
CA ARG K 177 21.93 -80.02 23.23
C ARG K 177 22.23 -79.22 24.53
N HIS K 178 21.20 -78.70 25.21
CA HIS K 178 21.47 -77.93 26.46
C HIS K 178 21.94 -78.83 27.60
N LEU K 179 21.45 -80.07 27.62
CA LEU K 179 21.90 -81.10 28.54
C LEU K 179 23.42 -81.28 28.40
N LEU K 180 23.89 -81.36 27.17
CA LEU K 180 25.31 -81.59 26.88
C LEU K 180 26.15 -80.39 27.31
N ARG K 181 25.69 -79.17 27.02
CA ARG K 181 26.37 -77.95 27.43
C ARG K 181 26.49 -77.88 28.94
N LEU K 182 25.43 -78.30 29.63
CA LEU K 182 25.39 -78.24 31.08
C LEU K 182 26.36 -79.23 31.67
N GLU K 183 26.40 -80.42 31.08
CA GLU K 183 27.29 -81.48 31.55
C GLU K 183 28.74 -81.08 31.36
N THR K 184 29.00 -80.35 30.27
CA THR K 184 30.34 -79.89 29.92
C THR K 184 30.75 -78.74 30.83
N PHE K 185 29.78 -77.88 31.15
CA PHE K 185 30.00 -76.79 32.08
C PHE K 185 30.34 -77.34 33.44
N ALA K 186 29.62 -78.38 33.85
CA ALA K 186 29.72 -78.94 35.18
C ALA K 186 31.11 -79.41 35.61
N GLN K 187 31.94 -79.81 34.65
CA GLN K 187 33.27 -80.36 34.99
C GLN K 187 34.29 -79.37 35.53
N ASN K 188 34.30 -78.15 35.02
N ASN K 188 34.24 -78.14 35.04
CA ASN K 188 35.29 -77.17 35.44
CA ASN K 188 35.28 -77.17 35.33
C ASN K 188 34.70 -75.81 35.76
C ASN K 188 34.71 -75.82 35.72
N GLY K 189 33.45 -75.58 35.35
CA GLY K 189 32.84 -74.26 35.45
C GLY K 189 32.47 -73.79 36.84
N PHE K 190 32.42 -74.72 37.78
CA PHE K 190 32.15 -74.39 39.17
C PHE K 190 33.45 -74.27 39.90
N ALA K 191 33.94 -73.03 39.97
CA ALA K 191 35.30 -72.74 40.44
C ALA K 191 35.34 -72.23 41.86
N LEU K 192 36.35 -72.66 42.61
CA LEU K 192 36.69 -72.05 43.89
C LEU K 192 37.13 -70.61 43.67
N GLN K 193 36.61 -69.72 44.51
CA GLN K 193 37.13 -68.38 44.58
C GLN K 193 38.07 -68.26 45.76
N PHE K 194 39.34 -68.05 45.46
CA PHE K 194 40.33 -67.89 46.51
C PHE K 194 41.45 -67.01 45.97
N GLY K 195 41.40 -65.74 46.34
CA GLY K 195 42.39 -64.79 45.86
C GLY K 195 43.00 -63.87 46.90
N GLY K 196 42.31 -63.70 48.04
CA GLY K 196 42.82 -62.83 49.10
C GLY K 196 42.49 -61.39 48.81
N ALA K 197 42.95 -60.50 49.68
CA ALA K 197 42.60 -59.07 49.68
C ALA K 197 42.51 -58.40 48.30
N ALA K 198 43.59 -58.47 47.54
CA ALA K 198 43.69 -57.79 46.25
C ALA K 198 43.97 -58.75 45.09
N GLY K 199 43.52 -59.99 45.24
CA GLY K 199 43.72 -61.02 44.24
C GLY K 199 45.13 -61.59 44.21
N THR K 200 45.94 -61.31 45.23
CA THR K 200 47.33 -61.76 45.18
C THR K 200 47.74 -62.80 46.21
N LEU K 201 46.81 -63.25 47.04
CA LEU K 201 47.06 -64.30 48.04
C LEU K 201 48.20 -63.97 49.01
N GLU K 202 48.14 -62.76 49.55
CA GLU K 202 49.22 -62.09 50.27
C GLU K 202 49.74 -62.78 51.54
N LYS K 203 48.85 -63.38 52.34
CA LYS K 203 49.25 -63.96 53.62
C LYS K 203 49.83 -65.36 53.42
N LEU K 204 49.50 -65.96 52.29
CA LEU K 204 49.98 -67.29 51.97
C LEU K 204 51.36 -67.20 51.34
N GLY K 205 51.49 -66.24 50.43
CA GLY K 205 52.76 -65.95 49.76
C GLY K 205 53.21 -67.09 48.88
N ASP K 206 54.12 -67.91 49.44
CA ASP K 206 54.74 -69.05 48.78
C ASP K 206 53.75 -70.21 48.56
N ASN K 207 52.85 -70.41 49.53
CA ASN K 207 51.93 -71.56 49.54
C ASN K 207 50.59 -71.34 48.84
N ALA K 208 50.52 -70.32 47.99
CA ALA K 208 49.25 -69.89 47.37
C ALA K 208 48.57 -70.97 46.54
N GLY K 209 49.33 -71.64 45.68
CA GLY K 209 48.80 -72.67 44.81
C GLY K 209 48.39 -73.94 45.54
N ALA K 210 49.25 -74.39 46.47
CA ALA K 210 49.06 -75.67 47.19
C ALA K 210 47.80 -75.69 48.07
N VAL K 211 47.60 -74.60 48.82
CA VAL K 211 46.44 -74.46 49.69
C VAL K 211 45.19 -74.38 48.86
N ARG K 212 45.27 -73.63 47.75
CA ARG K 212 44.17 -73.52 46.79
C ARG K 212 43.80 -74.87 46.21
N ALA K 213 44.81 -75.66 45.85
CA ALA K 213 44.60 -77.01 45.37
C ALA K 213 43.89 -77.88 46.39
N ASP K 214 44.23 -77.75 47.66
CA ASP K 214 43.61 -78.58 48.68
C ASP K 214 42.26 -78.04 49.15
N LEU K 215 42.01 -76.78 48.86
CA LEU K 215 40.77 -76.16 49.27
C LEU K 215 39.71 -76.60 48.29
N ALA K 216 40.06 -76.49 47.00
CA ALA K 216 39.15 -76.79 45.90
C ALA K 216 38.73 -78.24 45.91
N LYS K 217 39.69 -79.13 46.13
CA LYS K 217 39.46 -80.56 46.13
C LYS K 217 38.51 -81.01 47.23
N ARG K 218 38.64 -80.43 48.43
CA ARG K 218 37.77 -80.81 49.54
C ARG K 218 36.36 -80.28 49.41
N LEU K 219 36.19 -79.30 48.52
CA LEU K 219 34.86 -78.73 48.27
C LEU K 219 34.21 -79.28 46.99
N GLY K 220 34.95 -80.09 46.23
CA GLY K 220 34.48 -80.56 44.94
C GLY K 220 34.32 -79.41 43.95
N LEU K 221 35.19 -78.42 44.06
CA LEU K 221 35.18 -77.30 43.12
C LEU K 221 36.38 -77.37 42.19
N ALA K 222 36.50 -76.40 41.29
CA ALA K 222 37.63 -76.44 40.38
C ALA K 222 38.70 -75.45 40.80
N ASP K 223 39.93 -75.94 40.94
CA ASP K 223 41.08 -75.09 41.23
C ASP K 223 41.52 -74.27 40.01
N ARG K 224 41.12 -73.00 39.98
CA ARG K 224 41.60 -72.03 38.98
C ARG K 224 42.14 -70.78 39.72
N PRO K 225 43.05 -69.98 39.10
CA PRO K 225 43.39 -68.72 39.77
C PRO K 225 42.20 -67.80 39.98
N GLN K 226 42.37 -66.85 40.89
CA GLN K 226 41.28 -65.98 41.33
C GLN K 226 40.57 -65.25 40.22
N TRP K 227 39.28 -65.07 40.41
CA TRP K 227 38.45 -64.46 39.40
C TRP K 227 37.57 -63.41 40.05
N HIS K 228 38.17 -62.52 40.82
CA HIS K 228 37.43 -61.41 41.44
C HIS K 228 36.81 -60.45 40.43
N ASN K 229 37.56 -60.14 39.37
CA ASN K 229 37.06 -59.29 38.30
C ASN K 229 36.66 -60.04 37.02
N GLN K 230 36.78 -61.36 37.06
CA GLN K 230 36.59 -62.16 35.84
C GLN K 230 35.28 -62.90 35.90
N ARG K 231 34.23 -62.30 35.35
CA ARG K 231 32.91 -62.84 35.59
C ARG K 231 32.34 -63.51 34.35
N ASP K 232 33.23 -64.05 33.51
CA ASP K 232 32.80 -64.69 32.27
C ASP K 232 32.22 -66.08 32.49
N GLY K 233 32.55 -66.73 33.61
CA GLY K 233 31.94 -68.01 33.98
C GLY K 233 30.46 -67.83 34.30
N ILE K 234 30.17 -66.78 35.06
CA ILE K 234 28.83 -66.45 35.49
C ILE K 234 27.99 -66.07 34.29
N ALA K 235 28.59 -65.33 33.36
CA ALA K 235 27.90 -64.98 32.12
C ALA K 235 27.61 -66.19 31.25
N GLU K 236 28.57 -67.12 31.16
CA GLU K 236 28.40 -68.33 30.35
C GLU K 236 27.32 -69.21 30.97
N PHE K 237 27.28 -69.24 32.30
CA PHE K 237 26.28 -70.02 32.98
C PHE K 237 24.90 -69.43 32.77
N ALA K 238 24.78 -68.12 32.95
CA ALA K 238 23.50 -67.44 32.73
C ALA K 238 23.00 -67.64 31.30
N ASN K 239 23.93 -67.72 30.36
CA ASN K 239 23.60 -67.99 28.98
C ASN K 239 22.87 -69.32 28.80
N LEU K 240 23.34 -70.41 29.42
CA LEU K 240 22.65 -71.71 29.28
C LEU K 240 21.29 -71.73 29.94
N LEU K 241 21.22 -71.11 31.11
CA LEU K 241 19.96 -70.96 31.84
C LEU K 241 18.89 -70.41 30.90
N SER K 242 19.23 -69.34 30.17
CA SER K 242 18.31 -68.72 29.26
C SER K 242 18.09 -69.51 27.96
N LEU K 243 19.12 -70.23 27.51
CA LEU K 243 18.99 -71.20 26.42
C LEU K 243 17.95 -72.28 26.75
N VAL K 244 17.95 -72.77 28.00
CA VAL K 244 16.95 -73.76 28.43
C VAL K 244 15.54 -73.18 28.41
N THR K 245 15.35 -72.06 29.10
CA THR K 245 14.03 -71.42 29.14
C THR K 245 13.53 -70.96 27.77
N GLY K 246 14.46 -70.49 26.93
CA GLY K 246 14.17 -70.04 25.57
C GLY K 246 13.57 -71.14 24.72
N THR K 247 14.13 -72.35 24.82
CA THR K 247 13.66 -73.50 24.05
C THR K 247 12.34 -74.00 24.64
N LEU K 248 12.24 -73.96 25.96
CA LEU K 248 10.98 -74.31 26.62
C LEU K 248 9.87 -73.32 26.29
N GLY K 249 10.23 -72.05 26.13
CA GLY K 249 9.29 -71.05 25.68
C GLY K 249 8.81 -71.24 24.25
N LYS K 250 9.61 -71.90 23.43
CA LYS K 250 9.18 -72.14 22.06
C LYS K 250 8.13 -73.25 22.06
N PHE K 251 8.43 -74.30 22.80
CA PHE K 251 7.55 -75.42 23.03
C PHE K 251 6.21 -74.89 23.54
N GLY K 252 6.29 -74.05 24.57
CA GLY K 252 5.10 -73.41 25.13
C GLY K 252 4.31 -72.58 24.14
N GLN K 253 4.99 -71.80 23.32
CA GLN K 253 4.31 -70.99 22.31
C GLN K 253 3.59 -71.85 21.28
N ASP K 254 4.20 -72.97 20.91
CA ASP K 254 3.62 -73.92 19.97
C ASP K 254 2.35 -74.57 20.52
N ILE K 255 2.39 -74.95 21.79
CA ILE K 255 1.27 -75.64 22.40
C ILE K 255 0.12 -74.64 22.55
N ALA K 256 0.46 -73.40 22.91
CA ALA K 256 -0.51 -72.33 23.03
C ALA K 256 -1.30 -72.14 21.73
N LEU K 257 -0.57 -72.03 20.62
CA LEU K 257 -1.16 -71.85 19.30
C LEU K 257 -2.05 -73.01 18.88
N MET K 258 -1.57 -74.23 19.08
CA MET K 258 -2.35 -75.41 18.75
C MET K 258 -3.62 -75.46 19.59
N ALA K 259 -3.52 -75.10 20.85
CA ALA K 259 -4.68 -75.01 21.73
C ALA K 259 -5.70 -73.97 21.22
N GLU K 260 -5.20 -72.85 20.71
CA GLU K 260 -6.08 -71.83 20.16
C GLU K 260 -6.84 -72.29 18.91
N ILE K 261 -6.14 -72.96 17.99
CA ILE K 261 -6.76 -73.52 16.81
C ILE K 261 -7.63 -74.71 17.21
N GLY K 262 -7.15 -75.47 18.20
CA GLY K 262 -7.93 -76.55 18.82
C GLY K 262 -8.29 -77.81 18.03
N SER K 263 -7.82 -77.91 16.77
CA SER K 263 -8.17 -79.08 15.94
C SER K 263 -7.17 -80.23 16.03
N GLU K 264 -5.92 -79.91 16.37
CA GLU K 264 -4.85 -80.90 16.33
C GLU K 264 -4.18 -81.18 17.67
N ILE K 265 -4.87 -80.89 18.77
CA ILE K 265 -4.38 -81.19 20.12
C ILE K 265 -5.58 -81.41 21.04
N ARG K 266 -5.36 -82.06 22.19
CA ARG K 266 -6.29 -82.04 23.33
C ARG K 266 -5.54 -82.03 24.68
N LEU K 267 -5.85 -81.02 25.50
CA LEU K 267 -5.31 -80.91 26.85
C LEU K 267 -6.31 -81.44 27.87
N SER K 268 -6.02 -81.25 29.16
CA SER K 268 -6.95 -81.63 30.24
C SER K 268 -6.89 -80.66 31.42
N ASN K 281 -7.81 -73.76 28.52
CA ASN K 281 -6.94 -72.67 28.94
C ASN K 281 -5.45 -73.08 29.27
N PRO K 282 -4.52 -72.84 28.31
CA PRO K 282 -3.21 -73.45 28.42
C PRO K 282 -2.25 -72.60 29.24
N VAL K 283 -2.50 -72.52 30.54
CA VAL K 283 -1.79 -71.59 31.38
C VAL K 283 -0.30 -71.88 31.39
N ASN K 284 0.05 -73.14 31.57
CA ASN K 284 1.44 -73.59 31.51
C ASN K 284 2.18 -73.24 30.22
N ALA K 285 1.49 -73.38 29.08
CA ALA K 285 2.04 -72.98 27.79
C ALA K 285 2.47 -71.49 27.72
N GLU K 286 1.69 -70.58 28.30
CA GLU K 286 2.04 -69.15 28.30
C GLU K 286 3.07 -68.86 29.38
N THR K 287 3.09 -69.71 30.39
CA THR K 287 3.96 -69.46 31.51
C THR K 287 5.38 -69.75 31.06
N LEU K 288 5.52 -70.74 30.18
CA LEU K 288 6.81 -71.11 29.64
C LEU K 288 7.33 -69.98 28.79
N VAL K 289 6.43 -69.26 28.10
CA VAL K 289 6.83 -68.15 27.23
C VAL K 289 7.29 -66.96 28.09
N THR K 290 6.54 -66.71 29.14
CA THR K 290 6.86 -65.70 30.13
C THR K 290 8.25 -65.92 30.71
N LEU K 291 8.53 -67.14 31.15
CA LEU K 291 9.81 -67.41 31.81
C LEU K 291 10.97 -67.28 30.82
N ALA K 292 10.66 -67.54 29.54
CA ALA K 292 11.63 -67.41 28.47
C ALA K 292 12.04 -65.96 28.37
N ARG K 293 11.05 -65.09 28.26
CA ARG K 293 11.26 -63.67 28.01
C ARG K 293 11.81 -62.98 29.24
N PHE K 294 11.52 -63.53 30.40
CA PHE K 294 12.11 -63.08 31.66
C PHE K 294 13.64 -63.26 31.63
N ASN K 295 14.09 -64.51 31.45
CA ASN K 295 15.51 -64.85 31.43
C ASN K 295 16.23 -64.08 30.33
N ALA K 296 15.54 -63.98 29.18
CA ALA K 296 16.03 -63.24 28.01
C ALA K 296 16.25 -61.76 28.28
N VAL K 297 15.62 -61.22 29.31
CA VAL K 297 15.92 -59.90 29.78
C VAL K 297 17.08 -60.00 30.75
N GLN K 298 17.01 -60.93 31.69
CA GLN K 298 18.01 -60.98 32.77
C GLN K 298 19.44 -61.32 32.36
N ILE K 299 19.61 -61.97 31.20
CA ILE K 299 20.93 -62.29 30.66
C ILE K 299 21.75 -60.99 30.49
N SER K 300 21.04 -59.92 30.15
CA SER K 300 21.62 -58.65 29.79
C SER K 300 22.31 -58.05 30.98
N ALA K 301 21.80 -58.37 32.16
CA ALA K 301 22.41 -57.92 33.39
C ALA K 301 23.79 -58.52 33.56
N LEU K 302 23.88 -59.85 33.43
CA LEU K 302 25.11 -60.56 33.79
C LEU K 302 26.19 -60.35 32.76
N HIS K 303 25.79 -59.78 31.61
CA HIS K 303 26.73 -59.30 30.63
C HIS K 303 27.18 -57.86 30.93
N GLN K 304 26.31 -57.03 31.50
CA GLN K 304 26.74 -55.70 31.95
C GLN K 304 27.66 -55.80 33.15
N SER K 305 27.57 -56.92 33.86
CA SER K 305 28.47 -57.16 34.98
C SER K 305 29.79 -57.78 34.60
N LEU K 306 30.07 -57.86 33.29
CA LEU K 306 31.37 -58.28 32.81
C LEU K 306 32.42 -57.18 33.09
N VAL K 307 32.01 -55.92 32.94
CA VAL K 307 32.83 -54.77 33.25
C VAL K 307 32.91 -54.54 34.75
N GLN K 308 33.91 -55.13 35.38
CA GLN K 308 34.09 -54.95 36.80
C GLN K 308 35.48 -54.41 37.02
N GLU K 309 35.55 -53.15 37.40
CA GLU K 309 36.78 -52.39 37.40
C GLU K 309 37.77 -52.82 38.48
N GLN K 310 39.05 -52.67 38.17
CA GLN K 310 40.18 -52.88 39.11
C GLN K 310 40.21 -54.27 39.78
N GLU K 311 40.54 -54.30 41.07
CA GLU K 311 40.69 -55.57 41.80
C GLU K 311 39.38 -56.00 42.43
N ARG K 312 38.52 -55.04 42.74
CA ARG K 312 37.17 -55.35 43.19
C ARG K 312 36.24 -54.21 42.81
N SER K 313 35.04 -54.60 42.37
CA SER K 313 34.06 -53.67 41.86
C SER K 313 32.71 -53.99 42.44
N GLY K 314 32.28 -53.22 43.43
CA GLY K 314 30.98 -53.44 44.04
C GLY K 314 29.80 -53.26 43.11
N ALA K 315 29.82 -52.20 42.30
CA ALA K 315 28.71 -51.89 41.38
C ALA K 315 28.29 -53.04 40.46
N GLY K 316 29.27 -53.71 39.85
CA GLY K 316 28.95 -54.83 38.96
C GLY K 316 28.69 -56.15 39.69
N TRP K 317 29.42 -56.37 40.79
CA TRP K 317 29.31 -57.61 41.58
C TRP K 317 27.90 -57.78 42.16
N MET K 318 27.38 -56.74 42.81
CA MET K 318 26.06 -56.78 43.41
C MET K 318 24.93 -56.99 42.40
N LEU K 319 25.16 -56.62 41.13
CA LEU K 319 24.16 -56.85 40.08
C LEU K 319 23.94 -58.35 39.86
N GLU K 320 24.98 -59.14 40.08
CA GLU K 320 24.83 -60.58 39.99
C GLU K 320 24.10 -61.13 41.21
N TRP K 321 24.05 -60.38 42.30
CA TRP K 321 23.33 -60.83 43.49
C TRP K 321 21.83 -60.62 43.28
N LEU K 322 21.49 -59.42 42.84
CA LEU K 322 20.15 -59.06 42.40
C LEU K 322 19.52 -59.99 41.36
N THR K 323 20.26 -60.41 40.35
CA THR K 323 19.62 -61.11 39.21
C THR K 323 19.85 -62.62 39.07
N LEU K 324 21.06 -63.10 39.34
CA LEU K 324 21.39 -64.51 39.04
C LEU K 324 20.49 -65.56 39.70
N PRO K 325 20.18 -65.43 41.02
CA PRO K 325 19.31 -66.45 41.60
C PRO K 325 17.97 -66.61 40.90
N GLN K 326 17.35 -65.52 40.48
CA GLN K 326 16.10 -65.59 39.75
C GLN K 326 16.23 -66.17 38.33
N MET K 327 17.41 -66.09 37.72
CA MET K 327 17.67 -66.79 36.46
C MET K 327 17.65 -68.31 36.63
N VAL K 328 18.31 -68.82 37.67
CA VAL K 328 18.34 -70.26 37.89
C VAL K 328 16.99 -70.79 38.42
N THR K 329 16.22 -69.91 39.03
CA THR K 329 14.87 -70.30 39.44
C THR K 329 13.91 -70.25 38.25
N ALA K 330 14.06 -69.25 37.38
CA ALA K 330 13.30 -69.25 36.14
C ALA K 330 13.53 -70.57 35.38
N THR K 331 14.77 -71.04 35.35
CA THR K 331 15.10 -72.27 34.64
C THR K 331 14.48 -73.50 35.30
N GLY K 332 14.74 -73.65 36.61
CA GLY K 332 14.07 -74.67 37.38
C GLY K 332 12.55 -74.74 37.18
N THR K 333 11.90 -73.57 37.30
CA THR K 333 10.45 -73.48 37.31
C THR K 333 9.96 -73.84 35.93
N SER K 334 10.69 -73.40 34.92
CA SER K 334 10.32 -73.75 33.58
C SER K 334 10.36 -75.27 33.35
N LEU K 335 11.27 -75.97 34.00
CA LEU K 335 11.36 -77.41 33.85
C LEU K 335 10.23 -78.14 34.56
N LEU K 336 9.77 -77.57 35.67
CA LEU K 336 8.56 -78.03 36.35
C LEU K 336 7.31 -77.82 35.51
N VAL K 337 7.15 -76.60 35.00
CA VAL K 337 5.98 -76.19 34.25
C VAL K 337 5.92 -76.90 32.89
N ALA K 338 7.10 -77.22 32.33
CA ALA K 338 7.14 -77.95 31.07
C ALA K 338 6.62 -79.34 31.30
N GLU K 339 7.11 -79.94 32.38
CA GLU K 339 6.71 -81.29 32.78
C GLU K 339 5.18 -81.35 33.04
N ARG K 340 4.66 -80.34 33.73
CA ARG K 340 3.23 -80.22 34.00
C ARG K 340 2.39 -80.11 32.72
N LEU K 341 2.89 -79.32 31.77
CA LEU K 341 2.23 -79.11 30.49
C LEU K 341 2.26 -80.40 29.68
N ALA K 342 3.38 -81.10 29.79
CA ALA K 342 3.58 -82.34 29.07
C ALA K 342 2.58 -83.40 29.51
N ALA K 343 2.27 -83.45 30.80
CA ALA K 343 1.32 -84.40 31.40
C ALA K 343 -0.12 -84.12 30.97
N GLN K 344 -0.39 -82.88 30.60
CA GLN K 344 -1.70 -82.49 30.12
C GLN K 344 -1.97 -82.91 28.68
N ILE K 345 -0.93 -83.14 27.89
CA ILE K 345 -1.13 -83.44 26.47
C ILE K 345 -1.58 -84.87 26.21
N ASP K 346 -2.86 -85.01 25.89
CA ASP K 346 -3.43 -86.33 25.69
C ASP K 346 -3.24 -86.84 24.26
N ARG K 347 -3.21 -85.91 23.31
CA ARG K 347 -3.07 -86.27 21.90
C ARG K 347 -2.46 -85.08 21.14
N LEU K 348 -1.65 -85.40 20.13
CA LEU K 348 -1.21 -84.43 19.14
C LEU K 348 -1.55 -84.99 17.74
N GLY K 349 -2.14 -84.17 16.87
CA GLY K 349 -2.52 -84.61 15.53
C GLY K 349 -4.02 -84.54 15.26
N ALA K 350 -4.39 -84.72 13.99
CA ALA K 350 -5.79 -84.64 13.59
C ALA K 350 -6.55 -85.93 13.90
N LEU L 3 23.24 -44.22 10.15
CA LEU L 3 22.61 -44.68 11.44
C LEU L 3 23.61 -45.30 12.39
N SER L 4 24.46 -46.15 11.85
CA SER L 4 25.42 -46.83 12.70
C SER L 4 26.76 -46.13 12.58
N PRO L 5 27.32 -45.74 13.72
CA PRO L 5 28.64 -45.14 13.85
C PRO L 5 29.76 -46.05 13.37
N PHE L 6 29.53 -47.35 13.35
CA PHE L 6 30.46 -48.32 12.77
C PHE L 6 30.68 -48.06 11.29
N GLU L 7 29.61 -47.72 10.58
CA GLU L 7 29.65 -47.59 9.13
C GLU L 7 29.38 -46.17 8.65
N HIS L 8 29.62 -45.21 9.53
CA HIS L 8 29.30 -43.82 9.23
C HIS L 8 30.50 -43.05 8.69
N PRO L 9 30.29 -42.18 7.66
CA PRO L 9 31.32 -41.33 7.03
C PRO L 9 32.37 -40.67 7.92
N PHE L 10 32.02 -40.18 9.11
CA PHE L 10 33.10 -39.66 9.97
C PHE L 10 33.30 -40.36 11.30
N LEU L 11 32.24 -40.96 11.82
CA LEU L 11 32.30 -41.60 13.13
C LEU L 11 33.12 -42.90 13.09
N SER L 12 33.34 -43.41 11.89
CA SER L 12 34.10 -44.64 11.71
C SER L 12 35.59 -44.43 11.78
N GLY L 13 36.04 -43.30 12.30
CA GLY L 13 37.47 -43.09 12.50
C GLY L 13 37.78 -43.57 13.89
N LEU L 14 36.73 -43.74 14.68
CA LEU L 14 36.84 -44.40 15.97
C LEU L 14 36.22 -45.77 15.88
N PHE L 15 35.03 -45.85 15.29
CA PHE L 15 34.23 -47.07 15.36
C PHE L 15 34.37 -47.99 14.15
N GLY L 16 35.14 -47.61 13.15
CA GLY L 16 35.19 -48.38 11.91
C GLY L 16 35.80 -49.76 12.03
N ASP L 17 35.35 -50.65 11.13
CA ASP L 17 35.92 -51.99 10.95
C ASP L 17 35.55 -52.45 9.53
N SER L 18 36.23 -51.91 8.52
CA SER L 18 35.94 -52.32 7.14
C SER L 18 36.16 -53.83 6.90
N GLU L 19 37.18 -54.41 7.50
CA GLU L 19 37.44 -55.86 7.37
C GLU L 19 36.26 -56.77 7.79
N ILE L 20 35.56 -56.41 8.87
CA ILE L 20 34.41 -57.20 9.32
C ILE L 20 33.14 -56.78 8.57
N ILE L 21 32.94 -55.46 8.46
CA ILE L 21 31.76 -54.87 7.79
C ILE L 21 31.51 -55.38 6.37
N GLU L 22 32.59 -55.53 5.59
N GLU L 22 32.58 -55.55 5.59
CA GLU L 22 32.56 -56.12 4.24
CA GLU L 22 32.49 -56.10 4.23
C GLU L 22 31.89 -57.50 4.21
C GLU L 22 31.94 -57.54 4.20
N LEU L 23 31.96 -58.22 5.33
CA LEU L 23 31.32 -59.52 5.44
C LEU L 23 29.81 -59.44 5.58
N PHE L 24 29.25 -58.25 5.83
CA PHE L 24 27.81 -58.12 5.93
C PHE L 24 27.23 -57.27 4.83
N SER L 25 28.07 -56.98 3.85
CA SER L 25 27.65 -56.23 2.68
C SER L 25 26.69 -57.07 1.86
N ALA L 26 25.89 -56.41 1.03
CA ALA L 26 24.91 -57.08 0.17
C ALA L 26 25.60 -58.01 -0.80
N LYS L 27 26.70 -57.51 -1.39
CA LYS L 27 27.50 -58.25 -2.34
C LYS L 27 28.04 -59.56 -1.77
N ALA L 28 28.57 -59.54 -0.54
CA ALA L 28 29.18 -60.71 0.06
C ALA L 28 28.13 -61.76 0.45
N ASP L 29 26.99 -61.27 0.91
CA ASP L 29 25.80 -62.08 1.13
C ASP L 29 25.38 -62.77 -0.16
N ILE L 30 25.29 -62.01 -1.24
CA ILE L 30 24.93 -62.55 -2.55
C ILE L 30 25.94 -63.56 -3.06
N ASP L 31 27.23 -63.27 -2.88
CA ASP L 31 28.31 -64.17 -3.26
C ASP L 31 28.22 -65.48 -2.48
N ALA L 32 27.96 -65.39 -1.18
CA ALA L 32 27.73 -66.58 -0.38
C ALA L 32 26.44 -67.32 -0.78
N MET L 33 25.37 -66.59 -1.07
CA MET L 33 24.14 -67.20 -1.60
C MET L 33 24.33 -67.90 -2.96
N ILE L 34 25.21 -67.34 -3.80
CA ILE L 34 25.56 -67.95 -5.08
C ILE L 34 26.21 -69.30 -4.81
N ARG L 35 27.14 -69.34 -3.85
CA ARG L 35 27.85 -70.55 -3.47
C ARG L 35 26.97 -71.64 -2.91
N PHE L 36 25.88 -71.26 -2.24
CA PHE L 36 24.90 -72.22 -1.74
C PHE L 36 24.26 -72.88 -2.92
N GLU L 37 23.80 -72.05 -3.85
CA GLU L 37 23.06 -72.54 -4.99
C GLU L 37 23.93 -73.30 -5.95
N THR L 38 25.21 -72.94 -6.01
CA THR L 38 26.21 -73.62 -6.83
C THR L 38 26.42 -75.02 -6.29
N ALA L 39 26.66 -75.11 -5.00
CA ALA L 39 26.90 -76.38 -4.33
C ALA L 39 25.68 -77.29 -4.36
N LEU L 40 24.49 -76.71 -4.17
CA LEU L 40 23.24 -77.49 -4.11
C LEU L 40 22.97 -78.20 -5.43
N ALA L 41 23.16 -77.48 -6.52
CA ALA L 41 23.03 -78.05 -7.86
C ALA L 41 23.91 -79.29 -8.02
N GLN L 42 25.15 -79.22 -7.54
CA GLN L 42 26.12 -80.31 -7.64
C GLN L 42 25.84 -81.48 -6.71
N ALA L 43 25.31 -81.17 -5.54
CA ALA L 43 25.02 -82.19 -4.54
C ALA L 43 23.79 -82.98 -4.94
N GLU L 44 22.92 -82.36 -5.73
CA GLU L 44 21.71 -83.03 -6.15
C GLU L 44 22.03 -84.00 -7.28
N ALA L 45 22.96 -83.62 -8.15
CA ALA L 45 23.34 -84.45 -9.29
C ALA L 45 24.29 -85.57 -8.89
N GLU L 46 25.00 -85.37 -7.79
CA GLU L 46 25.84 -86.42 -7.18
C GLU L 46 24.97 -87.60 -6.73
N ALA L 47 23.83 -87.29 -6.10
CA ALA L 47 22.86 -88.30 -5.72
C ALA L 47 21.84 -88.57 -6.84
N SER L 48 22.12 -88.03 -8.02
CA SER L 48 21.44 -88.35 -9.28
C SER L 48 19.93 -88.08 -9.37
N ILE L 49 19.47 -86.95 -8.86
CA ILE L 49 18.08 -86.52 -9.06
C ILE L 49 17.93 -86.03 -10.50
N PHE L 50 19.00 -85.43 -11.03
CA PHE L 50 19.06 -85.10 -12.45
C PHE L 50 20.46 -85.33 -13.04
N ALA L 51 20.62 -85.12 -14.35
CA ALA L 51 21.88 -85.41 -15.04
C ALA L 51 22.97 -84.37 -14.76
N ASP L 52 24.22 -84.85 -14.70
CA ASP L 52 25.41 -84.06 -14.33
C ASP L 52 25.61 -82.79 -15.14
N ASP L 53 25.24 -82.84 -16.42
CA ASP L 53 25.42 -81.70 -17.32
C ASP L 53 24.51 -80.51 -16.99
N GLU L 54 23.38 -80.79 -16.35
CA GLU L 54 22.48 -79.74 -15.90
C GLU L 54 23.06 -79.00 -14.71
N ALA L 55 23.81 -79.73 -13.88
CA ALA L 55 24.46 -79.16 -12.71
C ALA L 55 25.58 -78.20 -13.10
N GLU L 56 26.54 -78.64 -13.91
CA GLU L 56 27.61 -77.73 -14.30
C GLU L 56 27.24 -76.76 -15.42
N ALA L 57 25.95 -76.70 -15.77
CA ALA L 57 25.41 -75.62 -16.59
C ALA L 57 24.98 -74.51 -15.65
N ILE L 58 24.65 -74.90 -14.43
CA ILE L 58 24.30 -73.94 -13.37
C ILE L 58 25.56 -73.31 -12.81
N VAL L 59 26.57 -74.14 -12.54
CA VAL L 59 27.86 -73.71 -11.96
C VAL L 59 28.55 -72.58 -12.76
N SER L 60 28.53 -72.70 -14.09
CA SER L 60 29.21 -71.71 -14.94
C SER L 60 28.42 -70.41 -15.14
N GLY L 61 27.09 -70.51 -15.11
CA GLY L 61 26.23 -69.33 -15.29
C GLY L 61 26.32 -68.42 -14.09
N LEU L 62 26.53 -69.04 -12.93
CA LEU L 62 26.58 -68.33 -11.68
C LEU L 62 28.00 -67.87 -11.28
N SER L 63 28.97 -68.17 -12.11
CA SER L 63 30.37 -67.88 -11.76
C SER L 63 30.80 -66.51 -12.26
N GLU L 64 29.82 -65.65 -12.49
CA GLU L 64 30.04 -64.33 -13.04
C GLU L 64 28.76 -63.53 -12.83
N PHE L 65 27.98 -63.95 -11.84
CA PHE L 65 26.66 -63.40 -11.60
C PHE L 65 26.77 -61.97 -11.08
N ALA L 66 26.45 -61.01 -11.94
CA ALA L 66 26.25 -59.65 -11.51
C ALA L 66 24.79 -59.54 -11.14
N ALA L 67 24.53 -59.27 -9.87
CA ALA L 67 23.17 -59.12 -9.36
C ALA L 67 22.41 -57.91 -9.93
N ASP L 68 21.10 -57.88 -9.72
CA ASP L 68 20.30 -56.71 -10.06
C ASP L 68 19.59 -56.22 -8.81
N MET L 69 20.12 -55.15 -8.21
CA MET L 69 19.77 -54.75 -6.84
C MET L 69 18.35 -54.22 -6.61
N SER L 70 17.84 -53.47 -7.57
CA SER L 70 16.51 -52.87 -7.45
C SER L 70 15.42 -53.93 -7.46
N ALA L 71 15.48 -54.86 -8.41
CA ALA L 71 14.50 -55.94 -8.48
C ALA L 71 14.56 -56.88 -7.27
N LEU L 72 15.76 -57.04 -6.70
CA LEU L 72 15.93 -57.75 -5.42
C LEU L 72 15.17 -57.04 -4.30
N ARG L 73 15.27 -55.73 -4.28
CA ARG L 73 14.63 -54.92 -3.24
C ARG L 73 13.11 -54.89 -3.46
N HIS L 74 12.69 -54.95 -4.73
CA HIS L 74 11.27 -55.11 -5.06
C HIS L 74 10.78 -56.45 -4.57
N GLY L 75 11.66 -57.43 -4.69
CA GLY L 75 11.40 -58.77 -4.18
C GLY L 75 11.07 -58.81 -2.70
N VAL L 76 11.87 -58.13 -1.87
CA VAL L 76 11.60 -58.21 -0.43
C VAL L 76 10.41 -57.33 -0.04
N ALA L 77 10.06 -56.38 -0.90
CA ALA L 77 8.83 -55.62 -0.71
C ALA L 77 7.62 -56.52 -1.00
N LYS L 78 7.71 -57.35 -2.03
CA LYS L 78 6.58 -58.22 -2.40
C LYS L 78 6.46 -59.47 -1.51
N ASP L 79 7.56 -60.19 -1.33
CA ASP L 79 7.51 -61.48 -0.63
C ASP L 79 7.95 -61.43 0.82
N GLY L 80 8.74 -60.44 1.18
CA GLY L 80 9.26 -60.35 2.53
C GLY L 80 10.67 -60.90 2.67
N VAL L 81 11.18 -61.47 1.58
CA VAL L 81 12.49 -62.11 1.62
C VAL L 81 13.11 -62.07 0.23
N VAL L 82 14.43 -61.96 0.19
CA VAL L 82 15.20 -61.75 -1.04
C VAL L 82 15.11 -62.87 -2.07
N VAL L 83 15.14 -64.11 -1.59
CA VAL L 83 15.37 -65.27 -2.48
C VAL L 83 14.43 -65.58 -3.67
N PRO L 84 13.09 -65.56 -3.49
CA PRO L 84 12.19 -65.80 -4.62
C PRO L 84 12.58 -65.07 -5.88
N GLU L 85 12.82 -63.76 -5.78
CA GLU L 85 13.17 -62.95 -6.95
C GLU L 85 14.57 -63.27 -7.48
N LEU L 86 15.54 -63.32 -6.56
CA LEU L 86 16.91 -63.78 -6.86
C LEU L 86 16.95 -65.08 -7.65
N ILE L 87 16.11 -66.03 -7.26
CA ILE L 87 15.99 -67.31 -7.94
C ILE L 87 15.53 -67.16 -9.39
N ARG L 88 14.56 -66.27 -9.62
CA ARG L 88 14.11 -65.99 -10.99
C ARG L 88 15.20 -65.32 -11.83
N GLN L 89 16.06 -64.57 -11.15
CA GLN L 89 17.20 -63.92 -11.80
C GLN L 89 18.28 -64.96 -12.16
N MET L 90 18.52 -65.87 -11.21
CA MET L 90 19.46 -66.96 -11.39
C MET L 90 19.06 -67.91 -12.52
N ARG L 91 17.76 -68.16 -12.66
CA ARG L 91 17.24 -69.03 -13.70
C ARG L 91 17.46 -68.45 -15.10
N ALA L 92 17.31 -67.12 -15.23
CA ALA L 92 17.55 -66.43 -16.49
C ALA L 92 19.02 -66.47 -16.92
N ALA L 93 19.91 -66.71 -15.96
CA ALA L 93 21.35 -66.78 -16.20
C ALA L 93 21.81 -68.20 -16.44
N VAL L 94 20.88 -69.15 -16.42
CA VAL L 94 21.19 -70.53 -16.77
C VAL L 94 20.33 -70.98 -17.97
N ALA L 95 21.00 -71.26 -19.10
CA ALA L 95 20.33 -71.68 -20.32
C ALA L 95 19.66 -73.05 -20.18
N GLY L 96 18.58 -73.24 -20.95
CA GLY L 96 17.92 -74.54 -21.05
C GLY L 96 17.18 -74.98 -19.79
N GLN L 97 16.90 -76.27 -19.70
CA GLN L 97 16.05 -76.81 -18.65
C GLN L 97 16.78 -77.00 -17.32
N ALA L 98 18.08 -76.70 -17.32
CA ALA L 98 18.87 -76.68 -16.11
C ALA L 98 18.39 -75.57 -15.16
N ALA L 99 17.71 -74.57 -15.71
CA ALA L 99 17.07 -73.50 -14.95
C ALA L 99 15.85 -73.99 -14.16
N ASP L 100 15.09 -74.91 -14.77
CA ASP L 100 13.98 -75.60 -14.11
C ASP L 100 14.42 -76.40 -12.88
N LYS L 101 15.72 -76.66 -12.78
CA LYS L 101 16.25 -77.48 -11.71
C LYS L 101 16.73 -76.70 -10.49
N VAL L 102 17.24 -75.48 -10.69
CA VAL L 102 17.89 -74.73 -9.59
C VAL L 102 17.00 -74.55 -8.37
N HIS L 103 17.64 -74.64 -7.19
CA HIS L 103 17.00 -74.35 -5.92
C HIS L 103 16.03 -75.46 -5.46
N PHE L 104 16.08 -76.62 -6.13
CA PHE L 104 15.15 -77.73 -5.87
C PHE L 104 15.25 -78.29 -4.46
N GLY L 105 14.11 -78.28 -3.78
CA GLY L 105 13.99 -78.88 -2.47
C GLY L 105 14.50 -78.01 -1.36
N ALA L 106 14.82 -76.75 -1.69
CA ALA L 106 15.26 -75.78 -0.69
C ALA L 106 14.28 -74.61 -0.59
N THR L 107 14.15 -74.05 0.61
CA THR L 107 13.27 -72.92 0.84
C THR L 107 14.12 -71.67 0.98
N SER L 108 13.44 -70.54 1.18
CA SER L 108 14.08 -69.25 1.32
C SER L 108 15.03 -69.15 2.53
N GLN L 109 14.63 -69.74 3.65
CA GLN L 109 15.40 -69.71 4.89
C GLN L 109 16.69 -70.49 4.77
N ASP L 110 16.65 -71.54 3.95
CA ASP L 110 17.83 -72.34 3.71
C ASP L 110 18.94 -71.48 3.15
N VAL L 111 18.66 -70.72 2.11
CA VAL L 111 19.70 -69.92 1.49
C VAL L 111 20.13 -68.69 2.32
N ILE L 112 19.20 -68.10 3.08
CA ILE L 112 19.52 -66.92 3.91
C ILE L 112 20.43 -67.31 5.08
N ASP L 113 19.95 -68.25 5.91
CA ASP L 113 20.68 -68.70 7.08
C ASP L 113 22.03 -69.35 6.74
N THR L 114 22.12 -70.00 5.58
CA THR L 114 23.36 -70.64 5.18
C THR L 114 24.40 -69.59 4.84
N SER L 115 23.94 -68.52 4.21
CA SER L 115 24.81 -67.40 3.86
C SER L 115 25.32 -66.70 5.10
N LEU L 116 24.47 -66.65 6.13
CA LEU L 116 24.85 -66.10 7.43
C LEU L 116 25.97 -66.89 8.10
N MET L 117 25.88 -68.21 8.03
CA MET L 117 26.87 -69.09 8.69
C MET L 117 28.22 -69.08 8.00
N LEU L 118 28.18 -68.93 6.68
CA LEU L 118 29.38 -68.85 5.89
C LEU L 118 30.12 -67.56 6.20
N ARG L 119 29.37 -66.48 6.36
CA ARG L 119 29.98 -65.18 6.63
C ARG L 119 30.45 -65.05 8.08
N LEU L 120 29.65 -65.57 9.01
CA LEU L 120 30.04 -65.59 10.42
C LEU L 120 31.33 -66.38 10.61
N LYS L 121 31.49 -67.48 9.89
CA LYS L 121 32.68 -68.28 10.05
C LYS L 121 33.96 -67.55 9.61
N MET L 122 33.83 -66.70 8.60
CA MET L 122 34.96 -65.86 8.18
C MET L 122 35.20 -64.80 9.24
N ALA L 123 34.11 -64.22 9.76
CA ALA L 123 34.21 -63.19 10.77
C ALA L 123 34.86 -63.71 12.03
N ALA L 124 34.61 -64.97 12.35
CA ALA L 124 35.12 -65.58 13.57
C ALA L 124 36.55 -66.03 13.38
N GLU L 125 36.92 -66.31 12.13
CA GLU L 125 38.31 -66.57 11.79
C GLU L 125 39.14 -65.30 11.96
N ILE L 126 38.57 -64.16 11.60
CA ILE L 126 39.23 -62.87 11.75
C ILE L 126 39.37 -62.49 13.21
N ILE L 127 38.27 -62.64 13.96
CA ILE L 127 38.25 -62.29 15.38
C ILE L 127 39.27 -63.10 16.17
N ALA L 128 39.36 -64.40 15.88
CA ALA L 128 40.34 -65.28 16.54
C ALA L 128 41.80 -64.94 16.24
N THR L 129 42.09 -64.45 15.03
CA THR L 129 43.45 -64.02 14.69
C THR L 129 43.80 -62.72 15.42
N ARG L 130 42.82 -61.83 15.56
CA ARG L 130 42.99 -60.57 16.29
C ARG L 130 43.10 -60.81 17.78
N LEU L 131 42.35 -61.80 18.26
CA LEU L 131 42.24 -62.14 19.66
C LEU L 131 43.53 -62.71 20.22
N GLY L 132 44.22 -63.54 19.43
CA GLY L 132 45.50 -64.11 19.85
C GLY L 132 46.60 -63.07 19.81
N HIS L 133 46.51 -62.18 18.82
CA HIS L 133 47.47 -61.09 18.59
C HIS L 133 47.44 -60.09 19.76
N LEU L 134 46.23 -59.80 20.25
CA LEU L 134 46.07 -58.90 21.38
C LEU L 134 46.61 -59.51 22.67
N ILE L 135 46.43 -60.82 22.84
CA ILE L 135 46.99 -61.53 23.99
C ILE L 135 48.50 -61.37 23.99
N ASP L 136 49.11 -61.55 22.81
CA ASP L 136 50.53 -61.32 22.61
C ASP L 136 50.92 -59.92 23.02
N THR L 137 50.16 -58.93 22.51
CA THR L 137 50.41 -57.51 22.77
C THR L 137 50.43 -57.18 24.25
N LEU L 138 49.43 -57.71 24.97
CA LEU L 138 49.27 -57.49 26.40
C LEU L 138 50.32 -58.22 27.25
N GLY L 139 50.80 -59.35 26.73
CA GLY L 139 51.79 -60.14 27.43
C GLY L 139 53.15 -59.48 27.36
N ASP L 140 53.35 -58.71 26.29
CA ASP L 140 54.57 -57.93 26.07
C ASP L 140 54.63 -56.80 27.06
N LEU L 141 53.48 -56.17 27.29
CA LEU L 141 53.35 -55.13 28.29
C LEU L 141 53.58 -55.70 29.68
N ALA L 142 53.01 -56.88 29.94
CA ALA L 142 53.10 -57.53 31.25
C ALA L 142 54.50 -58.09 31.58
N SER L 143 55.43 -58.06 30.63
CA SER L 143 56.77 -58.50 30.93
C SER L 143 57.71 -57.31 30.77
N ARG L 144 57.21 -56.25 30.13
CA ARG L 144 58.00 -55.04 29.99
C ARG L 144 58.00 -54.27 31.31
N ASP L 145 56.81 -54.13 31.91
CA ASP L 145 56.64 -53.41 33.18
C ASP L 145 56.04 -54.25 34.32
N GLY L 146 55.96 -55.57 34.14
CA GLY L 146 55.16 -56.43 35.02
C GLY L 146 55.56 -56.64 36.47
N HIS L 147 56.83 -56.38 36.79
CA HIS L 147 57.34 -56.59 38.13
C HIS L 147 57.17 -55.35 39.03
N LYS L 148 56.76 -54.22 38.38
CA LYS L 148 56.59 -52.93 39.05
C LYS L 148 55.36 -52.90 39.97
N PRO L 149 55.47 -52.22 41.12
CA PRO L 149 54.32 -52.05 42.02
C PRO L 149 53.17 -51.22 41.46
N LEU L 150 51.95 -51.72 41.61
CA LEU L 150 50.75 -50.97 41.27
C LEU L 150 49.97 -50.69 42.55
N THR L 151 49.29 -49.56 42.61
CA THR L 151 48.42 -49.26 43.74
C THR L 151 47.15 -50.06 43.55
N GLY L 152 46.92 -51.00 44.46
CA GLY L 152 45.75 -51.84 44.40
C GLY L 152 44.48 -51.06 44.70
N TYR L 153 43.38 -51.39 44.02
CA TYR L 153 42.11 -50.75 44.30
C TYR L 153 40.96 -51.76 44.38
N THR L 154 40.38 -51.87 45.55
CA THR L 154 39.28 -52.78 45.82
C THR L 154 38.04 -52.01 46.30
N ARG L 155 36.96 -52.09 45.52
CA ARG L 155 35.70 -51.39 45.76
C ARG L 155 35.88 -49.87 45.80
N MET L 156 36.53 -49.36 44.75
CA MET L 156 36.84 -47.94 44.58
C MET L 156 37.66 -47.29 45.71
N GLN L 157 38.50 -48.08 46.39
CA GLN L 157 39.40 -47.53 47.41
C GLN L 157 40.76 -48.20 47.28
N ALA L 158 41.80 -47.54 47.78
CA ALA L 158 43.12 -48.14 47.82
C ALA L 158 43.15 -49.37 48.73
N ALA L 159 43.82 -50.42 48.30
CA ALA L 159 44.01 -51.62 49.13
C ALA L 159 45.48 -51.77 49.48
N ILE L 160 45.99 -52.98 49.33
CA ILE L 160 47.39 -53.22 49.60
C ILE L 160 48.15 -53.10 48.29
N GLY L 161 49.48 -53.18 48.35
CA GLY L 161 50.31 -53.06 47.16
C GLY L 161 50.35 -54.34 46.34
N ILE L 162 50.10 -54.21 45.03
CA ILE L 162 50.22 -55.34 44.12
C ILE L 162 51.34 -55.09 43.11
N THR L 163 51.42 -55.94 42.08
CA THR L 163 52.30 -55.67 40.94
C THR L 163 51.48 -55.48 39.66
N VAL L 164 52.15 -55.10 38.57
CA VAL L 164 51.49 -54.85 37.29
C VAL L 164 50.94 -56.13 36.66
N ALA L 165 51.68 -57.22 36.74
CA ALA L 165 51.24 -58.50 36.15
C ALA L 165 50.00 -59.08 36.82
N ASP L 166 49.71 -58.65 38.04
CA ASP L 166 48.51 -59.05 38.76
C ASP L 166 47.25 -58.43 38.17
N ARG L 167 47.35 -57.15 37.80
CA ARG L 167 46.23 -56.47 37.17
C ARG L 167 46.13 -56.94 35.73
N ALA L 168 47.31 -57.17 35.12
CA ALA L 168 47.40 -57.68 33.76
C ALA L 168 46.75 -59.06 33.58
N ALA L 169 46.79 -59.89 34.63
CA ALA L 169 46.20 -61.24 34.57
C ALA L 169 44.67 -61.22 34.53
N GLY L 170 44.06 -60.13 35.01
CA GLY L 170 42.62 -59.99 34.93
C GLY L 170 42.17 -59.65 33.51
N TRP L 171 43.11 -59.25 32.68
CA TRP L 171 42.81 -58.88 31.30
C TRP L 171 43.19 -59.99 30.35
N ILE L 172 44.34 -60.61 30.56
CA ILE L 172 44.85 -61.65 29.65
C ILE L 172 44.11 -63.00 29.80
N ALA L 173 44.03 -63.50 31.03
CA ALA L 173 43.43 -64.81 31.29
C ALA L 173 42.01 -65.06 30.73
N PRO L 174 41.07 -64.08 30.88
CA PRO L 174 39.79 -64.35 30.25
C PRO L 174 39.84 -64.40 28.72
N LEU L 175 40.71 -63.62 28.09
CA LEU L 175 40.81 -63.58 26.63
C LEU L 175 41.27 -64.91 26.07
N GLU L 176 42.15 -65.59 26.81
CA GLU L 176 42.60 -66.93 26.44
C GLU L 176 41.44 -67.91 26.43
N ARG L 177 40.59 -67.81 27.45
CA ARG L 177 39.44 -68.67 27.54
C ARG L 177 38.44 -68.38 26.41
N HIS L 178 38.27 -67.09 26.07
CA HIS L 178 37.44 -66.66 24.93
C HIS L 178 37.99 -67.18 23.61
N LEU L 179 39.31 -67.24 23.47
CA LEU L 179 39.94 -67.79 22.27
C LEU L 179 39.57 -69.27 22.14
N LEU L 180 39.68 -69.99 23.25
CA LEU L 180 39.42 -71.42 23.28
C LEU L 180 37.95 -71.73 23.01
N ARG L 181 37.08 -70.91 23.58
CA ARG L 181 35.64 -70.99 23.35
C ARG L 181 35.29 -70.78 21.89
N LEU L 182 35.94 -69.79 21.28
CA LEU L 182 35.70 -69.45 19.89
C LEU L 182 36.16 -70.59 19.00
N GLU L 183 37.31 -71.19 19.32
CA GLU L 183 37.81 -72.32 18.55
C GLU L 183 36.94 -73.57 18.72
N THR L 184 36.40 -73.76 19.91
CA THR L 184 35.54 -74.90 20.18
C THR L 184 34.19 -74.74 19.45
N PHE L 185 33.65 -73.51 19.43
CA PHE L 185 32.46 -73.22 18.62
C PHE L 185 32.75 -73.41 17.14
N ALA L 186 33.95 -73.01 16.71
CA ALA L 186 34.32 -73.10 15.31
C ALA L 186 34.17 -74.51 14.76
N GLN L 187 34.57 -75.51 15.55
CA GLN L 187 34.52 -76.93 15.18
C GLN L 187 33.29 -77.36 14.38
N ASN L 188 32.10 -77.09 14.89
CA ASN L 188 30.86 -77.41 14.16
C ASN L 188 29.67 -76.55 14.55
N GLY L 189 29.92 -75.28 14.87
CA GLY L 189 28.86 -74.34 15.23
C GLY L 189 28.39 -73.54 14.04
N PHE L 190 29.04 -73.74 12.90
CA PHE L 190 28.60 -73.12 11.66
C PHE L 190 27.95 -74.19 10.80
N ALA L 191 26.65 -74.40 11.02
CA ALA L 191 25.94 -75.48 10.35
C ALA L 191 25.19 -75.02 9.10
N LEU L 192 25.11 -75.93 8.12
CA LEU L 192 24.27 -75.77 6.94
C LEU L 192 22.80 -75.64 7.33
N GLN L 193 22.10 -74.75 6.64
CA GLN L 193 20.66 -74.72 6.76
C GLN L 193 20.06 -75.41 5.53
N PHE L 194 19.47 -76.57 5.76
CA PHE L 194 18.82 -77.27 4.71
C PHE L 194 17.62 -78.04 5.25
N GLY L 195 16.45 -77.45 5.06
CA GLY L 195 15.21 -78.04 5.55
C GLY L 195 14.03 -78.05 4.61
N GLY L 196 13.98 -77.11 3.68
CA GLY L 196 12.91 -77.11 2.69
C GLY L 196 11.71 -76.40 3.25
N ALA L 197 10.60 -76.41 2.53
CA ALA L 197 9.44 -75.60 2.88
C ALA L 197 9.02 -75.74 4.35
N ALA L 198 8.77 -76.97 4.80
CA ALA L 198 8.32 -77.09 6.18
C ALA L 198 9.35 -77.72 7.13
N GLY L 199 10.60 -77.81 6.70
CA GLY L 199 11.65 -78.44 7.51
C GLY L 199 11.83 -79.96 7.35
N THR L 200 11.15 -80.56 6.38
CA THR L 200 11.16 -82.02 6.24
C THR L 200 11.84 -82.55 4.98
N LEU L 201 12.29 -81.64 4.12
CA LEU L 201 12.94 -81.94 2.84
C LEU L 201 12.10 -82.85 1.91
N GLU L 202 10.82 -82.53 1.81
CA GLU L 202 9.82 -83.40 1.18
C GLU L 202 10.00 -83.66 -0.32
N LYS L 203 10.83 -82.86 -0.98
CA LYS L 203 11.11 -83.07 -2.41
C LYS L 203 12.30 -84.01 -2.58
N LEU L 204 13.03 -84.25 -1.49
CA LEU L 204 14.25 -85.05 -1.58
C LEU L 204 14.11 -86.50 -1.11
N GLY L 205 13.08 -86.74 -0.30
CA GLY L 205 12.72 -88.08 0.17
C GLY L 205 13.83 -88.88 0.81
N ASP L 206 13.99 -90.11 0.33
CA ASP L 206 15.05 -91.02 0.76
C ASP L 206 16.45 -90.42 0.66
N ASN L 207 16.65 -89.50 -0.27
CA ASN L 207 17.97 -88.95 -0.56
C ASN L 207 18.35 -87.71 0.23
N ALA L 208 17.48 -87.30 1.14
CA ALA L 208 17.64 -86.05 1.86
C ALA L 208 19.00 -85.96 2.54
N GLY L 209 19.33 -86.98 3.32
CA GLY L 209 20.52 -86.98 4.17
C GLY L 209 21.82 -86.98 3.40
N ALA L 210 21.79 -87.58 2.21
CA ALA L 210 22.97 -87.67 1.36
C ALA L 210 23.24 -86.30 0.73
N VAL L 211 22.19 -85.70 0.19
CA VAL L 211 22.28 -84.36 -0.37
C VAL L 211 22.66 -83.33 0.71
N ARG L 212 22.05 -83.44 1.90
CA ARG L 212 22.48 -82.61 3.01
C ARG L 212 23.97 -82.74 3.31
N ALA L 213 24.46 -83.97 3.40
CA ALA L 213 25.88 -84.24 3.72
C ALA L 213 26.88 -83.67 2.70
N ASP L 214 26.57 -83.83 1.41
CA ASP L 214 27.45 -83.41 0.32
C ASP L 214 27.55 -81.87 0.25
N LEU L 215 26.39 -81.22 0.31
CA LEU L 215 26.27 -79.76 0.28
C LEU L 215 26.94 -79.09 1.48
N ALA L 216 26.95 -79.77 2.62
CA ALA L 216 27.68 -79.31 3.79
C ALA L 216 29.20 -79.34 3.55
N LYS L 217 29.70 -80.48 3.09
CA LYS L 217 31.13 -80.66 2.85
C LYS L 217 31.69 -79.68 1.80
N ARG L 218 30.92 -79.38 0.75
CA ARG L 218 31.35 -78.43 -0.27
C ARG L 218 31.36 -76.99 0.23
N LEU L 219 30.67 -76.71 1.31
CA LEU L 219 30.60 -75.35 1.80
C LEU L 219 31.49 -75.11 3.01
N GLY L 220 32.12 -76.17 3.51
CA GLY L 220 32.96 -76.05 4.70
C GLY L 220 32.16 -75.83 5.97
N LEU L 221 30.91 -76.30 5.97
CA LEU L 221 29.99 -76.15 7.11
C LEU L 221 29.59 -77.49 7.73
N ALA L 222 29.20 -77.47 9.01
CA ALA L 222 28.69 -78.66 9.70
C ALA L 222 27.36 -79.21 9.14
N ASP L 223 27.29 -80.53 8.98
CA ASP L 223 26.11 -81.23 8.49
C ASP L 223 25.15 -81.52 9.64
N ARG L 224 24.04 -80.80 9.68
CA ARG L 224 23.13 -80.94 10.79
C ARG L 224 21.67 -80.84 10.32
N PRO L 225 20.76 -81.63 10.93
CA PRO L 225 19.32 -81.45 10.73
C PRO L 225 18.94 -79.97 10.79
N GLN L 226 18.09 -79.53 9.86
CA GLN L 226 17.64 -78.13 9.82
C GLN L 226 17.28 -77.52 11.19
N TRP L 227 17.60 -76.26 11.37
CA TRP L 227 17.42 -75.61 12.65
C TRP L 227 16.63 -74.34 12.37
N HIS L 228 15.62 -74.48 11.51
CA HIS L 228 14.75 -73.36 11.13
C HIS L 228 14.17 -72.59 12.29
N ASN L 229 13.62 -73.31 13.27
CA ASN L 229 13.16 -72.68 14.48
C ASN L 229 14.01 -72.97 15.73
N GLN L 230 15.21 -73.49 15.54
CA GLN L 230 16.08 -73.84 16.68
C GLN L 230 17.28 -72.91 16.73
N ARG L 231 17.14 -71.78 17.39
CA ARG L 231 18.13 -70.71 17.30
C ARG L 231 19.12 -70.63 18.48
N ASP L 232 19.31 -71.76 19.15
CA ASP L 232 20.28 -71.87 20.23
C ASP L 232 21.75 -71.71 19.76
N GLY L 233 22.03 -72.01 18.49
CA GLY L 233 23.38 -71.85 17.96
C GLY L 233 23.77 -70.39 17.84
N ILE L 234 22.80 -69.56 17.49
CA ILE L 234 23.00 -68.15 17.30
C ILE L 234 23.18 -67.45 18.63
N ALA L 235 22.34 -67.78 19.61
CA ALA L 235 22.45 -67.18 20.92
C ALA L 235 23.79 -67.55 21.56
N GLU L 236 24.23 -68.78 21.32
CA GLU L 236 25.50 -69.27 21.82
C GLU L 236 26.64 -68.43 21.25
N PHE L 237 26.57 -68.21 19.94
CA PHE L 237 27.60 -67.46 19.25
C PHE L 237 27.66 -66.04 19.78
N ALA L 238 26.49 -65.41 19.88
CA ALA L 238 26.35 -64.03 20.27
C ALA L 238 26.78 -63.80 21.72
N ASN L 239 26.59 -64.81 22.55
CA ASN L 239 27.11 -64.81 23.91
C ASN L 239 28.63 -64.67 23.99
N LEU L 240 29.36 -65.37 23.14
CA LEU L 240 30.82 -65.26 23.15
C LEU L 240 31.16 -63.91 22.62
N LEU L 241 30.45 -63.51 21.57
CA LEU L 241 30.62 -62.21 20.96
C LEU L 241 30.67 -61.15 22.07
N SER L 242 29.62 -61.13 22.90
CA SER L 242 29.53 -60.22 24.04
C SER L 242 30.58 -60.42 25.15
N LEU L 243 30.95 -61.68 25.41
CA LEU L 243 32.03 -62.01 26.34
C LEU L 243 33.36 -61.28 26.03
N VAL L 244 33.70 -61.22 24.75
CA VAL L 244 34.89 -60.52 24.29
C VAL L 244 34.82 -59.00 24.49
N THR L 245 33.77 -58.37 23.97
CA THR L 245 33.58 -56.93 24.15
C THR L 245 33.59 -56.56 25.62
N GLY L 246 32.97 -57.43 26.44
CA GLY L 246 32.85 -57.29 27.89
C GLY L 246 34.17 -57.31 28.63
N THR L 247 35.01 -58.32 28.32
CA THR L 247 36.36 -58.40 28.87
C THR L 247 37.23 -57.22 28.45
N LEU L 248 37.08 -56.80 27.20
CA LEU L 248 37.82 -55.63 26.72
C LEU L 248 37.25 -54.33 27.32
N GLY L 249 35.96 -54.34 27.63
CA GLY L 249 35.32 -53.30 28.41
C GLY L 249 35.91 -53.12 29.80
N LYS L 250 36.22 -54.24 30.46
CA LYS L 250 36.87 -54.26 31.77
C LYS L 250 38.29 -53.69 31.70
N PHE L 251 38.96 -54.00 30.60
CA PHE L 251 40.31 -53.56 30.34
C PHE L 251 40.36 -52.03 30.15
N GLY L 252 39.57 -51.53 29.21
CA GLY L 252 39.49 -50.11 28.93
C GLY L 252 39.14 -49.31 30.16
N GLN L 253 38.12 -49.79 30.88
CA GLN L 253 37.70 -49.27 32.19
C GLN L 253 38.83 -48.99 33.15
N ASP L 254 39.70 -49.99 33.32
CA ASP L 254 40.88 -49.90 34.17
C ASP L 254 41.84 -48.83 33.67
N ILE L 255 42.05 -48.79 32.36
CA ILE L 255 43.00 -47.86 31.74
C ILE L 255 42.55 -46.43 31.97
N ALA L 256 41.24 -46.24 31.83
CA ALA L 256 40.59 -44.96 32.08
C ALA L 256 40.83 -44.45 33.51
N LEU L 257 40.68 -45.33 34.50
CA LEU L 257 40.87 -45.01 35.90
C LEU L 257 42.33 -44.67 36.23
N MET L 258 43.23 -45.43 35.62
CA MET L 258 44.65 -45.22 35.82
C MET L 258 45.08 -43.91 35.18
N ALA L 259 44.35 -43.49 34.15
CA ALA L 259 44.63 -42.23 33.45
C ALA L 259 44.19 -41.06 34.31
N GLU L 260 43.05 -41.21 34.97
CA GLU L 260 42.52 -40.18 35.85
C GLU L 260 43.41 -40.00 37.08
N ILE L 261 43.73 -41.12 37.75
CA ILE L 261 44.69 -41.14 38.86
C ILE L 261 46.03 -40.56 38.39
N GLY L 262 46.45 -40.98 37.20
CA GLY L 262 47.54 -40.32 36.51
C GLY L 262 48.94 -40.81 36.85
N SER L 263 49.13 -41.22 38.11
CA SER L 263 50.46 -41.49 38.65
C SER L 263 51.01 -42.88 38.33
N GLU L 264 50.25 -43.72 37.62
CA GLU L 264 50.69 -45.10 37.36
C GLU L 264 50.65 -45.53 35.90
N ILE L 265 50.42 -44.59 34.98
CA ILE L 265 50.31 -44.92 33.56
C ILE L 265 50.83 -43.79 32.67
N ARG L 266 51.16 -44.08 31.41
CA ARG L 266 51.60 -43.04 30.47
C ARG L 266 50.90 -43.16 29.10
N LEU L 267 50.20 -42.08 28.72
CA LEU L 267 49.38 -42.05 27.50
C LEU L 267 50.15 -41.87 26.19
N SER L 268 49.53 -42.36 25.10
CA SER L 268 49.96 -42.16 23.71
C SER L 268 51.41 -42.59 23.40
N ASN L 281 41.27 -37.67 27.65
CA ASN L 281 42.34 -38.39 26.97
C ASN L 281 42.11 -39.85 26.60
N PRO L 282 41.61 -40.70 27.54
CA PRO L 282 41.54 -42.09 27.12
C PRO L 282 40.25 -42.44 26.37
N VAL L 283 40.19 -41.97 25.13
CA VAL L 283 39.09 -42.21 24.22
C VAL L 283 38.97 -43.68 23.89
N ASN L 284 40.09 -44.32 23.57
CA ASN L 284 40.09 -45.74 23.24
C ASN L 284 39.66 -46.59 24.43
N ALA L 285 40.07 -46.18 25.63
CA ALA L 285 39.74 -46.91 26.85
C ALA L 285 38.25 -46.84 27.12
N GLU L 286 37.70 -45.64 26.97
CA GLU L 286 36.27 -45.38 27.15
C GLU L 286 35.44 -46.09 26.10
N THR L 287 35.95 -46.17 24.87
CA THR L 287 35.19 -46.77 23.78
C THR L 287 34.93 -48.25 24.03
N LEU L 288 35.88 -48.93 24.65
CA LEU L 288 35.71 -50.35 24.99
C LEU L 288 34.60 -50.58 26.01
N VAL L 289 34.40 -49.59 26.89
CA VAL L 289 33.28 -49.67 27.82
C VAL L 289 31.93 -49.54 27.09
N THR L 290 31.82 -48.58 26.19
CA THR L 290 30.63 -48.40 25.33
C THR L 290 30.26 -49.68 24.56
N LEU L 291 31.24 -50.29 23.93
CA LEU L 291 31.01 -51.49 23.11
C LEU L 291 30.68 -52.72 23.95
N ALA L 292 31.15 -52.73 25.19
CA ALA L 292 30.78 -53.78 26.11
C ALA L 292 29.31 -53.65 26.39
N ARG L 293 28.88 -52.45 26.73
CA ARG L 293 27.52 -52.25 27.21
C ARG L 293 26.52 -52.39 26.09
N PHE L 294 26.97 -52.07 24.87
CA PHE L 294 26.19 -52.22 23.65
C PHE L 294 25.84 -53.69 23.44
N ASN L 295 26.86 -54.53 23.34
CA ASN L 295 26.68 -55.96 23.18
C ASN L 295 25.93 -56.60 24.33
N ALA L 296 26.17 -56.08 25.53
CA ALA L 296 25.47 -56.57 26.71
C ALA L 296 23.98 -56.17 26.69
N VAL L 297 23.62 -55.16 25.90
CA VAL L 297 22.22 -54.90 25.65
C VAL L 297 21.76 -55.81 24.51
N GLN L 298 22.58 -55.96 23.47
CA GLN L 298 22.12 -56.60 22.23
C GLN L 298 21.87 -58.12 22.37
N ILE L 299 22.61 -58.74 23.28
CA ILE L 299 22.49 -60.18 23.60
C ILE L 299 21.06 -60.58 23.98
N SER L 300 20.32 -59.65 24.60
CA SER L 300 18.94 -59.88 24.95
C SER L 300 18.05 -60.14 23.74
N ALA L 301 18.33 -59.45 22.62
CA ALA L 301 17.53 -59.58 21.40
C ALA L 301 17.57 -61.01 20.89
N LEU L 302 18.77 -61.56 20.81
CA LEU L 302 18.96 -62.91 20.33
C LEU L 302 18.48 -63.96 21.32
N HIS L 303 18.33 -63.57 22.58
CA HIS L 303 17.70 -64.46 23.54
C HIS L 303 16.18 -64.38 23.50
N GLN L 304 15.63 -63.23 23.12
CA GLN L 304 14.18 -63.14 22.88
C GLN L 304 13.85 -63.93 21.60
N SER L 305 14.79 -63.96 20.67
CA SER L 305 14.60 -64.65 19.41
C SER L 305 14.69 -66.16 19.45
N LEU L 306 14.78 -66.76 20.63
CA LEU L 306 14.75 -68.22 20.72
C LEU L 306 13.31 -68.70 20.62
N VAL L 307 12.38 -67.85 21.03
CA VAL L 307 10.98 -68.19 20.93
C VAL L 307 10.50 -67.93 19.51
N GLN L 308 10.64 -68.97 18.67
CA GLN L 308 10.28 -68.89 17.28
C GLN L 308 9.25 -69.93 16.98
N GLU L 309 8.00 -69.49 16.92
CA GLU L 309 6.86 -70.40 16.80
C GLU L 309 6.80 -71.21 15.53
N GLN L 310 6.28 -72.42 15.71
CA GLN L 310 5.92 -73.35 14.66
C GLN L 310 7.07 -73.84 13.76
N GLU L 311 6.96 -73.68 12.44
CA GLU L 311 7.99 -74.22 11.54
C GLU L 311 8.89 -73.12 11.05
N ARG L 312 8.34 -71.92 10.95
CA ARG L 312 9.11 -70.76 10.60
C ARG L 312 8.48 -69.56 11.28
N SER L 313 9.31 -68.64 11.78
CA SER L 313 8.80 -67.49 12.54
C SER L 313 9.39 -66.16 12.10
N GLY L 314 8.67 -65.40 11.29
CA GLY L 314 9.14 -64.10 10.81
C GLY L 314 9.43 -63.09 11.92
N ALA L 315 8.58 -63.05 12.93
CA ALA L 315 8.79 -62.09 14.02
C ALA L 315 10.15 -62.25 14.68
N GLY L 316 10.47 -63.48 15.06
CA GLY L 316 11.72 -63.78 15.75
C GLY L 316 12.96 -63.81 14.87
N TRP L 317 12.84 -64.40 13.69
CA TRP L 317 13.94 -64.47 12.69
C TRP L 317 14.52 -63.10 12.36
N MET L 318 13.65 -62.10 12.19
CA MET L 318 14.09 -60.78 11.74
C MET L 318 14.74 -59.96 12.82
N LEU L 319 14.54 -60.36 14.06
CA LEU L 319 15.16 -59.67 15.18
C LEU L 319 16.66 -59.95 15.14
N GLU L 320 17.01 -61.16 14.74
CA GLU L 320 18.39 -61.52 14.51
C GLU L 320 18.96 -60.73 13.34
N TRP L 321 18.14 -60.49 12.33
CA TRP L 321 18.58 -59.74 11.15
C TRP L 321 18.98 -58.32 11.54
N LEU L 322 18.21 -57.73 12.46
CA LEU L 322 18.41 -56.34 12.83
C LEU L 322 19.61 -56.14 13.73
N THR L 323 19.99 -57.17 14.50
CA THR L 323 20.95 -57.01 15.59
C THR L 323 22.26 -57.80 15.47
N LEU L 324 22.21 -58.99 14.90
CA LEU L 324 23.41 -59.84 14.93
C LEU L 324 24.64 -59.24 14.27
N PRO L 325 24.53 -58.71 13.04
CA PRO L 325 25.67 -58.05 12.40
C PRO L 325 26.38 -57.03 13.27
N GLN L 326 25.63 -56.17 13.94
CA GLN L 326 26.24 -55.20 14.85
C GLN L 326 26.99 -55.83 16.01
N MET L 327 26.50 -56.95 16.52
CA MET L 327 27.20 -57.63 17.61
C MET L 327 28.57 -58.12 17.22
N VAL L 328 28.69 -58.66 16.02
CA VAL L 328 30.00 -59.12 15.58
C VAL L 328 30.92 -57.95 15.24
N THR L 329 30.35 -56.90 14.66
CA THR L 329 31.13 -55.69 14.37
C THR L 329 31.60 -55.04 15.66
N ALA L 330 30.76 -55.06 16.69
CA ALA L 330 31.12 -54.50 17.99
C ALA L 330 32.31 -55.25 18.55
N THR L 331 32.28 -56.56 18.39
CA THR L 331 33.36 -57.41 18.84
C THR L 331 34.67 -57.13 18.06
N GLY L 332 34.54 -57.00 16.74
CA GLY L 332 35.68 -56.68 15.91
C GLY L 332 36.29 -55.31 16.16
N THR L 333 35.43 -54.28 16.16
CA THR L 333 35.81 -52.91 16.50
C THR L 333 36.51 -52.85 17.84
N SER L 334 35.93 -53.50 18.84
CA SER L 334 36.56 -53.56 20.16
C SER L 334 37.95 -54.19 20.12
N LEU L 335 38.15 -55.19 19.28
CA LEU L 335 39.48 -55.78 19.16
C LEU L 335 40.46 -54.77 18.57
N LEU L 336 40.04 -54.10 17.51
CA LEU L 336 40.82 -53.01 16.93
C LEU L 336 41.14 -51.91 17.92
N VAL L 337 40.14 -51.50 18.68
CA VAL L 337 40.28 -50.35 19.57
C VAL L 337 41.22 -50.69 20.73
N ALA L 338 41.08 -51.90 21.25
CA ALA L 338 41.98 -52.39 22.29
C ALA L 338 43.41 -52.51 21.77
N GLU L 339 43.55 -52.85 20.49
CA GLU L 339 44.86 -53.00 19.85
C GLU L 339 45.51 -51.63 19.78
N ARG L 340 44.71 -50.63 19.44
CA ARG L 340 45.19 -49.26 19.39
C ARG L 340 45.48 -48.64 20.76
N LEU L 341 44.73 -49.03 21.78
CA LEU L 341 44.97 -48.55 23.14
C LEU L 341 46.24 -49.13 23.72
N ALA L 342 46.54 -50.38 23.36
CA ALA L 342 47.68 -51.06 23.94
C ALA L 342 48.94 -50.68 23.20
N ALA L 343 48.77 -50.16 21.99
CA ALA L 343 49.88 -49.55 21.27
C ALA L 343 50.04 -48.08 21.69
N GLN L 344 49.40 -47.70 22.79
CA GLN L 344 49.53 -46.35 23.30
C GLN L 344 50.02 -46.26 24.74
N ILE L 345 50.30 -47.41 25.35
CA ILE L 345 50.80 -47.44 26.73
C ILE L 345 52.33 -47.53 26.80
N ASP L 346 52.94 -46.55 27.46
CA ASP L 346 54.40 -46.52 27.58
C ASP L 346 54.93 -47.06 28.90
N ARG L 347 54.17 -46.89 29.98
CA ARG L 347 54.58 -47.39 31.31
C ARG L 347 53.37 -47.77 32.18
N LEU L 348 53.56 -48.74 33.06
CA LEU L 348 52.58 -49.10 34.07
C LEU L 348 53.27 -49.24 35.43
N GLY L 349 52.87 -48.47 36.43
CA GLY L 349 53.44 -48.63 37.76
C GLY L 349 54.24 -47.47 38.32
N ALA L 350 55.37 -47.79 38.93
CA ALA L 350 56.18 -46.78 39.63
C ALA L 350 57.67 -47.05 39.51
#